data_9C7Q
#
_entry.id   9C7Q
#
_cell.length_a   1.00
_cell.length_b   1.00
_cell.length_c   1.00
_cell.angle_alpha   90.00
_cell.angle_beta   90.00
_cell.angle_gamma   90.00
#
_symmetry.space_group_name_H-M   'P 1'
#
loop_
_entity.id
_entity.type
_entity.pdbx_description
1 polymer 'Glutamate receptor ionotropic, NMDA 1, Green fluorescent protein chimera'
2 polymer 'Glutamate receptor ionotropic, NMDA 2A, Green fluorescent protein chimera'
#
loop_
_entity_poly.entity_id
_entity_poly.type
_entity_poly.pdbx_seq_one_letter_code
_entity_poly.pdbx_strand_id
1 'polypeptide(L)'
;MSTMHLLTFALLFSCSFARAACDPKIVNIGAVLSTRKHEQMFREAVNQANKRHGSWKIQLNATSVTHKPNAIQMALSVCE
DLISSQVYAILVSHPPTPNDHFTPTPVSYTAGFYRIPVLGLTTRMSIYSDKSIHLSFLRTVPPYSHQSSVWFEMMRVYNW
NHIILLVSDDHEGRAAQKRLETLLEERESKAEKVLQFDPGTKNVTALLMEARELEARVIILSASEDDAATVYRAAAMLNM
TGSGYVWLVGEREISGNALRYAPDGIIGLQLINGKNESAHISDAVGVVAQAVHELLEKENITDPPRGCVGNTNIWKTGPL
FKRVLMSSKYADGVTGRVEFNEDGDRKFANYSIMNLQNRKLVQVGIYNGTHVIPNDRKIIWPGGETEKPRGYQMSTRLKI
VTIHQEPFVYVKPTMSDGTCKEEFTVNGDPVKKVICTGPNDTSPGSPRHTVPQCCYGFCIDLLIKLARTMNFTYEVHLVA
DGKFGTQERVNNSNKKEWNGMMGELLSGQADMIVAPLTINNERAQYIEFSKPFKYQGLTILVKKEIPRSTLDSFMQPFQS
TLWLLVGLSVHVVAVMLYLLDRFSPFGRFKVNSEEEEEDALTLSSAMWFSWGVLLNSGIGEGAPRSFSARILGMVWAGFA
MIIVASYTANLAAFLVLDRPEERITGINDPRLRNPSDKFIYATVKQSSVDIYFRRQVELSTMYRHMEKHNYESAAEAIQA
VRDNKLHAFIWDSAVLEFEASQKCDLVTTGELFFRSGFGIGMRKDSPWKQNVSLSILKSHENGFMEDLDKTWVRYQECDS
RSNAPATLTFENMAGVFMLVAGGIVAGIFLIFIEIAYKRHKDARRKQLVPRGSAAAAVSKGEELFTGVVPILVELDGDVN
GHKFSVSGEGEGDATYGKLTLKFICTTGKLPVPWPTLVTTLTYGVQCFSRYPDHMKQHDFFKSAMPEGYVQERTIFFKDD
GNYKTRAEVKFEGDTLVNRIELKGIDFKEDGNILGHKLEYNYNSHNVYIMADKQKNGIKVNFKIRHNIEDGSVQLADHYQ
QNTPIGDGPVLLPDNHYLSTQSKLSKDPNEKRDHMVLLEFVTAAGITLGMDELYKSGLRSHHHHHHHH
;
A,C
2 'polypeptide(L)'
;MGRLGYWTLLVLPALLVWRDPAQNAAAEKGPPALNIAVLLGHSHDVTERELRNLWGPEQATGLPLDVNVVALLMNRTDPK
SLITHVCDLMSGARIHGLVFGDDTDQEAVAQMLDFISSQTFIPILGIHGGASMIMADKDPTSTFFQFGASIQQQATVMLK
IMQDYDWHVFSLVTTIFPGYRDFISFIKTTVDNSFVGWDMQNVITLDTSFEDAKTQVQLKKIHSSVILLYCSKDEAVLIL
SEARSLGLTGYDFFWIVPSLVSGNTELIPKEFPSGLISVSYDDWDYSLEARVRDGLGILTTAASSMLEKFSYIPEAKASC
YGQAEKPETPLHTLHQFMVNVTWDGKDLSFTEEGYQVHPRLVVIVLNKDREWEKVGKWENQTLSLRHAVWPRYKSFSDCE
PDDNHLSIVTLEEAPFVIVEDIDPLTETCVRNTVPCRKFVKINNSTNEGMNVKKCCKGFCIDILKKLSRTVKFTYDLYLV
TNGKHGKKVNNVWNGMIGEVVYQRAVMAVGSLTINEERSEVVDFSVPFVETGISVMVSRSNGTVSPSAFLEPFSASVWVM
MFVMLLIVSAIAVFVFEYFSPVGYNRNLAKGKAPHGPSFTIGKAIWLLWGLVFNNSVPVQNPKGTTSKIMVSVWAFFAVI
FLASYTANLAAFIQEEFVDQVTGLSDKKFQRPHDYSPPFRFGTVPNGSTERNIRNNYPYMHQYMTRFNQRGVEDALVSLK
TGKLDAFIYDAAVLNYKAGRDEGCKLVTIGSGYIFATTGYGIALQKGSPWKRQIDLALLQFVGDGEMEELETLWLTGICH
NEKNEVMSSQLDIDNMAGVFYMLAAAMALSLITFIWEHLFYWKLRFCFTGVCSDRPGLLFSISRGLVPRGSAAAAVSKGE
ELFTGVVPILVELDGDVNGHKFSVSGEGEGDATYGKLTLKFICTTGKLPVPWPTLVTTLTYGVQCFSRYPDHMKQHDFFK
SAMPEGYVQERTIFFKDDGNYKTRAEVKFEGDTLVNRIELKGIDFKEDGNILGHKLEYNYNSHNVYIMADKQKNGIKVNF
KIRHNIEDGSVQLADHYQQNTPIGDGPVLLPDNHYLSTQSKLSKDPNEKRDHMVLLEFVTAAGITLGMDELYKSGLRSWS
HPQFEK
;
B,D
#
# COMPACT_ATOMS: atom_id res chain seq x y z
N LYS A 25 18.05 29.05 -61.16
CA LYS A 25 19.01 28.46 -62.08
C LYS A 25 20.44 28.77 -61.67
N ILE A 26 20.59 29.80 -60.85
CA ILE A 26 21.91 30.23 -60.36
C ILE A 26 21.89 30.19 -58.84
N VAL A 27 22.92 29.57 -58.26
CA VAL A 27 23.11 29.52 -56.82
C VAL A 27 24.56 29.87 -56.53
N ASN A 28 24.77 30.83 -55.63
CA ASN A 28 26.10 31.31 -55.32
C ASN A 28 26.57 30.79 -53.98
N ILE A 29 27.85 30.45 -53.91
CA ILE A 29 28.48 29.98 -52.68
C ILE A 29 29.66 30.90 -52.39
N GLY A 30 29.70 31.42 -51.16
CA GLY A 30 30.77 32.29 -50.74
C GLY A 30 31.80 31.54 -49.92
N ALA A 31 33.04 32.05 -49.96
CA ALA A 31 34.11 31.41 -49.21
C ALA A 31 35.12 32.46 -48.79
N VAL A 32 35.75 32.23 -47.63
CA VAL A 32 36.86 33.04 -47.16
C VAL A 32 38.01 32.09 -46.87
N LEU A 33 39.15 32.32 -47.52
CA LEU A 33 40.27 31.38 -47.43
C LEU A 33 41.59 32.08 -47.13
N SER A 34 42.68 31.33 -47.25
CA SER A 34 44.00 31.82 -46.87
C SER A 34 44.63 32.66 -47.99
N THR A 35 44.89 32.06 -49.14
CA THR A 35 45.59 32.74 -50.22
C THR A 35 44.94 32.36 -51.55
N ARG A 36 45.53 32.86 -52.64
CA ARG A 36 44.89 32.79 -53.96
C ARG A 36 44.70 31.35 -54.42
N LYS A 37 45.72 30.51 -54.24
CA LYS A 37 45.63 29.14 -54.72
C LYS A 37 44.48 28.39 -54.04
N HIS A 38 44.15 28.78 -52.81
CA HIS A 38 43.06 28.13 -52.11
C HIS A 38 41.73 28.34 -52.83
N GLU A 39 41.41 29.59 -53.18
CA GLU A 39 40.18 29.80 -53.93
C GLU A 39 40.31 29.28 -55.36
N GLN A 40 41.54 29.15 -55.86
CA GLN A 40 41.72 28.50 -57.15
C GLN A 40 41.23 27.06 -57.12
N MET A 41 41.72 26.27 -56.16
CA MET A 41 41.23 24.90 -56.06
C MET A 41 39.77 24.85 -55.61
N PHE A 42 39.30 25.86 -54.88
CA PHE A 42 37.90 25.92 -54.52
C PHE A 42 37.02 26.07 -55.75
N ARG A 43 37.40 26.96 -56.66
CA ARG A 43 36.67 27.13 -57.91
C ARG A 43 36.76 25.87 -58.77
N GLU A 44 37.94 25.23 -58.78
CA GLU A 44 38.08 23.99 -59.52
C GLU A 44 37.14 22.91 -58.98
N ALA A 45 37.05 22.80 -57.65
CA ALA A 45 36.14 21.83 -57.05
C ALA A 45 34.69 22.16 -57.34
N VAL A 46 34.35 23.46 -57.37
CA VAL A 46 32.99 23.86 -57.72
C VAL A 46 32.66 23.44 -59.14
N ASN A 47 33.59 23.66 -60.07
CA ASN A 47 33.39 23.24 -61.45
C ASN A 47 33.28 21.72 -61.56
N GLN A 48 34.09 21.00 -60.78
CA GLN A 48 34.02 19.54 -60.77
C GLN A 48 32.66 19.06 -60.29
N ALA A 49 32.14 19.69 -59.22
CA ALA A 49 30.82 19.32 -58.72
C ALA A 49 29.73 19.63 -59.75
N ASN A 50 29.85 20.78 -60.43
CA ASN A 50 28.91 21.10 -61.49
C ASN A 50 28.92 20.05 -62.58
N LYS A 51 30.11 19.63 -63.00
CA LYS A 51 30.22 18.59 -64.03
C LYS A 51 29.62 17.28 -63.56
N ARG A 52 29.89 16.90 -62.31
CA ARG A 52 29.41 15.61 -61.80
C ARG A 52 27.90 15.59 -61.67
N HIS A 53 27.31 16.70 -61.22
CA HIS A 53 25.87 16.74 -60.97
C HIS A 53 25.06 17.35 -62.11
N GLY A 54 25.71 18.08 -63.02
CA GLY A 54 25.00 18.68 -64.12
C GLY A 54 24.51 20.08 -63.83
N SER A 55 24.88 21.03 -64.70
CA SER A 55 24.56 22.43 -64.51
C SER A 55 23.39 22.90 -65.36
N TRP A 56 22.66 21.98 -65.99
CA TRP A 56 21.55 22.38 -66.87
C TRP A 56 20.43 23.06 -66.08
N LYS A 57 20.16 22.58 -64.87
CA LYS A 57 19.05 23.12 -64.09
C LYS A 57 19.51 24.19 -63.10
N ILE A 58 20.60 23.96 -62.38
CA ILE A 58 21.16 24.93 -61.45
C ILE A 58 22.65 25.08 -61.72
N GLN A 59 23.12 26.32 -61.75
CA GLN A 59 24.53 26.62 -61.97
C GLN A 59 25.12 27.16 -60.67
N LEU A 60 26.18 26.52 -60.20
CA LEU A 60 26.82 26.90 -58.95
C LEU A 60 27.95 27.87 -59.22
N ASN A 61 27.76 29.13 -58.86
CA ASN A 61 28.79 30.14 -58.94
C ASN A 61 29.51 30.23 -57.60
N ALA A 62 30.78 30.59 -57.65
CA ALA A 62 31.62 30.63 -56.46
C ALA A 62 32.28 32.00 -56.34
N THR A 63 32.22 32.58 -55.14
CA THR A 63 32.92 33.82 -54.85
C THR A 63 33.78 33.62 -53.61
N SER A 64 34.94 34.27 -53.57
CA SER A 64 35.87 34.04 -52.48
C SER A 64 36.59 35.32 -52.10
N VAL A 65 36.99 35.39 -50.83
CA VAL A 65 37.72 36.51 -50.28
C VAL A 65 38.91 35.96 -49.49
N THR A 66 39.92 36.80 -49.33
CA THR A 66 41.04 36.49 -48.45
C THR A 66 40.75 36.98 -47.05
N HIS A 67 41.65 36.63 -46.12
CA HIS A 67 41.48 37.00 -44.72
C HIS A 67 42.19 38.33 -44.45
N LYS A 68 41.40 39.35 -44.12
CA LYS A 68 41.93 40.60 -43.61
C LYS A 68 42.39 40.41 -42.17
N PRO A 69 43.30 41.26 -41.68
CA PRO A 69 43.83 41.06 -40.32
C PRO A 69 42.80 41.19 -39.22
N ASN A 70 42.07 42.30 -39.17
CA ASN A 70 41.18 42.57 -38.05
C ASN A 70 39.79 41.99 -38.28
N ALA A 71 39.08 41.74 -37.18
CA ALA A 71 37.80 41.06 -37.25
C ALA A 71 36.68 41.96 -37.77
N ILE A 72 36.70 43.25 -37.42
CA ILE A 72 35.67 44.16 -37.91
C ILE A 72 35.72 44.23 -39.43
N GLN A 73 36.92 44.23 -40.00
CA GLN A 73 37.05 44.18 -41.45
C GLN A 73 36.55 42.85 -42.01
N MET A 74 36.73 41.76 -41.26
CA MET A 74 36.11 40.49 -41.67
C MET A 74 34.61 40.64 -41.81
N ALA A 75 33.97 41.23 -40.79
CA ALA A 75 32.53 41.40 -40.84
C ALA A 75 32.10 42.29 -41.99
N LEU A 76 32.81 43.41 -42.19
CA LEU A 76 32.46 44.32 -43.27
C LEU A 76 32.61 43.64 -44.63
N SER A 77 33.70 42.88 -44.80
CA SER A 77 33.93 42.22 -46.09
C SER A 77 32.88 41.15 -46.36
N VAL A 78 32.56 40.32 -45.36
CA VAL A 78 31.58 39.27 -45.58
C VAL A 78 30.20 39.89 -45.81
N CYS A 79 29.94 41.04 -45.20
CA CYS A 79 28.68 41.74 -45.46
C CYS A 79 28.61 42.26 -46.88
N GLU A 80 29.64 42.98 -47.32
CA GLU A 80 29.58 43.71 -48.59
C GLU A 80 30.02 42.89 -49.78
N ASP A 81 30.46 41.65 -49.59
CA ASP A 81 30.90 40.82 -50.70
C ASP A 81 30.09 39.54 -50.84
N LEU A 82 29.86 38.82 -49.74
CA LEU A 82 29.14 37.56 -49.83
C LEU A 82 27.64 37.76 -49.69
N ILE A 83 27.21 38.51 -48.67
CA ILE A 83 25.79 38.79 -48.50
C ILE A 83 25.26 39.59 -49.68
N SER A 84 26.06 40.53 -50.19
CA SER A 84 25.67 41.27 -51.38
C SER A 84 25.58 40.38 -52.60
N SER A 85 26.17 39.19 -52.56
CA SER A 85 26.10 38.23 -53.65
C SER A 85 25.12 37.11 -53.37
N GLN A 86 24.23 37.29 -52.37
CA GLN A 86 23.19 36.34 -51.98
C GLN A 86 23.71 34.90 -51.98
N VAL A 87 24.84 34.70 -51.30
CA VAL A 87 25.45 33.38 -51.23
C VAL A 87 24.59 32.45 -50.38
N TYR A 88 24.42 31.22 -50.86
CA TYR A 88 23.63 30.23 -50.12
C TYR A 88 24.38 29.66 -48.92
N ALA A 89 25.68 29.47 -49.04
CA ALA A 89 26.48 28.92 -47.95
C ALA A 89 27.88 29.50 -48.01
N ILE A 90 28.53 29.56 -46.86
CA ILE A 90 29.83 30.19 -46.70
C ILE A 90 30.82 29.15 -46.18
N LEU A 91 31.98 29.06 -46.84
CA LEU A 91 33.04 28.12 -46.47
C LEU A 91 34.19 28.90 -45.83
N VAL A 92 34.50 28.57 -44.58
CA VAL A 92 35.47 29.31 -43.80
C VAL A 92 36.58 28.38 -43.34
N SER A 93 37.82 28.87 -43.40
CA SER A 93 39.00 28.16 -42.91
C SER A 93 39.87 29.12 -42.10
N HIS A 94 40.96 28.59 -41.55
CA HIS A 94 41.83 29.40 -40.71
C HIS A 94 42.80 30.22 -41.57
N PRO A 95 43.24 31.37 -41.06
CA PRO A 95 44.17 32.20 -41.83
C PRO A 95 45.53 31.53 -41.94
N PRO A 96 46.30 31.86 -42.97
CA PRO A 96 47.65 31.26 -43.09
C PRO A 96 48.61 31.70 -42.01
N THR A 97 48.39 32.87 -41.41
CA THR A 97 49.27 33.33 -40.35
C THR A 97 49.15 32.39 -39.15
N PRO A 98 50.26 32.06 -38.49
CA PRO A 98 50.21 31.04 -37.42
C PRO A 98 49.22 31.33 -36.31
N ASN A 99 48.87 32.59 -36.07
CA ASN A 99 47.86 32.88 -35.05
C ASN A 99 46.52 32.30 -35.49
N ASP A 100 45.87 31.57 -34.58
CA ASP A 100 44.63 30.87 -34.88
C ASP A 100 43.65 31.02 -33.73
N HIS A 101 43.51 32.24 -33.23
CA HIS A 101 42.67 32.52 -32.06
C HIS A 101 41.36 33.14 -32.53
N PHE A 102 40.30 32.32 -32.59
CA PHE A 102 38.93 32.78 -32.78
C PHE A 102 38.78 33.59 -34.07
N THR A 103 39.38 33.09 -35.14
CA THR A 103 39.36 33.81 -36.41
C THR A 103 38.02 33.70 -37.18
N PRO A 104 37.32 32.56 -37.19
CA PRO A 104 36.07 32.49 -37.95
C PRO A 104 34.86 33.03 -37.21
N THR A 105 35.05 33.64 -36.04
CA THR A 105 33.92 34.17 -35.28
C THR A 105 33.13 35.25 -36.02
N PRO A 106 33.75 36.27 -36.62
CA PRO A 106 32.94 37.34 -37.22
C PRO A 106 32.08 36.86 -38.38
N VAL A 107 32.64 36.06 -39.28
CA VAL A 107 31.85 35.54 -40.39
C VAL A 107 30.73 34.64 -39.87
N SER A 108 31.02 33.87 -38.82
CA SER A 108 30.00 33.02 -38.23
C SER A 108 28.82 33.85 -37.71
N TYR A 109 29.12 34.91 -36.97
CA TYR A 109 28.06 35.76 -36.44
C TYR A 109 27.28 36.42 -37.57
N THR A 110 27.99 36.98 -38.55
CA THR A 110 27.32 37.72 -39.62
C THR A 110 26.41 36.82 -40.44
N ALA A 111 26.89 35.63 -40.80
CA ALA A 111 26.04 34.73 -41.57
C ALA A 111 25.00 34.03 -40.70
N GLY A 112 25.18 34.00 -39.38
CA GLY A 112 24.15 33.48 -38.51
C GLY A 112 23.06 34.46 -38.20
N PHE A 113 23.30 35.76 -38.42
CA PHE A 113 22.22 36.73 -38.28
C PHE A 113 21.07 36.43 -39.23
N TYR A 114 21.40 36.05 -40.46
CA TYR A 114 20.41 35.65 -41.45
C TYR A 114 20.22 34.13 -41.49
N ARG A 115 20.82 33.40 -40.56
CA ARG A 115 20.75 31.94 -40.51
C ARG A 115 21.29 31.31 -41.78
N ILE A 116 22.21 31.99 -42.45
CA ILE A 116 22.90 31.39 -43.60
C ILE A 116 23.90 30.36 -43.10
N PRO A 117 23.79 29.10 -43.53
CA PRO A 117 24.71 28.08 -43.00
C PRO A 117 26.16 28.39 -43.31
N VAL A 118 27.02 28.10 -42.34
CA VAL A 118 28.45 28.34 -42.44
C VAL A 118 29.16 27.00 -42.30
N LEU A 119 30.19 26.77 -43.11
CA LEU A 119 30.97 25.55 -43.03
C LEU A 119 32.40 25.91 -42.64
N GLY A 120 32.86 25.34 -41.52
CA GLY A 120 34.23 25.48 -41.09
C GLY A 120 35.05 24.30 -41.58
N LEU A 121 36.32 24.54 -41.86
CA LEU A 121 37.18 23.51 -42.44
C LEU A 121 38.40 23.19 -41.60
N THR A 122 38.88 24.11 -40.78
CA THR A 122 40.04 23.84 -39.92
C THR A 122 39.84 24.34 -38.50
N THR A 123 38.60 24.68 -38.12
CA THR A 123 38.32 25.25 -36.80
C THR A 123 37.97 24.12 -35.85
N ARG A 124 38.92 23.75 -35.00
CA ARG A 124 38.73 22.69 -34.03
C ARG A 124 38.27 23.20 -32.67
N MET A 125 38.06 24.50 -32.52
CA MET A 125 37.64 25.04 -31.24
C MET A 125 36.23 24.59 -30.90
N SER A 126 35.99 24.34 -29.61
CA SER A 126 34.73 23.79 -29.15
C SER A 126 33.66 24.85 -28.88
N ILE A 127 34.01 26.13 -28.96
CA ILE A 127 33.01 27.18 -28.74
C ILE A 127 31.96 27.16 -29.83
N TYR A 128 32.34 26.74 -31.04
CA TYR A 128 31.42 26.74 -32.17
C TYR A 128 30.45 25.58 -32.16
N SER A 129 30.62 24.61 -31.27
CA SER A 129 29.71 23.48 -31.18
C SER A 129 28.39 23.85 -30.50
N ASP A 130 28.31 25.00 -29.86
CA ASP A 130 27.11 25.44 -29.17
C ASP A 130 26.20 26.14 -30.16
N LYS A 131 25.10 25.48 -30.53
CA LYS A 131 24.17 26.08 -31.49
C LYS A 131 23.40 27.26 -30.93
N SER A 132 23.43 27.47 -29.61
CA SER A 132 22.77 28.63 -29.04
C SER A 132 23.50 29.93 -29.33
N ILE A 133 24.83 29.86 -29.49
CA ILE A 133 25.62 31.06 -29.80
C ILE A 133 25.75 31.18 -31.31
N HIS A 134 26.36 30.18 -31.95
CA HIS A 134 26.49 30.14 -33.40
C HIS A 134 25.32 29.37 -33.96
N LEU A 135 24.42 30.07 -34.65
CA LEU A 135 23.17 29.45 -35.07
C LEU A 135 23.39 28.45 -36.20
N SER A 136 24.27 28.76 -37.14
CA SER A 136 24.40 27.99 -38.37
C SER A 136 25.86 27.73 -38.71
N PHE A 137 26.62 27.25 -37.74
CA PHE A 137 28.04 26.96 -37.93
C PHE A 137 28.26 25.45 -37.85
N LEU A 138 28.25 24.80 -39.01
CA LEU A 138 28.65 23.41 -39.13
C LEU A 138 30.13 23.34 -39.43
N ARG A 139 30.70 22.14 -39.27
CA ARG A 139 32.10 21.94 -39.63
C ARG A 139 32.34 20.47 -39.94
N THR A 140 33.31 20.23 -40.81
CA THR A 140 33.69 18.88 -41.19
C THR A 140 34.82 18.32 -40.34
N VAL A 141 35.33 19.09 -39.39
CA VAL A 141 36.40 18.67 -38.50
C VAL A 141 35.84 18.57 -37.09
N PRO A 142 35.90 17.40 -36.45
CA PRO A 142 35.44 17.31 -35.07
C PRO A 142 36.27 18.20 -34.16
N PRO A 143 35.65 18.80 -33.16
CA PRO A 143 36.35 19.76 -32.31
C PRO A 143 37.23 19.04 -31.29
N TYR A 144 37.96 19.84 -30.50
CA TYR A 144 38.83 19.28 -29.47
C TYR A 144 38.02 18.56 -28.40
N SER A 145 36.75 18.93 -28.22
CA SER A 145 35.92 18.28 -27.22
C SER A 145 35.70 16.81 -27.54
N HIS A 146 35.47 16.49 -28.82
CA HIS A 146 35.21 15.12 -29.21
C HIS A 146 36.42 14.21 -28.99
N GLN A 147 37.62 14.79 -28.88
CA GLN A 147 38.79 13.96 -28.61
C GLN A 147 38.62 13.15 -27.34
N SER A 148 37.86 13.67 -26.38
CA SER A 148 37.61 12.94 -25.14
C SER A 148 37.07 11.55 -25.42
N SER A 149 36.22 11.43 -26.45
CA SER A 149 35.68 10.12 -26.80
C SER A 149 36.79 9.11 -27.00
N VAL A 150 37.82 9.48 -27.77
CA VAL A 150 38.95 8.57 -27.99
C VAL A 150 39.55 8.15 -26.66
N TRP A 151 39.76 9.12 -25.76
CA TRP A 151 40.27 8.79 -24.45
C TRP A 151 39.37 7.80 -23.73
N PHE A 152 38.05 8.03 -23.79
CA PHE A 152 37.12 7.07 -23.23
C PHE A 152 37.23 5.73 -23.94
N GLU A 153 37.40 5.76 -25.26
CA GLU A 153 37.63 4.53 -26.00
C GLU A 153 38.93 3.86 -25.58
N MET A 154 39.91 4.64 -25.13
CA MET A 154 41.14 4.09 -24.59
C MET A 154 41.02 3.73 -23.11
N MET A 155 39.92 4.12 -22.46
CA MET A 155 39.68 3.76 -21.08
C MET A 155 39.11 2.35 -20.93
N ARG A 156 38.84 1.67 -22.04
CA ARG A 156 38.32 0.31 -22.03
C ARG A 156 39.30 -0.71 -22.59
N VAL A 157 39.98 -0.38 -23.69
CA VAL A 157 40.93 -1.30 -24.28
C VAL A 157 42.11 -1.52 -23.34
N TYR A 158 42.66 -0.43 -22.80
CA TYR A 158 43.80 -0.53 -21.90
C TYR A 158 43.40 -0.72 -20.45
N ASN A 159 42.10 -0.67 -20.14
CA ASN A 159 41.57 -0.94 -18.80
C ASN A 159 42.24 -0.06 -17.74
N TRP A 160 42.04 1.25 -17.91
CA TRP A 160 42.52 2.24 -16.95
C TRP A 160 41.29 2.88 -16.29
N ASN A 161 40.82 2.24 -15.22
CA ASN A 161 39.57 2.65 -14.59
C ASN A 161 39.72 3.84 -13.65
N HIS A 162 40.94 4.18 -13.26
CA HIS A 162 41.18 5.30 -12.36
C HIS A 162 42.04 6.33 -13.07
N ILE A 163 41.46 7.50 -13.33
CA ILE A 163 42.10 8.53 -14.13
C ILE A 163 42.07 9.85 -13.37
N ILE A 164 42.93 10.77 -13.80
CA ILE A 164 42.88 12.15 -13.33
C ILE A 164 42.82 13.06 -14.55
N LEU A 165 42.05 14.15 -14.44
CA LEU A 165 41.72 14.99 -15.59
C LEU A 165 42.13 16.43 -15.30
N LEU A 166 43.11 16.93 -16.04
CA LEU A 166 43.53 18.32 -15.96
C LEU A 166 42.94 19.07 -17.14
N VAL A 167 42.17 20.13 -16.85
CA VAL A 167 41.54 20.93 -17.90
C VAL A 167 41.74 22.40 -17.58
N SER A 168 41.58 23.22 -18.62
CA SER A 168 41.68 24.67 -18.48
C SER A 168 40.31 25.22 -18.09
N ASP A 169 40.16 26.55 -18.17
CA ASP A 169 38.89 27.18 -17.81
C ASP A 169 38.46 28.22 -18.83
N ASP A 170 38.74 27.97 -20.10
CA ASP A 170 38.40 28.89 -21.19
C ASP A 170 37.41 28.26 -22.15
N HIS A 171 36.45 27.51 -21.61
CA HIS A 171 35.39 26.82 -22.33
C HIS A 171 35.90 25.68 -23.19
N GLU A 172 37.22 25.49 -23.28
CA GLU A 172 37.77 24.33 -23.97
C GLU A 172 37.98 23.18 -23.00
N GLY A 173 38.67 23.44 -21.90
CA GLY A 173 38.81 22.44 -20.87
C GLY A 173 37.48 22.05 -20.27
N ARG A 174 36.60 23.03 -20.06
CA ARG A 174 35.28 22.75 -19.49
C ARG A 174 34.47 21.85 -20.40
N ALA A 175 34.45 22.13 -21.70
CA ALA A 175 33.67 21.33 -22.62
C ALA A 175 34.20 19.91 -22.72
N ALA A 176 35.52 19.76 -22.86
CA ALA A 176 36.12 18.43 -22.93
C ALA A 176 35.86 17.65 -21.64
N GLN A 177 36.01 18.30 -20.49
CA GLN A 177 35.71 17.65 -19.23
C GLN A 177 34.26 17.17 -19.20
N LYS A 178 33.32 18.08 -19.46
CA LYS A 178 31.90 17.73 -19.41
C LYS A 178 31.60 16.57 -20.35
N ARG A 179 32.19 16.56 -21.54
CA ARG A 179 32.02 15.42 -22.43
C ARG A 179 32.58 14.14 -21.80
N LEU A 180 33.69 14.25 -21.07
CA LEU A 180 34.27 13.07 -20.45
C LEU A 180 33.34 12.48 -19.39
N GLU A 181 32.81 13.32 -18.49
CA GLU A 181 31.87 12.78 -17.51
C GLU A 181 30.59 12.28 -18.17
N THR A 182 30.13 12.96 -19.23
CA THR A 182 28.94 12.50 -19.93
C THR A 182 29.16 11.10 -20.48
N LEU A 183 30.33 10.84 -21.06
CA LEU A 183 30.64 9.50 -21.53
C LEU A 183 30.81 8.52 -20.38
N LEU A 184 31.33 8.96 -19.24
CA LEU A 184 31.53 8.08 -18.10
C LEU A 184 30.26 7.76 -17.33
N GLU A 185 29.17 8.48 -17.56
CA GLU A 185 27.92 8.17 -16.87
C GLU A 185 27.42 6.77 -17.20
N GLU A 186 27.68 6.28 -18.41
CA GLU A 186 27.25 4.93 -18.76
C GLU A 186 27.96 3.88 -17.91
N ARG A 187 29.15 4.21 -17.40
CA ARG A 187 29.89 3.32 -16.52
C ARG A 187 29.47 3.48 -15.05
N GLU A 188 28.59 4.43 -14.75
CA GLU A 188 28.16 4.71 -13.38
C GLU A 188 29.35 5.01 -12.48
N SER A 189 30.31 5.76 -13.00
CA SER A 189 31.51 6.14 -12.26
C SER A 189 31.87 7.57 -12.65
N LYS A 190 33.05 8.00 -12.21
CA LYS A 190 33.50 9.35 -12.50
C LYS A 190 35.02 9.39 -12.39
N ALA A 191 35.60 10.45 -12.92
CA ALA A 191 37.03 10.68 -12.72
C ALA A 191 37.31 10.97 -11.25
N GLU A 192 38.39 10.36 -10.74
CA GLU A 192 38.70 10.51 -9.33
C GLU A 192 39.05 11.94 -8.98
N LYS A 193 39.78 12.63 -9.85
CA LYS A 193 40.14 14.02 -9.59
C LYS A 193 40.09 14.81 -10.88
N VAL A 194 39.51 16.01 -10.80
CA VAL A 194 39.43 16.96 -11.90
C VAL A 194 40.04 18.26 -11.43
N LEU A 195 41.05 18.74 -12.13
CA LEU A 195 41.79 19.94 -11.76
C LEU A 195 41.63 20.99 -12.84
N GLN A 196 41.11 22.15 -12.46
CA GLN A 196 40.89 23.27 -13.36
C GLN A 196 41.83 24.40 -12.98
N PHE A 197 42.52 24.96 -13.97
CA PHE A 197 43.47 26.04 -13.76
C PHE A 197 43.18 27.18 -14.71
N ASP A 198 43.58 28.38 -14.32
CA ASP A 198 43.39 29.56 -15.15
C ASP A 198 44.27 29.47 -16.40
N PRO A 199 43.86 30.13 -17.49
CA PRO A 199 44.70 30.11 -18.70
C PRO A 199 46.09 30.67 -18.49
N GLY A 200 46.27 31.60 -17.56
CA GLY A 200 47.59 32.13 -17.27
C GLY A 200 48.51 31.09 -16.68
N THR A 201 48.12 30.54 -15.52
CA THR A 201 48.80 29.44 -14.83
C THR A 201 50.33 29.55 -14.90
N LYS A 202 50.84 30.70 -14.46
CA LYS A 202 52.29 30.86 -14.36
C LYS A 202 52.87 29.88 -13.36
N ASN A 203 52.21 29.68 -12.23
CA ASN A 203 52.59 28.67 -11.24
C ASN A 203 51.49 27.64 -11.17
N VAL A 204 51.86 26.37 -11.40
CA VAL A 204 50.89 25.28 -11.41
C VAL A 204 51.41 24.15 -10.53
N THR A 205 52.42 24.45 -9.72
CA THR A 205 53.04 23.43 -8.87
C THR A 205 52.04 22.86 -7.87
N ALA A 206 51.15 23.70 -7.36
CA ALA A 206 50.15 23.23 -6.40
C ALA A 206 49.22 22.20 -7.04
N LEU A 207 48.78 22.46 -8.27
CA LEU A 207 47.91 21.51 -8.95
C LEU A 207 48.61 20.20 -9.23
N LEU A 208 49.89 20.26 -9.63
CA LEU A 208 50.65 19.04 -9.85
C LEU A 208 50.83 18.26 -8.56
N MET A 209 51.10 18.93 -7.44
CA MET A 209 51.17 18.23 -6.17
C MET A 209 49.84 17.57 -5.83
N GLU A 210 48.74 18.31 -5.96
CA GLU A 210 47.41 17.76 -5.70
C GLU A 210 47.17 16.52 -6.54
N ALA A 211 47.61 16.54 -7.80
CA ALA A 211 47.58 15.33 -8.60
C ALA A 211 48.48 14.25 -8.00
N ARG A 212 49.60 14.65 -7.41
CA ARG A 212 50.60 13.67 -6.95
C ARG A 212 50.08 12.84 -5.80
N GLU A 213 49.43 13.45 -4.80
CA GLU A 213 49.03 12.62 -3.66
C GLU A 213 47.93 11.64 -4.05
N LEU A 214 47.24 11.88 -5.16
CA LEU A 214 46.22 10.95 -5.62
C LEU A 214 46.86 9.65 -6.08
N GLU A 215 46.06 8.59 -6.06
CA GLU A 215 46.55 7.26 -6.44
C GLU A 215 46.53 7.04 -7.95
N ALA A 216 45.63 7.70 -8.67
CA ALA A 216 45.55 7.51 -10.11
C ALA A 216 46.84 7.96 -10.78
N ARG A 217 47.29 7.16 -11.76
CA ARG A 217 48.57 7.41 -12.41
C ARG A 217 48.42 7.60 -13.92
N VAL A 218 47.23 7.91 -14.41
CA VAL A 218 47.02 8.28 -15.80
C VAL A 218 46.43 9.69 -15.84
N ILE A 219 47.07 10.57 -16.60
CA ILE A 219 46.73 11.98 -16.63
C ILE A 219 46.15 12.29 -18.00
N ILE A 220 44.96 12.87 -18.03
CA ILE A 220 44.33 13.34 -19.25
C ILE A 220 44.38 14.86 -19.22
N LEU A 221 45.27 15.44 -20.02
CA LEU A 221 45.53 16.87 -20.00
C LEU A 221 44.92 17.52 -21.24
N SER A 222 44.17 18.60 -21.04
CA SER A 222 43.59 19.37 -22.13
C SER A 222 43.80 20.85 -21.85
N ALA A 223 44.69 21.49 -22.61
CA ALA A 223 45.01 22.89 -22.42
C ALA A 223 45.63 23.43 -23.70
N SER A 224 45.96 24.72 -23.67
CA SER A 224 46.61 25.35 -24.82
C SER A 224 48.08 24.94 -24.90
N GLU A 225 48.73 25.38 -25.97
CA GLU A 225 50.12 25.00 -26.21
C GLU A 225 51.03 25.52 -25.10
N ASP A 226 50.90 26.81 -24.77
CA ASP A 226 51.75 27.37 -23.72
C ASP A 226 51.48 26.74 -22.37
N ASP A 227 50.19 26.52 -22.05
CA ASP A 227 49.86 25.85 -20.80
C ASP A 227 50.35 24.41 -20.79
N ALA A 228 50.28 23.75 -21.94
CA ALA A 228 50.82 22.39 -22.03
C ALA A 228 52.31 22.38 -21.77
N ALA A 229 53.04 23.34 -22.33
CA ALA A 229 54.48 23.43 -22.08
C ALA A 229 54.77 23.70 -20.62
N THR A 230 54.01 24.60 -20.00
CA THR A 230 54.22 24.93 -18.60
C THR A 230 53.97 23.72 -17.70
N VAL A 231 52.88 23.01 -17.94
CA VAL A 231 52.58 21.84 -17.12
C VAL A 231 53.58 20.73 -17.39
N TYR A 232 54.08 20.61 -18.63
CA TYR A 232 55.10 19.62 -18.91
C TYR A 232 56.38 19.91 -18.13
N ARG A 233 56.81 21.17 -18.13
CA ARG A 233 58.00 21.54 -17.35
C ARG A 233 57.78 21.31 -15.87
N ALA A 234 56.59 21.65 -15.36
CA ALA A 234 56.30 21.43 -13.95
C ALA A 234 56.34 19.95 -13.60
N ALA A 235 55.78 19.10 -14.48
CA ALA A 235 55.81 17.66 -14.24
C ALA A 235 57.23 17.12 -14.29
N ALA A 236 58.03 17.61 -15.23
CA ALA A 236 59.41 17.14 -15.33
C ALA A 236 60.21 17.53 -14.10
N MET A 237 60.02 18.75 -13.61
CA MET A 237 60.76 19.19 -12.43
C MET A 237 60.25 18.52 -11.15
N LEU A 238 59.05 17.95 -11.18
CA LEU A 238 58.45 17.31 -10.02
C LEU A 238 58.52 15.79 -10.06
N ASN A 239 59.31 15.23 -10.98
CA ASN A 239 59.42 13.78 -11.18
C ASN A 239 58.07 13.14 -11.48
N MET A 240 57.17 13.90 -12.09
CA MET A 240 55.82 13.43 -12.40
C MET A 240 55.77 12.58 -13.65
N THR A 241 56.83 12.57 -14.47
CA THR A 241 56.86 11.83 -15.72
C THR A 241 57.71 10.56 -15.63
N GLY A 242 57.68 9.88 -14.48
CA GLY A 242 58.42 8.66 -14.31
C GLY A 242 57.83 7.48 -15.06
N SER A 243 58.21 6.26 -14.66
CA SER A 243 57.76 5.08 -15.39
C SER A 243 56.31 4.75 -15.10
N GLY A 244 55.84 5.04 -13.88
CA GLY A 244 54.51 4.64 -13.47
C GLY A 244 53.37 5.51 -13.95
N TYR A 245 53.65 6.55 -14.73
CA TYR A 245 52.64 7.48 -15.18
C TYR A 245 52.38 7.32 -16.67
N VAL A 246 51.14 7.62 -17.07
CA VAL A 246 50.73 7.61 -18.47
C VAL A 246 50.07 8.95 -18.77
N TRP A 247 50.53 9.61 -19.84
CA TRP A 247 50.03 10.91 -20.22
C TRP A 247 49.18 10.80 -21.48
N LEU A 248 47.95 11.30 -21.41
CA LEU A 248 47.05 11.36 -22.55
C LEU A 248 46.70 12.81 -22.80
N VAL A 249 47.01 13.29 -24.01
CA VAL A 249 46.78 14.69 -24.38
C VAL A 249 46.21 14.73 -25.80
N GLY A 250 45.69 15.90 -26.16
CA GLY A 250 45.11 16.11 -27.47
C GLY A 250 46.12 16.59 -28.48
N GLU A 251 45.61 16.93 -29.67
CA GLU A 251 46.48 17.40 -30.74
C GLU A 251 47.13 18.72 -30.39
N ARG A 252 46.40 19.62 -29.73
CA ARG A 252 46.93 20.94 -29.41
C ARG A 252 48.03 20.91 -28.36
N GLU A 253 48.22 19.78 -27.68
CA GLU A 253 49.23 19.66 -26.64
C GLU A 253 50.52 19.01 -27.11
N ILE A 254 50.59 18.60 -28.38
CA ILE A 254 51.79 18.00 -28.95
C ILE A 254 52.32 18.80 -30.13
N SER A 255 52.00 20.10 -30.18
CA SER A 255 52.44 20.98 -31.25
C SER A 255 53.09 22.21 -30.67
N GLY A 256 53.97 22.82 -31.45
CA GLY A 256 54.66 24.02 -31.01
C GLY A 256 55.60 23.74 -29.86
N ASN A 257 55.71 24.73 -28.96
CA ASN A 257 56.65 24.63 -27.84
C ASN A 257 56.35 23.42 -26.97
N ALA A 258 55.08 23.05 -26.84
CA ALA A 258 54.72 21.88 -26.03
C ALA A 258 55.39 20.62 -26.54
N LEU A 259 55.66 20.54 -27.85
CA LEU A 259 56.36 19.38 -28.38
C LEU A 259 57.79 19.31 -27.85
N ARG A 260 58.45 20.46 -27.71
CA ARG A 260 59.84 20.47 -27.29
C ARG A 260 60.00 20.06 -25.83
N TYR A 261 59.06 20.48 -24.98
CA TYR A 261 59.13 20.17 -23.56
C TYR A 261 58.34 18.91 -23.19
N ALA A 262 57.79 18.21 -24.16
CA ALA A 262 56.95 17.06 -23.87
C ALA A 262 57.77 15.92 -23.27
N PRO A 263 57.16 15.12 -22.39
CA PRO A 263 57.85 13.93 -21.87
C PRO A 263 58.08 12.88 -22.95
N ASP A 264 58.69 11.76 -22.57
CA ASP A 264 59.10 10.73 -23.52
C ASP A 264 58.05 9.65 -23.72
N GLY A 265 56.86 9.79 -23.14
CA GLY A 265 55.84 8.77 -23.30
C GLY A 265 54.46 9.34 -23.60
N ILE A 266 54.43 10.46 -24.31
CA ILE A 266 53.16 11.09 -24.64
C ILE A 266 52.37 10.20 -25.59
N ILE A 267 51.04 10.14 -25.38
CA ILE A 267 50.16 9.33 -26.20
C ILE A 267 49.21 10.28 -26.92
N GLY A 268 49.72 11.44 -27.31
CA GLY A 268 48.87 12.46 -27.90
C GLY A 268 48.26 12.01 -29.22
N LEU A 269 47.09 12.59 -29.51
CA LEU A 269 46.33 12.26 -30.70
C LEU A 269 46.60 13.27 -31.82
N GLN A 270 46.22 12.89 -33.03
CA GLN A 270 46.25 13.80 -34.17
C GLN A 270 45.10 13.47 -35.09
N LEU A 271 44.72 14.45 -35.90
CA LEU A 271 43.64 14.30 -36.89
C LEU A 271 44.27 14.28 -38.26
N ILE A 272 44.08 13.18 -39.00
CA ILE A 272 44.65 13.06 -40.32
C ILE A 272 43.98 14.04 -41.27
N ASN A 273 44.78 14.65 -42.14
CA ASN A 273 44.31 15.68 -43.07
C ASN A 273 43.75 16.89 -42.31
N GLY A 274 44.22 17.09 -41.08
CA GLY A 274 43.74 18.22 -40.30
C GLY A 274 44.14 19.56 -40.91
N LYS A 275 45.38 19.67 -41.36
CA LYS A 275 45.86 20.87 -42.03
C LYS A 275 45.73 20.78 -43.55
N ASN A 276 45.22 19.67 -44.08
CA ASN A 276 45.04 19.50 -45.51
C ASN A 276 43.80 20.27 -45.93
N GLU A 277 43.99 21.54 -46.31
CA GLU A 277 42.86 22.39 -46.64
C GLU A 277 42.20 22.00 -47.95
N SER A 278 42.96 21.47 -48.89
CA SER A 278 42.39 21.12 -50.19
C SER A 278 41.35 20.02 -50.07
N ALA A 279 41.65 18.97 -49.29
CA ALA A 279 40.70 17.88 -49.11
C ALA A 279 39.42 18.36 -48.45
N HIS A 280 39.55 19.19 -47.41
CA HIS A 280 38.37 19.72 -46.74
C HIS A 280 37.57 20.62 -47.65
N ILE A 281 38.25 21.42 -48.48
CA ILE A 281 37.56 22.27 -49.44
C ILE A 281 36.76 21.42 -50.41
N SER A 282 37.37 20.36 -50.93
CA SER A 282 36.68 19.48 -51.87
C SER A 282 35.47 18.83 -51.21
N ASP A 283 35.63 18.33 -49.99
CA ASP A 283 34.53 17.68 -49.31
C ASP A 283 33.39 18.67 -49.03
N ALA A 284 33.73 19.88 -48.60
CA ALA A 284 32.72 20.88 -48.34
C ALA A 284 31.97 21.25 -49.62
N VAL A 285 32.71 21.43 -50.72
CA VAL A 285 32.07 21.75 -51.99
C VAL A 285 31.13 20.63 -52.40
N GLY A 286 31.57 19.38 -52.28
CA GLY A 286 30.72 18.27 -52.66
C GLY A 286 29.46 18.20 -51.81
N VAL A 287 29.60 18.36 -50.50
CA VAL A 287 28.45 18.22 -49.62
C VAL A 287 27.47 19.38 -49.82
N VAL A 288 27.99 20.60 -50.00
CA VAL A 288 27.09 21.73 -50.21
C VAL A 288 26.40 21.62 -51.56
N ALA A 289 27.09 21.10 -52.58
CA ALA A 289 26.45 20.89 -53.87
C ALA A 289 25.34 19.86 -53.77
N GLN A 290 25.60 18.75 -53.07
CA GLN A 290 24.56 17.74 -52.90
C GLN A 290 23.38 18.30 -52.12
N ALA A 291 23.65 19.08 -51.07
CA ALA A 291 22.57 19.67 -50.29
C ALA A 291 21.75 20.64 -51.12
N VAL A 292 22.40 21.46 -51.94
CA VAL A 292 21.69 22.40 -52.79
C VAL A 292 20.83 21.65 -53.82
N HIS A 293 21.39 20.60 -54.41
CA HIS A 293 20.63 19.80 -55.37
C HIS A 293 19.40 19.18 -54.71
N GLU A 294 19.56 18.68 -53.50
CA GLU A 294 18.43 18.08 -52.79
C GLU A 294 17.40 19.12 -52.39
N LEU A 295 17.86 20.33 -52.04
CA LEU A 295 16.95 21.36 -51.57
C LEU A 295 16.14 21.96 -52.71
N LEU A 296 16.77 22.18 -53.86
CA LEU A 296 16.06 22.81 -54.97
C LEU A 296 14.92 21.94 -55.50
N GLU A 297 14.90 20.65 -55.15
CA GLU A 297 13.78 19.80 -55.54
C GLU A 297 12.49 20.24 -54.85
N LYS A 298 12.58 20.65 -53.59
CA LYS A 298 11.41 21.07 -52.84
C LYS A 298 10.96 22.47 -53.29
N GLU A 299 9.83 22.90 -52.75
CA GLU A 299 9.23 24.18 -53.07
C GLU A 299 9.41 25.14 -51.89
N ASN A 300 8.78 26.32 -52.00
CA ASN A 300 8.89 27.38 -51.00
C ASN A 300 10.35 27.78 -50.78
N ILE A 301 11.11 27.84 -51.86
CA ILE A 301 12.52 28.23 -51.80
C ILE A 301 12.60 29.75 -51.82
N THR A 302 13.34 30.30 -50.87
CA THR A 302 13.44 31.74 -50.71
C THR A 302 14.83 32.22 -51.14
N ASP A 303 14.85 33.29 -51.91
CA ASP A 303 16.10 33.90 -52.33
C ASP A 303 16.82 34.47 -51.11
N PRO A 304 18.08 34.10 -50.88
CA PRO A 304 18.82 34.68 -49.75
C PRO A 304 18.91 36.19 -49.87
N PRO A 305 18.87 36.90 -48.74
CA PRO A 305 18.89 38.37 -48.79
C PRO A 305 20.17 38.88 -49.42
N ARG A 306 20.05 39.99 -50.15
CA ARG A 306 21.17 40.63 -50.82
C ARG A 306 21.48 41.94 -50.11
N GLY A 307 22.68 42.04 -49.55
CA GLY A 307 23.08 43.24 -48.85
C GLY A 307 22.53 43.31 -47.45
N CYS A 308 23.39 43.65 -46.47
CA CYS A 308 22.94 43.72 -45.09
C CYS A 308 22.01 44.91 -44.88
N VAL A 309 22.40 46.08 -45.39
CA VAL A 309 21.61 47.29 -45.15
C VAL A 309 20.28 47.19 -45.87
N GLY A 310 19.21 47.58 -45.18
CA GLY A 310 17.88 47.54 -45.72
C GLY A 310 17.16 46.21 -45.58
N ASN A 311 17.84 45.19 -45.07
CA ASN A 311 17.23 43.87 -44.87
C ASN A 311 17.52 43.41 -43.45
N THR A 312 16.47 42.99 -42.74
CA THR A 312 16.61 42.55 -41.37
C THR A 312 16.05 41.14 -41.19
N ASN A 313 15.04 40.80 -41.98
CA ASN A 313 14.45 39.47 -41.90
C ASN A 313 15.47 38.40 -42.26
N ILE A 314 15.44 37.29 -41.53
CA ILE A 314 16.36 36.18 -41.76
C ILE A 314 15.93 35.43 -43.01
N TRP A 315 16.82 34.58 -43.51
CA TRP A 315 16.47 33.71 -44.63
C TRP A 315 15.34 32.77 -44.21
N LYS A 316 14.26 32.77 -45.00
CA LYS A 316 13.08 32.00 -44.62
C LYS A 316 13.38 30.50 -44.59
N THR A 317 14.12 30.00 -45.57
CA THR A 317 14.46 28.59 -45.64
C THR A 317 15.85 28.28 -45.13
N GLY A 318 16.50 29.24 -44.46
CA GLY A 318 17.82 29.04 -43.90
C GLY A 318 17.89 27.91 -42.90
N PRO A 319 16.97 27.89 -41.92
CA PRO A 319 16.90 26.73 -41.03
C PRO A 319 16.63 25.44 -41.77
N LEU A 320 15.82 25.49 -42.82
CA LEU A 320 15.58 24.29 -43.62
C LEU A 320 16.85 23.85 -44.34
N PHE A 321 17.64 24.81 -44.84
CA PHE A 321 18.91 24.46 -45.47
C PHE A 321 19.86 23.83 -44.47
N LYS A 322 19.93 24.37 -43.25
CA LYS A 322 20.78 23.76 -42.23
C LYS A 322 20.30 22.35 -41.89
N ARG A 323 18.98 22.17 -41.78
CA ARG A 323 18.44 20.85 -41.45
C ARG A 323 18.74 19.83 -42.55
N VAL A 324 18.61 20.23 -43.81
CA VAL A 324 18.91 19.29 -44.89
C VAL A 324 20.42 19.07 -44.98
N LEU A 325 21.22 20.02 -44.51
CA LEU A 325 22.66 19.79 -44.42
C LEU A 325 22.97 18.77 -43.31
N MET A 326 22.16 18.74 -42.26
CA MET A 326 22.31 17.70 -41.25
C MET A 326 22.16 16.31 -41.85
N SER A 327 21.15 16.12 -42.70
CA SER A 327 20.82 14.81 -43.22
C SER A 327 21.65 14.42 -44.43
N SER A 328 22.57 15.27 -44.87
CA SER A 328 23.42 14.95 -46.00
C SER A 328 24.32 13.77 -45.66
N LYS A 329 24.47 12.86 -46.63
CA LYS A 329 25.29 11.66 -46.48
C LYS A 329 26.30 11.66 -47.61
N TYR A 330 27.43 12.32 -47.39
CA TYR A 330 28.49 12.43 -48.40
C TYR A 330 29.40 11.20 -48.27
N ALA A 331 28.88 10.07 -48.76
CA ALA A 331 29.59 8.80 -48.60
C ALA A 331 30.93 8.81 -49.33
N ASP A 332 30.95 9.35 -50.55
CA ASP A 332 32.17 9.43 -51.33
C ASP A 332 32.82 10.80 -51.14
N GLY A 333 34.08 10.79 -50.70
CA GLY A 333 34.79 12.04 -50.45
C GLY A 333 36.26 11.77 -50.28
N VAL A 334 37.03 12.87 -50.31
CA VAL A 334 38.48 12.76 -50.20
C VAL A 334 38.87 12.22 -48.82
N THR A 335 38.25 12.75 -47.77
CA THR A 335 38.51 12.31 -46.41
C THR A 335 37.58 11.17 -45.99
N GLY A 336 36.78 10.65 -46.89
CA GLY A 336 35.91 9.54 -46.58
C GLY A 336 34.47 9.96 -46.35
N ARG A 337 33.71 9.04 -45.76
CA ARG A 337 32.30 9.27 -45.49
C ARG A 337 32.14 10.39 -44.46
N VAL A 338 31.21 11.31 -44.74
CA VAL A 338 31.02 12.51 -43.94
C VAL A 338 29.60 12.53 -43.40
N GLU A 339 29.48 12.71 -42.09
CA GLU A 339 28.18 12.85 -41.43
C GLU A 339 28.23 14.04 -40.48
N PHE A 340 27.04 14.49 -40.10
CA PHE A 340 26.90 15.57 -39.13
C PHE A 340 25.96 15.12 -38.02
N ASN A 341 26.39 15.32 -36.77
CA ASN A 341 25.60 14.92 -35.62
C ASN A 341 24.57 16.01 -35.30
N GLU A 342 23.87 15.85 -34.18
CA GLU A 342 22.86 16.83 -33.78
C GLU A 342 23.48 18.18 -33.44
N ASP A 343 24.78 18.22 -33.14
CA ASP A 343 25.45 19.47 -32.82
C ASP A 343 26.05 20.15 -34.04
N GLY A 344 25.83 19.61 -35.23
CA GLY A 344 26.40 20.19 -36.43
C GLY A 344 27.88 19.96 -36.61
N ASP A 345 28.45 18.95 -35.96
CA ASP A 345 29.86 18.65 -36.07
C ASP A 345 30.08 17.35 -36.83
N ARG A 346 31.32 17.13 -37.25
CA ARG A 346 31.66 15.90 -37.94
C ARG A 346 31.45 14.70 -37.02
N LYS A 347 30.78 13.67 -37.54
CA LYS A 347 30.39 12.55 -36.69
C LYS A 347 31.55 11.57 -36.49
N PHE A 348 32.04 10.98 -37.57
CA PHE A 348 33.12 10.02 -37.51
C PHE A 348 34.33 10.55 -38.26
N ALA A 349 35.47 10.56 -37.60
CA ALA A 349 36.73 10.94 -38.21
C ALA A 349 37.81 9.95 -37.80
N ASN A 350 38.83 9.83 -38.64
CA ASN A 350 39.92 8.88 -38.39
C ASN A 350 41.03 9.60 -37.63
N TYR A 351 41.27 9.16 -36.40
CA TYR A 351 42.31 9.72 -35.55
C TYR A 351 43.56 8.86 -35.62
N SER A 352 44.71 9.49 -35.48
CA SER A 352 46.00 8.80 -35.51
C SER A 352 46.72 9.00 -34.18
N ILE A 353 47.11 7.90 -33.55
CA ILE A 353 47.76 7.96 -32.24
C ILE A 353 49.26 8.15 -32.44
N MET A 354 49.79 9.27 -31.93
CA MET A 354 51.21 9.55 -31.93
C MET A 354 51.81 9.29 -30.56
N ASN A 355 52.95 8.60 -30.54
CA ASN A 355 53.76 8.45 -29.35
C ASN A 355 55.12 9.09 -29.58
N LEU A 356 55.54 9.90 -28.62
CA LEU A 356 56.82 10.59 -28.70
C LEU A 356 57.93 9.65 -28.26
N GLN A 357 58.76 9.23 -29.21
CA GLN A 357 59.87 8.31 -28.94
C GLN A 357 61.15 8.94 -29.44
N ASN A 358 62.13 9.10 -28.53
CA ASN A 358 63.42 9.70 -28.86
C ASN A 358 63.23 11.09 -29.49
N ARG A 359 62.34 11.87 -28.88
CA ARG A 359 61.99 13.20 -29.38
C ARG A 359 61.46 13.14 -30.81
N LYS A 360 60.87 12.02 -31.19
CA LYS A 360 60.28 11.83 -32.51
C LYS A 360 58.92 11.18 -32.35
N LEU A 361 57.95 11.64 -33.12
CA LEU A 361 56.58 11.17 -33.02
C LEU A 361 56.35 10.03 -34.02
N VAL A 362 55.78 8.93 -33.53
CA VAL A 362 55.49 7.77 -34.37
C VAL A 362 54.04 7.36 -34.16
N GLN A 363 53.48 6.74 -35.20
CA GLN A 363 52.11 6.26 -35.16
C GLN A 363 52.02 4.94 -34.40
N VAL A 364 50.97 4.79 -33.61
CA VAL A 364 50.80 3.58 -32.81
C VAL A 364 49.50 2.88 -33.20
N GLY A 365 48.53 3.65 -33.66
CA GLY A 365 47.25 3.06 -34.01
C GLY A 365 46.33 4.05 -34.68
N ILE A 366 45.24 3.52 -35.22
CA ILE A 366 44.23 4.30 -35.92
C ILE A 366 42.90 4.11 -35.22
N TYR A 367 42.25 5.22 -34.87
CA TYR A 367 40.92 5.21 -34.28
C TYR A 367 39.92 5.52 -35.39
N ASN A 368 39.04 4.57 -35.66
CA ASN A 368 37.99 4.73 -36.67
C ASN A 368 36.64 4.56 -35.99
N GLY A 369 35.70 5.44 -36.32
CA GLY A 369 34.37 5.38 -35.77
C GLY A 369 34.36 5.44 -34.26
N THR A 370 34.03 4.32 -33.61
CA THR A 370 34.02 4.24 -32.16
C THR A 370 35.00 3.19 -31.63
N HIS A 371 35.94 2.72 -32.46
CA HIS A 371 36.90 1.72 -32.05
C HIS A 371 38.30 2.16 -32.49
N VAL A 372 39.31 1.47 -31.95
CA VAL A 372 40.70 1.74 -32.28
C VAL A 372 41.37 0.42 -32.64
N ILE A 373 42.40 0.50 -33.50
CA ILE A 373 43.18 -0.65 -33.89
C ILE A 373 44.66 -0.26 -33.87
N PRO A 374 45.50 -0.92 -33.07
CA PRO A 374 46.92 -0.61 -33.10
C PRO A 374 47.62 -1.37 -34.23
N ASN A 375 48.66 -0.73 -34.77
CA ASN A 375 49.45 -1.34 -35.83
C ASN A 375 50.64 -2.10 -35.22
N ASP A 376 51.57 -2.53 -36.06
CA ASP A 376 52.69 -3.35 -35.62
C ASP A 376 53.68 -2.58 -34.75
N ARG A 377 53.61 -1.25 -34.74
CA ARG A 377 54.57 -0.46 -33.98
C ARG A 377 54.43 -0.74 -32.48
N LYS A 378 55.56 -0.74 -31.79
CA LYS A 378 55.58 -1.03 -30.36
C LYS A 378 55.31 0.24 -29.56
N ILE A 379 54.35 0.16 -28.64
CA ILE A 379 54.02 1.29 -27.80
C ILE A 379 55.08 1.48 -26.72
N ILE A 380 55.53 2.71 -26.54
CA ILE A 380 56.52 3.06 -25.53
C ILE A 380 55.89 4.03 -24.55
N TRP A 381 55.97 3.70 -23.27
CA TRP A 381 55.37 4.44 -22.18
C TRP A 381 56.39 5.36 -21.52
N PRO A 382 55.94 6.35 -20.75
CA PRO A 382 56.89 7.21 -20.04
C PRO A 382 57.77 6.39 -19.10
N GLY A 383 59.02 6.84 -18.96
CA GLY A 383 59.99 6.13 -18.17
C GLY A 383 60.82 5.10 -18.93
N GLY A 384 60.48 4.84 -20.19
CA GLY A 384 61.24 3.94 -21.02
C GLY A 384 60.86 2.48 -20.93
N GLU A 385 59.95 2.11 -20.03
CA GLU A 385 59.55 0.72 -19.89
C GLU A 385 58.61 0.33 -21.02
N THR A 386 58.92 -0.78 -21.69
CA THR A 386 58.08 -1.24 -22.80
C THR A 386 56.80 -1.91 -22.31
N GLU A 387 56.82 -2.48 -21.11
CA GLU A 387 55.63 -3.13 -20.59
C GLU A 387 54.56 -2.10 -20.26
N LYS A 388 53.30 -2.47 -20.50
CA LYS A 388 52.20 -1.54 -20.27
C LYS A 388 51.99 -1.35 -18.78
N PRO A 389 52.15 -0.14 -18.25
CA PRO A 389 51.99 0.06 -16.81
C PRO A 389 50.54 -0.04 -16.38
N ARG A 390 50.34 -0.39 -15.11
CA ARG A 390 49.01 -0.42 -14.53
C ARG A 390 48.47 1.00 -14.42
N GLY A 391 47.14 1.12 -14.43
CA GLY A 391 46.52 2.43 -14.37
C GLY A 391 46.90 3.20 -13.13
N TYR A 392 47.05 2.52 -12.01
CA TYR A 392 47.43 3.15 -10.75
C TYR A 392 48.02 2.10 -9.83
N GLN A 393 48.68 2.56 -8.77
CA GLN A 393 49.20 1.68 -7.75
C GLN A 393 48.41 1.89 -6.46
N MET A 394 48.22 0.81 -5.71
CA MET A 394 47.50 0.91 -4.45
C MET A 394 48.32 1.69 -3.43
N SER A 395 47.61 2.32 -2.50
CA SER A 395 48.23 3.14 -1.46
C SER A 395 48.34 2.32 -0.19
N THR A 396 49.57 2.08 0.26
CA THR A 396 49.78 1.28 1.46
C THR A 396 49.30 2.01 2.71
N ARG A 397 49.56 3.31 2.79
CA ARG A 397 49.18 4.08 3.97
C ARG A 397 47.73 4.55 3.86
N LEU A 398 46.92 4.20 4.85
CA LEU A 398 45.53 4.59 4.91
C LEU A 398 45.30 5.44 6.16
N LYS A 399 44.75 6.63 5.98
CA LYS A 399 44.46 7.54 7.08
C LYS A 399 43.04 7.28 7.56
N ILE A 400 42.91 6.75 8.76
CA ILE A 400 41.64 6.28 9.30
C ILE A 400 41.10 7.31 10.28
N VAL A 401 39.78 7.52 10.25
CA VAL A 401 39.10 8.42 11.16
C VAL A 401 38.26 7.59 12.13
N THR A 402 38.29 7.95 13.40
CA THR A 402 37.60 7.20 14.42
C THR A 402 37.06 8.13 15.50
N ILE A 403 35.84 7.86 15.96
CA ILE A 403 35.23 8.62 17.03
C ILE A 403 35.40 7.83 18.33
N HIS A 404 35.43 8.55 19.45
CA HIS A 404 35.60 7.92 20.75
C HIS A 404 34.23 7.45 21.26
N GLN A 405 33.95 6.16 21.10
CA GLN A 405 32.76 5.53 21.67
C GLN A 405 33.25 4.51 22.69
N GLU A 406 32.72 4.61 23.91
CA GLU A 406 33.30 3.85 25.02
C GLU A 406 33.25 2.34 24.79
N PRO A 407 32.13 1.72 24.41
CA PRO A 407 32.16 0.26 24.20
C PRO A 407 33.14 -0.19 23.13
N PHE A 408 33.53 0.70 22.21
CA PHE A 408 34.35 0.32 21.08
C PHE A 408 35.72 0.97 21.09
N VAL A 409 35.80 2.28 21.31
CA VAL A 409 37.04 3.03 21.16
C VAL A 409 37.31 3.78 22.45
N TYR A 410 38.19 3.22 23.30
CA TYR A 410 38.76 3.97 24.41
C TYR A 410 39.91 4.85 23.92
N VAL A 411 39.89 6.11 24.31
CA VAL A 411 40.98 7.05 24.06
C VAL A 411 41.52 7.51 25.41
N LYS A 412 42.84 7.61 25.50
CA LYS A 412 43.47 7.96 26.77
C LYS A 412 44.75 8.77 26.54
N PRO A 413 45.02 9.79 27.35
CA PRO A 413 46.29 10.51 27.22
C PRO A 413 47.46 9.59 27.50
N THR A 414 48.54 9.79 26.75
CA THR A 414 49.73 8.96 26.90
C THR A 414 50.66 9.56 27.95
N MET A 415 51.82 8.92 28.11
CA MET A 415 52.81 9.35 29.08
C MET A 415 53.78 10.34 28.43
N SER A 416 54.87 10.64 29.13
CA SER A 416 55.85 11.59 28.60
C SER A 416 56.52 11.06 27.34
N ASP A 417 56.83 9.76 27.32
CA ASP A 417 57.52 9.16 26.18
C ASP A 417 56.68 9.13 24.91
N GLY A 418 55.37 9.35 25.00
CA GLY A 418 54.50 9.32 23.86
C GLY A 418 53.85 7.97 23.59
N THR A 419 54.29 6.92 24.26
CA THR A 419 53.71 5.59 24.14
C THR A 419 52.85 5.34 25.38
N CYS A 420 51.58 5.02 25.16
CA CYS A 420 50.67 4.80 26.27
C CYS A 420 51.04 3.54 27.04
N LYS A 421 50.71 3.55 28.34
CA LYS A 421 51.06 2.44 29.21
C LYS A 421 50.34 1.17 28.78
N GLU A 422 51.04 0.04 28.90
CA GLU A 422 50.50 -1.25 28.50
C GLU A 422 49.75 -1.90 29.66
N GLU A 423 48.52 -2.33 29.37
CA GLU A 423 47.68 -3.02 30.34
C GLU A 423 47.43 -4.45 29.87
N PHE A 424 46.73 -5.20 30.71
CA PHE A 424 46.35 -6.57 30.40
C PHE A 424 44.92 -6.81 30.86
N THR A 425 44.25 -7.73 30.19
CA THR A 425 42.87 -8.07 30.54
C THR A 425 42.87 -8.98 31.77
N VAL A 426 41.68 -9.47 32.15
CA VAL A 426 41.60 -10.38 33.29
C VAL A 426 42.30 -11.69 33.00
N ASN A 427 42.25 -12.15 31.75
CA ASN A 427 42.93 -13.38 31.36
C ASN A 427 44.42 -13.21 31.15
N GLY A 428 44.92 -11.97 31.20
CA GLY A 428 46.34 -11.72 31.09
C GLY A 428 46.89 -11.76 29.68
N ASP A 429 46.40 -10.88 28.82
CA ASP A 429 46.92 -10.72 27.48
C ASP A 429 47.17 -9.24 27.19
N PRO A 430 48.19 -8.92 26.40
CA PRO A 430 48.50 -7.52 26.11
C PRO A 430 47.41 -6.90 25.24
N VAL A 431 46.85 -5.79 25.71
CA VAL A 431 45.83 -5.08 24.96
C VAL A 431 46.50 -4.29 23.84
N LYS A 432 46.13 -4.60 22.60
CA LYS A 432 46.71 -3.91 21.46
C LYS A 432 46.19 -2.49 21.38
N LYS A 433 47.11 -1.53 21.25
CA LYS A 433 46.77 -0.12 21.22
C LYS A 433 47.54 0.58 20.12
N VAL A 434 47.04 1.74 19.69
CA VAL A 434 47.65 2.51 18.62
C VAL A 434 47.77 3.96 19.07
N ILE A 435 48.61 4.71 18.38
CA ILE A 435 48.79 6.13 18.67
C ILE A 435 47.87 6.90 17.72
N CYS A 436 46.95 7.67 18.29
CA CYS A 436 45.92 8.36 17.52
C CYS A 436 45.94 9.85 17.85
N THR A 437 45.96 10.68 16.82
CA THR A 437 45.95 12.13 16.99
C THR A 437 44.51 12.61 17.07
N GLY A 438 44.19 13.39 18.10
CA GLY A 438 42.84 13.85 18.29
C GLY A 438 42.76 15.18 18.99
N PRO A 439 41.56 15.79 18.99
CA PRO A 439 41.38 17.07 19.68
C PRO A 439 41.58 16.91 21.18
N ASN A 440 42.21 17.92 21.78
CA ASN A 440 42.45 17.88 23.22
C ASN A 440 41.17 18.14 24.00
N ASP A 441 40.38 19.13 23.57
CA ASP A 441 39.19 19.56 24.29
C ASP A 441 37.97 19.28 23.43
N THR A 442 37.02 18.51 23.98
CA THR A 442 35.77 18.23 23.26
C THR A 442 34.76 19.35 23.41
N SER A 443 34.96 20.24 24.37
CA SER A 443 34.02 21.34 24.58
C SER A 443 34.16 22.38 23.47
N PRO A 444 33.06 22.83 22.88
CA PRO A 444 33.16 23.89 21.88
C PRO A 444 33.63 25.20 22.47
N GLY A 445 34.28 26.01 21.63
CA GLY A 445 34.81 27.27 22.07
C GLY A 445 36.23 27.23 22.60
N SER A 446 36.95 26.14 22.36
CA SER A 446 38.32 26.00 22.81
C SER A 446 39.19 25.56 21.64
N PRO A 447 40.47 25.92 21.64
CA PRO A 447 41.37 25.50 20.56
C PRO A 447 41.62 24.00 20.62
N ARG A 448 41.28 23.30 19.53
CA ARG A 448 41.36 21.85 19.48
C ARG A 448 42.75 21.44 18.98
N HIS A 449 43.71 21.48 19.90
CA HIS A 449 45.07 21.06 19.58
C HIS A 449 45.11 19.56 19.30
N THR A 450 45.86 19.18 18.28
CA THR A 450 45.97 17.78 17.88
C THR A 450 46.99 17.09 18.77
N VAL A 451 46.51 16.47 19.85
CA VAL A 451 47.37 15.77 20.80
C VAL A 451 47.42 14.30 20.40
N PRO A 452 48.58 13.65 20.48
CA PRO A 452 48.70 12.21 20.15
C PRO A 452 48.37 11.27 21.31
N GLN A 453 47.08 11.04 21.52
CA GLN A 453 46.62 10.16 22.57
C GLN A 453 46.79 8.70 22.13
N CYS A 454 46.28 7.77 22.92
CA CYS A 454 46.38 6.35 22.66
C CYS A 454 44.97 5.77 22.57
N CYS A 455 44.70 5.05 21.48
CA CYS A 455 43.39 4.49 21.20
C CYS A 455 43.45 2.97 21.24
N TYR A 456 42.40 2.35 21.79
CA TYR A 456 42.32 0.90 21.83
C TYR A 456 40.86 0.48 21.99
N GLY A 457 40.63 -0.83 22.02
CA GLY A 457 39.30 -1.37 22.23
C GLY A 457 38.87 -2.28 21.09
N PHE A 458 37.57 -2.24 20.78
CA PHE A 458 36.99 -3.15 19.81
C PHE A 458 37.42 -2.78 18.39
N CYS A 459 37.06 -1.58 17.95
CA CYS A 459 37.32 -1.18 16.57
C CYS A 459 38.81 -1.19 16.28
N ILE A 460 39.64 -0.86 17.26
CA ILE A 460 41.09 -0.87 17.05
C ILE A 460 41.59 -2.29 16.79
N ASP A 461 41.10 -3.26 17.56
CA ASP A 461 41.49 -4.65 17.32
C ASP A 461 41.00 -5.14 15.96
N LEU A 462 39.78 -4.75 15.58
CA LEU A 462 39.27 -5.15 14.27
C LEU A 462 40.13 -4.55 13.16
N LEU A 463 40.52 -3.28 13.30
CA LEU A 463 41.39 -2.65 12.32
C LEU A 463 42.74 -3.34 12.28
N ILE A 464 43.24 -3.77 13.44
CA ILE A 464 44.55 -4.42 13.48
C ILE A 464 44.50 -5.74 12.72
N LYS A 465 43.44 -6.54 12.92
CA LYS A 465 43.34 -7.76 12.11
C LYS A 465 43.14 -7.43 10.63
N LEU A 466 42.39 -6.37 10.32
CA LEU A 466 42.22 -6.01 8.92
C LEU A 466 43.57 -5.69 8.28
N ALA A 467 44.43 -4.97 9.00
CA ALA A 467 45.77 -4.67 8.49
C ALA A 467 46.63 -5.92 8.44
N ARG A 468 46.41 -6.88 9.34
CA ARG A 468 47.20 -8.10 9.33
C ARG A 468 46.85 -8.98 8.14
N THR A 469 45.56 -9.11 7.83
CA THR A 469 45.13 -9.96 6.72
C THR A 469 45.65 -9.44 5.39
N MET A 470 45.23 -8.24 5.01
CA MET A 470 45.79 -7.55 3.85
C MET A 470 46.73 -6.47 4.36
N ASN A 471 47.97 -6.48 3.87
CA ASN A 471 49.01 -5.62 4.42
C ASN A 471 48.83 -4.18 3.96
N PHE A 472 48.65 -3.28 4.94
CA PHE A 472 48.60 -1.85 4.66
C PHE A 472 48.79 -1.11 5.98
N THR A 473 49.71 -0.15 5.98
CA THR A 473 49.95 0.64 7.18
C THR A 473 48.80 1.61 7.41
N TYR A 474 48.44 1.82 8.67
CA TYR A 474 47.30 2.66 9.03
C TYR A 474 47.76 3.80 9.92
N GLU A 475 47.14 4.96 9.75
CA GLU A 475 47.37 6.14 10.59
C GLU A 475 46.03 6.56 11.16
N VAL A 476 45.78 6.23 12.42
CA VAL A 476 44.49 6.45 13.06
C VAL A 476 44.46 7.86 13.63
N HIS A 477 43.34 8.55 13.45
CA HIS A 477 43.15 9.87 14.05
C HIS A 477 41.68 10.06 14.37
N LEU A 478 41.41 10.95 15.31
CA LEU A 478 40.05 11.27 15.69
C LEU A 478 39.51 12.44 14.87
N VAL A 479 38.20 12.46 14.68
CA VAL A 479 37.55 13.57 13.99
C VAL A 479 37.53 14.79 14.90
N ALA A 480 37.79 15.96 14.31
CA ALA A 480 37.84 17.18 15.09
C ALA A 480 36.50 17.48 15.74
N ASP A 481 35.41 17.28 15.02
CA ASP A 481 34.07 17.50 15.54
C ASP A 481 33.52 16.17 16.04
N GLY A 482 33.07 16.14 17.30
CA GLY A 482 32.61 14.91 17.90
C GLY A 482 31.34 14.34 17.30
N LYS A 483 30.61 15.13 16.53
CA LYS A 483 29.36 14.66 15.94
C LYS A 483 29.61 13.54 14.95
N PHE A 484 28.65 12.61 14.86
CA PHE A 484 28.75 11.55 13.86
C PHE A 484 28.71 12.11 12.45
N GLY A 485 27.82 13.07 12.19
CA GLY A 485 27.77 13.67 10.88
C GLY A 485 26.52 13.31 10.12
N THR A 486 25.66 14.30 9.90
CA THR A 486 24.41 14.12 9.18
C THR A 486 24.31 15.16 8.09
N GLN A 487 23.29 15.03 7.25
CA GLN A 487 23.01 16.04 6.23
C GLN A 487 22.50 17.29 6.91
N GLU A 488 23.34 18.34 6.93
CA GLU A 488 23.01 19.59 7.59
C GLU A 488 23.12 20.74 6.61
N ARG A 489 22.17 21.66 6.69
CA ARG A 489 22.14 22.84 5.83
C ARG A 489 22.99 23.93 6.48
N VAL A 490 24.14 24.22 5.89
CA VAL A 490 25.05 25.24 6.41
C VAL A 490 24.40 26.61 6.26
N ASN A 491 24.97 27.61 6.93
CA ASN A 491 24.44 28.96 6.86
C ASN A 491 24.38 29.45 5.42
N ASN A 492 25.30 29.01 4.57
CA ASN A 492 25.21 29.28 3.15
C ASN A 492 24.16 28.38 2.54
N SER A 493 23.05 28.97 2.09
CA SER A 493 21.92 28.19 1.62
C SER A 493 22.25 27.53 0.27
N ASN A 494 21.32 26.68 -0.18
CA ASN A 494 21.46 25.93 -1.43
C ASN A 494 22.73 25.09 -1.41
N LYS A 495 22.96 24.42 -0.28
CA LYS A 495 24.12 23.54 -0.14
C LYS A 495 23.90 22.61 1.03
N LYS A 496 23.94 21.31 0.78
CA LYS A 496 23.93 20.30 1.84
C LYS A 496 25.35 19.81 2.06
N GLU A 497 25.82 19.88 3.29
CA GLU A 497 27.21 19.56 3.61
C GLU A 497 27.27 18.39 4.57
N TRP A 498 28.15 17.44 4.28
CA TRP A 498 28.45 16.35 5.19
C TRP A 498 29.52 16.82 6.17
N ASN A 499 29.29 16.60 7.45
CA ASN A 499 30.21 17.06 8.48
C ASN A 499 30.62 15.91 9.39
N GLY A 500 31.35 16.21 10.46
CA GLY A 500 31.77 15.16 11.37
C GLY A 500 32.72 14.18 10.71
N MET A 501 32.61 12.92 11.10
CA MET A 501 33.44 11.88 10.51
C MET A 501 33.13 11.71 9.03
N MET A 502 31.86 11.87 8.63
CA MET A 502 31.55 11.78 7.21
C MET A 502 32.11 12.96 6.44
N GLY A 503 32.09 14.16 7.01
CA GLY A 503 32.76 15.28 6.37
C GLY A 503 34.25 15.03 6.25
N GLU A 504 34.84 14.41 7.26
CA GLU A 504 36.26 14.07 7.22
C GLU A 504 36.55 13.08 6.08
N LEU A 505 35.69 12.08 5.93
CA LEU A 505 35.91 11.04 4.93
C LEU A 505 35.67 11.54 3.50
N LEU A 506 34.57 12.27 3.29
CA LEU A 506 34.18 12.61 1.93
C LEU A 506 35.01 13.74 1.34
N SER A 507 35.72 14.49 2.18
CA SER A 507 36.54 15.59 1.69
C SER A 507 37.88 15.14 1.13
N GLY A 508 38.15 13.84 1.13
CA GLY A 508 39.43 13.32 0.72
C GLY A 508 40.48 13.30 1.81
N GLN A 509 40.15 13.76 3.01
CA GLN A 509 41.08 13.77 4.12
C GLN A 509 41.17 12.43 4.83
N ALA A 510 40.28 11.48 4.52
CA ALA A 510 40.32 10.15 5.10
C ALA A 510 40.05 9.13 4.01
N ASP A 511 40.58 7.92 4.22
CA ASP A 511 40.44 6.84 3.25
C ASP A 511 39.55 5.70 3.73
N MET A 512 39.43 5.51 5.04
CA MET A 512 38.60 4.45 5.60
C MET A 512 38.18 4.88 6.99
N ILE A 513 36.99 4.46 7.40
CA ILE A 513 36.44 4.87 8.68
C ILE A 513 36.01 3.63 9.45
N VAL A 514 36.37 3.59 10.73
CA VAL A 514 35.97 2.53 11.64
C VAL A 514 35.34 3.18 12.86
N ALA A 515 34.09 2.83 13.15
CA ALA A 515 33.35 3.38 14.27
C ALA A 515 32.02 2.65 14.35
N PRO A 516 31.35 2.71 15.50
CA PRO A 516 29.98 2.18 15.57
C PRO A 516 29.03 3.05 14.76
N LEU A 517 29.13 2.95 13.44
CA LEU A 517 28.40 3.83 12.53
C LEU A 517 27.19 3.09 11.99
N THR A 518 26.00 3.59 12.31
CA THR A 518 24.77 2.95 11.85
C THR A 518 24.61 3.13 10.34
N ILE A 519 24.07 2.11 9.70
CA ILE A 519 23.87 2.12 8.25
C ILE A 519 22.45 2.56 7.95
N ASN A 520 22.31 3.62 7.16
CA ASN A 520 21.01 4.10 6.73
C ASN A 520 21.10 4.51 5.26
N ASN A 521 19.95 4.93 4.70
CA ASN A 521 19.89 5.25 3.28
C ASN A 521 20.75 6.48 2.95
N GLU A 522 20.67 7.52 3.79
CA GLU A 522 21.43 8.74 3.50
C GLU A 522 22.92 8.48 3.49
N ARG A 523 23.42 7.72 4.46
CA ARG A 523 24.85 7.42 4.47
C ARG A 523 25.25 6.51 3.34
N ALA A 524 24.38 5.59 2.93
CA ALA A 524 24.71 4.67 1.84
C ALA A 524 24.65 5.34 0.48
N GLN A 525 23.91 6.45 0.35
CA GLN A 525 23.80 7.11 -0.95
C GLN A 525 25.15 7.60 -1.44
N TYR A 526 25.96 8.19 -0.55
CA TYR A 526 27.21 8.83 -0.94
C TYR A 526 28.42 7.92 -0.80
N ILE A 527 28.40 6.97 0.14
CA ILE A 527 29.53 6.06 0.33
C ILE A 527 28.98 4.64 0.45
N GLU A 528 29.88 3.68 0.24
CA GLU A 528 29.52 2.27 0.33
C GLU A 528 30.03 1.68 1.63
N PHE A 529 29.24 0.79 2.22
CA PHE A 529 29.55 0.17 3.50
C PHE A 529 29.84 -1.31 3.32
N SER A 530 30.76 -1.82 4.14
CA SER A 530 31.05 -3.23 4.16
C SER A 530 29.97 -3.99 4.92
N LYS A 531 30.09 -5.31 4.95
CA LYS A 531 29.14 -6.11 5.71
C LYS A 531 29.26 -5.78 7.19
N PRO A 532 28.14 -5.67 7.91
CA PRO A 532 28.20 -5.22 9.31
C PRO A 532 29.01 -6.18 10.17
N PHE A 533 29.79 -5.61 11.08
CA PHE A 533 30.56 -6.41 12.04
C PHE A 533 29.85 -6.56 13.37
N LYS A 534 28.74 -5.88 13.59
CA LYS A 534 28.01 -6.00 14.85
C LYS A 534 26.57 -5.58 14.61
N TYR A 535 25.64 -6.51 14.71
CA TYR A 535 24.23 -6.21 14.57
C TYR A 535 23.68 -5.67 15.88
N GLN A 536 22.89 -4.62 15.79
CA GLN A 536 22.38 -3.94 16.97
C GLN A 536 21.11 -3.20 16.57
N GLY A 537 20.63 -2.34 17.46
CA GLY A 537 19.45 -1.55 17.17
C GLY A 537 19.28 -0.44 18.19
N LEU A 538 18.35 0.45 17.90
CA LEU A 538 18.04 1.54 18.80
C LEU A 538 17.26 1.04 20.01
N THR A 539 17.50 1.67 21.15
CA THR A 539 16.82 1.29 22.39
C THR A 539 16.93 2.43 23.38
N ILE A 540 16.34 2.23 24.56
CA ILE A 540 16.15 3.26 25.57
C ILE A 540 16.93 2.86 26.82
N LEU A 541 17.71 3.79 27.35
CA LEU A 541 18.41 3.60 28.61
C LEU A 541 17.85 4.56 29.64
N VAL A 542 17.57 4.06 30.85
CA VAL A 542 17.01 4.85 31.92
C VAL A 542 17.77 4.55 33.21
N LYS A 543 17.80 5.55 34.09
CA LYS A 543 18.40 5.36 35.41
C LYS A 543 17.52 4.43 36.23
N LYS A 544 18.07 3.30 36.64
CA LYS A 544 17.32 2.34 37.43
C LYS A 544 16.97 2.94 38.79
N GLU A 545 15.69 2.84 39.15
CA GLU A 545 15.19 3.44 40.40
C GLU A 545 15.32 2.41 41.51
N ILE A 546 16.32 2.59 42.37
CA ILE A 546 16.47 1.71 43.54
C ILE A 546 15.29 1.94 44.47
N PRO A 547 14.60 0.89 44.93
CA PRO A 547 13.45 1.09 45.81
C PRO A 547 13.84 1.66 47.16
N ARG A 548 13.45 2.92 47.42
CA ARG A 548 13.79 3.57 48.67
C ARG A 548 12.96 2.99 49.81
N SER A 549 13.62 2.72 50.93
CA SER A 549 12.97 2.14 52.10
C SER A 549 12.81 3.21 53.16
N THR A 550 11.57 3.56 53.47
CA THR A 550 11.29 4.54 54.51
C THR A 550 11.35 3.89 55.89
N LEU A 551 11.47 4.72 56.92
CA LEU A 551 11.51 4.21 58.28
C LEU A 551 10.14 3.73 58.74
N ASP A 552 9.08 4.14 58.04
CA ASP A 552 7.72 3.74 58.38
C ASP A 552 7.17 2.65 57.46
N SER A 553 8.04 1.80 56.92
CA SER A 553 7.60 0.76 55.99
C SER A 553 6.66 -0.23 56.68
N PHE A 554 6.97 -0.62 57.92
CA PHE A 554 6.10 -1.51 58.67
C PHE A 554 4.78 -0.83 59.01
N MET A 555 4.82 0.48 59.25
CA MET A 555 3.64 1.26 59.57
C MET A 555 2.93 1.78 58.32
N GLN A 556 3.52 1.54 57.15
CA GLN A 556 2.93 2.05 55.91
C GLN A 556 1.54 1.49 55.61
N PRO A 557 1.28 0.18 55.67
CA PRO A 557 -0.04 -0.32 55.24
C PRO A 557 -1.21 0.29 56.00
N PHE A 558 -1.06 0.54 57.30
CA PHE A 558 -2.13 1.14 58.08
C PHE A 558 -1.98 2.65 58.16
N GLN A 559 -3.10 3.36 58.07
CA GLN A 559 -3.09 4.80 58.21
C GLN A 559 -2.73 5.19 59.64
N SER A 560 -2.10 6.37 59.78
CA SER A 560 -1.76 6.86 61.10
C SER A 560 -3.00 7.11 61.94
N THR A 561 -4.05 7.68 61.34
CA THR A 561 -5.31 7.83 62.04
C THR A 561 -5.88 6.47 62.43
N LEU A 562 -5.70 5.46 61.57
CA LEU A 562 -6.15 4.12 61.91
C LEU A 562 -5.37 3.57 63.09
N TRP A 563 -4.07 3.84 63.15
CA TRP A 563 -3.27 3.42 64.30
C TRP A 563 -3.76 4.11 65.58
N LEU A 564 -4.06 5.40 65.49
CA LEU A 564 -4.59 6.10 66.66
C LEU A 564 -5.94 5.52 67.08
N LEU A 565 -6.78 5.18 66.11
CA LEU A 565 -8.09 4.59 66.42
C LEU A 565 -7.94 3.24 67.11
N VAL A 566 -7.06 2.38 66.59
CA VAL A 566 -6.89 1.07 67.20
C VAL A 566 -6.26 1.19 68.58
N GLY A 567 -5.36 2.16 68.77
CA GLY A 567 -4.81 2.39 70.09
C GLY A 567 -5.86 2.85 71.09
N LEU A 568 -6.71 3.78 70.67
CA LEU A 568 -7.79 4.23 71.54
C LEU A 568 -8.76 3.10 71.86
N SER A 569 -9.04 2.25 70.87
CA SER A 569 -9.88 1.08 71.11
C SER A 569 -9.24 0.13 72.11
N VAL A 570 -7.94 -0.10 71.97
CA VAL A 570 -7.22 -0.93 72.94
C VAL A 570 -7.36 -0.35 74.34
N HIS A 571 -7.15 0.96 74.47
CA HIS A 571 -7.24 1.59 75.78
C HIS A 571 -8.63 1.45 76.38
N VAL A 572 -9.67 1.72 75.58
CA VAL A 572 -11.02 1.71 76.11
C VAL A 572 -11.46 0.30 76.48
N VAL A 573 -11.11 -0.70 75.65
CA VAL A 573 -11.47 -2.07 76.02
C VAL A 573 -10.68 -2.52 77.23
N ALA A 574 -9.41 -2.13 77.33
CA ALA A 574 -8.60 -2.52 78.48
C ALA A 574 -9.19 -1.97 79.77
N VAL A 575 -9.65 -0.71 79.75
CA VAL A 575 -10.23 -0.16 80.96
C VAL A 575 -11.59 -0.79 81.26
N MET A 576 -12.43 -0.97 80.23
CA MET A 576 -13.79 -1.43 80.50
C MET A 576 -13.87 -2.90 80.87
N LEU A 577 -12.90 -3.72 80.45
CA LEU A 577 -12.86 -5.10 80.93
C LEU A 577 -12.90 -5.18 82.44
N TYR A 578 -11.90 -4.60 83.11
CA TYR A 578 -11.92 -4.67 84.57
C TYR A 578 -12.95 -3.73 85.17
N LEU A 579 -13.41 -2.71 84.44
CA LEU A 579 -14.50 -1.90 84.94
C LEU A 579 -15.76 -2.73 85.14
N LEU A 580 -16.07 -3.59 84.17
CA LEU A 580 -17.22 -4.50 84.31
C LEU A 580 -16.91 -5.64 85.25
N ASP A 581 -15.66 -6.15 85.26
CA ASP A 581 -15.33 -7.29 86.09
C ASP A 581 -15.34 -6.94 87.58
N ARG A 582 -14.97 -5.70 87.92
CA ARG A 582 -14.90 -5.32 89.33
C ARG A 582 -16.28 -5.35 89.98
N PHE A 583 -17.30 -4.88 89.28
CA PHE A 583 -18.68 -4.89 89.80
C PHE A 583 -19.41 -6.16 89.38
N SER A 584 -18.83 -7.31 89.70
CA SER A 584 -19.41 -8.62 89.37
C SER A 584 -19.45 -9.46 90.63
N PRO A 585 -20.53 -9.37 91.42
CA PRO A 585 -20.61 -10.16 92.65
C PRO A 585 -20.55 -11.66 92.42
N PHE A 586 -21.06 -12.14 91.28
CA PHE A 586 -21.03 -13.56 90.97
C PHE A 586 -19.60 -14.04 90.72
N LEU A 601 -9.50 -10.07 88.40
CA LEU A 601 -9.01 -9.18 87.36
C LEU A 601 -8.85 -7.76 87.88
N THR A 602 -7.65 -7.20 87.73
CA THR A 602 -7.36 -5.84 88.16
C THR A 602 -6.90 -5.02 86.94
N LEU A 603 -6.46 -3.80 87.21
CA LEU A 603 -6.00 -2.91 86.15
C LEU A 603 -4.84 -3.53 85.37
N SER A 604 -3.79 -3.95 86.08
CA SER A 604 -2.63 -4.54 85.41
C SER A 604 -3.00 -5.85 84.73
N SER A 605 -3.79 -6.69 85.40
CA SER A 605 -4.14 -8.00 84.85
C SER A 605 -4.96 -7.84 83.57
N ALA A 606 -6.00 -7.01 83.61
CA ALA A 606 -6.84 -6.81 82.42
C ALA A 606 -6.06 -6.13 81.31
N MET A 607 -5.23 -5.15 81.66
CA MET A 607 -4.43 -4.47 80.64
C MET A 607 -3.48 -5.44 79.95
N TRP A 608 -2.81 -6.29 80.72
CA TRP A 608 -1.88 -7.24 80.13
C TRP A 608 -2.62 -8.33 79.36
N PHE A 609 -3.82 -8.70 79.81
CA PHE A 609 -4.67 -9.58 79.03
C PHE A 609 -4.95 -8.97 77.66
N SER A 610 -5.32 -7.70 77.63
CA SER A 610 -5.61 -7.03 76.37
C SER A 610 -4.39 -7.01 75.47
N TRP A 611 -3.24 -6.60 76.01
CA TRP A 611 -2.03 -6.53 75.19
C TRP A 611 -1.60 -7.91 74.69
N GLY A 612 -1.69 -8.92 75.54
CA GLY A 612 -1.33 -10.27 75.11
C GLY A 612 -2.26 -10.80 74.03
N VAL A 613 -3.57 -10.56 74.16
CA VAL A 613 -4.48 -11.12 73.18
C VAL A 613 -4.59 -10.21 71.97
N LEU A 614 -3.92 -9.06 71.99
CA LEU A 614 -3.82 -8.31 70.74
C LEU A 614 -2.48 -8.53 70.03
N LEU A 615 -1.45 -8.93 70.77
CA LEU A 615 -0.14 -9.19 70.19
C LEU A 615 0.09 -10.65 69.85
N ASN A 616 -0.91 -11.52 70.07
CA ASN A 616 -0.77 -12.96 69.85
C ASN A 616 0.42 -13.51 70.63
N SER A 617 0.59 -13.06 71.86
CA SER A 617 1.72 -13.45 72.70
C SER A 617 1.29 -14.21 73.94
N GLY A 618 0.31 -13.70 74.69
CA GLY A 618 -0.14 -14.36 75.89
C GLY A 618 0.56 -13.89 77.14
N ILE A 619 0.79 -12.57 77.23
CA ILE A 619 1.49 -12.01 78.39
C ILE A 619 0.61 -12.11 79.63
N GLY A 620 -0.67 -11.77 79.51
CA GLY A 620 -1.58 -11.83 80.63
C GLY A 620 -2.22 -13.19 80.79
N GLU A 621 -1.75 -13.96 81.78
CA GLU A 621 -2.30 -15.28 82.02
C GLU A 621 -3.66 -15.23 82.70
N GLY A 622 -4.02 -14.10 83.31
CA GLY A 622 -5.33 -13.97 83.93
C GLY A 622 -6.43 -13.95 82.90
N ALA A 623 -7.64 -14.29 83.36
CA ALA A 623 -8.79 -14.36 82.47
C ALA A 623 -9.97 -13.61 83.09
N PRO A 624 -10.86 -13.06 82.25
CA PRO A 624 -12.09 -12.46 82.78
C PRO A 624 -13.00 -13.53 83.39
N ARG A 625 -13.83 -13.08 84.32
CA ARG A 625 -14.67 -13.98 85.11
C ARG A 625 -16.15 -13.86 84.80
N SER A 626 -16.71 -12.65 84.85
CA SER A 626 -18.12 -12.46 84.54
C SER A 626 -18.39 -12.76 83.07
N PHE A 627 -19.56 -13.34 82.81
CA PHE A 627 -19.88 -13.82 81.46
C PHE A 627 -19.92 -12.67 80.46
N SER A 628 -20.35 -11.49 80.89
CA SER A 628 -20.29 -10.33 80.01
C SER A 628 -18.85 -10.03 79.61
N ALA A 629 -17.93 -10.09 80.58
CA ALA A 629 -16.51 -9.92 80.26
C ALA A 629 -16.00 -11.06 79.38
N ARG A 630 -16.54 -12.27 79.57
CA ARG A 630 -16.18 -13.40 78.72
C ARG A 630 -16.51 -13.11 77.25
N ILE A 631 -17.74 -12.67 76.99
CA ILE A 631 -18.16 -12.35 75.63
C ILE A 631 -17.35 -11.19 75.08
N LEU A 632 -17.16 -10.14 75.89
CA LEU A 632 -16.40 -8.98 75.43
C LEU A 632 -14.98 -9.37 75.05
N GLY A 633 -14.34 -10.20 75.87
CA GLY A 633 -12.98 -10.63 75.57
C GLY A 633 -12.90 -11.49 74.33
N MET A 634 -13.85 -12.42 74.15
CA MET A 634 -13.81 -13.26 72.97
C MET A 634 -14.03 -12.44 71.71
N VAL A 635 -14.95 -11.47 71.75
CA VAL A 635 -15.18 -10.64 70.57
C VAL A 635 -13.99 -9.73 70.31
N TRP A 636 -13.35 -9.21 71.36
CA TRP A 636 -12.20 -8.36 71.15
C TRP A 636 -11.03 -9.14 70.57
N ALA A 637 -10.86 -10.40 71.00
CA ALA A 637 -9.85 -11.26 70.40
C ALA A 637 -10.16 -11.51 68.93
N GLY A 638 -11.42 -11.75 68.60
CA GLY A 638 -11.80 -11.88 67.20
C GLY A 638 -11.48 -10.63 66.40
N PHE A 639 -11.77 -9.47 66.97
CA PHE A 639 -11.44 -8.20 66.33
C PHE A 639 -9.94 -8.06 66.12
N ALA A 640 -9.16 -8.47 67.12
CA ALA A 640 -7.70 -8.38 67.02
C ALA A 640 -7.17 -9.28 65.91
N MET A 641 -7.71 -10.49 65.78
CA MET A 641 -7.27 -11.36 64.70
C MET A 641 -7.73 -10.85 63.35
N ILE A 642 -8.91 -10.24 63.29
CA ILE A 642 -9.33 -9.58 62.06
C ILE A 642 -8.33 -8.49 61.68
N ILE A 643 -7.90 -7.70 62.67
CA ILE A 643 -6.95 -6.63 62.42
C ILE A 643 -5.62 -7.19 61.91
N VAL A 644 -5.12 -8.23 62.55
CA VAL A 644 -3.80 -8.76 62.16
C VAL A 644 -3.88 -9.43 60.79
N ALA A 645 -4.98 -10.11 60.49
CA ALA A 645 -5.13 -10.71 59.17
C ALA A 645 -5.24 -9.63 58.09
N SER A 646 -5.97 -8.55 58.37
CA SER A 646 -6.03 -7.44 57.43
C SER A 646 -4.66 -6.81 57.23
N TYR A 647 -3.88 -6.66 58.30
CA TYR A 647 -2.54 -6.12 58.18
C TYR A 647 -1.65 -7.02 57.33
N THR A 648 -1.72 -8.33 57.55
CA THR A 648 -0.92 -9.27 56.77
C THR A 648 -1.30 -9.20 55.29
N ALA A 649 -2.61 -9.21 55.01
CA ALA A 649 -3.05 -9.16 53.62
C ALA A 649 -2.66 -7.84 52.95
N ASN A 650 -2.79 -6.72 53.68
CA ASN A 650 -2.43 -5.42 53.14
C ASN A 650 -0.93 -5.35 52.86
N LEU A 651 -0.10 -5.86 53.77
CA LEU A 651 1.34 -5.86 53.54
C LEU A 651 1.70 -6.75 52.36
N ALA A 652 1.04 -7.90 52.23
CA ALA A 652 1.29 -8.78 51.09
C ALA A 652 0.92 -8.09 49.78
N ALA A 653 -0.22 -7.40 49.75
CA ALA A 653 -0.64 -6.70 48.54
C ALA A 653 0.31 -5.55 48.20
N PHE A 654 0.72 -4.79 49.22
CA PHE A 654 1.62 -3.65 48.99
C PHE A 654 2.99 -4.13 48.51
N LEU A 655 3.49 -5.22 49.10
CA LEU A 655 4.83 -5.70 48.75
C LEU A 655 4.87 -6.21 47.31
N VAL A 656 3.81 -6.91 46.88
CA VAL A 656 3.75 -7.36 45.50
C VAL A 656 3.30 -6.22 44.60
N LEU A 657 3.70 -6.29 43.33
CA LEU A 657 3.39 -5.26 42.33
C LEU A 657 3.85 -3.87 42.81
N ASP A 658 5.01 -3.84 43.46
CA ASP A 658 5.58 -2.60 44.00
C ASP A 658 6.51 -2.02 42.93
N ARG A 659 5.93 -1.26 42.00
CA ARG A 659 6.68 -0.67 40.89
C ARG A 659 5.98 0.61 40.45
N PRO A 660 6.46 1.77 40.92
CA PRO A 660 5.80 3.04 40.60
C PRO A 660 5.73 3.33 39.10
N GLU A 661 6.78 2.98 38.37
CA GLU A 661 6.82 3.15 36.92
C GLU A 661 6.99 1.77 36.31
N GLU A 662 6.00 1.31 35.55
CA GLU A 662 5.97 -0.07 35.08
C GLU A 662 7.20 -0.41 34.24
N ARG A 663 7.29 0.18 33.04
CA ARG A 663 8.38 -0.02 32.10
C ARG A 663 8.27 1.07 31.04
N ILE A 664 9.16 1.01 30.05
CA ILE A 664 9.05 1.78 28.83
C ILE A 664 8.94 0.79 27.67
N THR A 665 7.78 0.77 27.02
CA THR A 665 7.52 -0.20 25.95
C THR A 665 8.00 0.35 24.60
N GLY A 666 9.27 0.76 24.59
CA GLY A 666 9.86 1.27 23.37
C GLY A 666 9.27 2.60 22.96
N ILE A 667 9.17 2.82 21.66
CA ILE A 667 8.64 4.07 21.15
C ILE A 667 7.11 4.15 21.23
N ASN A 668 6.45 3.03 21.51
CA ASN A 668 5.00 3.00 21.59
C ASN A 668 4.48 3.35 22.98
N ASP A 669 5.33 3.80 23.87
CA ASP A 669 4.90 4.16 25.22
C ASP A 669 4.04 5.41 25.17
N PRO A 670 2.77 5.36 25.63
CA PRO A 670 1.95 6.57 25.63
C PRO A 670 2.55 7.70 26.45
N ARG A 671 3.21 7.38 27.57
CA ARG A 671 3.92 8.41 28.31
C ARG A 671 5.05 8.99 27.48
N LEU A 672 5.77 8.14 26.75
CA LEU A 672 6.77 8.64 25.81
C LEU A 672 6.13 9.29 24.59
N ARG A 673 4.98 8.77 24.15
CA ARG A 673 4.34 9.29 22.94
C ARG A 673 3.96 10.76 23.11
N ASN A 674 3.42 11.13 24.25
CA ASN A 674 3.04 12.51 24.50
C ASN A 674 4.14 13.18 25.31
N PRO A 675 4.90 14.11 24.73
CA PRO A 675 5.96 14.78 25.50
C PRO A 675 5.39 15.60 26.63
N SER A 676 6.16 15.69 27.72
CA SER A 676 5.77 16.50 28.87
C SER A 676 7.02 17.14 29.45
N ASP A 677 6.81 18.21 30.21
CA ASP A 677 7.94 18.91 30.83
C ASP A 677 8.67 18.02 31.83
N LYS A 678 7.93 17.25 32.61
CA LYS A 678 8.57 16.38 33.60
C LYS A 678 9.29 15.21 32.94
N PHE A 679 8.70 14.62 31.91
CA PHE A 679 9.28 13.46 31.23
C PHE A 679 10.20 13.97 30.13
N ILE A 680 11.49 14.05 30.42
CA ILE A 680 12.48 14.61 29.52
C ILE A 680 13.33 13.46 28.97
N TYR A 681 13.31 13.28 27.66
CA TYR A 681 14.08 12.24 26.99
C TYR A 681 14.88 12.88 25.87
N ALA A 682 16.07 12.33 25.59
CA ALA A 682 16.95 12.92 24.59
C ALA A 682 17.80 11.84 23.94
N THR A 683 18.64 12.28 23.00
CA THR A 683 19.58 11.43 22.30
C THR A 683 20.75 12.29 21.84
N VAL A 684 21.76 11.64 21.28
CA VAL A 684 22.94 12.37 20.81
C VAL A 684 22.57 13.22 19.62
N LYS A 685 22.90 14.51 19.68
CA LYS A 685 22.58 15.43 18.60
C LYS A 685 23.38 15.10 17.35
N GLN A 686 22.73 15.23 16.20
CA GLN A 686 23.39 15.14 14.90
C GLN A 686 24.08 13.79 14.71
N SER A 687 23.26 12.74 14.70
CA SER A 687 23.75 11.39 14.53
C SER A 687 22.70 10.57 13.80
N SER A 688 22.93 9.26 13.71
CA SER A 688 22.03 8.39 12.94
C SER A 688 20.64 8.35 13.56
N VAL A 689 20.56 8.31 14.89
CA VAL A 689 19.26 8.28 15.55
C VAL A 689 18.48 9.54 15.22
N ASP A 690 19.17 10.69 15.13
CA ASP A 690 18.50 11.92 14.75
C ASP A 690 17.92 11.82 13.34
N ILE A 691 18.68 11.25 12.41
CA ILE A 691 18.19 11.08 11.05
C ILE A 691 16.96 10.17 11.02
N TYR A 692 17.03 9.05 11.75
CA TYR A 692 15.90 8.12 11.78
C TYR A 692 14.66 8.79 12.37
N PHE A 693 14.83 9.54 13.46
CA PHE A 693 13.69 10.23 14.06
C PHE A 693 13.12 11.29 13.13
N ARG A 694 13.99 12.01 12.42
CA ARG A 694 13.52 13.10 11.57
C ARG A 694 12.78 12.58 10.34
N ARG A 695 13.34 11.58 9.66
CA ARG A 695 12.78 11.19 8.37
C ARG A 695 11.48 10.40 8.54
N GLN A 696 11.33 9.68 9.65
CA GLN A 696 10.12 8.90 9.86
C GLN A 696 8.96 9.86 10.12
N VAL A 697 7.86 9.66 9.38
CA VAL A 697 6.77 10.62 9.40
C VAL A 697 5.99 10.54 10.70
N GLU A 698 5.53 9.34 11.08
CA GLU A 698 4.69 9.20 12.26
C GLU A 698 5.45 9.58 13.53
N LEU A 699 6.77 9.45 13.51
CA LEU A 699 7.59 9.80 14.66
C LEU A 699 7.95 11.28 14.68
N SER A 700 7.43 12.06 13.74
CA SER A 700 7.82 13.47 13.64
C SER A 700 7.53 14.24 14.92
N THR A 701 6.42 13.94 15.58
CA THR A 701 6.12 14.60 16.84
C THR A 701 7.20 14.34 17.88
N MET A 702 7.76 13.12 17.90
CA MET A 702 8.92 12.84 18.73
C MET A 702 10.03 13.84 18.44
N TYR A 703 10.32 14.07 17.16
CA TYR A 703 11.38 15.00 16.80
C TYR A 703 11.09 16.40 17.33
N ARG A 704 9.81 16.73 17.55
CA ARG A 704 9.48 18.04 18.12
C ARG A 704 10.11 18.23 19.48
N HIS A 705 10.21 17.17 20.28
CA HIS A 705 10.91 17.27 21.55
C HIS A 705 12.43 17.29 21.37
N MET A 706 12.92 16.69 20.28
CA MET A 706 14.34 16.36 20.19
C MET A 706 15.22 17.61 20.23
N GLU A 707 14.89 18.62 19.43
CA GLU A 707 15.74 19.81 19.42
C GLU A 707 15.67 20.56 20.74
N LYS A 708 14.64 20.29 21.56
CA LYS A 708 14.54 20.96 22.86
C LYS A 708 15.70 20.57 23.76
N HIS A 709 16.12 19.31 23.73
CA HIS A 709 17.20 18.83 24.60
C HIS A 709 18.06 17.86 23.80
N ASN A 710 19.34 18.21 23.66
CA ASN A 710 20.30 17.35 22.97
C ASN A 710 21.65 17.47 23.67
N TYR A 711 22.50 16.49 23.42
CA TYR A 711 23.83 16.45 24.03
C TYR A 711 24.88 16.22 22.95
N GLU A 712 26.04 16.84 23.15
CA GLU A 712 27.11 16.78 22.15
C GLU A 712 27.62 15.36 21.96
N SER A 713 27.80 14.63 23.06
CA SER A 713 28.38 13.29 22.99
C SER A 713 27.58 12.36 23.90
N ALA A 714 27.81 11.06 23.72
CA ALA A 714 27.11 10.07 24.53
C ALA A 714 27.52 10.12 25.99
N ALA A 715 28.76 10.51 26.26
CA ALA A 715 29.23 10.57 27.65
C ALA A 715 28.43 11.60 28.45
N GLU A 716 28.18 12.78 27.88
CA GLU A 716 27.39 13.77 28.57
C GLU A 716 25.96 13.29 28.77
N ALA A 717 25.39 12.60 27.78
CA ALA A 717 24.03 12.09 27.92
C ALA A 717 23.93 11.06 29.04
N ILE A 718 24.88 10.12 29.10
CA ILE A 718 24.81 9.11 30.15
C ILE A 718 25.09 9.72 31.50
N GLN A 719 25.96 10.73 31.57
CA GLN A 719 26.20 11.40 32.84
C GLN A 719 24.95 12.14 33.32
N ALA A 720 24.23 12.78 32.39
CA ALA A 720 22.98 13.45 32.74
C ALA A 720 21.94 12.44 33.21
N VAL A 721 21.87 11.29 32.55
CA VAL A 721 20.93 10.25 32.98
C VAL A 721 21.29 9.77 34.38
N ARG A 722 22.59 9.57 34.63
CA ARG A 722 23.02 9.13 35.96
C ARG A 722 22.69 10.18 37.02
N ASP A 723 22.85 11.46 36.68
CA ASP A 723 22.49 12.55 37.57
C ASP A 723 21.00 12.87 37.57
N ASN A 724 20.18 11.99 37.00
CA ASN A 724 18.73 12.11 36.94
C ASN A 724 18.26 13.35 36.18
N LYS A 725 19.15 13.99 35.43
CA LYS A 725 18.74 15.13 34.61
C LYS A 725 17.89 14.67 33.42
N LEU A 726 18.16 13.48 32.90
CA LEU A 726 17.44 12.94 31.74
C LEU A 726 16.65 11.71 32.15
N HIS A 727 15.39 11.66 31.74
CA HIS A 727 14.55 10.51 32.05
C HIS A 727 14.75 9.34 31.10
N ALA A 728 15.25 9.59 29.89
CA ALA A 728 15.47 8.51 28.93
C ALA A 728 16.49 8.95 27.89
N PHE A 729 17.36 8.01 27.51
CA PHE A 729 18.38 8.25 26.48
C PHE A 729 18.18 7.26 25.36
N ILE A 730 18.09 7.76 24.13
CA ILE A 730 17.87 6.93 22.95
C ILE A 730 19.23 6.67 22.30
N TRP A 731 19.62 5.40 22.18
CA TRP A 731 20.94 5.12 21.60
C TRP A 731 21.02 3.66 21.19
N ASP A 732 22.16 3.29 20.61
CA ASP A 732 22.38 1.95 20.10
C ASP A 732 22.34 0.92 21.21
N SER A 733 21.90 -0.29 20.88
CA SER A 733 21.75 -1.34 21.88
C SER A 733 23.09 -1.74 22.47
N ALA A 734 24.14 -1.82 21.64
CA ALA A 734 25.45 -2.25 22.14
C ALA A 734 25.99 -1.26 23.17
N VAL A 735 25.93 0.04 22.86
CA VAL A 735 26.49 1.04 23.76
C VAL A 735 25.74 1.07 25.07
N LEU A 736 24.41 1.10 25.00
CA LEU A 736 23.62 1.17 26.23
C LEU A 736 23.76 -0.10 27.05
N GLU A 737 23.82 -1.26 26.38
CA GLU A 737 24.01 -2.52 27.08
C GLU A 737 25.35 -2.55 27.80
N PHE A 738 26.42 -2.12 27.14
CA PHE A 738 27.72 -2.08 27.80
C PHE A 738 27.72 -1.12 28.97
N GLU A 739 27.09 0.05 28.79
CA GLU A 739 27.03 1.02 29.89
C GLU A 739 26.26 0.47 31.07
N ALA A 740 25.15 -0.21 30.82
CA ALA A 740 24.39 -0.85 31.90
C ALA A 740 25.23 -1.93 32.58
N SER A 741 26.03 -2.66 31.80
CA SER A 741 26.91 -3.66 32.38
C SER A 741 27.94 -3.02 33.30
N GLN A 742 28.49 -1.87 32.90
CA GLN A 742 29.44 -1.17 33.74
C GLN A 742 28.72 -0.34 34.81
N LYS A 743 27.88 0.61 34.37
CA LYS A 743 27.09 1.40 35.31
C LYS A 743 25.95 0.55 35.84
N CYS A 744 26.15 -0.03 37.03
CA CYS A 744 25.21 -1.00 37.57
C CYS A 744 23.86 -0.39 37.95
N ASP A 745 23.76 0.94 38.02
CA ASP A 745 22.54 1.61 38.42
C ASP A 745 21.74 2.16 37.23
N LEU A 746 22.13 1.82 36.00
CA LEU A 746 21.39 2.19 34.81
C LEU A 746 21.01 0.94 34.04
N VAL A 747 19.83 0.96 33.42
CA VAL A 747 19.28 -0.22 32.77
C VAL A 747 18.63 0.17 31.45
N THR A 748 18.78 -0.69 30.45
CA THR A 748 18.07 -0.55 29.18
C THR A 748 16.76 -1.31 29.29
N THR A 749 15.66 -0.66 28.92
CA THR A 749 14.32 -1.22 29.12
C THR A 749 13.48 -1.29 27.85
N GLY A 750 13.66 -0.37 26.91
CA GLY A 750 12.80 -0.34 25.74
C GLY A 750 13.02 -1.56 24.85
N GLU A 751 11.95 -1.96 24.18
CA GLU A 751 12.05 -3.06 23.22
C GLU A 751 12.93 -2.66 22.04
N LEU A 752 13.77 -3.58 21.59
CA LEU A 752 14.70 -3.29 20.52
C LEU A 752 13.97 -2.96 19.23
N PHE A 753 14.40 -1.88 18.57
CA PHE A 753 13.76 -1.40 17.36
C PHE A 753 14.80 -0.78 16.46
N PHE A 754 14.44 -0.63 15.18
CA PHE A 754 15.34 -0.13 14.14
C PHE A 754 16.62 -0.98 14.09
N ARG A 755 16.43 -2.26 13.80
CA ARG A 755 17.57 -3.16 13.71
C ARG A 755 18.45 -2.79 12.53
N SER A 756 19.76 -2.77 12.77
CA SER A 756 20.73 -2.43 11.75
C SER A 756 22.08 -3.01 12.18
N GLY A 757 23.15 -2.59 11.54
CA GLY A 757 24.47 -3.09 11.88
C GLY A 757 25.50 -2.00 11.75
N PHE A 758 26.53 -2.08 12.58
CA PHE A 758 27.67 -1.19 12.46
C PHE A 758 28.55 -1.65 11.31
N GLY A 759 28.89 -0.71 10.41
CA GLY A 759 29.70 -1.03 9.26
C GLY A 759 30.90 -0.11 9.17
N ILE A 760 31.88 -0.55 8.40
CA ILE A 760 33.09 0.21 8.15
C ILE A 760 33.01 0.76 6.73
N GLY A 761 33.09 2.07 6.60
CA GLY A 761 32.85 2.74 5.34
C GLY A 761 34.12 3.20 4.64
N MET A 762 34.02 3.30 3.32
CA MET A 762 35.08 3.82 2.47
C MET A 762 34.45 4.81 1.49
N ARG A 763 35.21 5.21 0.49
CA ARG A 763 34.70 6.14 -0.51
C ARG A 763 33.68 5.45 -1.41
N LYS A 764 33.14 6.20 -2.36
CA LYS A 764 32.12 5.66 -3.26
C LYS A 764 32.66 4.48 -4.05
N ASP A 765 33.87 4.62 -4.59
CA ASP A 765 34.55 3.54 -5.28
C ASP A 765 35.87 3.31 -4.55
N SER A 766 36.09 2.09 -4.09
CA SER A 766 37.30 1.77 -3.36
C SER A 766 37.67 0.32 -3.67
N PRO A 767 38.90 0.06 -4.11
CA PRO A 767 39.31 -1.34 -4.36
C PRO A 767 39.30 -2.19 -3.11
N TRP A 768 39.33 -1.58 -1.93
CA TRP A 768 39.39 -2.34 -0.69
C TRP A 768 38.09 -3.07 -0.40
N LYS A 769 36.99 -2.68 -1.05
CA LYS A 769 35.66 -3.09 -0.58
C LYS A 769 35.50 -4.61 -0.58
N GLN A 770 35.78 -5.25 -1.71
CA GLN A 770 35.55 -6.68 -1.81
C GLN A 770 36.41 -7.46 -0.83
N ASN A 771 37.70 -7.13 -0.78
CA ASN A 771 38.61 -7.86 0.11
C ASN A 771 38.24 -7.65 1.57
N VAL A 772 37.90 -6.42 1.96
CA VAL A 772 37.59 -6.17 3.36
C VAL A 772 36.27 -6.83 3.74
N SER A 773 35.30 -6.84 2.82
CA SER A 773 34.03 -7.52 3.11
C SER A 773 34.25 -9.02 3.26
N LEU A 774 35.07 -9.61 2.39
CA LEU A 774 35.37 -11.03 2.53
C LEU A 774 36.09 -11.31 3.86
N SER A 775 37.02 -10.45 4.24
CA SER A 775 37.74 -10.65 5.48
C SER A 775 36.81 -10.54 6.68
N ILE A 776 35.90 -9.56 6.68
CA ILE A 776 35.00 -9.40 7.81
C ILE A 776 34.01 -10.55 7.87
N LEU A 777 33.58 -11.05 6.71
CA LEU A 777 32.68 -12.20 6.70
C LEU A 777 33.40 -13.45 7.22
N LYS A 778 34.67 -13.62 6.86
CA LYS A 778 35.46 -14.72 7.40
C LYS A 778 35.62 -14.58 8.91
N SER A 779 35.84 -13.35 9.39
CA SER A 779 35.97 -13.12 10.82
C SER A 779 34.69 -13.49 11.55
N HIS A 780 33.54 -13.15 10.97
CA HIS A 780 32.28 -13.64 11.53
C HIS A 780 32.22 -15.17 11.50
N GLU A 781 32.70 -15.77 10.42
CA GLU A 781 32.60 -17.22 10.27
C GLU A 781 33.43 -17.95 11.32
N ASN A 782 34.66 -17.50 11.56
CA ASN A 782 35.53 -18.17 12.52
C ASN A 782 35.26 -17.59 13.91
N GLY A 783 36.05 -18.04 14.88
CA GLY A 783 35.86 -17.59 16.25
C GLY A 783 36.68 -16.39 16.64
N PHE A 784 36.47 -15.25 15.96
CA PHE A 784 37.15 -14.02 16.31
C PHE A 784 36.21 -12.95 16.82
N MET A 785 35.12 -12.67 16.09
CA MET A 785 34.18 -11.64 16.56
C MET A 785 33.57 -12.03 17.89
N GLU A 786 33.32 -13.32 18.11
CA GLU A 786 32.85 -13.78 19.41
C GLU A 786 33.89 -13.49 20.49
N ASP A 787 35.17 -13.66 20.17
CA ASP A 787 36.23 -13.36 21.13
C ASP A 787 36.22 -11.88 21.51
N LEU A 788 36.08 -11.00 20.52
CA LEU A 788 36.02 -9.57 20.80
C LEU A 788 34.80 -9.23 21.64
N ASP A 789 33.65 -9.83 21.33
CA ASP A 789 32.45 -9.56 22.12
C ASP A 789 32.64 -10.03 23.55
N LYS A 790 33.30 -11.18 23.74
CA LYS A 790 33.57 -11.68 25.09
C LYS A 790 34.53 -10.75 25.84
N THR A 791 35.59 -10.31 25.18
CA THR A 791 36.68 -9.60 25.83
C THR A 791 36.46 -8.11 25.93
N TRP A 792 35.41 -7.56 25.30
CA TRP A 792 35.20 -6.12 25.32
C TRP A 792 33.77 -5.72 25.63
N VAL A 793 32.80 -6.63 25.57
CA VAL A 793 31.39 -6.31 25.79
C VAL A 793 30.78 -7.19 26.88
N ARG A 794 31.01 -8.50 26.81
CA ARG A 794 30.29 -9.43 27.66
C ARG A 794 30.66 -9.28 29.13
N TYR A 795 31.93 -8.99 29.43
CA TYR A 795 32.36 -8.93 30.82
C TYR A 795 31.64 -7.80 31.54
N GLN A 796 31.20 -8.09 32.77
CA GLN A 796 30.41 -7.15 33.54
C GLN A 796 30.55 -7.48 35.02
N GLU A 797 30.05 -6.57 35.86
CA GLU A 797 30.10 -6.73 37.30
C GLU A 797 28.75 -7.15 37.89
N CYS A 798 27.70 -6.38 37.63
CA CYS A 798 26.38 -6.69 38.16
C CYS A 798 25.32 -6.16 37.22
N ASP A 799 24.22 -6.90 37.09
CA ASP A 799 23.11 -6.50 36.25
C ASP A 799 21.76 -6.54 36.95
N SER A 800 21.58 -7.37 37.96
CA SER A 800 20.32 -7.49 38.70
C SER A 800 19.14 -7.77 37.77
N ALA A 806 16.44 -11.19 45.64
CA ALA A 806 16.41 -11.02 47.08
C ALA A 806 15.81 -9.66 47.47
N THR A 807 14.75 -9.71 48.28
CA THR A 807 14.07 -8.51 48.74
C THR A 807 14.07 -8.50 50.27
N LEU A 808 13.54 -7.41 50.83
CA LEU A 808 13.52 -7.20 52.28
C LEU A 808 14.92 -7.35 52.87
N THR A 809 15.83 -6.54 52.36
CA THR A 809 17.22 -6.55 52.81
C THR A 809 17.34 -5.86 54.16
N PHE A 810 18.59 -5.71 54.62
CA PHE A 810 18.84 -5.02 55.87
C PHE A 810 18.40 -3.56 55.80
N GLU A 811 18.67 -2.90 54.68
CA GLU A 811 18.22 -1.52 54.50
C GLU A 811 16.72 -1.41 54.23
N ASN A 812 16.10 -2.48 53.72
CA ASN A 812 14.71 -2.40 53.32
C ASN A 812 13.78 -2.37 54.53
N MET A 813 14.06 -3.21 55.53
CA MET A 813 13.22 -3.28 56.73
C MET A 813 14.04 -2.86 57.95
N ALA A 814 14.82 -1.80 57.80
CA ALA A 814 15.64 -1.31 58.90
C ALA A 814 14.81 -0.81 60.07
N GLY A 815 13.59 -0.33 59.80
CA GLY A 815 12.79 0.29 60.85
C GLY A 815 12.50 -0.64 62.02
N VAL A 816 12.30 -1.93 61.74
CA VAL A 816 12.05 -2.87 62.83
C VAL A 816 13.29 -2.99 63.73
N PHE A 817 14.47 -3.01 63.12
CA PHE A 817 15.69 -3.07 63.93
C PHE A 817 15.89 -1.79 64.74
N MET A 818 15.59 -0.63 64.13
CA MET A 818 15.69 0.62 64.88
C MET A 818 14.71 0.67 66.04
N LEU A 819 13.48 0.17 65.84
CA LEU A 819 12.51 0.18 66.93
C LEU A 819 12.90 -0.82 68.03
N VAL A 820 13.46 -1.96 67.66
CA VAL A 820 13.95 -2.90 68.68
C VAL A 820 15.08 -2.25 69.48
N ALA A 821 15.99 -1.55 68.81
CA ALA A 821 17.05 -0.85 69.53
C ALA A 821 16.48 0.22 70.44
N GLY A 822 15.46 0.95 69.97
CA GLY A 822 14.82 1.96 70.80
C GLY A 822 14.18 1.36 72.04
N GLY A 823 13.51 0.22 71.87
CA GLY A 823 12.95 -0.47 73.02
C GLY A 823 14.01 -0.93 74.00
N ILE A 824 15.14 -1.41 73.48
CA ILE A 824 16.23 -1.84 74.34
C ILE A 824 16.78 -0.66 75.13
N VAL A 825 16.99 0.48 74.47
CA VAL A 825 17.54 1.64 75.17
C VAL A 825 16.51 2.35 76.02
N ALA A 826 15.23 2.07 75.84
CA ALA A 826 14.17 2.62 76.69
C ALA A 826 13.79 1.70 77.85
N GLY A 827 14.22 0.43 77.81
CA GLY A 827 13.98 -0.44 78.93
C GLY A 827 14.61 0.05 80.22
N ILE A 828 15.80 0.67 80.12
CA ILE A 828 16.43 1.24 81.30
C ILE A 828 15.62 2.42 81.84
N PHE A 829 15.06 3.24 80.95
CA PHE A 829 14.19 4.32 81.40
C PHE A 829 12.95 3.77 82.09
N LEU A 830 12.36 2.71 81.53
CA LEU A 830 11.20 2.10 82.15
C LEU A 830 11.52 1.52 83.52
N ILE A 831 12.70 0.90 83.67
CA ILE A 831 13.04 0.35 84.98
C ILE A 831 13.32 1.48 85.98
N PHE A 832 13.89 2.60 85.51
CA PHE A 832 14.00 3.76 86.39
C PHE A 832 12.63 4.26 86.85
N ILE A 833 11.67 4.30 85.92
CA ILE A 833 10.32 4.75 86.30
C ILE A 833 9.70 3.79 87.30
N GLU A 834 9.88 2.48 87.09
CA GLU A 834 9.35 1.50 88.02
C GLU A 834 10.00 1.62 89.40
N ILE A 835 11.31 1.87 89.44
CA ILE A 835 12.00 2.07 90.71
C ILE A 835 11.45 3.30 91.42
N ALA A 836 11.24 4.39 90.67
CA ALA A 836 10.69 5.60 91.26
C ALA A 836 9.28 5.36 91.80
N TYR A 837 8.47 4.60 91.06
CA TYR A 837 7.14 4.25 91.54
C TYR A 837 7.22 3.41 92.81
N LYS A 838 8.19 2.49 92.87
CA LYS A 838 8.42 1.71 94.08
C LYS A 838 8.81 2.59 95.26
N ARG A 839 9.57 3.66 95.00
CA ARG A 839 9.91 4.60 96.07
C ARG A 839 8.65 5.25 96.63
N HIS A 840 7.72 5.62 95.76
CA HIS A 840 6.46 6.24 96.19
C HIS A 840 5.49 5.19 96.73
N PRO B 32 37.24 65.28 -14.72
CA PRO B 32 36.84 63.90 -14.97
C PRO B 32 35.60 63.81 -15.85
N ALA B 33 35.80 63.76 -17.16
CA ALA B 33 34.72 63.68 -18.13
C ALA B 33 34.49 62.23 -18.51
N LEU B 34 33.24 61.76 -18.38
CA LEU B 34 32.86 60.40 -18.72
C LEU B 34 31.86 60.47 -19.88
N ASN B 35 32.22 59.83 -21.00
CA ASN B 35 31.36 59.83 -22.18
C ASN B 35 30.61 58.52 -22.27
N ILE B 36 29.29 58.60 -22.32
CA ILE B 36 28.41 57.43 -22.43
C ILE B 36 27.44 57.66 -23.58
N ALA B 37 27.31 56.66 -24.44
CA ALA B 37 26.35 56.71 -25.54
C ALA B 37 25.18 55.78 -25.25
N VAL B 38 23.99 56.22 -25.64
CA VAL B 38 22.76 55.47 -25.43
C VAL B 38 22.09 55.28 -26.78
N LEU B 39 21.84 54.03 -27.15
CA LEU B 39 21.27 53.69 -28.44
C LEU B 39 19.96 52.93 -28.24
N LEU B 40 18.91 53.36 -28.94
CA LEU B 40 17.63 52.69 -28.91
C LEU B 40 17.15 52.43 -30.34
N GLY B 41 16.06 51.68 -30.45
CA GLY B 41 15.45 51.42 -31.73
C GLY B 41 14.40 52.44 -32.09
N HIS B 42 14.21 52.64 -33.40
CA HIS B 42 13.25 53.64 -33.87
C HIS B 42 11.82 53.29 -33.48
N SER B 43 11.54 52.01 -33.22
CA SER B 43 10.19 51.61 -32.85
C SER B 43 9.77 52.22 -31.52
N HIS B 44 10.70 52.47 -30.62
CA HIS B 44 10.37 53.06 -29.34
C HIS B 44 9.93 54.51 -29.52
N ASP B 45 8.89 54.90 -28.77
CA ASP B 45 8.38 56.27 -28.80
C ASP B 45 9.16 57.17 -27.85
N VAL B 46 10.49 57.21 -28.03
CA VAL B 46 11.38 57.96 -27.16
C VAL B 46 12.22 58.89 -28.04
N THR B 47 12.29 60.15 -27.65
CA THR B 47 13.10 61.15 -28.35
C THR B 47 14.42 61.38 -27.62
N GLU B 48 15.40 61.88 -28.37
CA GLU B 48 16.73 62.11 -27.79
C GLU B 48 16.69 63.19 -26.72
N ARG B 49 15.73 64.11 -26.79
CA ARG B 49 15.63 65.16 -25.79
C ARG B 49 15.39 64.58 -24.40
N GLU B 50 14.41 63.69 -24.28
CA GLU B 50 14.15 63.09 -22.98
C GLU B 50 15.24 62.08 -22.60
N LEU B 51 15.89 61.48 -23.59
CA LEU B 51 17.06 60.64 -23.28
C LEU B 51 18.16 61.45 -22.60
N ARG B 52 18.42 62.66 -23.10
CA ARG B 52 19.41 63.52 -22.46
C ARG B 52 18.90 64.04 -21.12
N ASN B 53 17.62 64.37 -21.04
CA ASN B 53 17.05 64.90 -19.79
C ASN B 53 16.97 63.84 -18.70
N LEU B 54 17.01 62.55 -19.07
CA LEU B 54 17.03 61.50 -18.05
C LEU B 54 18.21 61.65 -17.10
N TRP B 55 19.33 62.17 -17.60
CA TRP B 55 20.50 62.43 -16.77
C TRP B 55 20.68 63.92 -16.49
N GLY B 56 19.58 64.67 -16.50
CA GLY B 56 19.61 66.09 -16.25
C GLY B 56 20.06 66.42 -14.84
N PRO B 57 19.23 66.09 -13.85
CA PRO B 57 19.62 66.35 -12.46
C PRO B 57 20.72 65.40 -12.01
N GLU B 58 21.84 65.97 -11.59
CA GLU B 58 22.97 65.18 -11.11
C GLU B 58 22.71 64.74 -9.68
N GLN B 59 22.99 63.47 -9.39
CA GLN B 59 22.80 62.95 -8.05
C GLN B 59 23.82 63.47 -7.06
N ALA B 60 24.88 64.14 -7.54
CA ALA B 60 25.91 64.75 -6.72
C ALA B 60 26.63 63.74 -5.83
N THR B 61 26.58 62.45 -6.19
CA THR B 61 27.27 61.42 -5.45
C THR B 61 28.37 60.72 -6.23
N GLY B 62 28.48 61.00 -7.53
CA GLY B 62 29.52 60.38 -8.36
C GLY B 62 30.67 61.35 -8.60
N LEU B 63 31.89 60.80 -8.52
CA LEU B 63 33.07 61.61 -8.81
C LEU B 63 33.09 62.15 -10.23
N PRO B 64 32.82 61.37 -11.29
CA PRO B 64 32.77 61.95 -12.63
C PRO B 64 31.51 62.77 -12.85
N LEU B 65 31.52 64.02 -12.38
CA LEU B 65 30.34 64.87 -12.53
C LEU B 65 30.00 65.12 -13.99
N ASP B 66 31.01 65.34 -14.82
CA ASP B 66 30.79 65.61 -16.24
C ASP B 66 30.43 64.31 -16.94
N VAL B 67 29.14 64.08 -17.14
CA VAL B 67 28.65 62.92 -17.87
C VAL B 67 27.76 63.44 -19.00
N ASN B 68 28.17 63.20 -20.24
CA ASN B 68 27.44 63.64 -21.42
C ASN B 68 26.81 62.44 -22.14
N VAL B 69 25.49 62.36 -22.07
CA VAL B 69 24.76 61.25 -22.68
C VAL B 69 24.62 61.54 -24.17
N VAL B 70 25.35 60.81 -25.00
CA VAL B 70 25.27 60.97 -26.45
C VAL B 70 24.16 60.07 -26.97
N ALA B 71 22.95 60.62 -27.04
CA ALA B 71 21.79 59.85 -27.49
C ALA B 71 21.76 59.76 -29.00
N LEU B 72 21.44 58.58 -29.52
CA LEU B 72 21.32 58.35 -30.94
C LEU B 72 20.24 57.30 -31.20
N LEU B 73 19.60 57.40 -32.36
CA LEU B 73 18.53 56.49 -32.74
C LEU B 73 18.80 55.95 -34.14
N MET B 74 18.47 54.68 -34.35
CA MET B 74 18.66 54.04 -35.65
C MET B 74 17.33 53.50 -36.14
N ASN B 75 17.13 53.55 -37.46
CA ASN B 75 15.94 52.95 -38.06
C ASN B 75 15.91 51.44 -37.83
N ARG B 76 17.05 50.78 -38.05
CA ARG B 76 17.15 49.35 -37.85
C ARG B 76 18.59 49.00 -37.49
N THR B 77 18.76 47.84 -36.87
CA THR B 77 20.07 47.37 -36.44
C THR B 77 20.52 46.25 -37.38
N ASP B 78 21.58 46.53 -38.13
CA ASP B 78 22.17 45.61 -39.10
C ASP B 78 23.67 45.56 -38.85
N PRO B 79 24.33 44.45 -39.20
CA PRO B 79 25.75 44.31 -38.86
C PRO B 79 26.61 45.47 -39.32
N LYS B 80 26.56 45.81 -40.61
CA LYS B 80 27.34 46.96 -41.09
C LYS B 80 26.89 48.24 -40.43
N SER B 81 25.57 48.48 -40.38
CA SER B 81 25.07 49.74 -39.81
C SER B 81 25.43 49.84 -38.34
N LEU B 82 25.18 48.78 -37.57
CA LEU B 82 25.45 48.82 -36.14
C LEU B 82 26.94 48.96 -35.87
N ILE B 83 27.78 48.21 -36.59
CA ILE B 83 29.21 48.27 -36.38
C ILE B 83 29.74 49.67 -36.72
N THR B 84 29.28 50.23 -37.85
CA THR B 84 29.72 51.56 -38.23
C THR B 84 29.27 52.61 -37.22
N HIS B 85 28.04 52.48 -36.72
CA HIS B 85 27.54 53.43 -35.72
C HIS B 85 28.37 53.37 -34.45
N VAL B 86 28.65 52.15 -33.98
CA VAL B 86 29.44 52.00 -32.76
C VAL B 86 30.85 52.55 -32.96
N CYS B 87 31.46 52.26 -34.11
CA CYS B 87 32.82 52.74 -34.38
C CYS B 87 32.86 54.26 -34.48
N ASP B 88 31.87 54.86 -35.14
CA ASP B 88 31.82 56.32 -35.23
C ASP B 88 31.62 56.93 -33.85
N LEU B 89 30.76 56.34 -33.03
CA LEU B 89 30.54 56.86 -31.69
C LEU B 89 31.82 56.77 -30.86
N MET B 90 32.56 55.67 -31.00
CA MET B 90 33.77 55.49 -30.21
C MET B 90 34.89 56.42 -30.69
N SER B 91 35.02 56.61 -32.00
CA SER B 91 36.08 57.46 -32.52
C SER B 91 35.79 58.93 -32.25
N GLY B 92 34.56 59.38 -32.53
CA GLY B 92 34.22 60.78 -32.38
C GLY B 92 33.92 61.18 -30.95
N ALA B 93 32.87 60.59 -30.37
CA ALA B 93 32.46 60.98 -29.02
C ALA B 93 33.39 60.44 -27.94
N ARG B 94 34.24 59.49 -28.28
CA ARG B 94 35.17 58.88 -27.33
C ARG B 94 34.42 58.32 -26.12
N ILE B 95 33.41 57.49 -26.42
CA ILE B 95 32.51 56.99 -25.40
C ILE B 95 33.23 55.95 -24.53
N HIS B 96 32.98 56.01 -23.23
CA HIS B 96 33.53 55.07 -22.27
C HIS B 96 32.57 53.95 -21.93
N GLY B 97 31.45 53.86 -22.65
CA GLY B 97 30.46 52.82 -22.39
C GLY B 97 29.38 52.86 -23.45
N LEU B 98 28.41 51.96 -23.29
CA LEU B 98 27.30 51.90 -24.22
C LEU B 98 26.07 51.34 -23.49
N VAL B 99 24.91 51.89 -23.82
CA VAL B 99 23.65 51.52 -23.18
C VAL B 99 22.72 51.03 -24.29
N PHE B 100 23.30 50.34 -25.28
CA PHE B 100 22.54 49.90 -26.45
C PHE B 100 21.25 49.21 -26.07
N GLY B 101 20.21 49.49 -26.85
CA GLY B 101 18.91 48.84 -26.69
C GLY B 101 18.26 48.59 -28.04
N ASP B 102 17.79 47.37 -28.26
CA ASP B 102 17.21 46.96 -29.53
C ASP B 102 15.69 46.86 -29.41
N ASP B 103 15.02 46.74 -30.55
CA ASP B 103 13.56 46.63 -30.58
C ASP B 103 13.06 45.27 -31.07
N THR B 104 13.70 44.67 -32.07
CA THR B 104 13.24 43.39 -32.57
C THR B 104 13.65 42.25 -31.64
N ASP B 105 13.04 41.09 -31.85
CA ASP B 105 13.30 39.91 -31.04
C ASP B 105 14.31 38.97 -31.68
N GLN B 106 15.27 39.50 -32.42
CA GLN B 106 16.28 38.68 -33.08
C GLN B 106 17.39 38.36 -32.09
N GLU B 107 17.67 37.07 -31.91
CA GLU B 107 18.69 36.63 -30.96
C GLU B 107 20.06 36.49 -31.63
N ALA B 108 20.47 37.54 -32.34
CA ALA B 108 21.81 37.57 -32.91
C ALA B 108 22.51 38.92 -32.77
N VAL B 109 21.78 39.99 -32.47
CA VAL B 109 22.43 41.28 -32.23
C VAL B 109 23.23 41.24 -30.95
N ALA B 110 22.84 40.38 -30.00
CA ALA B 110 23.62 40.23 -28.77
C ALA B 110 25.02 39.72 -29.07
N GLN B 111 25.15 38.78 -30.02
CA GLN B 111 26.47 38.32 -30.42
C GLN B 111 27.28 39.44 -31.05
N MET B 112 26.63 40.29 -31.86
CA MET B 112 27.32 41.45 -32.41
C MET B 112 27.84 42.36 -31.30
N LEU B 113 27.01 42.62 -30.30
CA LEU B 113 27.44 43.48 -29.20
C LEU B 113 28.61 42.87 -28.45
N ASP B 114 28.55 41.56 -28.18
CA ASP B 114 29.65 40.89 -27.48
C ASP B 114 30.93 40.95 -28.30
N PHE B 115 30.83 40.71 -29.60
CA PHE B 115 32.00 40.74 -30.48
C PHE B 115 32.62 42.13 -30.52
N ILE B 116 31.78 43.17 -30.62
CA ILE B 116 32.30 44.53 -30.65
C ILE B 116 32.92 44.90 -29.30
N SER B 117 32.32 44.45 -28.21
CA SER B 117 32.92 44.69 -26.89
C SER B 117 34.28 44.02 -26.79
N SER B 118 34.41 42.81 -27.32
CA SER B 118 35.69 42.12 -27.31
C SER B 118 36.73 42.87 -28.15
N GLN B 119 36.31 43.38 -29.31
CA GLN B 119 37.26 44.01 -30.22
C GLN B 119 37.51 45.49 -29.95
N THR B 120 36.77 46.11 -29.02
CA THR B 120 36.95 47.52 -28.74
C THR B 120 37.02 47.87 -27.26
N PHE B 121 36.78 46.91 -26.36
CA PHE B 121 36.84 47.14 -24.91
C PHE B 121 35.88 48.23 -24.46
N ILE B 122 34.72 48.33 -25.11
CA ILE B 122 33.67 49.27 -24.74
C ILE B 122 32.69 48.54 -23.83
N PRO B 123 32.48 49.01 -22.60
CA PRO B 123 31.45 48.39 -21.76
C PRO B 123 30.07 48.58 -22.36
N ILE B 124 29.45 47.48 -22.80
CA ILE B 124 28.15 47.50 -23.46
C ILE B 124 27.14 46.83 -22.55
N LEU B 125 25.95 47.41 -22.48
CA LEU B 125 24.87 46.89 -21.64
C LEU B 125 23.64 46.63 -22.51
N GLY B 126 23.06 45.44 -22.34
CA GLY B 126 21.84 45.09 -23.03
C GLY B 126 20.63 45.63 -22.32
N ILE B 127 19.79 46.39 -23.02
CA ILE B 127 18.70 47.12 -22.37
C ILE B 127 17.36 46.45 -22.66
N HIS B 128 16.97 46.40 -23.92
CA HIS B 128 15.66 45.93 -24.33
C HIS B 128 15.78 44.62 -25.10
N GLY B 129 14.65 44.18 -25.65
CA GLY B 129 14.61 42.98 -26.46
C GLY B 129 15.58 43.01 -27.61
N GLY B 130 16.03 41.86 -28.07
CA GLY B 130 17.12 41.80 -29.02
C GLY B 130 18.44 41.62 -28.30
N ALA B 131 18.79 42.60 -27.47
CA ALA B 131 19.97 42.48 -26.62
C ALA B 131 19.66 41.85 -25.28
N SER B 132 18.42 41.44 -25.03
CA SER B 132 18.02 40.97 -23.71
C SER B 132 18.17 39.46 -23.51
N MET B 133 18.10 38.67 -24.58
CA MET B 133 18.24 37.22 -24.42
C MET B 133 19.70 36.89 -24.09
N ILE B 134 19.93 36.36 -22.89
CA ILE B 134 21.27 36.12 -22.43
C ILE B 134 21.86 34.92 -23.18
N MET B 135 23.04 35.11 -23.75
CA MET B 135 23.74 34.02 -24.39
C MET B 135 24.41 33.13 -23.35
N ALA B 136 24.91 31.99 -23.79
CA ALA B 136 25.47 31.01 -22.86
C ALA B 136 26.63 31.59 -22.07
N ASP B 137 27.71 31.96 -22.76
CA ASP B 137 28.89 32.51 -22.10
C ASP B 137 29.58 33.48 -23.03
N LYS B 138 29.88 34.67 -22.53
CA LYS B 138 30.54 35.69 -23.34
C LYS B 138 32.03 35.37 -23.46
N ASP B 139 32.70 36.12 -24.33
CA ASP B 139 34.15 36.00 -24.43
C ASP B 139 34.78 36.52 -23.15
N PRO B 140 35.73 35.79 -22.55
CA PRO B 140 36.32 36.25 -21.29
C PRO B 140 37.03 37.58 -21.39
N THR B 141 37.44 38.00 -22.59
CA THR B 141 38.10 39.29 -22.79
C THR B 141 37.12 40.41 -23.07
N SER B 142 35.81 40.14 -23.01
CA SER B 142 34.79 41.11 -23.35
C SER B 142 34.15 41.69 -22.09
N THR B 143 33.69 42.94 -22.21
CA THR B 143 33.05 43.66 -21.11
C THR B 143 31.59 43.93 -21.40
N PHE B 144 30.89 42.93 -21.94
CA PHE B 144 29.51 43.09 -22.40
C PHE B 144 28.59 42.39 -21.41
N PHE B 145 27.68 43.14 -20.81
CA PHE B 145 26.72 42.63 -19.84
C PHE B 145 25.31 42.84 -20.35
N GLN B 146 24.36 42.09 -19.80
CA GLN B 146 22.99 42.15 -20.26
C GLN B 146 22.03 42.27 -19.09
N PHE B 147 20.87 42.88 -19.37
CA PHE B 147 19.76 42.87 -18.44
C PHE B 147 18.87 41.68 -18.77
N GLY B 148 18.75 40.76 -17.83
CA GLY B 148 17.96 39.57 -18.06
C GLY B 148 18.24 38.54 -16.98
N ALA B 149 17.78 37.32 -17.24
CA ALA B 149 17.95 36.23 -16.30
C ALA B 149 18.51 35.02 -17.03
N SER B 150 19.54 34.42 -16.44
CA SER B 150 20.10 33.19 -16.99
C SER B 150 19.11 32.04 -16.77
N ILE B 151 19.38 30.92 -17.45
CA ILE B 151 18.48 29.78 -17.35
C ILE B 151 18.45 29.24 -15.93
N GLN B 152 19.56 29.36 -15.19
CA GLN B 152 19.59 28.90 -13.81
C GLN B 152 18.65 29.73 -12.93
N GLN B 153 18.63 31.04 -13.12
CA GLN B 153 17.73 31.89 -12.34
C GLN B 153 16.27 31.58 -12.68
N GLN B 154 15.98 31.35 -13.96
CA GLN B 154 14.63 30.97 -14.35
C GLN B 154 14.23 29.65 -13.70
N ALA B 155 15.14 28.68 -13.66
CA ALA B 155 14.84 27.41 -13.00
C ALA B 155 14.62 27.60 -11.51
N THR B 156 15.38 28.50 -10.88
CA THR B 156 15.17 28.80 -9.47
C THR B 156 13.77 29.35 -9.24
N VAL B 157 13.34 30.29 -10.08
CA VAL B 157 11.98 30.81 -9.98
C VAL B 157 10.97 29.69 -10.22
N MET B 158 11.28 28.79 -11.15
CA MET B 158 10.41 27.65 -11.40
C MET B 158 10.18 26.84 -10.14
N LEU B 159 11.27 26.47 -9.48
CA LEU B 159 11.18 25.64 -8.28
C LEU B 159 10.49 26.38 -7.15
N LYS B 160 10.71 27.69 -7.06
CA LYS B 160 9.98 28.48 -6.07
C LYS B 160 8.47 28.44 -6.33
N ILE B 161 8.08 28.54 -7.60
CA ILE B 161 6.67 28.45 -7.95
C ILE B 161 6.10 27.10 -7.54
N MET B 162 6.78 26.02 -7.92
CA MET B 162 6.24 24.70 -7.61
C MET B 162 6.19 24.46 -6.10
N GLN B 163 7.15 25.02 -5.36
CA GLN B 163 7.10 24.92 -3.91
C GLN B 163 5.92 25.68 -3.33
N ASP B 164 5.64 26.88 -3.87
CA ASP B 164 4.61 27.73 -3.27
C ASP B 164 3.21 27.17 -3.50
N TYR B 165 3.00 26.40 -4.57
CA TYR B 165 1.68 25.89 -4.90
C TYR B 165 1.53 24.40 -4.55
N ASP B 166 2.39 23.89 -3.66
CA ASP B 166 2.34 22.49 -3.23
C ASP B 166 2.48 21.55 -4.43
N TRP B 167 3.27 21.96 -5.40
CA TRP B 167 3.56 21.14 -6.58
C TRP B 167 4.89 20.43 -6.37
N HIS B 168 4.91 19.55 -5.37
CA HIS B 168 6.14 18.87 -5.00
C HIS B 168 6.52 17.79 -6.00
N VAL B 169 5.56 17.26 -6.76
CA VAL B 169 5.80 16.20 -7.73
C VAL B 169 5.72 16.79 -9.13
N PHE B 170 6.72 16.49 -9.95
CA PHE B 170 6.78 17.01 -11.31
C PHE B 170 7.74 16.15 -12.13
N SER B 171 7.73 16.36 -13.44
CA SER B 171 8.58 15.62 -14.35
C SER B 171 9.23 16.58 -15.34
N LEU B 172 10.48 16.31 -15.67
CA LEU B 172 11.26 17.15 -16.57
C LEU B 172 11.23 16.57 -17.98
N VAL B 173 10.85 17.41 -18.95
CA VAL B 173 10.77 17.01 -20.35
C VAL B 173 11.56 18.03 -21.15
N THR B 174 12.69 17.61 -21.70
CA THR B 174 13.59 18.51 -22.41
C THR B 174 13.74 18.06 -23.86
N THR B 175 14.62 18.75 -24.59
CA THR B 175 14.90 18.46 -25.99
C THR B 175 16.40 18.64 -26.21
N ILE B 176 16.84 18.57 -27.46
CA ILE B 176 18.26 18.66 -27.78
C ILE B 176 18.61 20.12 -28.06
N PHE B 177 17.73 21.03 -27.69
CA PHE B 177 18.04 22.45 -27.83
C PHE B 177 19.24 22.78 -26.94
N PRO B 178 20.15 23.63 -27.41
CA PRO B 178 21.36 23.92 -26.63
C PRO B 178 21.02 24.49 -25.25
N GLY B 179 21.80 24.08 -24.25
CA GLY B 179 21.56 24.48 -22.89
C GLY B 179 20.67 23.55 -22.09
N TYR B 180 20.13 22.50 -22.71
CA TYR B 180 19.29 21.57 -21.97
C TYR B 180 20.07 20.83 -20.89
N ARG B 181 21.32 20.47 -21.19
CA ARG B 181 22.13 19.75 -20.20
C ARG B 181 22.36 20.60 -18.97
N ASP B 182 22.67 21.88 -19.15
CA ASP B 182 22.86 22.76 -18.01
C ASP B 182 21.58 22.91 -17.21
N PHE B 183 20.44 23.02 -17.89
CA PHE B 183 19.16 23.14 -17.21
C PHE B 183 18.86 21.90 -16.37
N ILE B 184 19.08 20.72 -16.95
CA ILE B 184 18.83 19.48 -16.22
C ILE B 184 19.78 19.36 -15.03
N SER B 185 21.05 19.70 -15.23
CA SER B 185 22.01 19.61 -14.15
C SER B 185 21.65 20.55 -13.01
N PHE B 186 21.26 21.79 -13.34
CA PHE B 186 20.88 22.74 -12.29
C PHE B 186 19.64 22.27 -11.56
N ILE B 187 18.64 21.75 -12.29
CA ILE B 187 17.43 21.28 -11.64
C ILE B 187 17.74 20.12 -10.69
N LYS B 188 18.56 19.17 -11.15
CA LYS B 188 18.91 18.03 -10.31
C LYS B 188 19.67 18.48 -9.08
N THR B 189 20.65 19.37 -9.25
CA THR B 189 21.44 19.81 -8.11
C THR B 189 20.59 20.57 -7.10
N THR B 190 19.67 21.42 -7.58
CA THR B 190 18.80 22.14 -6.66
C THR B 190 17.84 21.20 -5.95
N VAL B 191 17.33 20.19 -6.65
CA VAL B 191 16.44 19.23 -6.02
C VAL B 191 17.18 18.44 -4.93
N ASP B 192 18.39 17.98 -5.24
CA ASP B 192 19.13 17.18 -4.27
C ASP B 192 19.54 18.01 -3.06
N ASN B 193 19.85 19.29 -3.28
CA ASN B 193 20.35 20.17 -2.22
C ASN B 193 19.26 21.07 -1.65
N SER B 194 18.03 20.57 -1.56
CA SER B 194 16.93 21.33 -0.96
C SER B 194 16.21 20.42 0.03
N PHE B 195 15.93 20.95 1.22
CA PHE B 195 15.29 20.19 2.28
C PHE B 195 13.77 20.30 2.19
N VAL B 196 13.24 19.97 1.01
CA VAL B 196 11.80 19.86 0.80
C VAL B 196 11.58 18.73 -0.20
N GLY B 197 10.47 18.00 -0.02
CA GLY B 197 10.21 16.84 -0.84
C GLY B 197 10.02 17.15 -2.31
N TRP B 198 10.99 16.77 -3.14
CA TRP B 198 10.89 16.88 -4.58
C TRP B 198 10.80 15.48 -5.18
N ASP B 199 9.84 15.29 -6.07
CA ASP B 199 9.61 13.99 -6.69
C ASP B 199 10.07 14.05 -8.14
N MET B 200 11.35 13.78 -8.35
CA MET B 200 11.88 13.60 -9.71
C MET B 200 11.39 12.26 -10.22
N GLN B 201 10.17 12.24 -10.75
CA GLN B 201 9.61 11.00 -11.27
C GLN B 201 10.45 10.47 -12.43
N ASN B 202 10.79 11.35 -13.37
CA ASN B 202 11.61 10.96 -14.51
C ASN B 202 12.05 12.21 -15.26
N VAL B 203 13.16 12.07 -15.99
CA VAL B 203 13.72 13.13 -16.80
C VAL B 203 13.80 12.60 -18.22
N ILE B 204 12.92 13.07 -19.08
CA ILE B 204 12.78 12.53 -20.43
C ILE B 204 13.46 13.46 -21.41
N THR B 205 14.25 12.88 -22.32
CA THR B 205 14.91 13.62 -23.39
C THR B 205 14.34 13.15 -24.72
N LEU B 206 13.60 14.04 -25.40
CA LEU B 206 12.95 13.71 -26.66
C LEU B 206 13.93 13.99 -27.79
N ASP B 207 14.91 13.09 -27.94
CA ASP B 207 15.96 13.29 -28.92
C ASP B 207 15.47 13.13 -30.36
N THR B 208 14.63 12.15 -30.63
CA THR B 208 14.20 11.86 -32.00
C THR B 208 13.03 12.76 -32.36
N SER B 209 12.38 12.45 -33.48
CA SER B 209 11.20 13.20 -33.91
C SER B 209 10.07 13.02 -32.90
N PHE B 210 9.07 13.91 -32.99
CA PHE B 210 8.03 14.00 -32.00
C PHE B 210 6.76 13.25 -32.37
N GLU B 211 6.80 12.43 -33.44
CA GLU B 211 5.65 11.68 -33.87
C GLU B 211 5.91 10.19 -34.02
N ASP B 212 7.17 9.75 -33.97
CA ASP B 212 7.51 8.36 -34.22
C ASP B 212 7.17 7.50 -33.01
N ALA B 213 7.57 6.24 -33.04
CA ALA B 213 7.23 5.31 -31.95
C ALA B 213 7.80 5.77 -30.63
N LYS B 214 9.08 6.13 -30.59
CA LYS B 214 9.65 6.72 -29.40
C LYS B 214 9.14 8.15 -29.27
N THR B 215 9.29 8.72 -28.06
CA THR B 215 8.70 9.97 -27.63
C THR B 215 7.18 9.87 -27.49
N GLN B 216 6.61 8.69 -27.71
CA GLN B 216 5.24 8.38 -27.34
C GLN B 216 5.16 7.48 -26.12
N VAL B 217 5.94 6.40 -26.09
CA VAL B 217 6.09 5.63 -24.87
C VAL B 217 6.78 6.43 -23.78
N GLN B 218 7.66 7.36 -24.15
CA GLN B 218 8.32 8.19 -23.16
C GLN B 218 7.35 9.19 -22.53
N LEU B 219 6.51 9.83 -23.35
CA LEU B 219 5.54 10.78 -22.83
C LEU B 219 4.47 10.10 -22.00
N LYS B 220 4.19 8.82 -22.24
CA LYS B 220 3.20 8.12 -21.45
C LYS B 220 3.67 7.87 -20.02
N LYS B 221 4.98 7.92 -19.77
CA LYS B 221 5.50 7.65 -18.43
C LYS B 221 5.20 8.76 -17.44
N ILE B 222 4.82 9.95 -17.91
CA ILE B 222 4.55 11.06 -17.01
C ILE B 222 3.19 10.86 -16.35
N HIS B 223 3.20 10.41 -15.10
CA HIS B 223 1.99 10.31 -14.29
C HIS B 223 1.82 11.48 -13.34
N SER B 224 2.78 12.41 -13.32
CA SER B 224 2.73 13.53 -12.40
C SER B 224 1.78 14.61 -12.93
N SER B 225 1.51 15.60 -12.09
CA SER B 225 0.59 16.68 -12.44
C SER B 225 1.30 17.96 -12.89
N VAL B 226 2.62 18.04 -12.74
CA VAL B 226 3.39 19.21 -13.13
C VAL B 226 4.51 18.76 -14.06
N ILE B 227 4.66 19.45 -15.18
CA ILE B 227 5.65 19.09 -16.19
C ILE B 227 6.47 20.34 -16.51
N LEU B 228 7.78 20.27 -16.28
CA LEU B 228 8.68 21.34 -16.68
C LEU B 228 9.23 21.02 -18.06
N LEU B 229 8.80 21.78 -19.06
CA LEU B 229 9.25 21.62 -20.43
C LEU B 229 10.35 22.61 -20.76
N TYR B 230 11.31 22.18 -21.58
CA TYR B 230 12.38 23.05 -22.05
C TYR B 230 12.73 22.67 -23.47
N CYS B 231 12.50 23.60 -24.40
CA CYS B 231 12.77 23.38 -25.82
C CYS B 231 12.67 24.73 -26.52
N SER B 232 12.72 24.70 -27.85
CA SER B 232 12.45 25.89 -28.64
C SER B 232 10.95 26.04 -28.84
N LYS B 233 10.55 27.25 -29.27
CA LYS B 233 9.12 27.54 -29.42
C LYS B 233 8.49 26.63 -30.47
N ASP B 234 9.16 26.44 -31.60
CA ASP B 234 8.62 25.56 -32.64
C ASP B 234 8.51 24.13 -32.14
N GLU B 235 9.52 23.65 -31.41
CA GLU B 235 9.41 22.32 -30.81
C GLU B 235 8.41 22.29 -29.68
N ALA B 236 8.25 23.41 -28.96
CA ALA B 236 7.26 23.47 -27.90
C ALA B 236 5.86 23.29 -28.44
N VAL B 237 5.58 23.88 -29.61
CA VAL B 237 4.26 23.71 -30.23
C VAL B 237 4.00 22.24 -30.51
N LEU B 238 4.96 21.54 -31.10
CA LEU B 238 4.77 20.14 -31.43
C LEU B 238 4.61 19.28 -30.17
N ILE B 239 5.44 19.53 -29.15
CA ILE B 239 5.36 18.74 -27.94
C ILE B 239 4.02 18.95 -27.25
N LEU B 240 3.56 20.19 -27.17
CA LEU B 240 2.28 20.44 -26.51
C LEU B 240 1.10 19.89 -27.32
N SER B 241 1.19 19.93 -28.66
CA SER B 241 0.16 19.30 -29.47
C SER B 241 0.11 17.80 -29.23
N GLU B 242 1.27 17.15 -29.16
CA GLU B 242 1.30 15.72 -28.88
C GLU B 242 0.75 15.42 -27.50
N ALA B 243 1.10 16.24 -26.51
CA ALA B 243 0.59 16.03 -25.15
C ALA B 243 -0.92 16.19 -25.10
N ARG B 244 -1.45 17.19 -25.81
CA ARG B 244 -2.90 17.34 -25.89
C ARG B 244 -3.54 16.12 -26.55
N SER B 245 -2.93 15.63 -27.62
CA SER B 245 -3.43 14.42 -28.25
C SER B 245 -3.21 13.19 -27.38
N LEU B 246 -2.32 13.26 -26.40
CA LEU B 246 -2.05 12.16 -25.50
C LEU B 246 -2.82 12.29 -24.18
N GLY B 247 -3.65 13.31 -24.03
CA GLY B 247 -4.39 13.49 -22.80
C GLY B 247 -3.57 13.99 -21.64
N LEU B 248 -2.45 14.67 -21.91
CA LEU B 248 -1.59 15.21 -20.86
C LEU B 248 -1.85 16.68 -20.59
N THR B 249 -2.90 17.25 -21.17
CA THR B 249 -3.25 18.65 -20.94
C THR B 249 -4.68 18.72 -20.45
N GLY B 250 -4.91 19.47 -19.37
CA GLY B 250 -6.22 19.59 -18.80
C GLY B 250 -6.22 20.38 -17.51
N TYR B 251 -7.26 20.22 -16.70
CA TYR B 251 -7.34 20.94 -15.44
C TYR B 251 -6.36 20.41 -14.41
N ASP B 252 -5.82 19.21 -14.62
CA ASP B 252 -4.93 18.58 -13.64
C ASP B 252 -3.46 18.74 -13.96
N PHE B 253 -3.10 19.04 -15.21
CA PHE B 253 -1.72 19.21 -15.62
C PHE B 253 -1.38 20.68 -15.73
N PHE B 254 -0.29 21.10 -15.10
CA PHE B 254 0.17 22.48 -15.13
C PHE B 254 1.52 22.51 -15.84
N TRP B 255 1.49 22.81 -17.14
CA TRP B 255 2.71 22.89 -17.94
C TRP B 255 3.44 24.18 -17.62
N ILE B 256 4.69 24.08 -17.18
CA ILE B 256 5.49 25.23 -16.80
C ILE B 256 6.71 25.27 -17.70
N VAL B 257 6.91 26.40 -18.38
CA VAL B 257 7.93 26.51 -19.42
C VAL B 257 8.75 27.79 -19.20
N PRO B 258 10.02 27.83 -19.61
CA PRO B 258 10.84 29.02 -19.34
C PRO B 258 10.62 30.13 -20.35
N SER B 259 11.40 31.20 -20.24
CA SER B 259 11.28 32.32 -21.16
C SER B 259 11.69 31.97 -22.58
N LEU B 260 12.33 30.83 -22.79
CA LEU B 260 12.81 30.46 -24.12
C LEU B 260 11.65 30.25 -25.08
N VAL B 261 10.55 29.64 -24.62
CA VAL B 261 9.41 29.41 -25.49
C VAL B 261 8.38 30.53 -25.39
N SER B 262 8.40 31.31 -24.32
CA SER B 262 7.39 32.34 -24.10
C SER B 262 7.85 33.72 -24.55
N GLY B 263 8.97 33.79 -25.28
CA GLY B 263 9.40 35.06 -25.81
C GLY B 263 8.44 35.59 -26.87
N ASN B 264 8.47 36.90 -27.08
CA ASN B 264 7.59 37.58 -28.02
C ASN B 264 6.12 37.33 -27.66
N THR B 265 5.75 37.86 -26.49
CA THR B 265 4.44 37.60 -25.91
C THR B 265 3.29 38.03 -26.80
N GLU B 266 3.50 38.94 -27.75
CA GLU B 266 2.44 39.34 -28.66
C GLU B 266 2.04 38.25 -29.64
N LEU B 267 2.88 37.23 -29.83
CA LEU B 267 2.60 36.14 -30.74
C LEU B 267 2.39 34.87 -29.92
N ILE B 268 1.18 34.30 -30.01
CA ILE B 268 0.82 33.12 -29.24
C ILE B 268 0.29 32.04 -30.20
N PRO B 269 1.00 30.92 -30.36
CA PRO B 269 0.46 29.85 -31.19
C PRO B 269 -0.83 29.28 -30.63
N LYS B 270 -1.68 28.80 -31.53
CA LYS B 270 -2.99 28.30 -31.11
C LYS B 270 -2.91 26.97 -30.37
N GLU B 271 -1.74 26.33 -30.35
CA GLU B 271 -1.58 25.03 -29.70
C GLU B 271 -1.02 25.13 -28.29
N PHE B 272 -0.86 26.35 -27.77
CA PHE B 272 -0.46 26.53 -26.38
C PHE B 272 -1.68 26.43 -25.48
N PRO B 273 -1.75 25.46 -24.58
CA PRO B 273 -2.89 25.39 -23.67
C PRO B 273 -2.90 26.57 -22.71
N SER B 274 -4.10 27.01 -22.35
CA SER B 274 -4.22 28.07 -21.36
C SER B 274 -3.74 27.56 -20.01
N GLY B 275 -3.30 28.48 -19.16
CA GLY B 275 -2.69 28.11 -17.91
C GLY B 275 -1.24 27.70 -18.02
N LEU B 276 -0.61 27.92 -19.16
CA LEU B 276 0.80 27.58 -19.37
C LEU B 276 1.67 28.54 -18.57
N ILE B 277 2.06 28.12 -17.37
CA ILE B 277 2.87 28.97 -16.51
C ILE B 277 4.23 29.17 -17.14
N SER B 278 4.71 30.41 -17.13
CA SER B 278 6.03 30.71 -17.65
C SER B 278 6.63 31.88 -16.87
N VAL B 279 7.94 32.03 -16.99
CA VAL B 279 8.65 33.13 -16.36
C VAL B 279 9.37 33.91 -17.45
N SER B 280 9.41 35.24 -17.31
CA SER B 280 10.07 36.05 -18.32
C SER B 280 10.47 37.39 -17.70
N TYR B 281 11.36 38.09 -18.37
CA TYR B 281 11.75 39.42 -17.93
C TYR B 281 10.60 40.39 -18.16
N ASP B 282 10.36 41.26 -17.19
CA ASP B 282 9.17 42.11 -17.20
C ASP B 282 9.26 43.14 -18.31
N ASP B 283 8.23 43.20 -19.14
CA ASP B 283 8.12 44.20 -20.20
C ASP B 283 6.94 45.14 -19.99
N TRP B 284 6.12 44.91 -18.96
CA TRP B 284 4.94 45.74 -18.71
C TRP B 284 5.27 46.87 -17.73
N ASP B 285 5.72 46.52 -16.53
CA ASP B 285 5.92 47.52 -15.49
C ASP B 285 7.29 48.18 -15.57
N TYR B 286 8.30 47.43 -16.00
CA TYR B 286 9.68 47.92 -15.99
C TYR B 286 9.93 48.59 -17.33
N SER B 287 9.69 49.90 -17.38
CA SER B 287 9.63 50.64 -18.62
C SER B 287 11.02 50.86 -19.22
N LEU B 288 11.01 51.30 -20.48
CA LEU B 288 12.26 51.54 -21.20
C LEU B 288 13.04 52.69 -20.59
N GLU B 289 12.34 53.75 -20.17
CA GLU B 289 13.01 54.87 -19.52
C GLU B 289 13.69 54.42 -18.24
N ALA B 290 13.02 53.57 -17.46
CA ALA B 290 13.64 53.00 -16.27
C ALA B 290 14.85 52.16 -16.64
N ARG B 291 14.77 51.42 -17.75
CA ARG B 291 15.91 50.63 -18.22
C ARG B 291 17.11 51.51 -18.50
N VAL B 292 16.89 52.59 -19.27
CA VAL B 292 17.99 53.49 -19.62
C VAL B 292 18.55 54.15 -18.37
N ARG B 293 17.68 54.58 -17.46
CA ARG B 293 18.15 55.21 -16.22
C ARG B 293 18.97 54.24 -15.39
N ASP B 294 18.53 52.99 -15.29
CA ASP B 294 19.28 51.99 -14.52
C ASP B 294 20.64 51.72 -15.16
N GLY B 295 20.68 51.61 -16.49
CA GLY B 295 21.96 51.40 -17.14
C GLY B 295 22.92 52.56 -16.93
N LEU B 296 22.42 53.78 -17.07
CA LEU B 296 23.26 54.95 -16.85
C LEU B 296 23.74 55.03 -15.42
N GLY B 297 22.86 54.71 -14.47
CA GLY B 297 23.26 54.70 -13.07
C GLY B 297 24.33 53.66 -12.77
N ILE B 298 24.18 52.47 -13.36
CA ILE B 298 25.18 51.42 -13.16
C ILE B 298 26.53 51.87 -13.72
N LEU B 299 26.53 52.42 -14.93
CA LEU B 299 27.78 52.86 -15.52
C LEU B 299 28.41 53.98 -14.71
N THR B 300 27.60 54.94 -14.25
CA THR B 300 28.12 56.05 -13.46
C THR B 300 28.69 55.57 -12.13
N THR B 301 28.00 54.65 -11.46
CA THR B 301 28.50 54.13 -10.19
C THR B 301 29.80 53.35 -10.39
N ALA B 302 29.88 52.55 -11.46
CA ALA B 302 31.12 51.84 -11.74
C ALA B 302 32.26 52.80 -12.02
N ALA B 303 31.99 53.85 -12.81
CA ALA B 303 33.01 54.84 -13.10
C ALA B 303 33.47 55.56 -11.83
N SER B 304 32.53 55.90 -10.95
CA SER B 304 32.89 56.57 -9.70
C SER B 304 33.73 55.66 -8.81
N SER B 305 33.35 54.39 -8.70
CA SER B 305 34.12 53.46 -7.88
C SER B 305 35.53 53.27 -8.46
N MET B 306 35.64 53.18 -9.79
CA MET B 306 36.94 53.00 -10.40
C MET B 306 37.79 54.26 -10.29
N LEU B 307 37.16 55.44 -10.32
CA LEU B 307 37.90 56.68 -10.09
C LEU B 307 38.39 56.76 -8.65
N GLU B 308 37.59 56.28 -7.71
CA GLU B 308 38.03 56.21 -6.32
C GLU B 308 39.22 55.26 -6.18
N LYS B 309 39.15 54.09 -6.81
CA LYS B 309 40.24 53.13 -6.71
C LYS B 309 41.45 53.54 -7.54
N PHE B 310 41.22 53.98 -8.78
CA PHE B 310 42.29 54.37 -9.69
C PHE B 310 42.13 55.82 -10.09
N SER B 311 43.24 56.56 -10.11
CA SER B 311 43.19 58.00 -10.29
C SER B 311 42.58 58.39 -11.64
N TYR B 312 42.80 57.60 -12.67
CA TYR B 312 42.31 57.91 -14.01
C TYR B 312 41.63 56.70 -14.63
N ILE B 313 40.63 56.96 -15.45
CA ILE B 313 40.00 55.92 -16.26
C ILE B 313 40.72 55.87 -17.60
N PRO B 314 40.84 54.69 -18.23
CA PRO B 314 41.47 54.65 -19.55
C PRO B 314 40.57 55.30 -20.60
N GLU B 315 41.18 56.12 -21.45
CA GLU B 315 40.42 56.79 -22.48
C GLU B 315 40.00 55.80 -23.57
N ALA B 316 39.08 56.24 -24.42
CA ALA B 316 38.57 55.38 -25.48
C ALA B 316 39.67 55.11 -26.50
N LYS B 317 39.51 54.02 -27.24
CA LYS B 317 40.51 53.59 -28.20
C LYS B 317 40.57 54.56 -29.38
N ALA B 318 41.63 54.43 -30.18
CA ALA B 318 41.80 55.29 -31.35
C ALA B 318 40.66 55.08 -32.35
N SER B 319 40.56 53.86 -32.89
CA SER B 319 39.52 53.54 -33.85
C SER B 319 39.39 52.02 -33.95
N CYS B 320 38.27 51.58 -34.51
CA CYS B 320 38.10 50.16 -34.78
C CYS B 320 39.14 49.67 -35.78
N TYR B 321 39.36 50.44 -36.84
CA TYR B 321 40.31 50.07 -37.87
C TYR B 321 41.74 50.36 -37.41
N GLY B 322 42.70 49.80 -38.14
CA GLY B 322 44.08 49.91 -37.74
C GLY B 322 44.46 49.06 -36.55
N GLN B 323 43.71 48.00 -36.29
CA GLN B 323 43.99 47.09 -35.18
C GLN B 323 44.98 45.99 -35.57
N ALA B 324 45.59 46.09 -36.74
CA ALA B 324 46.59 45.12 -37.16
C ALA B 324 47.86 45.20 -36.34
N GLU B 325 48.04 46.24 -35.54
CA GLU B 325 49.23 46.42 -34.73
C GLU B 325 48.86 47.10 -33.43
N LYS B 326 49.87 47.34 -32.58
CA LYS B 326 49.78 48.00 -31.28
C LYS B 326 48.53 47.62 -30.50
N PRO B 327 48.42 46.37 -30.05
CA PRO B 327 47.24 45.98 -29.25
C PRO B 327 47.26 46.61 -27.87
N GLU B 328 46.42 47.61 -27.65
CA GLU B 328 46.40 48.35 -26.40
C GLU B 328 45.30 47.77 -25.51
N THR B 329 45.66 46.76 -24.73
CA THR B 329 44.74 46.16 -23.78
C THR B 329 45.02 46.76 -22.40
N PRO B 330 44.11 47.56 -21.85
CA PRO B 330 44.38 48.18 -20.54
C PRO B 330 44.42 47.12 -19.44
N LEU B 331 45.42 47.24 -18.57
CA LEU B 331 45.55 46.31 -17.45
C LEU B 331 44.45 46.48 -16.43
N HIS B 332 43.80 47.65 -16.37
CA HIS B 332 42.67 47.88 -15.48
C HIS B 332 41.39 47.96 -16.32
N THR B 333 40.41 47.16 -15.96
CA THR B 333 39.13 47.13 -16.67
C THR B 333 38.02 47.38 -15.65
N LEU B 334 36.77 47.24 -16.10
CA LEU B 334 35.61 47.50 -15.25
C LEU B 334 34.99 46.21 -14.72
N HIS B 335 35.61 45.06 -15.01
CA HIS B 335 35.01 43.77 -14.70
C HIS B 335 34.69 43.63 -13.21
N GLN B 336 35.70 43.88 -12.37
CA GLN B 336 35.51 43.72 -10.93
C GLN B 336 34.63 44.80 -10.33
N PHE B 337 34.34 45.87 -11.07
CA PHE B 337 33.60 46.99 -10.49
C PHE B 337 32.09 46.80 -10.58
N MET B 338 31.58 46.15 -11.62
CA MET B 338 30.16 45.83 -11.64
C MET B 338 29.82 44.61 -10.80
N VAL B 339 30.80 44.00 -10.14
CA VAL B 339 30.52 42.87 -9.25
C VAL B 339 29.71 43.33 -8.04
N ASN B 340 29.97 44.53 -7.53
CA ASN B 340 29.27 45.05 -6.36
C ASN B 340 28.96 46.52 -6.60
N VAL B 341 27.74 46.81 -7.05
CA VAL B 341 27.28 48.17 -7.26
C VAL B 341 25.96 48.36 -6.52
N THR B 342 25.63 49.62 -6.30
CA THR B 342 24.36 49.98 -5.67
C THR B 342 23.88 51.31 -6.24
N TRP B 343 22.65 51.31 -6.73
CA TRP B 343 22.07 52.51 -7.33
C TRP B 343 20.63 52.65 -6.87
N ASP B 344 20.25 53.87 -6.50
CA ASP B 344 18.91 54.18 -6.02
C ASP B 344 18.49 53.28 -4.87
N GLY B 345 19.45 52.89 -4.03
CA GLY B 345 19.20 52.00 -2.92
C GLY B 345 18.96 50.55 -3.30
N LYS B 346 18.62 50.26 -4.55
CA LYS B 346 18.38 48.90 -4.98
C LYS B 346 19.67 48.26 -5.47
N ASP B 347 19.67 46.93 -5.51
CA ASP B 347 20.83 46.15 -5.91
C ASP B 347 20.78 45.92 -7.41
N LEU B 348 21.80 46.41 -8.12
CA LEU B 348 21.93 46.20 -9.56
C LEU B 348 23.25 45.51 -9.91
N SER B 349 23.85 44.82 -8.95
CA SER B 349 25.14 44.20 -9.17
C SER B 349 25.02 43.03 -10.16
N PHE B 350 26.15 42.69 -10.76
CA PHE B 350 26.23 41.59 -11.72
C PHE B 350 27.09 40.47 -11.16
N THR B 351 27.01 39.32 -11.82
CA THR B 351 27.83 38.18 -11.45
C THR B 351 29.17 38.25 -12.18
N GLU B 352 30.09 37.36 -11.81
CA GLU B 352 31.41 37.35 -12.43
C GLU B 352 31.36 37.02 -13.91
N GLU B 353 30.29 36.36 -14.37
CA GLU B 353 30.19 35.96 -15.77
C GLU B 353 29.20 36.82 -16.57
N GLY B 354 28.31 37.55 -15.90
CA GLY B 354 27.50 38.52 -16.62
C GLY B 354 25.99 38.41 -16.52
N TYR B 355 25.48 37.80 -15.46
CA TYR B 355 24.04 37.82 -15.19
C TYR B 355 23.76 38.76 -14.03
N GLN B 356 22.55 39.33 -14.03
CA GLN B 356 22.12 40.18 -12.93
C GLN B 356 21.88 39.35 -11.68
N VAL B 357 22.41 39.84 -10.55
CA VAL B 357 22.24 39.14 -9.29
C VAL B 357 20.78 39.18 -8.85
N HIS B 358 20.08 40.27 -9.12
CA HIS B 358 18.69 40.45 -8.73
C HIS B 358 17.86 40.83 -9.95
N PRO B 359 17.60 39.87 -10.83
CA PRO B 359 16.76 40.16 -12.01
C PRO B 359 15.32 40.41 -11.60
N ARG B 360 14.64 41.21 -12.41
CA ARG B 360 13.23 41.54 -12.17
C ARG B 360 12.38 40.64 -13.08
N LEU B 361 12.12 39.43 -12.59
CA LEU B 361 11.37 38.45 -13.35
C LEU B 361 9.89 38.47 -12.96
N VAL B 362 9.05 38.15 -13.93
CA VAL B 362 7.60 38.07 -13.71
C VAL B 362 7.12 36.72 -14.21
N VAL B 363 6.19 36.13 -13.45
CA VAL B 363 5.57 34.86 -13.76
C VAL B 363 4.22 35.16 -14.40
N ILE B 364 4.05 34.71 -15.64
CA ILE B 364 2.88 35.01 -16.45
C ILE B 364 2.25 33.70 -16.89
N VAL B 365 0.93 33.73 -17.12
CA VAL B 365 0.18 32.56 -17.56
C VAL B 365 -0.71 32.97 -18.72
N LEU B 366 -1.17 31.97 -19.47
CA LEU B 366 -2.07 32.19 -20.60
C LEU B 366 -3.51 32.11 -20.09
N ASN B 367 -4.19 33.25 -20.07
CA ASN B 367 -5.54 33.32 -19.53
C ASN B 367 -6.52 32.64 -20.49
N LYS B 368 -7.81 32.72 -20.12
CA LYS B 368 -8.87 32.23 -20.99
C LYS B 368 -9.00 33.05 -22.27
N ASP B 369 -8.48 34.27 -22.30
CA ASP B 369 -8.56 35.14 -23.47
C ASP B 369 -7.35 35.00 -24.37
N ARG B 370 -6.47 34.03 -24.11
CA ARG B 370 -5.26 33.81 -24.89
C ARG B 370 -4.37 35.06 -24.88
N GLU B 371 -4.09 35.53 -23.67
CA GLU B 371 -3.25 36.69 -23.46
C GLU B 371 -2.32 36.44 -22.28
N TRP B 372 -1.06 36.85 -22.42
CA TRP B 372 -0.07 36.62 -21.37
C TRP B 372 -0.31 37.56 -20.20
N GLU B 373 -1.07 37.13 -19.20
CA GLU B 373 -1.37 37.97 -18.05
C GLU B 373 -0.34 37.74 -16.95
N LYS B 374 0.20 38.84 -16.42
CA LYS B 374 1.17 38.74 -15.34
C LYS B 374 0.49 38.24 -14.07
N VAL B 375 1.15 37.32 -13.38
CA VAL B 375 0.58 36.70 -12.18
C VAL B 375 1.45 37.02 -10.97
N GLY B 376 2.72 36.65 -11.03
CA GLY B 376 3.62 36.79 -9.91
C GLY B 376 4.85 37.61 -10.25
N LYS B 377 5.58 38.00 -9.20
CA LYS B 377 6.80 38.78 -9.36
C LYS B 377 7.90 38.14 -8.51
N TRP B 378 9.15 38.32 -8.95
CA TRP B 378 10.31 37.82 -8.22
C TRP B 378 11.22 39.00 -7.92
N GLU B 379 11.25 39.43 -6.66
CA GLU B 379 12.05 40.57 -6.23
C GLU B 379 12.76 40.23 -4.94
N ASN B 380 14.01 40.65 -4.83
CA ASN B 380 14.82 40.45 -3.62
C ASN B 380 14.88 38.97 -3.24
N GLN B 381 15.03 38.12 -4.25
CA GLN B 381 15.10 36.67 -4.08
C GLN B 381 13.84 36.10 -3.41
N THR B 382 12.73 36.82 -3.51
CA THR B 382 11.46 36.39 -2.94
C THR B 382 10.38 36.44 -4.02
N LEU B 383 9.52 35.44 -4.03
CA LEU B 383 8.46 35.34 -5.02
C LEU B 383 7.13 35.74 -4.37
N SER B 384 6.46 36.72 -4.96
CA SER B 384 5.15 37.16 -4.50
C SER B 384 4.12 36.84 -5.57
N LEU B 385 3.09 36.10 -5.18
CA LEU B 385 2.07 35.64 -6.11
C LEU B 385 0.74 36.34 -5.83
N ARG B 386 0.08 36.78 -6.90
CA ARG B 386 -1.23 37.40 -6.78
C ARG B 386 -2.28 36.40 -6.33
N HIS B 387 -2.24 35.18 -6.88
CA HIS B 387 -3.19 34.13 -6.53
C HIS B 387 -2.55 33.21 -5.49
N ALA B 388 -2.99 33.35 -4.24
CA ALA B 388 -2.50 32.45 -3.20
C ALA B 388 -2.91 31.01 -3.49
N VAL B 389 -4.15 30.82 -3.94
CA VAL B 389 -4.64 29.52 -4.39
C VAL B 389 -4.65 29.52 -5.92
N TRP B 390 -4.17 28.44 -6.51
CA TRP B 390 -4.03 28.40 -7.96
C TRP B 390 -5.40 28.30 -8.61
N PRO B 391 -5.79 29.25 -9.46
CA PRO B 391 -7.08 29.15 -10.16
C PRO B 391 -6.99 28.13 -11.30
N ARG B 392 -7.98 27.26 -11.38
CA ARG B 392 -7.99 26.25 -12.43
C ARG B 392 -8.29 26.93 -13.77
N TYR B 393 -7.43 26.69 -14.76
CA TYR B 393 -7.57 27.28 -16.08
C TYR B 393 -7.99 26.22 -17.08
N LYS B 394 -8.99 26.54 -17.90
CA LYS B 394 -9.45 25.61 -18.94
C LYS B 394 -8.36 25.47 -20.00
N SER B 395 -7.96 24.22 -20.27
CA SER B 395 -6.86 23.99 -21.19
C SER B 395 -7.19 24.47 -22.60
N PHE B 396 -8.33 24.03 -23.13
CA PHE B 396 -8.77 24.38 -24.48
C PHE B 396 -10.27 24.62 -24.47
N SER B 397 -10.81 24.93 -25.65
CA SER B 397 -12.25 25.16 -25.77
C SER B 397 -13.03 23.85 -25.63
N ASP B 398 -12.44 22.73 -26.03
CA ASP B 398 -13.12 21.44 -26.01
C ASP B 398 -12.74 20.59 -24.81
N CYS B 399 -12.06 21.18 -23.83
CA CYS B 399 -11.65 20.41 -22.65
C CYS B 399 -12.86 20.04 -21.80
N GLU B 400 -12.75 18.89 -21.14
CA GLU B 400 -13.80 18.44 -20.24
C GLU B 400 -13.94 19.40 -19.06
N PRO B 401 -15.17 19.71 -18.66
CA PRO B 401 -15.36 20.60 -17.51
C PRO B 401 -14.74 20.04 -16.24
N ASP B 402 -14.23 20.95 -15.41
CA ASP B 402 -13.53 20.57 -14.19
C ASP B 402 -14.51 19.95 -13.20
N ASP B 403 -14.39 18.65 -13.00
CA ASP B 403 -15.23 17.93 -12.04
C ASP B 403 -14.43 17.21 -10.96
N ASN B 404 -13.18 16.83 -11.24
CA ASN B 404 -12.37 16.10 -10.27
C ASN B 404 -11.76 17.01 -9.22
N HIS B 405 -11.88 18.32 -9.35
CA HIS B 405 -11.43 19.26 -8.33
C HIS B 405 -12.62 19.67 -7.49
N LEU B 406 -12.58 19.33 -6.20
CA LEU B 406 -13.71 19.54 -5.30
C LEU B 406 -13.29 20.44 -4.15
N SER B 407 -14.03 21.52 -3.94
CA SER B 407 -13.76 22.44 -2.85
C SER B 407 -14.37 21.88 -1.57
N ILE B 408 -13.52 21.60 -0.59
CA ILE B 408 -13.92 20.88 0.62
C ILE B 408 -13.74 21.80 1.82
N VAL B 409 -14.79 21.91 2.62
CA VAL B 409 -14.77 22.74 3.82
C VAL B 409 -14.68 21.83 5.04
N THR B 410 -14.18 22.36 6.14
CA THR B 410 -14.01 21.58 7.36
C THR B 410 -14.12 22.52 8.56
N LEU B 411 -13.95 21.93 9.75
CA LEU B 411 -13.91 22.69 10.99
C LEU B 411 -12.84 22.08 11.88
N GLU B 412 -12.10 22.92 12.57
CA GLU B 412 -11.01 22.46 13.42
C GLU B 412 -11.56 21.70 14.61
N GLU B 413 -11.08 20.47 14.82
CA GLU B 413 -11.47 19.65 15.95
C GLU B 413 -10.23 19.03 16.57
N ALA B 414 -10.30 18.78 17.88
CA ALA B 414 -9.13 18.29 18.60
C ALA B 414 -8.63 16.95 18.10
N PRO B 415 -9.46 15.90 17.94
CA PRO B 415 -8.90 14.61 17.50
C PRO B 415 -9.03 14.37 16.00
N PHE B 416 -9.77 15.23 15.30
CA PHE B 416 -10.12 14.99 13.91
C PHE B 416 -9.40 15.93 12.94
N VAL B 417 -9.49 17.24 13.15
CA VAL B 417 -8.91 18.23 12.24
C VAL B 417 -8.03 19.13 13.09
N ILE B 418 -6.75 18.78 13.22
CA ILE B 418 -5.78 19.59 13.94
C ILE B 418 -5.09 20.52 12.96
N VAL B 419 -5.10 21.81 13.26
CA VAL B 419 -4.57 22.85 12.37
C VAL B 419 -3.36 23.49 13.02
N GLU B 420 -2.26 23.56 12.28
CA GLU B 420 -1.03 24.18 12.74
C GLU B 420 -0.54 25.14 11.67
N ASP B 421 0.47 25.94 12.02
CA ASP B 421 1.02 26.92 11.10
C ASP B 421 2.12 26.29 10.24
N ILE B 422 2.62 27.10 9.31
CA ILE B 422 3.63 26.64 8.37
C ILE B 422 4.96 26.44 9.09
N ASP B 423 5.73 25.45 8.65
CA ASP B 423 7.06 25.23 9.19
C ASP B 423 7.97 26.38 8.80
N PRO B 424 8.50 27.16 9.75
CA PRO B 424 9.35 28.30 9.39
C PRO B 424 10.62 27.91 8.65
N LEU B 425 11.19 26.76 8.95
CA LEU B 425 12.49 26.36 8.40
C LEU B 425 12.36 25.71 7.02
N THR B 426 11.14 25.51 6.52
CA THR B 426 10.93 24.97 5.18
C THR B 426 9.89 25.76 4.38
N GLU B 427 9.01 26.51 5.03
CA GLU B 427 7.98 27.32 4.40
C GLU B 427 6.99 26.50 3.58
N THR B 428 6.77 25.24 3.95
CA THR B 428 5.73 24.41 3.36
C THR B 428 5.08 23.58 4.46
N CYS B 429 4.14 22.74 4.06
CA CYS B 429 3.44 21.89 5.00
C CYS B 429 4.24 20.62 5.30
N VAL B 430 3.99 20.05 6.48
CA VAL B 430 4.66 18.83 6.87
C VAL B 430 4.20 17.68 5.97
N ARG B 431 5.08 16.69 5.81
CA ARG B 431 4.86 15.61 4.85
C ARG B 431 3.58 14.84 5.10
N ASN B 432 3.09 14.80 6.33
CA ASN B 432 1.85 14.07 6.63
C ASN B 432 0.61 14.95 6.62
N THR B 433 0.75 16.24 6.92
CA THR B 433 -0.39 17.14 6.88
C THR B 433 -0.74 17.49 5.44
N VAL B 434 -1.82 18.27 5.29
CA VAL B 434 -2.19 18.77 3.97
C VAL B 434 -2.35 20.29 4.05
N PRO B 435 -2.08 21.01 2.97
CA PRO B 435 -2.30 22.46 2.99
C PRO B 435 -3.79 22.78 2.94
N CYS B 436 -4.16 23.86 3.64
CA CYS B 436 -5.54 24.31 3.67
C CYS B 436 -5.59 25.75 4.12
N ARG B 437 -6.42 26.55 3.44
CA ARG B 437 -6.43 28.00 3.62
C ARG B 437 -7.51 28.40 4.61
N LYS B 438 -7.15 29.26 5.55
CA LYS B 438 -8.09 29.84 6.50
C LYS B 438 -8.20 31.33 6.22
N PHE B 439 -9.44 31.84 6.25
CA PHE B 439 -9.71 33.25 5.96
C PHE B 439 -9.59 34.04 7.26
N VAL B 440 -8.40 34.54 7.53
CA VAL B 440 -8.14 35.32 8.74
C VAL B 440 -8.46 36.78 8.45
N LYS B 441 -9.03 37.45 9.46
CA LYS B 441 -9.52 38.81 9.32
C LYS B 441 -8.63 39.75 10.13
N ILE B 442 -8.37 40.94 9.57
CA ILE B 442 -7.51 41.91 10.23
C ILE B 442 -8.23 42.52 11.44
N ASN B 443 -9.43 43.05 11.21
CA ASN B 443 -10.23 43.63 12.28
C ASN B 443 -11.70 43.45 11.96
N ASN B 444 -12.52 43.50 13.02
CA ASN B 444 -13.97 43.34 12.85
C ASN B 444 -14.60 44.50 12.12
N SER B 445 -14.02 45.70 12.20
CA SER B 445 -14.61 46.87 11.55
C SER B 445 -14.65 46.71 10.04
N THR B 446 -13.57 46.21 9.44
CA THR B 446 -13.49 46.04 8.00
C THR B 446 -14.18 44.73 7.61
N ASN B 447 -14.03 44.34 6.33
CA ASN B 447 -14.55 43.07 5.85
C ASN B 447 -13.54 42.26 5.06
N GLU B 448 -12.36 42.80 4.77
CA GLU B 448 -11.36 42.08 4.00
C GLU B 448 -10.66 41.04 4.88
N GLY B 449 -9.89 40.18 4.22
CA GLY B 449 -9.16 39.14 4.93
C GLY B 449 -8.13 38.51 4.03
N MET B 450 -7.38 37.57 4.60
CA MET B 450 -6.31 36.89 3.88
C MET B 450 -6.46 35.38 4.04
N ASN B 451 -6.11 34.65 2.98
CA ASN B 451 -6.17 33.19 2.99
C ASN B 451 -4.81 32.67 3.40
N VAL B 452 -4.61 32.51 4.70
CA VAL B 452 -3.35 31.97 5.21
C VAL B 452 -3.35 30.46 5.03
N LYS B 453 -2.27 29.95 4.45
CA LYS B 453 -2.20 28.53 4.06
C LYS B 453 -1.64 27.71 5.21
N LYS B 454 -2.52 27.39 6.16
CA LYS B 454 -2.12 26.58 7.31
C LYS B 454 -2.02 25.12 6.89
N CYS B 455 -1.49 24.29 7.80
CA CYS B 455 -1.35 22.87 7.55
C CYS B 455 -2.25 22.11 8.50
N CYS B 456 -3.16 21.31 7.95
CA CYS B 456 -4.16 20.61 8.74
C CYS B 456 -4.01 19.11 8.52
N LYS B 457 -4.13 18.35 9.62
CA LYS B 457 -3.92 16.91 9.63
C LYS B 457 -4.95 16.30 10.59
N GLY B 458 -4.90 14.99 10.74
CA GLY B 458 -5.73 14.31 11.71
C GLY B 458 -6.55 13.20 11.08
N PHE B 459 -7.54 12.73 11.83
CA PHE B 459 -8.33 11.58 11.42
C PHE B 459 -9.14 11.90 10.17
N CYS B 460 -9.91 12.98 10.19
CA CYS B 460 -10.71 13.31 9.01
C CYS B 460 -9.82 13.68 7.84
N ILE B 461 -8.65 14.26 8.10
CA ILE B 461 -7.77 14.68 7.02
C ILE B 461 -7.20 13.49 6.27
N ASP B 462 -6.70 12.48 6.98
CA ASP B 462 -6.18 11.34 6.24
C ASP B 462 -7.27 10.42 5.74
N ILE B 463 -8.46 10.44 6.35
CA ILE B 463 -9.60 9.81 5.71
C ILE B 463 -9.87 10.44 4.35
N LEU B 464 -9.83 11.78 4.30
CA LEU B 464 -10.01 12.49 3.04
C LEU B 464 -8.88 12.17 2.07
N LYS B 465 -7.65 12.02 2.58
CA LYS B 465 -6.53 11.67 1.72
C LYS B 465 -6.74 10.30 1.07
N LYS B 466 -7.18 9.32 1.86
CA LYS B 466 -7.44 8.00 1.29
C LYS B 466 -8.62 8.03 0.32
N LEU B 467 -9.63 8.85 0.62
CA LEU B 467 -10.74 8.99 -0.31
C LEU B 467 -10.29 9.60 -1.63
N SER B 468 -9.39 10.58 -1.57
CA SER B 468 -8.83 11.16 -2.79
C SER B 468 -7.98 10.13 -3.54
N ARG B 469 -7.24 9.30 -2.80
CA ARG B 469 -6.42 8.28 -3.44
C ARG B 469 -7.28 7.26 -4.18
N THR B 470 -8.39 6.84 -3.57
CA THR B 470 -9.21 5.79 -4.17
C THR B 470 -10.13 6.36 -5.25
N VAL B 471 -10.97 7.35 -4.89
CA VAL B 471 -11.90 7.94 -5.84
C VAL B 471 -11.17 8.70 -6.94
N LYS B 472 -9.91 9.08 -6.71
CA LYS B 472 -9.09 9.79 -7.68
C LYS B 472 -9.72 11.15 -8.04
N PHE B 473 -9.79 12.01 -7.02
CA PHE B 473 -10.22 13.38 -7.19
C PHE B 473 -9.31 14.30 -6.39
N THR B 474 -8.98 15.45 -6.96
CA THR B 474 -8.17 16.45 -6.27
C THR B 474 -9.08 17.40 -5.49
N TYR B 475 -8.47 18.19 -4.61
CA TYR B 475 -9.25 19.04 -3.73
C TYR B 475 -8.39 20.20 -3.26
N ASP B 476 -9.06 21.27 -2.82
CA ASP B 476 -8.42 22.41 -2.19
C ASP B 476 -9.13 22.73 -0.88
N LEU B 477 -8.74 22.00 0.18
CA LEU B 477 -9.43 22.08 1.45
C LEU B 477 -9.28 23.46 2.07
N TYR B 478 -10.35 23.92 2.72
CA TYR B 478 -10.34 25.22 3.38
C TYR B 478 -11.26 25.21 4.59
N LEU B 479 -10.80 25.78 5.68
CA LEU B 479 -11.56 25.80 6.92
C LEU B 479 -12.72 26.79 6.84
N VAL B 480 -13.73 26.56 7.65
CA VAL B 480 -14.90 27.43 7.72
C VAL B 480 -14.63 28.55 8.72
N THR B 481 -15.20 29.71 8.46
CA THR B 481 -15.05 30.87 9.33
C THR B 481 -16.38 31.49 9.75
N ASN B 482 -17.49 31.11 9.14
CA ASN B 482 -18.77 31.74 9.44
C ASN B 482 -19.34 31.27 10.77
N GLY B 483 -18.88 30.14 11.30
CA GLY B 483 -19.42 29.62 12.55
C GLY B 483 -18.88 28.27 12.96
N LYS B 484 -19.78 27.36 13.30
CA LYS B 484 -19.46 26.03 13.80
C LYS B 484 -19.99 24.99 12.82
N HIS B 485 -19.98 23.72 13.25
CA HIS B 485 -20.36 22.58 12.43
C HIS B 485 -21.60 22.84 11.57
N GLY B 486 -22.54 23.63 12.09
CA GLY B 486 -23.70 24.01 11.31
C GLY B 486 -24.92 24.28 12.14
N LYS B 487 -25.67 25.32 11.81
CA LYS B 487 -26.87 25.65 12.56
C LYS B 487 -27.84 26.40 11.67
N LYS B 488 -29.12 26.17 11.88
CA LYS B 488 -30.18 26.82 11.12
C LYS B 488 -30.73 27.97 11.96
N VAL B 489 -30.34 29.19 11.61
CA VAL B 489 -30.82 30.41 12.26
C VAL B 489 -31.48 31.29 11.20
N ASN B 490 -32.68 31.77 11.50
CA ASN B 490 -33.45 32.60 10.58
C ASN B 490 -33.65 31.88 9.23
N ASN B 491 -33.91 30.58 9.31
CA ASN B 491 -34.11 29.73 8.13
C ASN B 491 -32.90 29.75 7.21
N VAL B 492 -31.72 30.02 7.77
CA VAL B 492 -30.48 30.10 7.02
C VAL B 492 -29.45 29.21 7.72
N TRP B 493 -28.81 28.33 6.95
CA TRP B 493 -27.79 27.45 7.51
C TRP B 493 -26.44 28.17 7.49
N ASN B 494 -25.75 28.13 8.64
CA ASN B 494 -24.41 28.68 8.74
C ASN B 494 -23.45 27.60 9.21
N GLY B 495 -22.20 27.72 8.77
CA GLY B 495 -21.17 26.76 9.09
C GLY B 495 -20.88 25.82 7.94
N MET B 496 -20.41 24.62 8.31
CA MET B 496 -20.10 23.60 7.31
C MET B 496 -21.34 23.27 6.48
N ILE B 497 -22.47 23.04 7.15
CA ILE B 497 -23.72 22.82 6.45
C ILE B 497 -24.09 24.04 5.63
N GLY B 498 -23.81 25.23 6.17
CA GLY B 498 -24.07 26.45 5.42
C GLY B 498 -23.26 26.52 4.13
N GLU B 499 -21.98 26.16 4.21
CA GLU B 499 -21.15 26.17 3.00
C GLU B 499 -21.61 25.12 2.00
N VAL B 500 -22.04 23.96 2.48
CA VAL B 500 -22.47 22.90 1.55
C VAL B 500 -23.79 23.29 0.88
N VAL B 501 -24.71 23.88 1.63
CA VAL B 501 -26.05 24.15 1.09
C VAL B 501 -25.98 25.15 -0.06
N TYR B 502 -25.24 26.24 0.13
CA TYR B 502 -25.18 27.30 -0.86
C TYR B 502 -24.13 27.04 -1.93
N GLN B 503 -23.76 25.78 -2.12
CA GLN B 503 -22.87 25.34 -3.21
C GLN B 503 -21.50 25.96 -3.14
N ARG B 504 -21.08 26.41 -1.95
CA ARG B 504 -19.74 26.95 -1.76
C ARG B 504 -18.71 25.88 -1.46
N ALA B 505 -19.13 24.64 -1.21
CA ALA B 505 -18.22 23.53 -0.95
C ALA B 505 -18.93 22.23 -1.31
N VAL B 506 -18.25 21.39 -2.09
CA VAL B 506 -18.89 20.16 -2.57
C VAL B 506 -19.13 19.19 -1.42
N MET B 507 -18.12 18.99 -0.57
CA MET B 507 -18.27 18.12 0.59
C MET B 507 -17.69 18.81 1.82
N ALA B 508 -18.13 18.36 2.99
CA ALA B 508 -17.71 18.91 4.27
C ALA B 508 -17.18 17.78 5.14
N VAL B 509 -15.88 17.51 5.04
CA VAL B 509 -15.24 16.52 5.89
C VAL B 509 -14.99 17.14 7.26
N GLY B 510 -15.19 16.36 8.30
CA GLY B 510 -14.97 16.84 9.65
C GLY B 510 -15.84 16.08 10.62
N SER B 511 -15.88 16.58 11.86
CA SER B 511 -16.68 15.98 12.93
C SER B 511 -18.11 16.49 12.82
N LEU B 512 -18.80 16.00 11.79
CA LEU B 512 -20.16 16.42 11.47
C LEU B 512 -21.13 15.31 11.85
N THR B 513 -21.99 15.58 12.83
CA THR B 513 -22.95 14.59 13.29
C THR B 513 -24.14 14.53 12.35
N ILE B 514 -24.69 13.34 12.18
CA ILE B 514 -25.82 13.10 11.29
C ILE B 514 -27.09 13.06 12.12
N ASN B 515 -28.06 13.90 11.76
CA ASN B 515 -29.36 13.91 12.41
C ASN B 515 -30.41 14.13 11.34
N GLU B 516 -31.67 14.33 11.77
CA GLU B 516 -32.77 14.39 10.81
C GLU B 516 -32.72 15.65 9.96
N GLU B 517 -32.54 16.81 10.59
CA GLU B 517 -32.64 18.08 9.85
C GLU B 517 -31.51 18.22 8.84
N ARG B 518 -30.29 17.89 9.23
CA ARG B 518 -29.17 18.01 8.30
C ARG B 518 -29.32 17.05 7.13
N SER B 519 -29.68 15.79 7.42
CA SER B 519 -29.89 14.82 6.34
C SER B 519 -31.07 15.20 5.45
N GLU B 520 -32.02 15.97 5.98
CA GLU B 520 -33.09 16.48 5.13
C GLU B 520 -32.58 17.62 4.25
N VAL B 521 -31.65 18.42 4.76
CA VAL B 521 -31.19 19.61 4.05
C VAL B 521 -30.02 19.28 3.13
N VAL B 522 -29.10 18.43 3.58
CA VAL B 522 -27.98 18.02 2.74
C VAL B 522 -28.01 16.51 2.57
N ASP B 523 -27.03 15.97 1.85
CA ASP B 523 -26.98 14.54 1.52
C ASP B 523 -25.75 13.93 2.16
N PHE B 524 -25.95 13.07 3.15
CA PHE B 524 -24.86 12.50 3.91
C PHE B 524 -24.35 11.21 3.27
N SER B 525 -23.17 10.79 3.70
CA SER B 525 -22.55 9.55 3.27
C SER B 525 -22.71 8.49 4.37
N VAL B 526 -22.08 7.34 4.15
CA VAL B 526 -22.14 6.26 5.15
C VAL B 526 -21.32 6.67 6.37
N PRO B 527 -21.87 6.56 7.58
CA PRO B 527 -21.10 6.93 8.78
C PRO B 527 -19.89 6.02 8.98
N PHE B 528 -18.72 6.63 9.11
CA PHE B 528 -17.47 5.89 9.25
C PHE B 528 -16.96 5.80 10.68
N VAL B 529 -17.66 6.39 11.64
CA VAL B 529 -17.25 6.30 13.04
C VAL B 529 -18.49 6.50 13.91
N GLU B 530 -18.56 5.74 15.00
CA GLU B 530 -19.71 5.76 15.89
C GLU B 530 -19.61 6.96 16.82
N THR B 531 -20.72 7.71 16.94
CA THR B 531 -20.78 8.89 17.80
C THR B 531 -22.10 8.85 18.55
N GLY B 532 -22.43 9.96 19.19
CA GLY B 532 -23.68 10.07 19.91
C GLY B 532 -23.56 10.84 21.21
N ILE B 533 -24.70 11.24 21.78
CA ILE B 533 -24.68 11.99 23.03
C ILE B 533 -24.08 11.14 24.14
N SER B 534 -23.27 11.78 24.98
CA SER B 534 -22.68 11.11 26.12
C SER B 534 -22.40 12.14 27.20
N VAL B 535 -22.33 11.66 28.44
CA VAL B 535 -22.10 12.50 29.61
C VAL B 535 -20.76 12.10 30.22
N MET B 536 -19.89 13.09 30.39
CA MET B 536 -18.56 12.91 30.93
C MET B 536 -18.43 13.72 32.21
N VAL B 537 -18.03 13.05 33.30
CA VAL B 537 -17.99 13.65 34.63
C VAL B 537 -16.68 13.27 35.31
N SER B 538 -16.35 14.05 36.35
CA SER B 538 -15.17 13.75 37.15
C SER B 538 -15.33 12.44 37.89
N ARG B 539 -14.23 11.72 38.05
CA ARG B 539 -14.26 10.42 38.71
C ARG B 539 -14.59 10.58 40.19
N SER B 540 -15.51 9.74 40.68
CA SER B 540 -15.93 9.80 42.07
C SER B 540 -14.85 9.24 42.99
N ASN B 541 -14.90 9.66 44.24
CA ASN B 541 -13.93 9.21 45.24
C ASN B 541 -14.04 7.71 45.49
N GLY B 542 -15.26 7.24 45.78
CA GLY B 542 -15.51 5.84 46.02
C GLY B 542 -15.61 5.52 47.50
N THR B 543 -16.09 4.31 47.76
CA THR B 543 -16.24 3.83 49.14
C THR B 543 -16.23 2.31 49.13
N VAL B 544 -16.04 1.75 50.32
CA VAL B 544 -15.99 0.31 50.52
C VAL B 544 -17.23 -0.12 51.31
N SER B 545 -17.91 -1.17 50.84
CA SER B 545 -19.11 -1.63 51.51
C SER B 545 -18.76 -2.17 52.90
N PRO B 546 -19.61 -1.92 53.91
CA PRO B 546 -19.31 -2.41 55.26
C PRO B 546 -19.47 -3.91 55.43
N SER B 547 -19.77 -4.66 54.38
CA SER B 547 -19.92 -6.11 54.47
C SER B 547 -18.91 -6.85 53.62
N ALA B 548 -17.78 -6.20 53.31
CA ALA B 548 -16.78 -6.84 52.45
C ALA B 548 -16.04 -7.96 53.19
N PHE B 549 -15.82 -7.79 54.50
CA PHE B 549 -15.09 -8.81 55.24
C PHE B 549 -15.90 -10.07 55.48
N LEU B 550 -17.23 -9.98 55.39
CA LEU B 550 -18.09 -11.16 55.46
C LEU B 550 -18.40 -11.74 54.08
N GLU B 551 -17.92 -11.12 53.02
CA GLU B 551 -18.17 -11.53 51.65
C GLU B 551 -17.45 -12.82 51.23
N PRO B 552 -16.22 -13.08 51.70
CA PRO B 552 -15.53 -14.31 51.24
C PRO B 552 -16.31 -15.59 51.48
N PHE B 553 -17.10 -15.67 52.53
CA PHE B 553 -17.96 -16.82 52.78
C PHE B 553 -19.41 -16.36 52.79
N SER B 554 -20.29 -17.13 52.15
CA SER B 554 -21.70 -16.76 52.10
C SER B 554 -22.35 -16.94 53.46
N ALA B 555 -23.50 -16.26 53.63
CA ALA B 555 -24.20 -16.32 54.91
C ALA B 555 -24.59 -17.73 55.28
N SER B 556 -24.98 -18.54 54.28
CA SER B 556 -25.28 -19.94 54.53
C SER B 556 -24.05 -20.68 55.06
N VAL B 557 -22.89 -20.41 54.46
CA VAL B 557 -21.65 -21.03 54.93
C VAL B 557 -21.36 -20.60 56.37
N TRP B 558 -21.52 -19.32 56.66
CA TRP B 558 -21.25 -18.83 58.01
C TRP B 558 -22.16 -19.51 59.04
N VAL B 559 -23.47 -19.52 58.77
CA VAL B 559 -24.39 -20.12 59.75
C VAL B 559 -24.11 -21.62 59.86
N MET B 560 -23.71 -22.27 58.77
CA MET B 560 -23.34 -23.68 58.85
C MET B 560 -22.15 -23.90 59.75
N MET B 561 -21.10 -23.07 59.62
CA MET B 561 -19.94 -23.28 60.47
C MET B 561 -20.25 -22.99 61.92
N PHE B 562 -21.08 -21.97 62.19
CA PHE B 562 -21.47 -21.76 63.59
C PHE B 562 -22.31 -22.91 64.16
N VAL B 563 -23.28 -23.42 63.40
CA VAL B 563 -24.10 -24.49 63.96
C VAL B 563 -23.28 -25.77 64.15
N MET B 564 -22.40 -26.08 63.20
CA MET B 564 -21.56 -27.26 63.37
C MET B 564 -20.52 -27.02 64.46
N LEU B 565 -20.17 -25.75 64.69
CA LEU B 565 -19.30 -25.38 65.80
C LEU B 565 -19.95 -25.71 67.13
N LEU B 566 -21.22 -25.33 67.28
CA LEU B 566 -21.95 -25.67 68.50
C LEU B 566 -22.10 -27.19 68.65
N ILE B 567 -22.32 -27.89 67.53
CA ILE B 567 -22.37 -29.35 67.58
C ILE B 567 -21.04 -29.92 68.07
N VAL B 568 -19.93 -29.34 67.60
CA VAL B 568 -18.61 -29.78 68.04
C VAL B 568 -18.43 -29.54 69.53
N SER B 569 -18.87 -28.39 70.02
CA SER B 569 -18.80 -28.14 71.47
C SER B 569 -19.59 -29.19 72.23
N ALA B 570 -20.79 -29.51 71.74
CA ALA B 570 -21.60 -30.52 72.40
C ALA B 570 -20.89 -31.87 72.46
N ILE B 571 -20.37 -32.34 71.31
CA ILE B 571 -19.75 -33.66 71.28
C ILE B 571 -18.48 -33.67 72.13
N ALA B 572 -17.74 -32.55 72.17
CA ALA B 572 -16.59 -32.47 73.05
C ALA B 572 -16.99 -32.59 74.51
N VAL B 573 -18.11 -31.94 74.88
CA VAL B 573 -18.59 -32.06 76.26
C VAL B 573 -18.98 -33.49 76.58
N PHE B 574 -19.66 -34.16 75.65
CA PHE B 574 -20.01 -35.57 75.87
C PHE B 574 -18.76 -36.44 76.06
N VAL B 575 -17.79 -36.31 75.14
CA VAL B 575 -16.63 -37.18 75.22
C VAL B 575 -15.73 -36.85 76.41
N PHE B 576 -15.78 -35.63 76.93
CA PHE B 576 -15.04 -35.33 78.15
C PHE B 576 -15.77 -35.78 79.41
N GLU B 577 -17.10 -35.63 79.45
CA GLU B 577 -17.87 -36.08 80.61
C GLU B 577 -17.85 -37.59 80.75
N TYR B 578 -17.94 -38.31 79.63
CA TYR B 578 -17.90 -39.77 79.69
C TYR B 578 -16.55 -40.27 80.17
N PHE B 579 -15.47 -39.54 79.89
CA PHE B 579 -14.15 -39.88 80.43
C PHE B 579 -13.23 -38.66 80.35
N PHE B 599 -16.24 -30.56 81.69
CA PHE B 599 -16.44 -29.16 82.04
C PHE B 599 -17.69 -28.58 81.40
N THR B 600 -17.91 -27.29 81.61
CA THR B 600 -19.12 -26.63 81.14
C THR B 600 -19.12 -26.52 79.62
N ILE B 601 -20.32 -26.54 79.04
CA ILE B 601 -20.47 -26.27 77.61
C ILE B 601 -19.92 -24.90 77.26
N GLY B 602 -20.07 -23.93 78.17
CA GLY B 602 -19.52 -22.60 77.92
C GLY B 602 -18.01 -22.60 77.77
N LYS B 603 -17.32 -23.35 78.64
CA LYS B 603 -15.87 -23.45 78.53
C LYS B 603 -15.46 -24.17 77.25
N ALA B 604 -16.27 -25.16 76.84
CA ALA B 604 -16.02 -25.83 75.57
C ALA B 604 -16.13 -24.84 74.42
N ILE B 605 -17.16 -23.99 74.44
CA ILE B 605 -17.31 -22.98 73.40
C ILE B 605 -16.15 -22.00 73.43
N TRP B 606 -15.69 -21.63 74.63
CA TRP B 606 -14.55 -20.73 74.73
C TRP B 606 -13.30 -21.32 74.09
N LEU B 607 -12.89 -22.50 74.53
CA LEU B 607 -11.69 -23.12 73.98
C LEU B 607 -11.85 -23.36 72.49
N LEU B 608 -13.07 -23.72 72.08
CA LEU B 608 -13.34 -24.05 70.69
C LEU B 608 -13.17 -22.83 69.80
N TRP B 609 -13.80 -21.72 70.18
CA TRP B 609 -13.68 -20.47 69.44
C TRP B 609 -12.25 -19.95 69.47
N GLY B 610 -11.59 -20.02 70.63
CA GLY B 610 -10.25 -19.49 70.77
C GLY B 610 -9.20 -20.26 70.01
N LEU B 611 -9.43 -21.54 69.74
CA LEU B 611 -8.54 -22.26 68.83
C LEU B 611 -8.99 -22.22 67.38
N VAL B 612 -10.26 -21.86 67.11
CA VAL B 612 -10.65 -21.47 65.76
C VAL B 612 -9.88 -20.24 65.31
N PHE B 613 -9.82 -19.23 66.18
CA PHE B 613 -9.03 -18.03 65.93
C PHE B 613 -7.77 -18.11 66.78
N ASN B 614 -6.68 -18.58 66.18
CA ASN B 614 -5.46 -18.89 66.92
C ASN B 614 -4.78 -17.59 67.37
N ASN B 615 -5.25 -17.05 68.49
CA ASN B 615 -4.80 -15.76 68.98
C ASN B 615 -4.23 -15.86 70.39
N SER B 616 -3.71 -17.04 70.75
CA SER B 616 -3.17 -17.29 72.09
C SER B 616 -4.20 -16.99 73.18
N VAL B 617 -5.44 -17.39 72.93
CA VAL B 617 -6.51 -17.15 73.91
C VAL B 617 -6.33 -18.10 75.09
N PRO B 618 -6.27 -17.58 76.32
CA PRO B 618 -6.18 -18.47 77.49
C PRO B 618 -7.43 -19.35 77.59
N VAL B 619 -7.20 -20.66 77.50
CA VAL B 619 -8.29 -21.64 77.46
C VAL B 619 -7.95 -22.78 78.41
N GLN B 620 -8.98 -23.55 78.77
CA GLN B 620 -8.83 -24.75 79.59
C GLN B 620 -8.94 -25.96 78.68
N ASN B 621 -7.79 -26.51 78.29
CA ASN B 621 -7.77 -27.61 77.34
C ASN B 621 -8.32 -28.88 77.98
N PRO B 622 -8.97 -29.72 77.19
CA PRO B 622 -9.52 -30.97 77.74
C PRO B 622 -8.42 -31.96 78.09
N LYS B 623 -8.77 -32.91 78.94
CA LYS B 623 -7.83 -33.93 79.41
C LYS B 623 -7.99 -35.28 78.71
N GLY B 624 -9.17 -35.58 78.17
CA GLY B 624 -9.38 -36.85 77.52
C GLY B 624 -8.60 -36.99 76.23
N THR B 625 -8.28 -38.24 75.90
CA THR B 625 -7.50 -38.51 74.69
C THR B 625 -8.35 -38.30 73.44
N THR B 626 -9.58 -38.82 73.43
CA THR B 626 -10.45 -38.62 72.27
C THR B 626 -10.84 -37.15 72.13
N SER B 627 -11.01 -36.45 73.25
CA SER B 627 -11.24 -35.02 73.18
C SER B 627 -10.04 -34.30 72.57
N LYS B 628 -8.83 -34.75 72.90
CA LYS B 628 -7.63 -34.16 72.30
C LYS B 628 -7.58 -34.43 70.80
N ILE B 629 -7.98 -35.64 70.37
CA ILE B 629 -8.06 -35.94 68.95
C ILE B 629 -9.04 -35.01 68.26
N MET B 630 -10.21 -34.82 68.87
CA MET B 630 -11.22 -33.93 68.31
C MET B 630 -10.68 -32.51 68.20
N VAL B 631 -10.00 -32.03 69.25
CA VAL B 631 -9.42 -30.69 69.22
C VAL B 631 -8.40 -30.57 68.10
N SER B 632 -7.55 -31.60 67.95
CA SER B 632 -6.51 -31.54 66.93
C SER B 632 -7.08 -31.47 65.52
N VAL B 633 -8.03 -32.36 65.21
CA VAL B 633 -8.60 -32.34 63.86
C VAL B 633 -9.40 -31.05 63.63
N TRP B 634 -10.10 -30.59 64.66
CA TRP B 634 -10.89 -29.38 64.50
C TRP B 634 -9.97 -28.20 64.23
N ALA B 635 -8.81 -28.15 64.91
CA ALA B 635 -7.86 -27.07 64.71
C ALA B 635 -7.14 -27.18 63.37
N PHE B 636 -6.96 -28.39 62.85
CA PHE B 636 -6.46 -28.51 61.48
C PHE B 636 -7.45 -27.84 60.52
N PHE B 637 -8.74 -28.10 60.72
CA PHE B 637 -9.76 -27.37 59.95
C PHE B 637 -9.65 -25.88 60.19
N ALA B 638 -9.37 -25.49 61.43
CA ALA B 638 -9.34 -24.07 61.79
C ALA B 638 -8.22 -23.35 61.05
N VAL B 639 -7.03 -23.94 61.02
CA VAL B 639 -5.93 -23.30 60.31
C VAL B 639 -6.19 -23.31 58.81
N ILE B 640 -6.83 -24.36 58.28
CA ILE B 640 -7.21 -24.31 56.87
C ILE B 640 -8.17 -23.14 56.62
N PHE B 641 -9.14 -22.96 57.52
CA PHE B 641 -10.14 -21.90 57.36
C PHE B 641 -9.49 -20.53 57.43
N LEU B 642 -8.56 -20.33 58.36
CA LEU B 642 -7.93 -19.02 58.47
C LEU B 642 -7.00 -18.76 57.29
N ALA B 643 -6.34 -19.80 56.77
CA ALA B 643 -5.53 -19.63 55.56
C ALA B 643 -6.39 -19.24 54.37
N SER B 644 -7.57 -19.86 54.25
CA SER B 644 -8.45 -19.53 53.13
C SER B 644 -9.10 -18.17 53.29
N TYR B 645 -9.37 -17.73 54.52
CA TYR B 645 -10.04 -16.46 54.75
C TYR B 645 -9.14 -15.29 54.38
N THR B 646 -7.87 -15.35 54.77
CA THR B 646 -6.94 -14.26 54.53
C THR B 646 -6.31 -14.33 53.14
N ALA B 647 -6.60 -15.38 52.37
CA ALA B 647 -5.99 -15.51 51.04
C ALA B 647 -6.47 -14.41 50.11
N ASN B 648 -7.77 -14.13 50.09
CA ASN B 648 -8.34 -13.12 49.22
C ASN B 648 -8.98 -11.98 50.00
N LEU B 649 -8.62 -11.82 51.28
CA LEU B 649 -9.24 -10.78 52.09
C LEU B 649 -8.92 -9.39 51.57
N ALA B 650 -7.66 -9.15 51.18
CA ALA B 650 -7.27 -7.82 50.72
C ALA B 650 -8.01 -7.43 49.44
N ALA B 651 -8.15 -8.36 48.50
CA ALA B 651 -8.81 -8.05 47.24
C ALA B 651 -10.28 -7.67 47.45
N PHE B 652 -10.96 -8.36 48.38
CA PHE B 652 -12.36 -8.07 48.63
C PHE B 652 -12.55 -6.67 49.19
N ILE B 653 -11.67 -6.24 50.09
CA ILE B 653 -11.77 -4.89 50.69
C ILE B 653 -10.94 -3.97 49.79
N GLN B 654 -11.59 -3.43 48.77
CA GLN B 654 -10.95 -2.52 47.83
C GLN B 654 -11.88 -1.36 47.54
N GLU B 655 -11.28 -0.25 47.11
CA GLU B 655 -12.05 0.96 46.82
C GLU B 655 -12.96 0.75 45.61
N GLU B 656 -14.26 0.86 45.83
CA GLU B 656 -15.26 0.67 44.78
C GLU B 656 -15.72 2.03 44.27
N PHE B 657 -15.58 2.25 42.95
CA PHE B 657 -16.04 3.48 42.33
C PHE B 657 -17.45 3.29 41.79
N VAL B 658 -18.30 4.29 42.03
CA VAL B 658 -19.70 4.25 41.64
C VAL B 658 -20.00 5.50 40.82
N ASP B 659 -20.73 5.32 39.72
CA ASP B 659 -21.11 6.45 38.89
C ASP B 659 -22.27 7.21 39.54
N GLN B 660 -22.13 8.52 39.64
CA GLN B 660 -23.17 9.33 40.28
C GLN B 660 -24.43 9.40 39.43
N VAL B 661 -24.30 9.33 38.12
CA VAL B 661 -25.44 9.44 37.21
C VAL B 661 -25.54 8.16 36.39
N THR B 662 -26.72 7.56 36.37
CA THR B 662 -26.93 6.35 35.58
C THR B 662 -26.92 6.66 34.09
N GLY B 663 -27.54 7.75 33.68
CA GLY B 663 -27.61 8.08 32.27
C GLY B 663 -28.34 9.39 32.06
N LEU B 664 -28.62 9.69 30.79
CA LEU B 664 -29.30 10.93 30.44
C LEU B 664 -30.71 11.03 31.00
N SER B 665 -31.34 9.90 31.34
CA SER B 665 -32.70 9.90 31.85
C SER B 665 -32.75 9.89 33.38
N ASP B 666 -31.61 10.05 34.04
CA ASP B 666 -31.57 10.03 35.50
C ASP B 666 -32.32 11.23 36.07
N LYS B 667 -32.79 11.06 37.31
CA LYS B 667 -33.52 12.13 37.98
C LYS B 667 -32.67 13.38 38.20
N LYS B 668 -31.34 13.22 38.31
CA LYS B 668 -30.47 14.37 38.48
C LYS B 668 -30.47 15.28 37.26
N PHE B 669 -30.79 14.75 36.09
CA PHE B 669 -30.83 15.54 34.86
C PHE B 669 -32.21 16.11 34.58
N GLN B 670 -33.26 15.31 34.79
CA GLN B 670 -34.61 15.78 34.54
C GLN B 670 -35.01 16.85 35.55
N ARG B 671 -35.10 16.48 36.82
CA ARG B 671 -35.49 17.40 37.90
C ARG B 671 -34.29 17.58 38.84
N PRO B 672 -33.47 18.61 38.61
CA PRO B 672 -32.33 18.88 39.50
C PRO B 672 -32.66 19.79 40.67
N HIS B 673 -33.75 20.56 40.60
CA HIS B 673 -34.03 21.54 41.64
C HIS B 673 -34.41 20.91 42.97
N ASP B 674 -34.93 19.68 42.96
CA ASP B 674 -35.31 19.04 44.21
C ASP B 674 -34.09 18.76 45.09
N TYR B 675 -32.97 18.39 44.49
CA TYR B 675 -31.76 18.10 45.26
C TYR B 675 -31.23 19.38 45.91
N SER B 676 -30.59 19.20 47.07
CA SER B 676 -30.03 20.35 47.78
C SER B 676 -28.99 21.12 46.96
N PRO B 677 -28.05 20.49 46.24
CA PRO B 677 -27.15 21.28 45.39
C PRO B 677 -27.71 21.41 43.99
N PRO B 678 -27.59 22.58 43.37
CA PRO B 678 -28.04 22.74 41.98
C PRO B 678 -27.08 22.03 41.04
N PHE B 679 -27.57 20.96 40.42
CA PHE B 679 -26.72 20.17 39.53
C PHE B 679 -26.29 21.01 38.33
N ARG B 680 -24.98 21.14 38.13
CA ARG B 680 -24.43 22.01 37.10
C ARG B 680 -23.95 21.13 35.94
N PHE B 681 -24.77 21.06 34.89
CA PHE B 681 -24.41 20.36 33.66
C PHE B 681 -24.68 21.28 32.47
N GLY B 682 -23.83 21.20 31.46
CA GLY B 682 -23.96 22.05 30.29
C GLY B 682 -23.34 21.41 29.07
N THR B 683 -23.50 22.09 27.94
CA THR B 683 -22.96 21.62 26.67
C THR B 683 -22.56 22.82 25.83
N VAL B 684 -21.73 22.56 24.82
CA VAL B 684 -21.35 23.60 23.87
C VAL B 684 -22.54 23.86 22.96
N PRO B 685 -23.04 25.08 22.87
CA PRO B 685 -24.23 25.37 22.08
C PRO B 685 -23.90 25.40 20.58
N ASN B 686 -24.93 25.64 19.79
CA ASN B 686 -24.81 25.72 18.32
C ASN B 686 -24.22 24.45 17.75
N GLY B 687 -24.84 23.31 18.07
CA GLY B 687 -24.39 22.03 17.57
C GLY B 687 -25.51 21.02 17.49
N SER B 688 -25.15 19.75 17.23
CA SER B 688 -26.14 18.69 17.17
C SER B 688 -26.64 18.28 18.55
N THR B 689 -25.76 18.30 19.55
CA THR B 689 -26.17 17.90 20.89
C THR B 689 -27.23 18.84 21.44
N GLU B 690 -27.05 20.16 21.25
CA GLU B 690 -28.04 21.11 21.72
C GLU B 690 -29.38 20.92 21.01
N ARG B 691 -29.35 20.67 19.71
CA ARG B 691 -30.59 20.43 18.97
C ARG B 691 -31.30 19.18 19.48
N ASN B 692 -30.54 18.11 19.73
CA ASN B 692 -31.14 16.88 20.23
C ASN B 692 -31.74 17.09 21.62
N ILE B 693 -31.04 17.83 22.48
CA ILE B 693 -31.55 18.12 23.82
C ILE B 693 -32.84 18.93 23.72
N ARG B 694 -32.88 19.92 22.84
CA ARG B 694 -34.09 20.71 22.65
C ARG B 694 -35.24 19.82 22.16
N ASN B 695 -34.97 18.93 21.21
CA ASN B 695 -36.04 18.08 20.67
C ASN B 695 -36.53 17.08 21.71
N ASN B 696 -35.66 16.61 22.59
CA ASN B 696 -36.04 15.56 23.52
C ASN B 696 -36.63 16.13 24.81
N TYR B 697 -35.86 16.97 25.51
CA TYR B 697 -36.23 17.47 26.84
C TYR B 697 -36.11 18.99 26.84
N PRO B 698 -37.14 19.70 26.37
CA PRO B 698 -37.04 21.18 26.34
C PRO B 698 -36.84 21.79 27.71
N TYR B 699 -37.48 21.24 28.75
CA TYR B 699 -37.30 21.78 30.09
C TYR B 699 -35.86 21.63 30.57
N MET B 700 -35.24 20.47 30.32
CA MET B 700 -33.85 20.29 30.67
C MET B 700 -32.96 21.29 29.93
N HIS B 701 -33.25 21.53 28.66
CA HIS B 701 -32.49 22.52 27.90
C HIS B 701 -32.65 23.92 28.50
N GLN B 702 -33.86 24.26 28.95
CA GLN B 702 -34.08 25.59 29.51
C GLN B 702 -33.20 25.84 30.73
N TYR B 703 -33.08 24.86 31.61
CA TYR B 703 -32.18 24.96 32.75
C TYR B 703 -30.71 24.90 32.34
N MET B 704 -30.39 24.11 31.31
CA MET B 704 -29.01 23.91 30.91
C MET B 704 -28.42 25.12 30.19
N THR B 705 -29.26 25.97 29.59
CA THR B 705 -28.72 27.12 28.85
C THR B 705 -27.82 28.00 29.71
N ARG B 706 -28.04 28.04 31.02
CA ARG B 706 -27.23 28.92 31.87
C ARG B 706 -25.86 28.34 32.18
N PHE B 707 -25.55 27.13 31.73
CA PHE B 707 -24.25 26.52 31.96
C PHE B 707 -23.53 26.19 30.66
N ASN B 708 -23.78 26.96 29.59
CA ASN B 708 -23.14 26.71 28.31
C ASN B 708 -21.66 27.05 28.39
N GLN B 709 -20.87 26.38 27.55
CA GLN B 709 -19.43 26.58 27.48
C GLN B 709 -19.03 27.10 26.10
N ARG B 710 -17.90 27.82 26.07
CA ARG B 710 -17.44 28.38 24.80
C ARG B 710 -16.84 27.30 23.90
N GLY B 711 -16.22 26.29 24.48
CA GLY B 711 -15.59 25.25 23.71
C GLY B 711 -15.38 24.00 24.53
N VAL B 712 -14.71 23.03 23.94
CA VAL B 712 -14.48 21.75 24.60
C VAL B 712 -13.40 21.84 25.67
N GLU B 713 -12.29 22.54 25.39
CA GLU B 713 -11.22 22.62 26.38
C GLU B 713 -11.64 23.44 27.59
N ASP B 714 -12.40 24.52 27.38
CA ASP B 714 -12.91 25.30 28.50
C ASP B 714 -13.85 24.46 29.36
N ALA B 715 -14.70 23.66 28.71
CA ALA B 715 -15.58 22.77 29.46
C ALA B 715 -14.78 21.75 30.25
N LEU B 716 -13.71 21.21 29.65
CA LEU B 716 -12.88 20.25 30.36
C LEU B 716 -12.22 20.86 31.58
N VAL B 717 -11.63 22.05 31.43
CA VAL B 717 -10.96 22.68 32.57
C VAL B 717 -11.97 23.12 33.62
N SER B 718 -13.19 23.48 33.22
CA SER B 718 -14.23 23.79 34.19
C SER B 718 -14.71 22.55 34.95
N LEU B 719 -14.83 21.42 34.27
CA LEU B 719 -15.22 20.17 34.91
C LEU B 719 -14.13 19.63 35.83
N LYS B 720 -12.86 19.88 35.50
CA LYS B 720 -11.78 19.50 36.40
C LYS B 720 -11.91 20.22 37.74
N THR B 721 -12.32 21.48 37.72
CA THR B 721 -12.63 22.21 38.94
C THR B 721 -14.09 21.97 39.32
N GLY B 722 -14.54 22.61 40.39
CA GLY B 722 -15.90 22.44 40.86
C GLY B 722 -16.95 23.26 40.17
N LYS B 723 -16.58 24.05 39.15
CA LYS B 723 -17.54 24.91 38.48
C LYS B 723 -18.57 24.12 37.69
N LEU B 724 -18.29 22.87 37.34
CA LEU B 724 -19.21 22.06 36.57
C LEU B 724 -19.24 20.64 37.12
N ASP B 725 -20.35 19.95 36.87
CA ASP B 725 -20.54 18.58 37.35
C ASP B 725 -20.63 17.55 36.25
N ALA B 726 -21.24 17.89 35.11
CA ALA B 726 -21.42 16.94 34.01
C ALA B 726 -21.31 17.69 32.70
N PHE B 727 -20.68 17.05 31.71
CA PHE B 727 -20.54 17.64 30.39
C PHE B 727 -21.21 16.73 29.37
N ILE B 728 -22.15 17.28 28.60
CA ILE B 728 -22.91 16.52 27.62
C ILE B 728 -22.39 16.88 26.24
N TYR B 729 -21.86 15.90 25.52
CA TYR B 729 -21.26 16.18 24.21
C TYR B 729 -21.10 14.84 23.49
N ASP B 730 -20.66 14.89 22.23
CA ASP B 730 -20.71 13.69 21.41
C ASP B 730 -19.72 12.64 21.89
N ALA B 731 -20.02 11.38 21.60
CA ALA B 731 -19.30 10.26 22.21
C ALA B 731 -17.83 10.22 21.79
N ALA B 732 -17.53 10.46 20.51
CA ALA B 732 -16.17 10.26 20.02
C ALA B 732 -15.19 11.23 20.66
N VAL B 733 -15.52 12.52 20.66
CA VAL B 733 -14.61 13.52 21.21
C VAL B 733 -14.44 13.32 22.70
N LEU B 734 -15.53 13.02 23.41
CA LEU B 734 -15.44 12.78 24.84
C LEU B 734 -14.57 11.57 25.15
N ASN B 735 -14.72 10.49 24.38
CA ASN B 735 -13.88 9.32 24.57
C ASN B 735 -12.42 9.64 24.32
N TYR B 736 -12.15 10.42 23.27
CA TYR B 736 -10.77 10.80 22.97
C TYR B 736 -10.17 11.62 24.12
N LYS B 737 -10.94 12.58 24.63
CA LYS B 737 -10.45 13.41 25.72
C LYS B 737 -10.23 12.58 26.98
N ALA B 738 -11.13 11.64 27.27
CA ALA B 738 -10.94 10.76 28.42
C ALA B 738 -9.68 9.92 28.27
N GLY B 739 -9.44 9.41 27.05
CA GLY B 739 -8.22 8.64 26.81
C GLY B 739 -6.97 9.48 26.96
N ARG B 740 -7.02 10.73 26.52
CA ARG B 740 -5.89 11.65 26.65
C ARG B 740 -5.91 12.45 27.94
N ASP B 741 -6.87 12.20 28.82
CA ASP B 741 -6.93 12.93 30.09
C ASP B 741 -5.74 12.58 30.97
N GLU B 742 -5.22 13.59 31.66
CA GLU B 742 -4.12 13.40 32.60
C GLU B 742 -4.66 13.01 33.96
N GLY B 743 -4.19 11.88 34.47
CA GLY B 743 -4.63 11.38 35.77
C GLY B 743 -5.89 10.54 35.73
N CYS B 744 -6.56 10.44 34.58
CA CYS B 744 -7.79 9.67 34.44
C CYS B 744 -8.84 10.11 35.46
N LYS B 745 -8.91 11.41 35.69
CA LYS B 745 -9.86 11.97 36.64
C LYS B 745 -11.24 12.20 36.05
N LEU B 746 -11.38 12.08 34.73
CA LEU B 746 -12.65 12.31 34.04
C LEU B 746 -13.01 11.07 33.25
N VAL B 747 -14.23 10.56 33.43
CA VAL B 747 -14.70 9.37 32.74
C VAL B 747 -16.12 9.61 32.25
N THR B 748 -16.53 8.81 31.26
CA THR B 748 -17.88 8.84 30.73
C THR B 748 -18.75 7.87 31.52
N ILE B 749 -19.94 8.32 31.93
CA ILE B 749 -20.81 7.48 32.74
C ILE B 749 -21.30 6.30 31.93
N GLY B 750 -21.66 5.23 32.63
CA GLY B 750 -22.18 4.03 31.99
C GLY B 750 -21.16 3.18 31.28
N SER B 751 -19.87 3.44 31.47
CA SER B 751 -18.80 2.72 30.79
C SER B 751 -18.97 2.79 29.27
N GLY B 752 -19.19 4.01 28.78
CA GLY B 752 -19.38 4.22 27.36
C GLY B 752 -20.82 4.21 26.94
N TYR B 753 -21.68 4.84 27.74
CA TYR B 753 -23.10 4.93 27.42
C TYR B 753 -23.32 5.96 26.32
N ILE B 754 -24.05 5.57 25.28
CA ILE B 754 -24.34 6.44 24.14
C ILE B 754 -25.85 6.50 23.96
N PHE B 755 -26.38 7.71 23.77
CA PHE B 755 -27.81 7.92 23.67
C PHE B 755 -28.29 8.05 22.23
N ALA B 756 -27.75 9.01 21.49
CA ALA B 756 -28.18 9.23 20.11
C ALA B 756 -27.64 8.18 19.15
N THR B 757 -26.51 7.54 19.49
CA THR B 757 -25.85 6.51 18.68
C THR B 757 -25.92 6.79 17.19
N THR B 758 -25.56 8.01 16.81
CA THR B 758 -25.44 8.39 15.41
C THR B 758 -23.98 8.26 14.98
N GLY B 759 -23.66 8.70 13.76
CA GLY B 759 -22.32 8.62 13.25
C GLY B 759 -21.94 9.86 12.46
N TYR B 760 -20.63 10.02 12.26
CA TYR B 760 -20.10 11.12 11.47
C TYR B 760 -20.17 10.77 9.99
N GLY B 761 -20.62 11.72 9.18
CA GLY B 761 -20.74 11.50 7.75
C GLY B 761 -20.02 12.58 6.97
N ILE B 762 -19.77 12.27 5.70
CA ILE B 762 -19.18 13.21 4.76
C ILE B 762 -20.34 13.89 4.04
N ALA B 763 -20.64 15.12 4.43
CA ALA B 763 -21.77 15.83 3.85
C ALA B 763 -21.54 16.06 2.35
N LEU B 764 -22.64 16.04 1.60
CA LEU B 764 -22.61 16.30 0.17
C LEU B 764 -23.87 17.06 -0.22
N GLN B 765 -23.80 17.78 -1.34
CA GLN B 765 -24.97 18.46 -1.86
C GLN B 765 -26.04 17.46 -2.28
N LYS B 766 -27.29 17.90 -2.27
CA LYS B 766 -28.39 17.03 -2.63
C LYS B 766 -28.22 16.51 -4.05
N GLY B 767 -28.34 15.19 -4.21
CA GLY B 767 -28.19 14.58 -5.52
C GLY B 767 -26.80 14.66 -6.09
N SER B 768 -25.78 14.83 -5.25
CA SER B 768 -24.42 14.90 -5.75
C SER B 768 -23.99 13.56 -6.35
N PRO B 769 -23.25 13.57 -7.46
CA PRO B 769 -22.83 12.30 -8.07
C PRO B 769 -21.77 11.57 -7.27
N TRP B 770 -21.15 12.21 -6.27
CA TRP B 770 -20.08 11.59 -5.51
C TRP B 770 -20.58 10.73 -4.36
N LYS B 771 -21.89 10.70 -4.10
CA LYS B 771 -22.40 9.95 -2.95
C LYS B 771 -22.09 8.46 -3.07
N ARG B 772 -22.35 7.88 -4.24
CA ARG B 772 -22.19 6.43 -4.39
C ARG B 772 -20.72 6.03 -4.26
N GLN B 773 -19.84 6.74 -4.95
CA GLN B 773 -18.41 6.39 -4.89
C GLN B 773 -17.86 6.56 -3.48
N ILE B 774 -18.25 7.64 -2.81
CA ILE B 774 -17.78 7.87 -1.45
C ILE B 774 -18.29 6.77 -0.52
N ASP B 775 -19.57 6.40 -0.64
CA ASP B 775 -20.11 5.37 0.22
C ASP B 775 -19.40 4.04 0.02
N LEU B 776 -19.20 3.65 -1.25
CA LEU B 776 -18.50 2.40 -1.52
C LEU B 776 -17.07 2.44 -1.03
N ALA B 777 -16.37 3.57 -1.21
CA ALA B 777 -15.00 3.68 -0.73
C ALA B 777 -14.93 3.57 0.79
N LEU B 778 -15.86 4.23 1.49
CA LEU B 778 -15.87 4.16 2.94
C LEU B 778 -16.15 2.74 3.42
N LEU B 779 -17.10 2.06 2.79
CA LEU B 779 -17.36 0.67 3.17
C LEU B 779 -16.16 -0.22 2.89
N GLN B 780 -15.45 0.03 1.78
CA GLN B 780 -14.25 -0.73 1.49
C GLN B 780 -13.18 -0.50 2.54
N PHE B 781 -13.02 0.76 2.98
CA PHE B 781 -12.06 1.06 4.04
C PHE B 781 -12.45 0.35 5.34
N VAL B 782 -13.74 0.34 5.66
CA VAL B 782 -14.19 -0.35 6.86
C VAL B 782 -13.89 -1.84 6.78
N GLY B 783 -14.18 -2.45 5.62
CA GLY B 783 -14.00 -3.88 5.47
C GLY B 783 -12.56 -4.33 5.33
N ASP B 784 -11.66 -3.44 4.94
CA ASP B 784 -10.27 -3.78 4.74
C ASP B 784 -9.41 -3.56 5.98
N GLY B 785 -10.01 -3.13 7.08
CA GLY B 785 -9.28 -3.00 8.33
C GLY B 785 -8.46 -1.73 8.48
N GLU B 786 -8.53 -0.81 7.53
CA GLU B 786 -7.79 0.43 7.67
C GLU B 786 -8.44 1.36 8.70
N MET B 787 -9.74 1.22 8.90
CA MET B 787 -10.44 2.09 9.84
C MET B 787 -9.94 1.91 11.27
N GLU B 788 -9.77 0.65 11.70
CA GLU B 788 -9.39 0.41 13.09
C GLU B 788 -7.94 0.81 13.34
N GLU B 789 -7.06 0.58 12.36
CA GLU B 789 -5.68 1.03 12.54
C GLU B 789 -5.61 2.55 12.53
N LEU B 790 -6.42 3.22 11.71
CA LEU B 790 -6.45 4.67 11.73
C LEU B 790 -6.94 5.19 13.07
N GLU B 791 -7.98 4.59 13.62
CA GLU B 791 -8.49 5.09 14.90
C GLU B 791 -7.54 4.78 16.05
N THR B 792 -6.86 3.63 16.03
CA THR B 792 -5.87 3.39 17.07
C THR B 792 -4.60 4.19 16.87
N LEU B 793 -4.40 4.77 15.69
CA LEU B 793 -3.30 5.70 15.49
C LEU B 793 -3.63 7.11 15.98
N TRP B 794 -4.92 7.47 15.96
CA TRP B 794 -5.36 8.81 16.35
C TRP B 794 -6.24 8.82 17.59
N LEU B 795 -7.28 7.99 17.61
CA LEU B 795 -8.30 8.05 18.65
C LEU B 795 -7.95 7.22 19.88
N THR B 796 -6.79 6.59 19.91
CA THR B 796 -6.41 5.82 21.09
C THR B 796 -6.11 6.74 22.26
N GLY B 797 -6.13 6.17 23.47
CA GLY B 797 -5.92 6.95 24.67
C GLY B 797 -5.05 6.20 25.66
N ILE B 798 -4.57 6.95 26.65
CA ILE B 798 -3.70 6.39 27.68
C ILE B 798 -4.50 5.71 28.78
N CYS B 799 -5.54 6.39 29.30
CA CYS B 799 -6.36 5.81 30.34
C CYS B 799 -7.13 4.59 29.85
N HIS B 800 -7.29 4.43 28.53
CA HIS B 800 -7.92 3.23 28.00
C HIS B 800 -7.04 2.01 28.27
N ASN B 801 -7.67 0.89 28.60
CA ASN B 801 -6.99 -0.36 28.90
C ASN B 801 -5.98 -0.18 30.04
N GLU B 802 -6.39 0.54 31.07
CA GLU B 802 -5.55 0.74 32.26
C GLU B 802 -6.21 0.15 33.49
N SER B 808 -1.79 -1.45 46.31
CA SER B 808 -1.03 -0.49 47.09
C SER B 808 -1.93 0.62 47.61
N SER B 809 -2.89 0.25 48.45
CA SER B 809 -3.85 1.20 49.00
C SER B 809 -3.96 1.02 50.51
N GLN B 810 -3.97 2.15 51.22
CA GLN B 810 -4.17 2.11 52.66
C GLN B 810 -5.65 1.89 52.98
N LEU B 811 -5.91 1.52 54.24
CA LEU B 811 -7.27 1.24 54.71
C LEU B 811 -7.71 2.37 55.62
N ASP B 812 -8.83 3.01 55.26
CA ASP B 812 -9.35 4.13 56.02
C ASP B 812 -10.37 3.63 57.04
N ILE B 813 -10.90 4.55 57.86
CA ILE B 813 -11.88 4.19 58.87
C ILE B 813 -13.14 3.65 58.23
N ASP B 814 -13.63 4.32 57.18
CA ASP B 814 -14.84 3.86 56.51
C ASP B 814 -14.61 2.55 55.76
N ASN B 815 -13.37 2.30 55.32
CA ASN B 815 -13.07 1.01 54.70
C ASN B 815 -13.23 -0.12 55.70
N MET B 816 -12.70 0.05 56.91
CA MET B 816 -12.84 -0.91 57.99
C MET B 816 -14.00 -0.55 58.92
N ALA B 817 -15.04 0.08 58.38
CA ALA B 817 -16.18 0.45 59.21
C ALA B 817 -17.00 -0.78 59.64
N GLY B 818 -16.97 -1.85 58.85
CA GLY B 818 -17.73 -3.03 59.19
C GLY B 818 -17.28 -3.69 60.47
N VAL B 819 -15.95 -3.80 60.65
CA VAL B 819 -15.45 -4.45 61.86
C VAL B 819 -15.74 -3.60 63.10
N PHE B 820 -15.64 -2.28 62.98
CA PHE B 820 -15.98 -1.43 64.12
C PHE B 820 -17.47 -1.47 64.43
N TYR B 821 -18.31 -1.53 63.39
CA TYR B 821 -19.75 -1.69 63.61
C TYR B 821 -20.06 -3.01 64.32
N MET B 822 -19.38 -4.09 63.89
CA MET B 822 -19.58 -5.38 64.55
C MET B 822 -19.12 -5.32 66.00
N LEU B 823 -18.00 -4.67 66.27
CA LEU B 823 -17.52 -4.54 67.64
C LEU B 823 -18.50 -3.76 68.51
N ALA B 824 -19.06 -2.66 67.97
CA ALA B 824 -20.03 -1.88 68.72
C ALA B 824 -21.30 -2.69 68.97
N ALA B 825 -21.75 -3.44 67.97
CA ALA B 825 -22.95 -4.27 68.15
C ALA B 825 -22.70 -5.34 69.21
N ALA B 826 -21.51 -5.94 69.21
CA ALA B 826 -21.19 -6.93 70.22
C ALA B 826 -21.10 -6.30 71.62
N MET B 827 -20.59 -5.07 71.69
CA MET B 827 -20.57 -4.36 72.97
C MET B 827 -21.98 -4.14 73.48
N ALA B 828 -22.88 -3.71 72.59
CA ALA B 828 -24.29 -3.54 72.97
C ALA B 828 -24.91 -4.85 73.41
N LEU B 829 -24.61 -5.94 72.70
CA LEU B 829 -25.12 -7.26 73.09
C LEU B 829 -24.60 -7.66 74.46
N SER B 830 -23.33 -7.39 74.74
CA SER B 830 -22.77 -7.69 76.05
C SER B 830 -23.46 -6.88 77.14
N LEU B 831 -23.74 -5.60 76.87
CA LEU B 831 -24.41 -4.77 77.86
C LEU B 831 -25.84 -5.25 78.13
N ILE B 832 -26.58 -5.61 77.08
CA ILE B 832 -27.94 -6.07 77.29
C ILE B 832 -27.95 -7.44 77.98
N THR B 833 -26.97 -8.29 77.68
CA THR B 833 -26.83 -9.55 78.40
C THR B 833 -26.50 -9.31 79.86
N PHE B 834 -25.67 -8.31 80.14
CA PHE B 834 -25.36 -7.92 81.52
C PHE B 834 -26.63 -7.49 82.26
N ILE B 835 -27.46 -6.68 81.61
CA ILE B 835 -28.72 -6.25 82.22
C ILE B 835 -29.64 -7.45 82.46
N TRP B 836 -29.73 -8.34 81.46
CA TRP B 836 -30.59 -9.52 81.60
C TRP B 836 -30.11 -10.42 82.74
N GLU B 837 -28.79 -10.57 82.89
CA GLU B 837 -28.27 -11.42 83.95
C GLU B 837 -28.50 -10.79 85.32
N HIS B 838 -28.39 -9.46 85.43
CA HIS B 838 -28.74 -8.80 86.69
C HIS B 838 -30.22 -8.97 87.02
N LEU B 839 -31.09 -8.89 86.01
CA LEU B 839 -32.50 -9.15 86.26
C LEU B 839 -32.73 -10.60 86.68
N PHE B 840 -32.00 -11.53 86.06
CA PHE B 840 -32.12 -12.94 86.41
C PHE B 840 -31.70 -13.20 87.86
N TYR B 841 -30.58 -12.61 88.28
CA TYR B 841 -30.12 -12.79 89.65
C TYR B 841 -31.10 -12.16 90.65
N TRP B 842 -31.64 -10.99 90.31
CA TRP B 842 -32.61 -10.32 91.18
C TRP B 842 -33.90 -11.13 91.27
N LYS C 25 -18.99 0.33 -71.53
CA LYS C 25 -19.82 1.52 -71.45
C LYS C 25 -21.20 1.17 -70.89
N ILE C 26 -21.80 0.11 -71.44
CA ILE C 26 -23.12 -0.31 -70.99
C ILE C 26 -23.02 -0.92 -69.60
N VAL C 27 -23.91 -0.50 -68.70
CA VAL C 27 -23.96 -1.00 -67.33
C VAL C 27 -25.34 -1.58 -67.11
N ASN C 28 -25.41 -2.83 -66.67
CA ASN C 28 -26.67 -3.52 -66.46
C ASN C 28 -27.09 -3.44 -65.01
N ILE C 29 -28.37 -3.16 -64.78
CA ILE C 29 -28.97 -3.15 -63.45
C ILE C 29 -30.10 -4.17 -63.42
N GLY C 30 -30.07 -5.05 -62.43
CA GLY C 30 -31.04 -6.13 -62.33
C GLY C 30 -32.12 -5.86 -61.31
N ALA C 31 -33.29 -6.44 -61.56
CA ALA C 31 -34.44 -6.22 -60.69
C ALA C 31 -35.30 -7.47 -60.62
N VAL C 32 -35.80 -7.77 -59.44
CA VAL C 32 -36.74 -8.87 -59.21
C VAL C 32 -37.98 -8.24 -58.59
N LEU C 33 -39.04 -8.10 -59.38
CA LEU C 33 -40.24 -7.40 -58.95
C LEU C 33 -41.47 -8.31 -58.97
N SER C 34 -42.60 -7.72 -58.58
CA SER C 34 -43.80 -8.49 -58.32
C SER C 34 -44.71 -8.56 -59.55
N THR C 35 -45.08 -7.41 -60.11
CA THR C 35 -46.07 -7.34 -61.17
C THR C 35 -45.46 -6.69 -62.41
N ARG C 36 -46.04 -7.02 -63.57
CA ARG C 36 -45.47 -6.59 -64.83
C ARG C 36 -45.37 -5.08 -64.93
N LYS C 37 -46.42 -4.37 -64.49
CA LYS C 37 -46.36 -2.91 -64.49
C LYS C 37 -45.24 -2.40 -63.60
N HIS C 38 -44.87 -3.14 -62.55
CA HIS C 38 -43.75 -2.73 -61.73
C HIS C 38 -42.45 -2.74 -62.51
N GLU C 39 -42.19 -3.80 -63.28
CA GLU C 39 -40.98 -3.81 -64.09
C GLU C 39 -41.04 -2.76 -65.19
N GLN C 40 -42.23 -2.52 -65.74
CA GLN C 40 -42.36 -1.48 -66.77
C GLN C 40 -42.01 -0.12 -66.21
N MET C 41 -42.52 0.22 -65.02
CA MET C 41 -42.21 1.52 -64.44
C MET C 41 -40.77 1.58 -63.97
N PHE C 42 -40.20 0.44 -63.54
CA PHE C 42 -38.78 0.40 -63.22
C PHE C 42 -37.94 0.72 -64.45
N ARG C 43 -38.32 0.16 -65.60
CA ARG C 43 -37.61 0.44 -66.84
C ARG C 43 -37.72 1.91 -67.22
N GLU C 44 -38.92 2.48 -67.11
CA GLU C 44 -39.06 3.89 -67.50
C GLU C 44 -38.32 4.80 -66.51
N ALA C 45 -38.27 4.41 -65.24
CA ALA C 45 -37.49 5.17 -64.27
C ALA C 45 -36.00 5.09 -64.58
N VAL C 46 -35.52 3.91 -65.00
CA VAL C 46 -34.13 3.77 -65.42
C VAL C 46 -33.86 4.68 -66.61
N ASN C 47 -34.78 4.72 -67.56
CA ASN C 47 -34.62 5.60 -68.72
C ASN C 47 -34.58 7.07 -68.29
N GLN C 48 -35.45 7.46 -67.36
CA GLN C 48 -35.46 8.83 -66.88
C GLN C 48 -34.14 9.19 -66.19
N ALA C 49 -33.62 8.26 -65.37
CA ALA C 49 -32.34 8.50 -64.72
C ALA C 49 -31.22 8.61 -65.74
N ASN C 50 -31.26 7.76 -66.78
CA ASN C 50 -30.24 7.84 -67.82
C ASN C 50 -30.28 9.17 -68.56
N LYS C 51 -31.49 9.65 -68.86
CA LYS C 51 -31.61 10.97 -69.51
C LYS C 51 -31.13 12.08 -68.59
N ARG C 52 -31.42 11.96 -67.29
CA ARG C 52 -31.01 12.99 -66.33
C ARG C 52 -29.49 13.06 -66.23
N HIS C 53 -28.83 11.91 -66.03
CA HIS C 53 -27.39 11.89 -65.90
C HIS C 53 -26.69 12.01 -67.25
N GLY C 54 -27.27 11.45 -68.30
CA GLY C 54 -26.64 11.49 -69.62
C GLY C 54 -26.11 10.13 -70.04
N SER C 55 -26.62 9.62 -71.16
CA SER C 55 -26.23 8.30 -71.66
C SER C 55 -25.07 8.34 -72.62
N TRP C 56 -24.46 9.51 -72.84
CA TRP C 56 -23.36 9.61 -73.79
C TRP C 56 -22.15 8.80 -73.33
N LYS C 57 -21.86 8.81 -72.02
CA LYS C 57 -20.71 8.08 -71.50
C LYS C 57 -21.07 6.65 -71.14
N ILE C 58 -22.15 6.46 -70.41
CA ILE C 58 -22.57 5.14 -69.94
C ILE C 58 -24.07 5.01 -70.12
N GLN C 59 -24.51 3.85 -70.61
CA GLN C 59 -25.92 3.57 -70.84
C GLN C 59 -26.39 2.51 -69.85
N LEU C 60 -27.44 2.83 -69.10
CA LEU C 60 -27.94 1.96 -68.05
C LEU C 60 -29.04 1.06 -68.62
N ASN C 61 -28.70 -0.20 -68.87
CA ASN C 61 -29.66 -1.19 -69.36
C ASN C 61 -30.28 -1.92 -68.18
N ALA C 62 -31.60 -1.94 -68.13
CA ALA C 62 -32.33 -2.51 -67.01
C ALA C 62 -32.91 -3.86 -67.39
N THR C 63 -32.58 -4.89 -66.62
CA THR C 63 -33.15 -6.22 -66.78
C THR C 63 -33.91 -6.60 -65.52
N SER C 64 -34.97 -7.37 -65.69
CA SER C 64 -35.87 -7.65 -64.59
C SER C 64 -36.54 -9.01 -64.77
N VAL C 65 -37.07 -9.51 -63.65
CA VAL C 65 -37.75 -10.80 -63.63
C VAL C 65 -38.80 -10.77 -62.52
N THR C 66 -39.86 -11.56 -62.70
CA THR C 66 -40.92 -11.67 -61.71
C THR C 66 -40.57 -12.72 -60.66
N HIS C 67 -41.30 -12.68 -59.55
CA HIS C 67 -41.09 -13.63 -58.47
C HIS C 67 -41.67 -15.00 -58.84
N LYS C 68 -41.24 -16.01 -58.09
CA LYS C 68 -41.73 -17.37 -58.23
C LYS C 68 -42.02 -17.96 -56.86
N PRO C 69 -42.99 -18.88 -56.76
CA PRO C 69 -43.36 -19.41 -55.45
C PRO C 69 -42.24 -20.16 -54.75
N ASN C 70 -41.32 -20.78 -55.49
CA ASN C 70 -40.26 -21.58 -54.91
C ASN C 70 -38.98 -20.75 -54.78
N ALA C 71 -38.37 -20.82 -53.59
CA ALA C 71 -37.13 -20.08 -53.35
C ALA C 71 -36.00 -20.59 -54.23
N ILE C 72 -35.92 -21.91 -54.41
CA ILE C 72 -34.89 -22.48 -55.28
C ILE C 72 -35.07 -22.00 -56.71
N GLN C 73 -36.32 -21.74 -57.11
CA GLN C 73 -36.56 -21.17 -58.43
C GLN C 73 -35.93 -19.78 -58.55
N MET C 74 -36.05 -18.96 -57.50
CA MET C 74 -35.33 -17.69 -57.47
C MET C 74 -33.83 -17.89 -57.52
N ALA C 75 -33.32 -18.89 -56.78
CA ALA C 75 -31.88 -19.13 -56.77
C ALA C 75 -31.36 -19.47 -58.17
N LEU C 76 -32.10 -20.30 -58.91
CA LEU C 76 -31.67 -20.63 -60.27
C LEU C 76 -31.90 -19.46 -61.22
N SER C 77 -33.01 -18.73 -61.04
CA SER C 77 -33.35 -17.65 -61.98
C SER C 77 -32.38 -16.49 -61.89
N VAL C 78 -31.94 -16.13 -60.68
CA VAL C 78 -30.99 -15.03 -60.57
C VAL C 78 -29.66 -15.39 -61.22
N CYS C 79 -29.27 -16.66 -61.12
CA CYS C 79 -28.05 -17.09 -61.79
C CYS C 79 -28.21 -17.10 -63.31
N GLU C 80 -29.33 -17.63 -63.80
CA GLU C 80 -29.49 -17.82 -65.24
C GLU C 80 -29.77 -16.51 -65.97
N ASP C 81 -30.48 -15.59 -65.34
CA ASP C 81 -30.90 -14.36 -65.99
C ASP C 81 -30.19 -13.13 -65.44
N LEU C 82 -30.07 -13.01 -64.13
CA LEU C 82 -29.52 -11.80 -63.54
C LEU C 82 -27.99 -11.82 -63.55
N ILE C 83 -27.40 -12.87 -62.98
CA ILE C 83 -25.95 -12.96 -62.94
C ILE C 83 -25.37 -13.07 -64.35
N SER C 84 -26.03 -13.84 -65.21
CA SER C 84 -25.58 -13.98 -66.59
C SER C 84 -25.70 -12.68 -67.38
N SER C 85 -26.43 -11.70 -66.87
CA SER C 85 -26.62 -10.43 -67.56
C SER C 85 -25.58 -9.40 -67.16
N GLN C 86 -24.60 -9.75 -66.34
CA GLN C 86 -23.53 -8.86 -65.91
C GLN C 86 -24.11 -7.62 -65.21
N VAL C 87 -24.95 -7.89 -64.21
CA VAL C 87 -25.62 -6.83 -63.47
C VAL C 87 -24.66 -6.25 -62.44
N TYR C 88 -24.91 -5.00 -62.07
CA TYR C 88 -24.14 -4.33 -61.03
C TYR C 88 -24.83 -4.33 -59.67
N ALA C 89 -26.16 -4.27 -59.66
CA ALA C 89 -26.92 -4.34 -58.42
C ALA C 89 -28.29 -4.91 -58.73
N ILE C 90 -28.88 -5.57 -57.74
CA ILE C 90 -30.17 -6.22 -57.89
C ILE C 90 -31.16 -5.58 -56.92
N LEU C 91 -32.27 -5.08 -57.45
CA LEU C 91 -33.32 -4.47 -56.64
C LEU C 91 -34.41 -5.51 -56.39
N VAL C 92 -34.63 -5.84 -55.12
CA VAL C 92 -35.55 -6.91 -54.74
C VAL C 92 -36.70 -6.33 -53.94
N SER C 93 -37.89 -6.92 -54.09
CA SER C 93 -39.08 -6.48 -53.37
C SER C 93 -39.93 -7.69 -53.03
N HIS C 94 -40.93 -7.45 -52.18
CA HIS C 94 -41.83 -8.50 -51.73
C HIS C 94 -42.86 -8.86 -52.80
N PRO C 95 -43.33 -10.11 -52.81
CA PRO C 95 -44.31 -10.52 -53.82
C PRO C 95 -45.68 -9.96 -53.53
N PRO C 96 -46.59 -9.96 -54.52
CA PRO C 96 -47.94 -9.46 -54.26
C PRO C 96 -48.69 -10.26 -53.21
N THR C 97 -48.42 -11.56 -53.11
CA THR C 97 -49.07 -12.38 -52.10
C THR C 97 -48.67 -11.88 -50.71
N PRO C 98 -49.62 -11.76 -49.78
CA PRO C 98 -49.30 -11.20 -48.46
C PRO C 98 -48.28 -12.00 -47.66
N ASN C 99 -47.84 -13.17 -48.15
CA ASN C 99 -46.81 -13.92 -47.45
C ASN C 99 -45.52 -13.10 -47.39
N ASP C 100 -44.92 -13.05 -46.20
CA ASP C 100 -43.72 -12.25 -45.95
C ASP C 100 -42.69 -13.07 -45.20
N HIS C 101 -42.60 -14.37 -45.53
CA HIS C 101 -41.71 -15.28 -44.83
C HIS C 101 -40.36 -15.33 -45.57
N PHE C 102 -39.59 -14.25 -45.39
CA PHE C 102 -38.21 -14.18 -45.88
C PHE C 102 -38.13 -14.41 -47.38
N THR C 103 -39.00 -13.74 -48.14
CA THR C 103 -39.00 -13.91 -49.59
C THR C 103 -37.69 -13.45 -50.24
N PRO C 104 -37.12 -12.30 -49.92
CA PRO C 104 -35.88 -11.88 -50.58
C PRO C 104 -34.62 -12.56 -50.08
N THR C 105 -34.75 -13.58 -49.22
CA THR C 105 -33.56 -14.25 -48.70
C THR C 105 -32.71 -14.91 -49.78
N PRO C 106 -33.26 -15.67 -50.73
CA PRO C 106 -32.38 -16.35 -51.70
C PRO C 106 -31.51 -15.41 -52.51
N VAL C 107 -32.09 -14.36 -53.08
CA VAL C 107 -31.33 -13.43 -53.91
C VAL C 107 -30.17 -12.85 -53.11
N SER C 108 -30.46 -12.35 -51.90
CA SER C 108 -29.42 -11.75 -51.07
C SER C 108 -28.29 -12.73 -50.80
N TYR C 109 -28.57 -14.03 -50.84
CA TYR C 109 -27.48 -15.01 -50.73
C TYR C 109 -26.72 -15.12 -52.04
N THR C 110 -27.43 -15.35 -53.14
CA THR C 110 -26.74 -15.64 -54.40
C THR C 110 -25.92 -14.44 -54.86
N ALA C 111 -26.54 -13.27 -54.94
CA ALA C 111 -25.78 -12.06 -55.23
C ALA C 111 -24.79 -11.73 -54.13
N GLY C 112 -25.01 -12.25 -52.92
CA GLY C 112 -24.03 -12.10 -51.87
C GLY C 112 -22.78 -12.93 -52.10
N PHE C 113 -22.87 -13.95 -52.95
CA PHE C 113 -21.69 -14.77 -53.25
C PHE C 113 -20.61 -13.93 -53.91
N TYR C 114 -21.00 -13.07 -54.85
CA TYR C 114 -20.07 -12.23 -55.59
C TYR C 114 -19.97 -10.82 -55.02
N ARG C 115 -20.51 -10.60 -53.82
CA ARG C 115 -20.53 -9.29 -53.17
C ARG C 115 -21.25 -8.24 -54.02
N ILE C 116 -22.19 -8.69 -54.84
CA ILE C 116 -23.02 -7.79 -55.65
C ILE C 116 -24.00 -7.10 -54.72
N PRO C 117 -24.00 -5.78 -54.64
CA PRO C 117 -24.94 -5.10 -53.74
C PRO C 117 -26.38 -5.39 -54.11
N VAL C 118 -27.22 -5.56 -53.10
CA VAL C 118 -28.64 -5.82 -53.27
C VAL C 118 -29.42 -4.73 -52.56
N LEU C 119 -30.36 -4.11 -53.27
CA LEU C 119 -31.18 -3.05 -52.72
C LEU C 119 -32.55 -3.62 -52.36
N GLY C 120 -32.86 -3.64 -51.07
CA GLY C 120 -34.16 -4.06 -50.60
C GLY C 120 -35.16 -2.93 -50.71
N LEU C 121 -36.26 -3.17 -51.41
CA LEU C 121 -37.24 -2.13 -51.63
C LEU C 121 -38.20 -2.00 -50.44
N THR C 122 -38.91 -3.08 -50.12
CA THR C 122 -39.95 -3.04 -49.09
C THR C 122 -39.76 -4.14 -48.05
N THR C 123 -38.53 -4.60 -47.86
CA THR C 123 -38.24 -5.67 -46.90
C THR C 123 -37.86 -5.04 -45.57
N ARG C 124 -38.78 -5.10 -44.60
CA ARG C 124 -38.57 -4.53 -43.28
C ARG C 124 -38.07 -5.55 -42.26
N MET C 125 -37.81 -6.79 -42.70
CA MET C 125 -37.30 -7.81 -41.80
C MET C 125 -35.88 -7.45 -41.37
N SER C 126 -35.58 -7.65 -40.08
CA SER C 126 -34.34 -7.18 -39.49
C SER C 126 -33.19 -8.19 -39.57
N ILE C 127 -33.46 -9.44 -39.94
CA ILE C 127 -32.39 -10.42 -40.01
C ILE C 127 -31.36 -10.01 -41.05
N TYR C 128 -31.79 -9.31 -42.10
CA TYR C 128 -30.88 -8.84 -43.12
C TYR C 128 -30.00 -7.69 -42.64
N SER C 129 -30.32 -7.08 -41.51
CA SER C 129 -29.49 -6.00 -40.98
C SER C 129 -28.12 -6.50 -40.56
N ASP C 130 -28.01 -7.78 -40.22
CA ASP C 130 -26.73 -8.38 -39.84
C ASP C 130 -25.91 -8.60 -41.10
N LYS C 131 -24.87 -7.77 -41.29
CA LYS C 131 -24.02 -7.92 -42.46
C LYS C 131 -23.16 -9.18 -42.41
N SER C 132 -23.07 -9.84 -41.26
CA SER C 132 -22.33 -11.09 -41.18
C SER C 132 -22.97 -12.18 -42.02
N ILE C 133 -24.29 -12.26 -42.03
CA ILE C 133 -25.00 -13.25 -42.83
C ILE C 133 -25.05 -12.79 -44.27
N HIS C 134 -25.67 -11.65 -44.51
CA HIS C 134 -25.76 -11.06 -45.85
C HIS C 134 -24.63 -10.07 -46.01
N LEU C 135 -23.63 -10.44 -46.82
CA LEU C 135 -22.43 -9.61 -46.94
C LEU C 135 -22.75 -8.26 -47.57
N SER C 136 -23.60 -8.24 -48.59
CA SER C 136 -23.94 -7.01 -49.31
C SER C 136 -25.45 -6.96 -49.49
N PHE C 137 -26.13 -6.25 -48.59
CA PHE C 137 -27.58 -6.10 -48.68
C PHE C 137 -27.94 -4.71 -48.17
N LEU C 138 -28.27 -3.82 -49.09
CA LEU C 138 -28.78 -2.49 -48.77
C LEU C 138 -30.29 -2.49 -48.87
N ARG C 139 -30.92 -1.51 -48.21
CA ARG C 139 -32.36 -1.38 -48.30
C ARG C 139 -32.76 0.07 -48.04
N THR C 140 -33.88 0.47 -48.62
CA THR C 140 -34.35 1.85 -48.54
C THR C 140 -35.42 2.05 -47.47
N VAL C 141 -35.73 1.02 -46.69
CA VAL C 141 -36.71 1.14 -45.61
C VAL C 141 -36.06 0.70 -44.30
N PRO C 142 -36.23 1.45 -43.21
CA PRO C 142 -35.68 0.99 -41.93
C PRO C 142 -36.36 -0.29 -41.48
N PRO C 143 -35.64 -1.20 -40.86
CA PRO C 143 -36.24 -2.44 -40.38
C PRO C 143 -37.08 -2.19 -39.13
N TYR C 144 -37.80 -3.24 -38.72
CA TYR C 144 -38.67 -3.14 -37.56
C TYR C 144 -37.90 -2.81 -36.29
N SER C 145 -36.67 -3.28 -36.15
CA SER C 145 -35.90 -3.03 -34.93
C SER C 145 -35.68 -1.53 -34.74
N HIS C 146 -35.42 -0.80 -35.82
CA HIS C 146 -35.22 0.64 -35.73
C HIS C 146 -36.45 1.34 -35.16
N GLN C 147 -37.63 0.71 -35.25
CA GLN C 147 -38.82 1.29 -34.62
C GLN C 147 -38.59 1.59 -33.16
N SER C 148 -37.76 0.79 -32.49
CA SER C 148 -37.48 1.01 -31.08
C SER C 148 -36.99 2.44 -30.83
N SER C 149 -36.20 2.97 -31.76
CA SER C 149 -35.70 4.33 -31.61
C SER C 149 -36.85 5.31 -31.38
N VAL C 150 -37.92 5.18 -32.15
CA VAL C 150 -39.07 6.06 -32.00
C VAL C 150 -39.60 5.97 -30.59
N TRP C 151 -39.73 4.75 -30.06
CA TRP C 151 -40.22 4.59 -28.69
C TRP C 151 -39.31 5.32 -27.72
N PHE C 152 -38.00 5.27 -27.94
CA PHE C 152 -37.08 5.98 -27.07
C PHE C 152 -37.39 7.47 -27.09
N GLU C 153 -37.72 8.01 -28.26
CA GLU C 153 -38.09 9.43 -28.33
C GLU C 153 -39.30 9.72 -27.47
N MET C 154 -40.26 8.79 -27.43
CA MET C 154 -41.42 8.98 -26.56
C MET C 154 -40.99 9.08 -25.11
N MET C 155 -39.98 8.33 -24.70
CA MET C 155 -39.46 8.46 -23.35
C MET C 155 -39.05 9.88 -23.04
N ARG C 156 -38.51 10.59 -24.03
CA ARG C 156 -38.07 11.96 -23.83
C ARG C 156 -39.22 12.95 -23.87
N VAL C 157 -40.39 12.55 -24.34
CA VAL C 157 -41.52 13.46 -24.50
C VAL C 157 -42.51 13.34 -23.35
N TYR C 158 -42.97 12.12 -23.07
CA TYR C 158 -43.98 11.90 -22.04
C TYR C 158 -43.38 11.53 -20.70
N ASN C 159 -42.06 11.50 -20.58
CA ASN C 159 -41.36 11.22 -19.32
C ASN C 159 -41.78 9.88 -18.74
N TRP C 160 -41.50 8.82 -19.50
CA TRP C 160 -41.75 7.45 -19.07
C TRP C 160 -40.42 6.77 -18.83
N ASN C 161 -40.22 6.26 -17.62
CA ASN C 161 -38.95 5.68 -17.23
C ASN C 161 -39.02 4.17 -17.01
N HIS C 162 -40.14 3.65 -16.54
CA HIS C 162 -40.28 2.23 -16.22
C HIS C 162 -41.23 1.59 -17.22
N ILE C 163 -40.74 0.58 -17.95
CA ILE C 163 -41.49 -0.05 -19.03
C ILE C 163 -41.34 -1.56 -18.95
N ILE C 164 -42.22 -2.26 -19.67
CA ILE C 164 -42.19 -3.70 -19.80
C ILE C 164 -42.04 -4.04 -21.27
N LEU C 165 -41.10 -4.92 -21.60
CA LEU C 165 -40.88 -5.35 -22.96
C LEU C 165 -41.54 -6.71 -23.20
N LEU C 166 -42.18 -6.86 -24.36
CA LEU C 166 -42.85 -8.10 -24.71
C LEU C 166 -42.32 -8.66 -26.02
N VAL C 167 -40.99 -8.66 -26.18
CA VAL C 167 -40.42 -9.14 -27.43
C VAL C 167 -40.55 -10.66 -27.51
N SER C 168 -40.36 -11.18 -28.72
CA SER C 168 -40.47 -12.61 -28.97
C SER C 168 -39.09 -13.26 -28.91
N ASP C 169 -39.08 -14.58 -29.06
CA ASP C 169 -37.84 -15.36 -29.04
C ASP C 169 -37.20 -15.50 -30.42
N ASP C 170 -37.83 -14.98 -31.46
CA ASP C 170 -37.25 -15.02 -32.79
C ASP C 170 -36.18 -13.94 -32.90
N HIS C 171 -35.65 -13.73 -34.11
CA HIS C 171 -34.58 -12.76 -34.28
C HIS C 171 -35.08 -11.33 -34.13
N GLU C 172 -36.31 -11.05 -34.56
CA GLU C 172 -36.83 -9.69 -34.46
C GLU C 172 -36.94 -9.24 -33.02
N GLY C 173 -37.49 -10.09 -32.15
CA GLY C 173 -37.60 -9.72 -30.76
C GLY C 173 -36.26 -9.48 -30.10
N ARG C 174 -35.30 -10.37 -30.35
CA ARG C 174 -33.98 -10.21 -29.77
C ARG C 174 -33.31 -8.93 -30.27
N ALA C 175 -33.41 -8.65 -31.57
CA ALA C 175 -32.79 -7.45 -32.12
C ALA C 175 -33.45 -6.19 -31.57
N ALA C 176 -34.78 -6.17 -31.49
CA ALA C 176 -35.46 -5.00 -30.95
C ALA C 176 -35.10 -4.77 -29.49
N GLN C 177 -35.07 -5.85 -28.69
CA GLN C 177 -34.70 -5.72 -27.29
C GLN C 177 -33.27 -5.21 -27.16
N LYS C 178 -32.35 -5.73 -27.98
CA LYS C 178 -30.97 -5.28 -27.90
C LYS C 178 -30.84 -3.81 -28.26
N ARG C 179 -31.53 -3.38 -29.31
CA ARG C 179 -31.45 -1.97 -29.71
C ARG C 179 -32.05 -1.06 -28.64
N LEU C 180 -33.19 -1.46 -28.07
CA LEU C 180 -33.80 -0.65 -27.03
C LEU C 180 -32.89 -0.56 -25.80
N GLU C 181 -32.29 -1.68 -25.41
CA GLU C 181 -31.38 -1.67 -24.27
C GLU C 181 -30.16 -0.79 -24.56
N THR C 182 -29.63 -0.88 -25.77
CA THR C 182 -28.48 -0.04 -26.12
C THR C 182 -28.85 1.44 -26.06
N LEU C 183 -30.02 1.81 -26.56
CA LEU C 183 -30.45 3.20 -26.48
C LEU C 183 -30.64 3.63 -25.03
N LEU C 184 -31.22 2.78 -24.20
CA LEU C 184 -31.40 3.11 -22.79
C LEU C 184 -30.08 3.12 -22.02
N GLU C 185 -29.02 2.55 -22.57
CA GLU C 185 -27.72 2.58 -21.89
C GLU C 185 -27.22 4.01 -21.73
N GLU C 186 -27.37 4.83 -22.78
CA GLU C 186 -26.91 6.22 -22.70
C GLU C 186 -27.68 7.02 -21.66
N ARG C 187 -28.91 6.61 -21.35
CA ARG C 187 -29.71 7.25 -20.30
C ARG C 187 -29.39 6.70 -18.91
N GLU C 188 -28.49 5.71 -18.82
CA GLU C 188 -28.19 5.03 -17.57
C GLU C 188 -29.45 4.45 -16.93
N SER C 189 -30.32 3.90 -17.77
CA SER C 189 -31.57 3.30 -17.32
C SER C 189 -31.76 1.98 -18.04
N LYS C 190 -32.54 1.10 -17.42
CA LYS C 190 -32.86 -0.19 -17.99
C LYS C 190 -34.35 -0.45 -17.88
N ALA C 191 -34.88 -1.27 -18.78
CA ALA C 191 -36.27 -1.65 -18.73
C ALA C 191 -36.54 -2.47 -17.49
N GLU C 192 -37.77 -2.36 -16.97
CA GLU C 192 -38.12 -3.07 -15.75
C GLU C 192 -37.99 -4.58 -15.94
N LYS C 193 -38.59 -5.11 -16.99
CA LYS C 193 -38.47 -6.52 -17.33
C LYS C 193 -38.48 -6.67 -18.84
N VAL C 194 -37.93 -7.79 -19.30
CA VAL C 194 -37.92 -8.14 -20.73
C VAL C 194 -38.53 -9.53 -20.84
N LEU C 195 -39.84 -9.59 -21.01
CA LEU C 195 -40.53 -10.87 -21.11
C LEU C 195 -40.43 -11.41 -22.52
N GLN C 196 -40.08 -12.69 -22.64
CA GLN C 196 -39.85 -13.31 -23.92
C GLN C 196 -40.74 -14.55 -24.04
N PHE C 197 -41.35 -14.71 -25.21
CA PHE C 197 -42.24 -15.84 -25.48
C PHE C 197 -41.92 -16.42 -26.85
N ASP C 198 -42.10 -17.74 -26.97
CA ASP C 198 -41.87 -18.40 -28.24
C ASP C 198 -42.89 -17.97 -29.27
N PRO C 199 -42.51 -17.90 -30.54
CA PRO C 199 -43.47 -17.53 -31.58
C PRO C 199 -44.58 -18.56 -31.71
N GLY C 200 -45.78 -18.08 -32.02
CA GLY C 200 -46.91 -18.96 -32.23
C GLY C 200 -47.32 -19.76 -31.02
N THR C 201 -47.41 -19.12 -29.85
CA THR C 201 -47.84 -19.77 -28.63
C THR C 201 -49.27 -19.37 -28.30
N LYS C 202 -50.12 -20.38 -28.07
CA LYS C 202 -51.53 -20.11 -27.82
C LYS C 202 -51.74 -19.44 -26.47
N ASN C 203 -51.02 -19.88 -25.45
CA ASN C 203 -51.19 -19.37 -24.09
C ASN C 203 -50.02 -18.46 -23.73
N VAL C 204 -50.34 -17.22 -23.35
CA VAL C 204 -49.33 -16.25 -22.96
C VAL C 204 -49.77 -15.62 -21.65
N THR C 205 -50.74 -16.26 -20.98
CA THR C 205 -51.31 -15.69 -19.76
C THR C 205 -50.27 -15.58 -18.65
N ALA C 206 -49.30 -16.50 -18.60
CA ALA C 206 -48.32 -16.47 -17.53
C ALA C 206 -47.47 -15.20 -17.59
N LEU C 207 -47.05 -14.80 -18.79
CA LEU C 207 -46.22 -13.60 -18.91
C LEU C 207 -46.98 -12.35 -18.48
N LEU C 208 -48.24 -12.23 -18.91
CA LEU C 208 -49.03 -11.07 -18.51
C LEU C 208 -49.30 -11.08 -17.01
N MET C 209 -49.53 -12.26 -16.43
CA MET C 209 -49.71 -12.35 -15.00
C MET C 209 -48.46 -11.90 -14.26
N GLU C 210 -47.28 -12.30 -14.76
CA GLU C 210 -46.04 -11.87 -14.12
C GLU C 210 -45.81 -10.37 -14.31
N ALA C 211 -46.28 -9.81 -15.43
CA ALA C 211 -46.11 -8.39 -15.67
C ALA C 211 -47.08 -7.55 -14.86
N ARG C 212 -48.23 -8.12 -14.49
CA ARG C 212 -49.26 -7.36 -13.78
C ARG C 212 -48.76 -6.86 -12.44
N GLU C 213 -48.05 -7.71 -11.69
CA GLU C 213 -47.58 -7.33 -10.37
C GLU C 213 -46.49 -6.26 -10.42
N LEU C 214 -45.85 -6.05 -11.56
CA LEU C 214 -44.83 -5.03 -11.66
C LEU C 214 -45.44 -3.63 -11.58
N GLU C 215 -44.68 -2.72 -10.97
CA GLU C 215 -45.16 -1.36 -10.75
C GLU C 215 -45.24 -0.54 -12.03
N ALA C 216 -44.42 -0.86 -13.04
CA ALA C 216 -44.44 -0.11 -14.29
C ALA C 216 -45.72 -0.41 -15.07
N ARG C 217 -46.22 0.61 -15.77
CA ARG C 217 -47.48 0.50 -16.49
C ARG C 217 -47.35 0.77 -17.99
N VAL C 218 -46.13 0.89 -18.50
CA VAL C 218 -45.90 1.16 -19.92
C VAL C 218 -45.48 -0.15 -20.59
N ILE C 219 -46.28 -0.62 -21.53
CA ILE C 219 -46.05 -1.89 -22.21
C ILE C 219 -45.60 -1.61 -23.63
N ILE C 220 -44.47 -2.20 -24.02
CA ILE C 220 -43.95 -2.10 -25.38
C ILE C 220 -43.92 -3.50 -25.96
N LEU C 221 -44.54 -3.67 -27.12
CA LEU C 221 -44.71 -4.98 -27.74
C LEU C 221 -44.13 -4.96 -29.15
N SER C 222 -43.53 -6.08 -29.54
CA SER C 222 -43.00 -6.24 -30.89
C SER C 222 -42.95 -7.73 -31.20
N ALA C 223 -43.83 -8.19 -32.08
CA ALA C 223 -43.92 -9.61 -32.42
C ALA C 223 -44.60 -9.74 -33.77
N SER C 224 -45.00 -10.97 -34.11
CA SER C 224 -45.76 -11.20 -35.33
C SER C 224 -47.23 -10.84 -35.12
N GLU C 225 -47.97 -10.82 -36.22
CA GLU C 225 -49.38 -10.42 -36.16
C GLU C 225 -50.19 -11.39 -35.31
N ASP C 226 -49.99 -12.70 -35.49
CA ASP C 226 -50.75 -13.68 -34.73
C ASP C 226 -50.41 -13.61 -33.24
N ASP C 227 -49.12 -13.49 -32.92
CA ASP C 227 -48.73 -13.37 -31.52
C ASP C 227 -49.26 -12.08 -30.92
N ALA C 228 -49.24 -10.98 -31.69
CA ALA C 228 -49.79 -9.73 -31.19
C ALA C 228 -51.28 -9.86 -30.90
N ALA C 229 -52.02 -10.53 -31.80
CA ALA C 229 -53.44 -10.73 -31.56
C ALA C 229 -53.68 -11.59 -30.32
N THR C 230 -52.88 -12.64 -30.15
CA THR C 230 -53.02 -13.49 -28.98
C THR C 230 -52.75 -12.71 -27.70
N VAL C 231 -51.71 -11.88 -27.69
CA VAL C 231 -51.39 -11.10 -26.50
C VAL C 231 -52.48 -10.07 -26.23
N TYR C 232 -53.01 -9.45 -27.29
CA TYR C 232 -54.11 -8.50 -27.11
C TYR C 232 -55.32 -9.17 -26.49
N ARG C 233 -55.68 -10.36 -26.99
CA ARG C 233 -56.82 -11.09 -26.43
C ARG C 233 -56.58 -11.45 -24.97
N ALA C 234 -55.38 -11.92 -24.65
CA ALA C 234 -55.07 -12.27 -23.27
C ALA C 234 -55.13 -11.05 -22.36
N ALA C 235 -54.62 -9.91 -22.84
CA ALA C 235 -54.66 -8.70 -22.04
C ALA C 235 -56.08 -8.22 -21.82
N ALA C 236 -56.92 -8.29 -22.85
CA ALA C 236 -58.32 -7.92 -22.70
C ALA C 236 -59.02 -8.84 -21.71
N MET C 237 -58.71 -10.13 -21.76
CA MET C 237 -59.28 -11.09 -20.82
C MET C 237 -58.78 -10.89 -19.39
N LEU C 238 -57.58 -10.36 -19.21
CA LEU C 238 -56.99 -10.19 -17.89
C LEU C 238 -57.16 -8.78 -17.32
N ASN C 239 -58.06 -7.98 -17.89
CA ASN C 239 -58.29 -6.61 -17.44
C ASN C 239 -57.00 -5.79 -17.48
N MET C 240 -56.18 -6.05 -18.49
CA MET C 240 -54.89 -5.40 -18.63
C MET C 240 -54.97 -4.11 -19.45
N THR C 241 -56.05 -3.90 -20.18
CA THR C 241 -56.19 -2.76 -21.08
C THR C 241 -56.95 -1.61 -20.45
N GLY C 242 -57.13 -1.61 -19.13
CA GLY C 242 -57.87 -0.57 -18.46
C GLY C 242 -57.08 0.73 -18.36
N SER C 243 -57.64 1.65 -17.57
CA SER C 243 -57.01 2.94 -17.37
C SER C 243 -55.67 2.81 -16.66
N GLY C 244 -54.75 3.72 -16.98
CA GLY C 244 -53.43 3.72 -16.39
C GLY C 244 -52.39 2.95 -17.15
N TYR C 245 -52.76 2.26 -18.22
CA TYR C 245 -51.81 1.50 -19.04
C TYR C 245 -51.70 2.13 -20.42
N VAL C 246 -50.49 2.13 -20.96
CA VAL C 246 -50.22 2.64 -22.30
C VAL C 246 -49.50 1.55 -23.09
N TRP C 247 -49.87 1.40 -24.35
CA TRP C 247 -49.29 0.40 -25.22
C TRP C 247 -48.57 1.09 -26.38
N LEU C 248 -47.30 0.76 -26.57
CA LEU C 248 -46.53 1.21 -27.72
C LEU C 248 -46.13 -0.02 -28.52
N VAL C 249 -46.47 -0.03 -29.81
CA VAL C 249 -46.25 -1.20 -30.65
C VAL C 249 -45.71 -0.76 -32.01
N GLY C 250 -45.23 -1.73 -32.77
CA GLY C 250 -44.73 -1.50 -34.11
C GLY C 250 -45.81 -1.63 -35.15
N GLU C 251 -45.38 -1.60 -36.42
CA GLU C 251 -46.33 -1.65 -37.52
C GLU C 251 -47.06 -2.99 -37.57
N ARG C 252 -46.35 -4.09 -37.28
CA ARG C 252 -46.93 -5.41 -37.41
C ARG C 252 -48.06 -5.64 -36.41
N GLU C 253 -48.14 -4.85 -35.34
CA GLU C 253 -49.16 -5.05 -34.33
C GLU C 253 -50.44 -4.29 -34.62
N ILE C 254 -50.47 -3.43 -35.63
CA ILE C 254 -51.65 -2.64 -35.96
C ILE C 254 -52.08 -2.85 -37.41
N SER C 255 -51.62 -3.94 -38.02
CA SER C 255 -51.98 -4.28 -39.39
C SER C 255 -52.50 -5.70 -39.44
N GLY C 256 -53.65 -5.89 -40.10
CA GLY C 256 -54.22 -7.22 -40.23
C GLY C 256 -55.02 -7.67 -39.02
N ASN C 257 -54.93 -8.96 -38.71
CA ASN C 257 -55.73 -9.52 -37.62
C ASN C 257 -55.43 -8.86 -36.29
N ALA C 258 -54.18 -8.44 -36.07
CA ALA C 258 -53.83 -7.78 -34.82
C ALA C 258 -54.65 -6.52 -34.60
N LEU C 259 -55.19 -5.93 -35.67
CA LEU C 259 -56.03 -4.76 -35.53
C LEU C 259 -57.41 -5.11 -34.97
N ARG C 260 -57.96 -6.28 -35.33
CA ARG C 260 -59.34 -6.58 -34.99
C ARG C 260 -59.51 -6.79 -33.49
N TYR C 261 -58.48 -7.30 -32.82
CA TYR C 261 -58.50 -7.50 -31.37
C TYR C 261 -57.69 -6.43 -30.63
N ALA C 262 -57.24 -5.40 -31.32
CA ALA C 262 -56.41 -4.38 -30.69
C ALA C 262 -57.23 -3.57 -29.70
N PRO C 263 -56.80 -3.46 -28.45
CA PRO C 263 -57.53 -2.62 -27.49
C PRO C 263 -57.43 -1.15 -27.87
N ASP C 264 -58.45 -0.39 -27.47
CA ASP C 264 -58.49 1.03 -27.78
C ASP C 264 -57.39 1.77 -27.03
N GLY C 265 -56.87 2.82 -27.67
CA GLY C 265 -55.87 3.67 -27.05
C GLY C 265 -54.42 3.29 -27.29
N ILE C 266 -54.16 2.17 -27.98
CA ILE C 266 -52.78 1.78 -28.24
C ILE C 266 -52.16 2.76 -29.22
N ILE C 267 -50.83 2.84 -29.18
CA ILE C 267 -50.07 3.70 -30.08
C ILE C 267 -49.14 2.81 -30.90
N GLY C 268 -49.26 2.88 -32.23
CA GLY C 268 -48.41 2.12 -33.11
C GLY C 268 -47.65 3.04 -34.05
N LEU C 269 -46.82 2.43 -34.88
CA LEU C 269 -45.97 3.14 -35.82
C LEU C 269 -46.31 2.71 -37.24
N GLN C 270 -46.31 3.65 -38.17
CA GLN C 270 -46.46 3.30 -39.58
C GLN C 270 -45.44 4.07 -40.40
N LEU C 271 -44.80 3.38 -41.34
CA LEU C 271 -43.91 4.06 -42.26
C LEU C 271 -44.73 4.69 -43.37
N ILE C 272 -44.31 5.89 -43.79
CA ILE C 272 -45.13 6.69 -44.70
C ILE C 272 -45.32 5.98 -46.04
N ASN C 273 -44.24 5.44 -46.59
CA ASN C 273 -44.28 4.75 -47.88
C ASN C 273 -43.86 3.30 -47.73
N GLY C 274 -44.29 2.66 -46.65
CA GLY C 274 -43.90 1.28 -46.40
C GLY C 274 -44.43 0.33 -47.45
N LYS C 275 -45.72 0.45 -47.78
CA LYS C 275 -46.33 -0.42 -48.78
C LYS C 275 -46.21 0.14 -50.19
N ASN C 276 -45.76 1.38 -50.34
CA ASN C 276 -45.62 1.96 -51.67
C ASN C 276 -44.44 1.32 -52.40
N GLU C 277 -44.62 1.07 -53.70
CA GLU C 277 -43.57 0.52 -54.54
C GLU C 277 -42.99 1.53 -55.52
N SER C 278 -43.82 2.42 -56.04
CA SER C 278 -43.37 3.36 -57.07
C SER C 278 -42.28 4.29 -56.54
N ALA C 279 -42.55 4.93 -55.40
CA ALA C 279 -41.58 5.87 -54.85
C ALA C 279 -40.28 5.17 -54.48
N HIS C 280 -40.38 4.00 -53.84
CA HIS C 280 -39.18 3.28 -53.46
C HIS C 280 -38.38 2.84 -54.67
N ILE C 281 -39.06 2.35 -55.72
CA ILE C 281 -38.37 1.93 -56.93
C ILE C 281 -37.65 3.12 -57.55
N SER C 282 -38.33 4.25 -57.66
CA SER C 282 -37.71 5.43 -58.28
C SER C 282 -36.51 5.89 -57.48
N ASP C 283 -36.63 5.97 -56.16
CA ASP C 283 -35.52 6.44 -55.33
C ASP C 283 -34.34 5.48 -55.38
N ALA C 284 -34.62 4.17 -55.33
CA ALA C 284 -33.53 3.19 -55.39
C ALA C 284 -32.82 3.24 -56.73
N VAL C 285 -33.58 3.36 -57.82
CA VAL C 285 -32.95 3.46 -59.14
C VAL C 285 -32.10 4.73 -59.22
N GLY C 286 -32.61 5.84 -58.71
CA GLY C 286 -31.83 7.06 -58.74
C GLY C 286 -30.54 6.96 -57.96
N VAL C 287 -30.61 6.39 -56.75
CA VAL C 287 -29.42 6.32 -55.91
C VAL C 287 -28.41 5.34 -56.49
N VAL C 288 -28.87 4.22 -57.05
CA VAL C 288 -27.94 3.26 -57.63
C VAL C 288 -27.31 3.84 -58.89
N ALA C 289 -28.06 4.62 -59.67
CA ALA C 289 -27.49 5.27 -60.83
C ALA C 289 -26.44 6.29 -60.43
N GLN C 290 -26.72 7.08 -59.39
CA GLN C 290 -25.74 8.04 -58.91
C GLN C 290 -24.48 7.34 -58.40
N ALA C 291 -24.66 6.22 -57.69
CA ALA C 291 -23.51 5.47 -57.20
C ALA C 291 -22.69 4.90 -58.36
N VAL C 292 -23.37 4.39 -59.39
CA VAL C 292 -22.66 3.86 -60.56
C VAL C 292 -21.86 4.96 -61.24
N HIS C 293 -22.46 6.13 -61.40
CA HIS C 293 -21.77 7.24 -62.04
C HIS C 293 -20.56 7.68 -61.20
N GLU C 294 -20.70 7.70 -59.88
CA GLU C 294 -19.59 8.08 -59.02
C GLU C 294 -18.49 7.01 -59.03
N LEU C 295 -18.87 5.75 -59.18
CA LEU C 295 -17.88 4.67 -59.15
C LEU C 295 -17.10 4.60 -60.46
N LEU C 296 -17.77 4.81 -61.59
CA LEU C 296 -17.13 4.57 -62.88
C LEU C 296 -16.03 5.58 -63.20
N GLU C 297 -15.93 6.69 -62.45
CA GLU C 297 -14.81 7.60 -62.64
C GLU C 297 -13.55 7.14 -61.93
N LYS C 298 -13.63 6.11 -61.09
CA LYS C 298 -12.45 5.55 -60.46
C LYS C 298 -11.66 4.70 -61.44
N GLU C 299 -10.43 4.37 -61.06
CA GLU C 299 -9.55 3.60 -61.92
C GLU C 299 -9.70 2.09 -61.66
N ASN C 300 -9.07 1.31 -62.54
CA ASN C 300 -9.04 -0.16 -62.51
C ASN C 300 -10.37 -0.78 -62.10
N ILE C 301 -11.47 -0.25 -62.63
CA ILE C 301 -12.79 -0.81 -62.34
C ILE C 301 -12.94 -2.14 -63.05
N THR C 302 -13.40 -3.15 -62.30
CA THR C 302 -13.58 -4.50 -62.83
C THR C 302 -15.05 -4.75 -63.09
N ASP C 303 -15.37 -5.25 -64.28
CA ASP C 303 -16.74 -5.57 -64.62
C ASP C 303 -17.23 -6.75 -63.78
N PRO C 304 -18.53 -6.82 -63.51
CA PRO C 304 -19.05 -7.92 -62.70
C PRO C 304 -18.88 -9.24 -63.41
N PRO C 305 -18.76 -10.34 -62.67
CA PRO C 305 -18.63 -11.66 -63.31
C PRO C 305 -19.86 -12.00 -64.13
N ARG C 306 -19.61 -12.70 -65.24
CA ARG C 306 -20.66 -13.12 -66.16
C ARG C 306 -20.87 -14.62 -66.02
N GLY C 307 -22.12 -15.03 -65.85
CA GLY C 307 -22.43 -16.43 -65.70
C GLY C 307 -22.28 -16.92 -64.28
N CYS C 308 -23.34 -17.56 -63.76
CA CYS C 308 -23.29 -18.05 -62.39
C CYS C 308 -22.42 -19.30 -62.28
N VAL C 309 -22.50 -20.19 -63.27
CA VAL C 309 -21.72 -21.42 -63.24
C VAL C 309 -20.37 -21.18 -63.91
N GLY C 310 -19.33 -21.77 -63.34
CA GLY C 310 -17.99 -21.65 -63.90
C GLY C 310 -17.25 -20.39 -63.53
N ASN C 311 -17.83 -19.51 -62.72
CA ASN C 311 -17.17 -18.27 -62.30
C ASN C 311 -17.33 -18.15 -60.79
N THR C 312 -16.34 -18.62 -60.05
CA THR C 312 -16.40 -18.68 -58.60
C THR C 312 -15.76 -17.48 -57.92
N ASN C 313 -15.01 -16.66 -58.64
CA ASN C 313 -14.28 -15.55 -58.06
C ASN C 313 -15.26 -14.43 -57.69
N ILE C 314 -14.98 -13.77 -56.57
CA ILE C 314 -15.81 -12.64 -56.16
C ILE C 314 -15.49 -11.42 -57.02
N TRP C 315 -16.44 -10.49 -57.05
CA TRP C 315 -16.22 -9.24 -57.76
C TRP C 315 -15.12 -8.44 -57.06
N LYS C 316 -14.14 -7.99 -57.83
CA LYS C 316 -13.00 -7.29 -57.25
C LYS C 316 -13.41 -5.98 -56.61
N THR C 317 -14.28 -5.22 -57.27
CA THR C 317 -14.71 -3.91 -56.78
C THR C 317 -16.08 -3.96 -56.12
N GLY C 318 -16.59 -5.15 -55.83
CA GLY C 318 -17.87 -5.30 -55.18
C GLY C 318 -17.95 -4.61 -53.84
N PRO C 319 -17.00 -4.89 -52.94
CA PRO C 319 -16.95 -4.13 -51.69
C PRO C 319 -16.80 -2.64 -51.91
N LEU C 320 -16.02 -2.23 -52.91
CA LEU C 320 -15.91 -0.80 -53.21
C LEU C 320 -17.24 -0.23 -53.66
N PHE C 321 -17.99 -0.99 -54.48
CA PHE C 321 -19.30 -0.54 -54.90
C PHE C 321 -20.25 -0.40 -53.71
N LYS C 322 -20.19 -1.36 -52.78
CA LYS C 322 -21.06 -1.28 -51.60
C LYS C 322 -20.70 -0.08 -50.74
N ARG C 323 -19.39 0.18 -50.57
CA ARG C 323 -18.97 1.35 -49.81
C ARG C 323 -19.43 2.64 -50.48
N VAL C 324 -19.36 2.69 -51.81
CA VAL C 324 -19.84 3.87 -52.53
C VAL C 324 -21.33 4.06 -52.32
N LEU C 325 -22.10 2.97 -52.41
CA LEU C 325 -23.54 3.06 -52.20
C LEU C 325 -23.86 3.54 -50.79
N MET C 326 -23.18 3.00 -49.78
CA MET C 326 -23.44 3.39 -48.41
C MET C 326 -23.02 4.82 -48.11
N SER C 327 -22.13 5.39 -48.92
CA SER C 327 -21.67 6.76 -48.75
C SER C 327 -22.32 7.72 -49.74
N SER C 328 -23.36 7.28 -50.43
CA SER C 328 -24.05 8.10 -51.42
C SER C 328 -25.36 8.61 -50.84
N LYS C 329 -25.60 9.90 -50.95
CA LYS C 329 -26.81 10.54 -50.44
C LYS C 329 -27.59 11.11 -51.61
N TYR C 330 -28.84 10.68 -51.75
CA TYR C 330 -29.69 11.20 -52.81
C TYR C 330 -30.14 12.62 -52.48
N ALA C 331 -30.21 13.46 -53.51
CA ALA C 331 -30.53 14.87 -53.29
C ALA C 331 -32.00 15.05 -52.98
N ASP C 332 -32.87 14.70 -53.93
CA ASP C 332 -34.32 14.89 -53.79
C ASP C 332 -35.00 13.54 -54.06
N GLY C 333 -35.12 12.73 -53.01
CA GLY C 333 -35.83 11.47 -53.11
C GLY C 333 -37.32 11.66 -52.92
N VAL C 334 -38.10 10.86 -53.64
CA VAL C 334 -39.56 10.95 -53.54
C VAL C 334 -40.00 10.61 -52.13
N THR C 335 -39.45 9.54 -51.57
CA THR C 335 -39.74 9.19 -50.17
C THR C 335 -39.07 10.15 -49.19
N GLY C 336 -37.97 10.78 -49.59
CA GLY C 336 -37.25 11.68 -48.72
C GLY C 336 -35.77 11.59 -49.00
N ARG C 337 -34.99 12.20 -48.11
CA ARG C 337 -33.53 12.17 -48.23
C ARG C 337 -33.03 10.76 -47.94
N VAL C 338 -32.68 10.03 -48.99
CA VAL C 338 -32.21 8.65 -48.82
C VAL C 338 -30.77 8.68 -48.30
N GLU C 339 -30.56 8.06 -47.15
CA GLU C 339 -29.24 8.02 -46.54
C GLU C 339 -29.09 6.69 -45.81
N PHE C 340 -27.90 6.10 -45.91
CA PHE C 340 -27.63 4.80 -45.33
C PHE C 340 -26.63 4.91 -44.19
N ASN C 341 -26.93 4.23 -43.08
CA ASN C 341 -26.06 4.23 -41.92
C ASN C 341 -24.98 3.16 -42.10
N GLU C 342 -24.21 2.90 -41.04
CA GLU C 342 -23.12 1.93 -41.13
C GLU C 342 -23.65 0.50 -41.24
N ASP C 343 -24.92 0.26 -40.91
CA ASP C 343 -25.51 -1.06 -41.03
C ASP C 343 -26.16 -1.30 -42.38
N GLY C 344 -26.08 -0.34 -43.30
CA GLY C 344 -26.68 -0.51 -44.61
C GLY C 344 -28.17 -0.39 -44.66
N ASP C 345 -28.78 0.32 -43.70
CA ASP C 345 -30.22 0.51 -43.67
C ASP C 345 -30.56 1.99 -43.83
N ARG C 346 -31.80 2.25 -44.21
CA ARG C 346 -32.26 3.61 -44.44
C ARG C 346 -32.25 4.39 -43.13
N LYS C 347 -31.85 5.66 -43.20
CA LYS C 347 -31.79 6.52 -42.04
C LYS C 347 -32.71 7.72 -42.23
N PHE C 348 -33.25 8.21 -41.11
CA PHE C 348 -34.10 9.39 -41.09
C PHE C 348 -35.33 9.22 -41.99
N ALA C 349 -36.17 8.26 -41.62
CA ALA C 349 -37.43 8.03 -42.30
C ALA C 349 -38.58 8.62 -41.50
N ASN C 350 -39.59 9.09 -42.21
CA ASN C 350 -40.74 9.71 -41.58
C ASN C 350 -41.66 8.62 -41.02
N TYR C 351 -41.81 8.61 -39.70
CA TYR C 351 -42.70 7.68 -39.01
C TYR C 351 -43.97 8.42 -38.62
N SER C 352 -45.11 7.82 -38.89
CA SER C 352 -46.41 8.37 -38.51
C SER C 352 -46.86 7.60 -37.27
N ILE C 353 -47.06 8.32 -36.17
CA ILE C 353 -47.65 7.73 -34.98
C ILE C 353 -49.13 7.53 -35.22
N MET C 354 -49.62 6.31 -34.97
CA MET C 354 -50.97 5.94 -35.34
C MET C 354 -51.69 5.57 -34.05
N ASN C 355 -52.86 6.16 -33.80
CA ASN C 355 -53.60 5.89 -32.59
C ASN C 355 -54.95 5.27 -32.93
N LEU C 356 -55.36 4.28 -32.14
CA LEU C 356 -56.62 3.59 -32.34
C LEU C 356 -57.71 4.25 -31.51
N GLN C 357 -58.74 4.75 -32.18
CA GLN C 357 -59.89 5.38 -31.54
C GLN C 357 -61.15 4.72 -32.09
N ASN C 358 -62.10 4.45 -31.19
CA ASN C 358 -63.41 3.82 -31.49
C ASN C 358 -63.31 2.85 -32.67
N ARG C 359 -62.34 1.94 -32.57
CA ARG C 359 -62.07 0.90 -33.56
C ARG C 359 -61.73 1.49 -34.93
N LYS C 360 -61.07 2.64 -34.93
CA LYS C 360 -60.60 3.26 -36.15
C LYS C 360 -59.23 3.89 -35.89
N LEU C 361 -58.46 4.09 -36.94
CA LEU C 361 -57.07 4.52 -36.83
C LEU C 361 -56.94 5.97 -37.29
N VAL C 362 -56.31 6.81 -36.47
CA VAL C 362 -56.14 8.23 -36.75
C VAL C 362 -54.73 8.66 -36.40
N GLN C 363 -54.19 9.58 -37.19
CA GLN C 363 -52.83 10.05 -36.95
C GLN C 363 -52.83 11.15 -35.89
N VAL C 364 -51.95 11.01 -34.90
CA VAL C 364 -51.86 11.94 -33.79
C VAL C 364 -50.48 12.57 -33.69
N GLY C 365 -49.74 12.59 -34.78
CA GLY C 365 -48.41 13.17 -34.78
C GLY C 365 -47.54 12.51 -35.84
N ILE C 366 -46.35 13.07 -36.01
CA ILE C 366 -45.39 12.57 -36.99
C ILE C 366 -43.99 12.67 -36.40
N TYR C 367 -43.16 11.68 -36.71
CA TYR C 367 -41.78 11.63 -36.24
C TYR C 367 -40.85 11.85 -37.42
N ASN C 368 -40.07 12.92 -37.37
CA ASN C 368 -39.07 13.18 -38.39
C ASN C 368 -37.82 12.37 -38.07
N GLY C 369 -36.69 12.70 -38.69
CA GLY C 369 -35.49 11.91 -38.50
C GLY C 369 -35.06 11.81 -37.05
N THR C 370 -35.34 12.85 -36.26
CA THR C 370 -34.86 12.89 -34.89
C THR C 370 -35.94 13.09 -33.84
N HIS C 371 -36.92 13.96 -34.08
CA HIS C 371 -37.86 14.36 -33.04
C HIS C 371 -39.29 14.02 -33.45
N VAL C 372 -40.18 14.08 -32.47
CA VAL C 372 -41.61 13.82 -32.66
C VAL C 372 -42.36 15.13 -32.49
N ILE C 373 -43.27 15.42 -33.41
CA ILE C 373 -44.11 16.60 -33.35
C ILE C 373 -45.56 16.15 -33.46
N PRO C 374 -46.41 16.48 -32.50
CA PRO C 374 -47.81 16.06 -32.55
C PRO C 374 -48.62 16.98 -33.47
N ASN C 375 -49.93 16.71 -33.51
CA ASN C 375 -50.83 17.50 -34.34
C ASN C 375 -51.98 18.04 -33.51
N ASP C 376 -52.97 18.65 -34.16
CA ASP C 376 -54.14 19.17 -33.46
C ASP C 376 -54.98 18.07 -32.84
N ARG C 377 -54.80 16.82 -33.27
CA ARG C 377 -55.56 15.72 -32.72
C ARG C 377 -55.19 15.48 -31.26
N LYS C 378 -56.15 14.99 -30.48
CA LYS C 378 -55.95 14.67 -29.09
C LYS C 378 -55.72 13.17 -28.94
N ILE C 379 -54.67 12.80 -28.22
CA ILE C 379 -54.32 11.40 -28.03
C ILE C 379 -55.26 10.80 -26.99
N ILE C 380 -55.92 9.71 -27.36
CA ILE C 380 -56.82 8.99 -26.46
C ILE C 380 -56.08 7.78 -25.92
N TRP C 381 -55.67 7.85 -24.66
CA TRP C 381 -54.98 6.76 -24.02
C TRP C 381 -55.95 5.63 -23.68
N PRO C 382 -55.45 4.40 -23.50
CA PRO C 382 -56.34 3.28 -23.17
C PRO C 382 -57.10 3.54 -21.88
N GLY C 383 -58.34 3.06 -21.85
CA GLY C 383 -59.26 3.34 -20.77
C GLY C 383 -60.20 4.49 -21.03
N GLY C 384 -59.99 5.23 -22.11
CA GLY C 384 -60.87 6.32 -22.49
C GLY C 384 -60.49 7.68 -21.96
N GLU C 385 -59.57 7.76 -21.01
CA GLU C 385 -59.17 9.05 -20.45
C GLU C 385 -58.29 9.81 -21.44
N THR C 386 -58.46 11.12 -21.45
CA THR C 386 -57.69 11.99 -22.33
C THR C 386 -56.44 12.56 -21.67
N GLU C 387 -56.43 12.65 -20.34
CA GLU C 387 -55.24 13.11 -19.64
C GLU C 387 -54.13 12.06 -19.77
N LYS C 388 -52.90 12.54 -19.83
CA LYS C 388 -51.77 11.64 -20.00
C LYS C 388 -51.56 10.85 -18.72
N PRO C 389 -51.67 9.52 -18.74
CA PRO C 389 -51.49 8.75 -17.51
C PRO C 389 -50.03 8.71 -17.09
N ARG C 390 -49.83 8.53 -15.78
CA ARG C 390 -48.49 8.41 -15.24
C ARG C 390 -47.83 7.13 -15.73
N GLY C 391 -46.50 7.17 -15.85
CA GLY C 391 -45.79 6.02 -16.38
C GLY C 391 -45.95 4.77 -15.55
N TYR C 392 -45.91 4.91 -14.23
CA TYR C 392 -46.02 3.76 -13.34
C TYR C 392 -46.86 4.14 -12.13
N GLN C 393 -47.41 3.11 -11.49
CA GLN C 393 -48.25 3.28 -10.30
C GLN C 393 -47.49 2.78 -9.08
N MET C 394 -47.49 3.59 -8.02
CA MET C 394 -46.79 3.21 -6.80
C MET C 394 -47.42 1.97 -6.19
N SER C 395 -46.58 1.07 -5.69
CA SER C 395 -47.01 -0.15 -5.05
C SER C 395 -46.86 -0.02 -3.54
N THR C 396 -47.99 0.01 -2.82
CA THR C 396 -47.98 0.14 -1.37
C THR C 396 -48.02 -1.20 -0.66
N ARG C 397 -48.01 -2.31 -1.39
CA ARG C 397 -47.93 -3.65 -0.82
C ARG C 397 -46.48 -4.10 -0.90
N LEU C 398 -45.67 -3.65 0.05
CA LEU C 398 -44.25 -3.97 0.05
C LEU C 398 -44.04 -5.41 0.50
N LYS C 399 -43.42 -6.21 -0.36
CA LYS C 399 -43.10 -7.60 -0.03
C LYS C 399 -41.85 -7.61 0.83
N ILE C 400 -42.01 -8.03 2.09
CA ILE C 400 -40.95 -7.95 3.09
C ILE C 400 -40.35 -9.34 3.28
N VAL C 401 -39.02 -9.40 3.31
CA VAL C 401 -38.29 -10.64 3.58
C VAL C 401 -37.52 -10.46 4.89
N THR C 402 -37.55 -11.49 5.73
CA THR C 402 -36.92 -11.44 7.03
C THR C 402 -36.33 -12.80 7.35
N ILE C 403 -35.23 -12.80 8.11
CA ILE C 403 -34.54 -14.02 8.52
C ILE C 403 -34.80 -14.24 10.00
N HIS C 404 -34.68 -15.50 10.42
CA HIS C 404 -34.92 -15.87 11.82
C HIS C 404 -33.68 -15.58 12.64
N GLN C 405 -33.70 -14.48 13.39
CA GLN C 405 -32.65 -14.14 14.32
C GLN C 405 -33.27 -14.00 15.71
N GLU C 406 -32.76 -14.78 16.66
CA GLU C 406 -33.41 -14.87 17.97
C GLU C 406 -33.50 -13.53 18.69
N PRO C 407 -32.42 -12.75 18.86
CA PRO C 407 -32.56 -11.48 19.57
C PRO C 407 -33.36 -10.44 18.82
N PHE C 408 -33.56 -10.61 17.52
CA PHE C 408 -34.24 -9.61 16.71
C PHE C 408 -35.61 -10.05 16.23
N VAL C 409 -35.72 -11.24 15.64
CA VAL C 409 -36.97 -11.71 15.03
C VAL C 409 -37.26 -13.10 15.60
N TYR C 410 -38.04 -13.16 16.68
CA TYR C 410 -38.58 -14.42 17.13
C TYR C 410 -39.67 -14.89 16.18
N VAL C 411 -39.65 -16.18 15.86
CA VAL C 411 -40.67 -16.81 15.03
C VAL C 411 -41.33 -17.91 15.87
N LYS C 412 -42.66 -17.91 15.88
CA LYS C 412 -43.37 -18.88 16.69
C LYS C 412 -44.49 -19.54 15.88
N PRO C 413 -44.67 -20.84 16.02
CA PRO C 413 -45.79 -21.50 15.34
C PRO C 413 -47.13 -21.01 15.87
N THR C 414 -48.11 -20.98 14.99
CA THR C 414 -49.46 -20.56 15.36
C THR C 414 -50.33 -21.77 15.69
N MET C 415 -51.45 -21.50 16.34
CA MET C 415 -52.40 -22.55 16.68
C MET C 415 -53.38 -22.76 15.53
N SER C 416 -54.42 -23.57 15.77
CA SER C 416 -55.40 -23.86 14.74
C SER C 416 -56.30 -22.67 14.41
N ASP C 417 -56.29 -21.64 15.24
CA ASP C 417 -57.13 -20.46 15.01
C ASP C 417 -56.51 -19.45 14.06
N GLY C 418 -55.26 -19.66 13.64
CA GLY C 418 -54.61 -18.81 12.67
C GLY C 418 -53.66 -17.78 13.23
N THR C 419 -53.74 -17.47 14.52
CA THR C 419 -52.84 -16.52 15.15
C THR C 419 -52.32 -17.10 16.47
N CYS C 420 -51.10 -16.72 16.81
CA CYS C 420 -50.48 -17.19 18.05
C CYS C 420 -50.95 -16.32 19.22
N LYS C 421 -50.87 -16.91 20.42
CA LYS C 421 -51.36 -16.24 21.61
C LYS C 421 -50.57 -14.97 21.88
N GLU C 422 -51.27 -13.94 22.34
CA GLU C 422 -50.65 -12.67 22.65
C GLU C 422 -49.98 -12.73 24.02
N GLU C 423 -48.88 -11.99 24.15
CA GLU C 423 -48.14 -11.89 25.39
C GLU C 423 -47.99 -10.42 25.79
N PHE C 424 -47.34 -10.20 26.93
CA PHE C 424 -47.11 -8.85 27.44
C PHE C 424 -45.69 -8.77 27.98
N THR C 425 -45.13 -7.56 27.91
CA THR C 425 -43.77 -7.33 28.36
C THR C 425 -43.75 -7.16 29.87
N VAL C 426 -42.59 -6.77 30.43
CA VAL C 426 -42.49 -6.53 31.86
C VAL C 426 -43.37 -5.36 32.27
N ASN C 427 -43.49 -4.34 31.41
CA ASN C 427 -44.37 -3.21 31.68
C ASN C 427 -45.84 -3.55 31.45
N GLY C 428 -46.13 -4.74 30.91
CA GLY C 428 -47.49 -5.12 30.61
C GLY C 428 -47.98 -4.75 29.22
N ASP C 429 -47.19 -4.00 28.46
CA ASP C 429 -47.60 -3.63 27.12
C ASP C 429 -47.63 -4.88 26.23
N PRO C 430 -48.65 -5.04 25.40
CA PRO C 430 -48.71 -6.19 24.51
C PRO C 430 -47.61 -6.14 23.46
N VAL C 431 -47.14 -7.31 23.06
CA VAL C 431 -46.11 -7.42 22.03
C VAL C 431 -46.79 -7.55 20.67
N LYS C 432 -46.34 -6.76 19.71
CA LYS C 432 -46.92 -6.75 18.38
C LYS C 432 -46.35 -7.90 17.56
N LYS C 433 -47.24 -8.66 16.92
CA LYS C 433 -46.86 -9.82 16.13
C LYS C 433 -47.52 -9.75 14.77
N VAL C 434 -46.81 -10.25 13.76
CA VAL C 434 -47.28 -10.21 12.37
C VAL C 434 -47.26 -11.62 11.80
N ILE C 435 -48.32 -11.96 11.07
CA ILE C 435 -48.40 -13.28 10.44
C ILE C 435 -47.41 -13.33 9.29
N CYS C 436 -46.37 -14.14 9.43
CA CYS C 436 -45.29 -14.25 8.46
C CYS C 436 -45.24 -15.66 7.92
N THR C 437 -45.18 -15.79 6.59
CA THR C 437 -45.19 -17.07 5.92
C THR C 437 -43.76 -17.53 5.67
N GLY C 438 -43.46 -18.78 6.02
CA GLY C 438 -42.11 -19.28 5.86
C GLY C 438 -42.05 -20.79 5.77
N PRO C 439 -40.85 -21.32 5.54
CA PRO C 439 -40.69 -22.77 5.46
C PRO C 439 -40.95 -23.43 6.81
N ASN C 440 -41.41 -24.68 6.75
CA ASN C 440 -41.75 -25.44 7.95
C ASN C 440 -40.53 -26.19 8.49
N ASP C 441 -39.96 -27.07 7.68
CA ASP C 441 -38.81 -27.88 8.08
C ASP C 441 -37.53 -27.23 7.58
N THR C 442 -36.63 -26.91 8.49
CA THR C 442 -35.37 -26.25 8.15
C THR C 442 -34.25 -27.23 7.82
N SER C 443 -34.48 -28.53 7.98
CA SER C 443 -33.44 -29.50 7.69
C SER C 443 -33.20 -29.60 6.19
N PRO C 444 -31.94 -29.64 5.74
CA PRO C 444 -31.67 -29.79 4.30
C PRO C 444 -32.17 -31.13 3.79
N GLY C 445 -32.51 -31.15 2.50
CA GLY C 445 -33.05 -32.36 1.90
C GLY C 445 -34.41 -32.76 2.44
N SER C 446 -35.24 -31.79 2.78
CA SER C 446 -36.58 -32.02 3.29
C SER C 446 -37.58 -31.16 2.53
N PRO C 447 -38.82 -31.65 2.36
CA PRO C 447 -39.82 -30.84 1.66
C PRO C 447 -40.16 -29.56 2.40
N ARG C 448 -39.83 -28.42 1.81
CA ARG C 448 -40.09 -27.11 2.40
C ARG C 448 -41.39 -26.57 1.81
N HIS C 449 -42.45 -26.60 2.60
CA HIS C 449 -43.75 -26.07 2.20
C HIS C 449 -44.07 -24.85 3.06
N THR C 450 -44.60 -23.81 2.42
CA THR C 450 -44.84 -22.53 3.09
C THR C 450 -46.00 -22.67 4.06
N VAL C 451 -45.77 -22.30 5.32
CA VAL C 451 -46.80 -22.29 6.35
C VAL C 451 -46.70 -20.97 7.11
N PRO C 452 -47.80 -20.46 7.64
CA PRO C 452 -47.76 -19.18 8.37
C PRO C 452 -47.42 -19.38 9.85
N GLN C 453 -46.38 -18.70 10.31
CA GLN C 453 -46.06 -18.54 11.72
C GLN C 453 -46.31 -17.09 12.09
N CYS C 454 -45.97 -16.72 13.32
CA CYS C 454 -46.06 -15.33 13.76
C CYS C 454 -44.67 -14.84 14.12
N CYS C 455 -44.28 -13.71 13.54
CA CYS C 455 -42.99 -13.10 13.75
C CYS C 455 -43.15 -11.86 14.64
N TYR C 456 -42.22 -11.69 15.57
CA TYR C 456 -42.26 -10.54 16.46
C TYR C 456 -40.87 -10.30 17.03
N GLY C 457 -40.58 -9.05 17.34
CA GLY C 457 -39.31 -8.71 17.94
C GLY C 457 -38.85 -7.34 17.49
N PHE C 458 -37.52 -7.14 17.56
CA PHE C 458 -36.95 -5.83 17.28
C PHE C 458 -37.21 -5.39 15.85
N CYS C 459 -36.86 -6.24 14.89
CA CYS C 459 -37.04 -5.86 13.48
C CYS C 459 -38.52 -5.74 13.13
N ILE C 460 -39.36 -6.64 13.66
CA ILE C 460 -40.79 -6.55 13.40
C ILE C 460 -41.36 -5.27 13.99
N ASP C 461 -40.95 -4.92 15.20
CA ASP C 461 -41.43 -3.68 15.81
C ASP C 461 -40.97 -2.46 15.01
N LEU C 462 -39.72 -2.47 14.54
CA LEU C 462 -39.23 -1.36 13.73
C LEU C 462 -40.01 -1.25 12.43
N LEU C 463 -40.29 -2.38 11.78
CA LEU C 463 -41.10 -2.35 10.56
C LEU C 463 -42.50 -1.84 10.84
N ILE C 464 -43.08 -2.22 11.97
CA ILE C 464 -44.42 -1.73 12.31
C ILE C 464 -44.38 -0.22 12.53
N LYS C 465 -43.34 0.28 13.20
CA LYS C 465 -43.22 1.72 13.36
C LYS C 465 -43.06 2.43 12.02
N LEU C 466 -42.29 1.82 11.11
CA LEU C 466 -42.15 2.39 9.77
C LEU C 466 -43.49 2.45 9.06
N ALA C 467 -44.26 1.36 9.12
CA ALA C 467 -45.58 1.32 8.51
C ALA C 467 -46.58 2.23 9.22
N ARG C 468 -46.28 2.63 10.46
CA ARG C 468 -47.14 3.59 11.15
C ARG C 468 -46.83 5.01 10.70
N THR C 469 -45.55 5.39 10.71
CA THR C 469 -45.17 6.74 10.29
C THR C 469 -45.39 6.94 8.80
N MET C 470 -45.40 5.85 8.04
CA MET C 470 -45.64 5.91 6.61
C MET C 470 -47.02 5.37 6.28
N ASN C 471 -47.46 5.62 5.05
CA ASN C 471 -48.72 5.06 4.57
C ASN C 471 -48.40 3.97 3.54
N PHE C 472 -48.15 2.76 4.05
CA PHE C 472 -47.89 1.62 3.19
C PHE C 472 -48.16 0.34 3.96
N THR C 473 -48.59 -0.69 3.24
CA THR C 473 -48.91 -1.99 3.81
C THR C 473 -47.78 -2.97 3.57
N TYR C 474 -47.54 -3.84 4.55
CA TYR C 474 -46.45 -4.80 4.50
C TYR C 474 -47.00 -6.22 4.54
N GLU C 475 -46.21 -7.14 4.02
CA GLU C 475 -46.55 -8.56 4.06
C GLU C 475 -45.26 -9.32 4.30
N VAL C 476 -45.00 -9.68 5.56
CA VAL C 476 -43.74 -10.28 5.96
C VAL C 476 -43.72 -11.74 5.56
N HIS C 477 -42.62 -12.18 4.95
CA HIS C 477 -42.43 -13.58 4.62
C HIS C 477 -40.97 -13.95 4.86
N LEU C 478 -40.75 -15.19 5.30
CA LEU C 478 -39.41 -15.67 5.62
C LEU C 478 -38.63 -15.96 4.34
N VAL C 479 -37.44 -16.51 4.51
CA VAL C 479 -36.51 -16.77 3.42
C VAL C 479 -36.64 -18.21 2.98
N ALA C 480 -36.32 -18.46 1.71
CA ALA C 480 -36.38 -19.82 1.18
C ALA C 480 -35.40 -20.75 1.89
N ASP C 481 -34.29 -20.20 2.38
CA ASP C 481 -33.31 -20.98 3.12
C ASP C 481 -32.89 -20.16 4.34
N GLY C 482 -31.85 -20.63 5.02
CA GLY C 482 -31.36 -19.95 6.21
C GLY C 482 -30.06 -19.23 5.97
N LYS C 483 -29.93 -18.59 4.81
CA LYS C 483 -28.71 -17.90 4.43
C LYS C 483 -28.97 -16.40 4.36
N PHE C 484 -28.10 -15.62 4.99
CA PHE C 484 -28.23 -14.17 4.96
C PHE C 484 -28.07 -13.63 3.54
N GLY C 485 -27.07 -14.13 2.82
CA GLY C 485 -26.80 -13.68 1.47
C GLY C 485 -25.32 -13.50 1.20
N THR C 486 -24.83 -14.14 0.14
CA THR C 486 -23.41 -14.09 -0.19
C THR C 486 -23.25 -14.37 -1.68
N GLN C 487 -22.47 -13.54 -2.37
CA GLN C 487 -22.23 -13.73 -3.79
C GLN C 487 -21.46 -15.04 -3.99
N GLU C 488 -22.13 -16.05 -4.53
CA GLU C 488 -21.55 -17.36 -4.71
C GLU C 488 -21.56 -17.75 -6.19
N ARG C 489 -20.47 -18.35 -6.63
CA ARG C 489 -20.35 -18.81 -8.02
C ARG C 489 -21.11 -20.13 -8.16
N VAL C 490 -22.19 -20.11 -8.95
CA VAL C 490 -22.91 -21.34 -9.23
C VAL C 490 -22.04 -22.23 -10.12
N ASN C 491 -22.14 -23.54 -9.91
CA ASN C 491 -21.22 -24.47 -10.60
C ASN C 491 -21.40 -24.39 -12.11
N ASN C 492 -22.64 -24.30 -12.59
CA ASN C 492 -22.91 -24.27 -14.01
C ASN C 492 -22.95 -22.84 -14.54
N SER C 493 -22.39 -22.64 -15.74
CA SER C 493 -22.42 -21.39 -16.48
C SER C 493 -21.52 -20.32 -15.86
N ASN C 494 -20.98 -20.58 -14.66
CA ASN C 494 -20.05 -19.70 -13.97
C ASN C 494 -20.59 -18.27 -13.90
N LYS C 495 -21.79 -18.14 -13.34
CA LYS C 495 -22.44 -16.85 -13.16
C LYS C 495 -22.53 -16.50 -11.68
N LYS C 496 -22.28 -15.23 -11.37
CA LYS C 496 -22.46 -14.75 -10.01
C LYS C 496 -23.95 -14.73 -9.67
N GLU C 497 -24.30 -15.31 -8.52
CA GLU C 497 -25.69 -15.35 -8.09
C GLU C 497 -25.75 -15.14 -6.58
N TRP C 498 -26.70 -14.33 -6.15
CA TRP C 498 -26.91 -14.04 -4.74
C TRP C 498 -27.94 -15.01 -4.17
N ASN C 499 -27.68 -15.47 -2.95
CA ASN C 499 -28.52 -16.45 -2.27
C ASN C 499 -29.22 -15.80 -1.09
N GLY C 500 -30.19 -16.53 -0.52
CA GLY C 500 -30.87 -16.06 0.67
C GLY C 500 -31.64 -14.77 0.43
N MET C 501 -31.60 -13.88 1.44
CA MET C 501 -32.32 -12.62 1.34
C MET C 501 -31.84 -11.79 0.16
N MET C 502 -30.54 -11.82 -0.13
CA MET C 502 -30.02 -11.09 -1.27
C MET C 502 -30.64 -11.58 -2.57
N GLY C 503 -30.73 -12.90 -2.75
CA GLY C 503 -31.38 -13.44 -3.93
C GLY C 503 -32.85 -13.10 -3.99
N GLU C 504 -33.55 -13.20 -2.86
CA GLU C 504 -34.98 -12.89 -2.84
C GLU C 504 -35.24 -11.43 -3.19
N LEU C 505 -34.40 -10.52 -2.68
CA LEU C 505 -34.58 -9.10 -2.96
C LEU C 505 -34.21 -8.76 -4.40
N LEU C 506 -33.10 -9.32 -4.90
CA LEU C 506 -32.66 -8.96 -6.25
C LEU C 506 -33.55 -9.57 -7.32
N SER C 507 -34.20 -10.69 -7.03
CA SER C 507 -35.07 -11.34 -7.99
C SER C 507 -36.47 -10.74 -8.04
N GLY C 508 -36.76 -9.76 -7.19
CA GLY C 508 -38.06 -9.12 -7.18
C GLY C 508 -39.09 -9.78 -6.28
N GLN C 509 -38.78 -10.93 -5.68
CA GLN C 509 -39.73 -11.56 -4.79
C GLN C 509 -39.96 -10.76 -3.52
N ALA C 510 -39.02 -9.90 -3.14
CA ALA C 510 -39.18 -9.02 -2.00
C ALA C 510 -38.68 -7.63 -2.37
N ASP C 511 -39.24 -6.61 -1.72
CA ASP C 511 -38.89 -5.24 -2.00
C ASP C 511 -38.19 -4.52 -0.86
N MET C 512 -37.97 -5.18 0.27
CA MET C 512 -37.32 -4.56 1.41
C MET C 512 -36.85 -5.63 2.36
N ILE C 513 -35.64 -5.48 2.89
CA ILE C 513 -35.06 -6.42 3.84
C ILE C 513 -35.00 -5.73 5.19
N VAL C 514 -35.69 -6.30 6.18
CA VAL C 514 -35.60 -5.81 7.55
C VAL C 514 -35.11 -6.94 8.44
N ALA C 515 -33.81 -6.97 8.69
CA ALA C 515 -33.17 -8.07 9.42
C ALA C 515 -31.80 -7.59 9.86
N PRO C 516 -31.13 -8.33 10.75
CA PRO C 516 -29.76 -7.94 11.12
C PRO C 516 -28.81 -8.13 9.95
N LEU C 517 -28.94 -7.27 8.94
CA LEU C 517 -28.15 -7.34 7.72
C LEU C 517 -26.96 -6.39 7.85
N THR C 518 -25.76 -6.94 7.92
CA THR C 518 -24.56 -6.13 8.03
C THR C 518 -24.23 -5.50 6.68
N ILE C 519 -24.03 -4.19 6.68
CA ILE C 519 -23.71 -3.46 5.46
C ILE C 519 -22.22 -3.55 5.21
N ASN C 520 -21.84 -3.69 3.93
CA ASN C 520 -20.45 -3.81 3.55
C ASN C 520 -20.31 -3.46 2.08
N ASN C 521 -19.09 -3.57 1.57
CA ASN C 521 -18.82 -3.20 0.18
C ASN C 521 -19.58 -4.10 -0.80
N GLU C 522 -19.54 -5.41 -0.56
CA GLU C 522 -20.10 -6.34 -1.54
C GLU C 522 -21.61 -6.18 -1.68
N ARG C 523 -22.32 -6.03 -0.57
CA ARG C 523 -23.77 -5.93 -0.64
C ARG C 523 -24.21 -4.56 -1.14
N ALA C 524 -23.48 -3.50 -0.82
CA ALA C 524 -23.92 -2.16 -1.19
C ALA C 524 -23.74 -1.88 -2.68
N GLN C 525 -22.96 -2.70 -3.38
CA GLN C 525 -22.78 -2.46 -4.82
C GLN C 525 -24.07 -2.68 -5.59
N TYR C 526 -24.84 -3.71 -5.21
CA TYR C 526 -26.02 -4.09 -5.97
C TYR C 526 -27.32 -3.51 -5.41
N ILE C 527 -27.39 -3.29 -4.10
CA ILE C 527 -28.58 -2.75 -3.47
C ILE C 527 -28.19 -1.52 -2.66
N GLU C 528 -29.20 -0.80 -2.19
CA GLU C 528 -29.01 0.42 -1.43
C GLU C 528 -29.46 0.21 0.01
N PHE C 529 -28.66 0.68 0.95
CA PHE C 529 -28.94 0.53 2.37
C PHE C 529 -29.30 1.88 2.98
N SER C 530 -30.23 1.86 3.92
CA SER C 530 -30.58 3.04 4.68
C SER C 530 -29.51 3.30 5.75
N LYS C 531 -29.69 4.37 6.51
CA LYS C 531 -28.76 4.66 7.60
C LYS C 531 -28.87 3.55 8.65
N PRO C 532 -27.77 3.16 9.27
CA PRO C 532 -27.81 2.05 10.22
C PRO C 532 -28.74 2.35 11.39
N PHE C 533 -29.51 1.34 11.78
CA PHE C 533 -30.41 1.46 12.93
C PHE C 533 -29.86 0.79 14.18
N LYS C 534 -28.69 0.15 14.10
CA LYS C 534 -28.07 -0.46 15.27
C LYS C 534 -26.60 -0.66 14.96
N TYR C 535 -25.73 0.01 15.71
CA TYR C 535 -24.30 -0.06 15.49
C TYR C 535 -23.68 -1.16 16.35
N GLN C 536 -22.95 -2.06 15.70
CA GLN C 536 -22.34 -3.19 16.40
C GLN C 536 -21.24 -3.77 15.52
N GLY C 537 -20.38 -4.57 16.15
CA GLY C 537 -19.29 -5.20 15.43
C GLY C 537 -19.30 -6.71 15.55
N LEU C 538 -18.18 -7.34 15.18
CA LEU C 538 -18.05 -8.78 15.26
C LEU C 538 -17.27 -9.15 16.52
N THR C 539 -17.69 -10.23 17.17
CA THR C 539 -17.05 -10.66 18.40
C THR C 539 -17.18 -12.17 18.53
N ILE C 540 -16.71 -12.70 19.65
CA ILE C 540 -16.51 -14.13 19.86
C ILE C 540 -17.29 -14.55 21.09
N LEU C 541 -18.00 -15.68 20.98
CA LEU C 541 -18.71 -16.30 22.09
C LEU C 541 -18.03 -17.61 22.45
N VAL C 542 -17.80 -17.83 23.74
CA VAL C 542 -17.16 -19.04 24.25
C VAL C 542 -17.91 -19.52 25.48
N LYS C 543 -17.50 -20.67 25.99
CA LYS C 543 -18.13 -21.24 27.17
C LYS C 543 -17.62 -20.56 28.44
N LYS C 544 -18.48 -20.50 29.46
CA LYS C 544 -18.12 -19.80 30.69
C LYS C 544 -17.00 -20.51 31.43
N GLU C 545 -17.00 -21.85 31.42
CA GLU C 545 -15.98 -22.66 32.09
C GLU C 545 -15.92 -22.32 33.59
N ILE C 546 -16.99 -22.70 34.27
CA ILE C 546 -17.15 -22.42 35.70
C ILE C 546 -15.96 -22.97 36.47
N PRO C 547 -15.45 -22.25 37.48
CA PRO C 547 -14.29 -22.76 38.26
C PRO C 547 -14.66 -23.82 39.28
N ARG C 548 -15.84 -24.44 39.11
CA ARG C 548 -16.39 -25.44 40.01
C ARG C 548 -15.33 -26.37 40.60
N SER C 549 -15.30 -26.48 41.92
CA SER C 549 -14.24 -27.16 42.65
C SER C 549 -14.75 -28.51 43.15
N THR C 550 -13.82 -29.38 43.54
CA THR C 550 -14.11 -30.71 44.04
C THR C 550 -13.88 -30.77 45.54
N LEU C 551 -13.99 -31.99 46.09
CA LEU C 551 -13.87 -32.16 47.54
C LEU C 551 -12.46 -31.87 48.03
N ASP C 552 -11.47 -31.94 47.14
CA ASP C 552 -10.06 -31.72 47.50
C ASP C 552 -9.62 -30.30 47.14
N SER C 553 -10.50 -29.32 47.31
CA SER C 553 -10.17 -27.95 46.94
C SER C 553 -9.07 -27.36 47.82
N PHE C 554 -8.71 -28.03 48.91
CA PHE C 554 -7.63 -27.56 49.77
C PHE C 554 -6.48 -28.54 49.86
N MET C 555 -6.51 -29.64 49.11
CA MET C 555 -5.43 -30.62 49.08
C MET C 555 -4.49 -30.44 47.89
N GLN C 556 -4.71 -29.45 47.04
CA GLN C 556 -3.82 -29.25 45.90
C GLN C 556 -2.36 -28.97 46.27
N PRO C 557 -2.04 -28.13 47.26
CA PRO C 557 -0.63 -27.77 47.48
C PRO C 557 0.31 -28.95 47.69
N PHE C 558 -0.12 -30.00 48.37
CA PHE C 558 0.73 -31.17 48.60
C PHE C 558 0.08 -32.41 48.03
N GLN C 559 0.91 -33.29 47.47
CA GLN C 559 0.45 -34.53 46.89
C GLN C 559 0.15 -35.55 47.99
N SER C 560 -0.37 -36.71 47.59
CA SER C 560 -0.73 -37.73 48.57
C SER C 560 0.48 -38.26 49.33
N THR C 561 1.59 -38.48 48.62
CA THR C 561 2.78 -39.06 49.25
C THR C 561 3.23 -38.25 50.46
N LEU C 562 3.22 -36.92 50.35
CA LEU C 562 3.64 -36.07 51.45
C LEU C 562 2.88 -36.36 52.74
N TRP C 563 1.61 -36.78 52.64
CA TRP C 563 0.88 -37.16 53.84
C TRP C 563 1.64 -38.24 54.61
N LEU C 564 1.96 -39.35 53.93
CA LEU C 564 2.84 -40.33 54.58
C LEU C 564 4.11 -39.65 55.07
N LEU C 565 4.72 -38.82 54.22
CA LEU C 565 5.94 -38.13 54.60
C LEU C 565 5.71 -37.25 55.83
N VAL C 566 4.57 -36.55 55.89
CA VAL C 566 4.39 -35.67 57.04
C VAL C 566 4.19 -36.51 58.29
N GLY C 567 3.59 -37.69 58.16
CA GLY C 567 3.59 -38.63 59.26
C GLY C 567 5.00 -39.03 59.63
N LEU C 568 5.82 -39.32 58.61
CA LEU C 568 7.22 -39.63 58.86
C LEU C 568 7.97 -38.43 59.43
N SER C 569 7.37 -37.24 59.34
CA SER C 569 8.02 -36.08 59.94
C SER C 569 7.62 -35.86 61.39
N VAL C 570 6.62 -36.60 61.89
CA VAL C 570 6.15 -36.37 63.25
C VAL C 570 6.37 -37.58 64.14
N HIS C 571 5.88 -38.75 63.74
CA HIS C 571 5.87 -39.91 64.64
C HIS C 571 7.27 -40.28 65.09
N VAL C 572 8.19 -40.47 64.14
CA VAL C 572 9.56 -40.86 64.48
C VAL C 572 10.22 -39.80 65.34
N VAL C 573 9.75 -38.55 65.23
CA VAL C 573 10.25 -37.51 66.13
C VAL C 573 9.69 -37.72 67.54
N ALA C 574 8.36 -37.84 67.64
CA ALA C 574 7.75 -37.91 68.96
C ALA C 574 8.37 -39.01 69.81
N VAL C 575 8.46 -40.22 69.25
CA VAL C 575 9.01 -41.35 69.99
C VAL C 575 10.42 -41.03 70.46
N MET C 576 11.27 -40.48 69.58
CA MET C 576 12.64 -40.22 70.02
C MET C 576 12.67 -39.14 71.08
N LEU C 577 11.74 -38.18 71.00
CA LEU C 577 11.61 -37.21 72.10
C LEU C 577 11.31 -37.93 73.40
N TYR C 578 10.39 -38.89 73.37
CA TYR C 578 10.15 -39.72 74.55
C TYR C 578 11.43 -40.40 74.99
N LEU C 579 12.22 -40.90 74.03
CA LEU C 579 13.51 -41.49 74.38
C LEU C 579 14.40 -40.48 75.08
N LEU C 580 14.41 -39.24 74.59
CA LEU C 580 15.20 -38.20 75.23
C LEU C 580 14.75 -37.98 76.67
N ASP C 581 13.45 -38.18 76.94
CA ASP C 581 12.98 -38.10 78.32
C ASP C 581 13.24 -39.42 79.05
N ARG C 582 13.20 -40.54 78.34
CA ARG C 582 13.34 -41.83 79.00
C ARG C 582 14.76 -42.03 79.51
N PHE C 583 15.76 -41.68 78.72
CA PHE C 583 17.15 -41.90 79.06
C PHE C 583 17.85 -40.64 79.56
N SER C 584 17.09 -39.60 79.92
CA SER C 584 17.69 -38.40 80.48
C SER C 584 18.32 -38.73 81.83
N PRO C 585 19.47 -38.13 82.15
CA PRO C 585 20.09 -38.39 83.46
C PRO C 585 19.22 -38.00 84.63
N PHE C 586 18.40 -36.96 84.50
CA PHE C 586 17.51 -36.53 85.58
C PHE C 586 16.05 -36.63 85.15
N LEU C 601 6.59 -37.54 81.08
CA LEU C 601 6.13 -37.40 79.71
C LEU C 601 6.31 -38.71 78.95
N THR C 602 5.21 -39.41 78.71
CA THR C 602 5.23 -40.71 78.06
C THR C 602 5.17 -40.52 76.53
N LEU C 603 5.00 -41.63 75.80
CA LEU C 603 4.94 -41.56 74.35
C LEU C 603 3.70 -40.81 73.88
N SER C 604 2.56 -41.01 74.54
CA SER C 604 1.34 -40.33 74.12
C SER C 604 1.44 -38.82 74.34
N SER C 605 2.04 -38.41 75.46
CA SER C 605 2.25 -36.99 75.71
C SER C 605 3.19 -36.38 74.68
N ALA C 606 4.24 -37.11 74.31
CA ALA C 606 5.15 -36.63 73.26
C ALA C 606 4.42 -36.49 71.93
N MET C 607 3.57 -37.47 71.60
CA MET C 607 2.78 -37.39 70.38
C MET C 607 1.86 -36.18 70.41
N TRP C 608 1.23 -35.91 71.55
CA TRP C 608 0.37 -34.74 71.66
C TRP C 608 1.15 -33.45 71.53
N PHE C 609 2.34 -33.39 72.11
CA PHE C 609 3.20 -32.21 71.94
C PHE C 609 3.54 -31.99 70.48
N SER C 610 3.91 -33.07 69.77
CA SER C 610 4.25 -32.95 68.36
C SER C 610 3.05 -32.51 67.53
N TRP C 611 1.87 -33.06 67.81
CA TRP C 611 0.68 -32.67 67.08
C TRP C 611 0.32 -31.22 67.33
N GLY C 612 0.35 -30.78 68.59
CA GLY C 612 0.10 -29.38 68.91
C GLY C 612 1.12 -28.45 68.32
N VAL C 613 2.34 -28.92 68.10
CA VAL C 613 3.31 -28.15 67.33
C VAL C 613 2.88 -28.06 65.87
N LEU C 614 2.46 -29.20 65.29
CA LEU C 614 2.12 -29.24 63.88
C LEU C 614 0.90 -28.36 63.59
N LEU C 615 -0.15 -28.50 64.37
CA LEU C 615 -1.38 -27.75 64.20
C LEU C 615 -1.63 -26.89 65.43
N ASN C 616 -2.05 -25.65 65.21
CA ASN C 616 -2.06 -24.63 66.26
C ASN C 616 -3.24 -24.83 67.22
N SER C 617 -3.22 -25.98 67.90
CA SER C 617 -4.25 -26.27 68.88
C SER C 617 -4.05 -25.46 70.16
N GLY C 618 -2.80 -25.29 70.59
CA GLY C 618 -2.53 -24.58 71.82
C GLY C 618 -2.70 -25.41 73.07
N ILE C 619 -2.76 -26.74 72.95
CA ILE C 619 -2.93 -27.58 74.12
C ILE C 619 -1.69 -27.52 75.01
N GLY C 620 -0.50 -27.44 74.41
CA GLY C 620 0.72 -27.39 75.20
C GLY C 620 0.90 -28.65 76.02
N GLU C 621 1.10 -28.46 77.33
CA GLU C 621 1.15 -29.53 78.34
C GLU C 621 2.10 -30.67 77.96
N GLY C 622 3.02 -30.41 77.05
CA GLY C 622 3.97 -31.43 76.62
C GLY C 622 5.40 -30.94 76.59
N ALA C 623 5.74 -30.03 77.50
CA ALA C 623 7.10 -29.50 77.56
C ALA C 623 8.05 -30.57 78.08
N PRO C 624 9.09 -30.92 77.33
CA PRO C 624 10.01 -31.98 77.78
C PRO C 624 10.97 -31.49 78.85
N ARG C 625 11.64 -32.45 79.47
CA ARG C 625 12.58 -32.17 80.56
C ARG C 625 14.02 -32.08 80.09
N SER C 626 14.42 -32.88 79.11
CA SER C 626 15.79 -32.83 78.61
C SER C 626 16.03 -31.57 77.79
N PHE C 627 17.24 -31.04 77.91
CA PHE C 627 17.60 -29.83 77.16
C PHE C 627 17.54 -30.09 75.66
N SER C 628 18.11 -31.22 75.23
CA SER C 628 18.08 -31.58 73.82
C SER C 628 16.65 -31.78 73.34
N ALA C 629 15.81 -32.39 74.16
CA ALA C 629 14.41 -32.56 73.79
C ALA C 629 13.72 -31.21 73.64
N ARG C 630 14.02 -30.26 74.53
CA ARG C 630 13.42 -28.93 74.42
C ARG C 630 13.86 -28.21 73.15
N ILE C 631 15.16 -28.25 72.84
CA ILE C 631 15.64 -27.56 71.64
C ILE C 631 15.13 -28.27 70.39
N LEU C 632 14.91 -29.58 70.46
CA LEU C 632 14.35 -30.30 69.32
C LEU C 632 12.88 -29.96 69.11
N GLY C 633 12.12 -29.84 70.19
CA GLY C 633 10.78 -29.32 70.06
C GLY C 633 10.76 -27.93 69.48
N MET C 634 11.72 -27.09 69.87
CA MET C 634 11.83 -25.75 69.33
C MET C 634 12.08 -25.77 67.83
N VAL C 635 13.07 -26.55 67.38
CA VAL C 635 13.40 -26.56 65.96
C VAL C 635 12.27 -27.21 65.15
N TRP C 636 11.60 -28.23 65.71
CA TRP C 636 10.47 -28.82 65.02
C TRP C 636 9.30 -27.86 64.96
N ALA C 637 9.14 -26.99 65.96
CA ALA C 637 8.16 -25.93 65.89
C ALA C 637 8.50 -24.95 64.77
N GLY C 638 9.78 -24.62 64.63
CA GLY C 638 10.19 -23.78 63.52
C GLY C 638 9.87 -24.40 62.16
N PHE C 639 10.16 -25.69 62.01
CA PHE C 639 9.85 -26.37 60.76
C PHE C 639 8.35 -26.47 60.52
N ALA C 640 7.57 -26.66 61.57
CA ALA C 640 6.12 -26.67 61.43
C ALA C 640 5.59 -25.30 60.99
N MET C 641 6.18 -24.23 61.54
CA MET C 641 5.80 -22.89 61.10
C MET C 641 6.13 -22.71 59.62
N ILE C 642 7.30 -23.18 59.21
CA ILE C 642 7.69 -23.06 57.80
C ILE C 642 6.71 -23.84 56.93
N ILE C 643 6.33 -25.04 57.37
CA ILE C 643 5.40 -25.86 56.58
C ILE C 643 4.05 -25.18 56.46
N VAL C 644 3.53 -24.64 57.56
CA VAL C 644 2.22 -24.01 57.51
C VAL C 644 2.26 -22.72 56.68
N ALA C 645 3.36 -21.98 56.76
CA ALA C 645 3.51 -20.79 55.93
C ALA C 645 3.58 -21.15 54.45
N SER C 646 4.30 -22.22 54.13
CA SER C 646 4.34 -22.69 52.74
C SER C 646 2.97 -23.13 52.27
N TYR C 647 2.23 -23.82 53.13
CA TYR C 647 0.86 -24.23 52.79
C TYR C 647 0.00 -23.00 52.49
N THR C 648 0.04 -22.00 53.37
CA THR C 648 -0.77 -20.80 53.17
C THR C 648 -0.39 -20.09 51.87
N ALA C 649 0.91 -19.90 51.64
CA ALA C 649 1.36 -19.21 50.45
C ALA C 649 0.98 -19.97 49.18
N ASN C 650 1.18 -21.29 49.18
CA ASN C 650 0.87 -22.08 47.99
C ASN C 650 -0.63 -22.08 47.71
N LEU C 651 -1.46 -22.24 48.74
CA LEU C 651 -2.89 -22.24 48.51
C LEU C 651 -3.38 -20.87 48.04
N ALA C 652 -2.82 -19.80 48.61
CA ALA C 652 -3.20 -18.47 48.16
C ALA C 652 -2.81 -18.24 46.70
N ALA C 653 -1.61 -18.65 46.31
CA ALA C 653 -1.18 -18.51 44.93
C ALA C 653 -2.03 -19.36 44.00
N PHE C 654 -2.46 -20.54 44.47
CA PHE C 654 -3.30 -21.41 43.67
C PHE C 654 -4.69 -20.82 43.46
N LEU C 655 -5.23 -20.16 44.48
CA LEU C 655 -6.61 -19.67 44.40
C LEU C 655 -6.73 -18.25 43.86
N VAL C 656 -5.66 -17.46 43.86
CA VAL C 656 -5.77 -16.11 43.31
C VAL C 656 -5.98 -16.17 41.79
N LEU C 657 -5.44 -17.20 41.15
CA LEU C 657 -5.59 -17.39 39.71
C LEU C 657 -6.33 -18.72 39.48
N ASP C 658 -7.46 -18.63 38.79
CA ASP C 658 -8.22 -19.80 38.34
C ASP C 658 -8.67 -19.58 36.91
N ARG C 659 -7.79 -18.94 36.13
CA ARG C 659 -7.97 -18.51 34.75
C ARG C 659 -7.93 -19.59 33.66
N PRO C 660 -7.22 -20.76 33.83
CA PRO C 660 -6.63 -21.45 32.67
C PRO C 660 -7.56 -21.68 31.47
N GLU C 661 -8.87 -21.45 31.63
CA GLU C 661 -9.76 -21.43 30.47
C GLU C 661 -9.23 -20.47 29.41
N GLU C 662 -8.54 -19.42 29.83
CA GLU C 662 -7.75 -18.54 28.96
C GLU C 662 -8.64 -17.90 27.89
N ARG C 663 -9.50 -17.01 28.37
CA ARG C 663 -10.43 -16.29 27.49
C ARG C 663 -9.71 -15.69 26.29
N ILE C 664 -10.32 -15.85 25.12
CA ILE C 664 -9.73 -15.36 23.88
C ILE C 664 -9.67 -13.84 23.91
N THR C 665 -8.51 -13.29 23.56
CA THR C 665 -8.33 -11.84 23.51
C THR C 665 -8.65 -11.30 22.13
N GLY C 666 -9.84 -11.68 21.65
CA GLY C 666 -10.32 -11.23 20.35
C GLY C 666 -9.51 -11.80 19.20
N ILE C 667 -9.52 -11.06 18.09
CA ILE C 667 -8.85 -11.51 16.87
C ILE C 667 -7.33 -11.49 16.99
N ASN C 668 -6.78 -10.77 17.97
CA ASN C 668 -5.34 -10.71 18.15
C ASN C 668 -4.80 -11.87 18.97
N ASP C 669 -5.66 -12.77 19.45
CA ASP C 669 -5.19 -13.89 20.25
C ASP C 669 -4.30 -14.80 19.42
N PRO C 670 -3.15 -15.20 19.94
CA PRO C 670 -2.24 -16.04 19.15
C PRO C 670 -2.85 -17.37 18.73
N ARG C 671 -3.75 -17.93 19.53
CA ARG C 671 -4.40 -19.19 19.16
C ARG C 671 -5.18 -19.06 17.87
N LEU C 672 -5.71 -17.86 17.59
CA LEU C 672 -6.52 -17.66 16.40
C LEU C 672 -5.67 -17.62 15.15
N ARG C 673 -4.41 -17.18 15.26
CA ARG C 673 -3.53 -17.11 14.10
C ARG C 673 -3.29 -18.50 13.50
N ASN C 674 -2.96 -19.48 14.35
CA ASN C 674 -2.70 -20.84 13.89
C ASN C 674 -3.79 -21.77 14.43
N PRO C 675 -4.75 -22.17 13.62
CA PRO C 675 -5.85 -23.01 14.10
C PRO C 675 -5.42 -24.44 14.35
N SER C 676 -5.36 -24.81 15.62
CA SER C 676 -5.03 -26.18 15.99
C SER C 676 -6.28 -27.06 15.90
N ASP C 677 -6.05 -28.37 15.91
CA ASP C 677 -7.17 -29.31 15.85
C ASP C 677 -8.01 -29.27 17.13
N LYS C 678 -7.35 -29.12 18.28
CA LYS C 678 -8.07 -29.17 19.55
C LYS C 678 -8.96 -27.94 19.74
N PHE C 679 -8.52 -26.78 19.25
CA PHE C 679 -9.27 -25.54 19.38
C PHE C 679 -9.91 -25.22 18.04
N ILE C 680 -11.24 -25.34 17.97
CA ILE C 680 -11.99 -25.15 16.74
C ILE C 680 -12.95 -23.98 16.93
N TYR C 681 -12.91 -23.03 16.02
CA TYR C 681 -13.80 -21.88 16.04
C TYR C 681 -14.49 -21.76 14.69
N ALA C 682 -15.77 -21.39 14.72
CA ALA C 682 -16.57 -21.38 13.49
C ALA C 682 -17.54 -20.22 13.51
N THR C 683 -18.28 -20.08 12.41
CA THR C 683 -19.27 -19.03 12.25
C THR C 683 -20.34 -19.51 11.28
N VAL C 684 -21.36 -18.68 11.09
CA VAL C 684 -22.48 -19.05 10.22
C VAL C 684 -22.03 -19.03 8.77
N LYS C 685 -22.32 -20.11 8.04
CA LYS C 685 -21.95 -20.20 6.63
C LYS C 685 -22.75 -19.20 5.81
N GLN C 686 -22.09 -18.61 4.81
CA GLN C 686 -22.71 -17.69 3.87
C GLN C 686 -23.35 -16.50 4.60
N SER C 687 -22.50 -15.75 5.30
CA SER C 687 -22.95 -14.58 6.03
C SER C 687 -21.94 -13.46 5.82
N SER C 688 -22.24 -12.30 6.40
CA SER C 688 -21.37 -11.14 6.24
C SER C 688 -19.99 -11.38 6.83
N VAL C 689 -19.94 -12.06 7.98
CA VAL C 689 -18.66 -12.36 8.61
C VAL C 689 -17.80 -13.26 7.73
N ASP C 690 -18.44 -14.21 7.03
CA ASP C 690 -17.69 -15.06 6.11
C ASP C 690 -17.07 -14.24 4.98
N ILE C 691 -17.83 -13.30 4.44
CA ILE C 691 -17.31 -12.42 3.39
C ILE C 691 -16.16 -11.59 3.93
N TYR C 692 -16.31 -11.06 5.14
CA TYR C 692 -15.25 -10.24 5.73
C TYR C 692 -13.97 -11.03 5.92
N PHE C 693 -14.09 -12.26 6.43
CA PHE C 693 -12.90 -13.09 6.59
C PHE C 693 -12.29 -13.47 5.24
N ARG C 694 -13.12 -13.70 4.23
CA ARG C 694 -12.60 -14.04 2.92
C ARG C 694 -11.84 -12.88 2.30
N ARG C 695 -12.34 -11.66 2.48
CA ARG C 695 -11.68 -10.50 1.87
C ARG C 695 -10.40 -10.11 2.60
N GLN C 696 -10.32 -10.39 3.90
CA GLN C 696 -9.13 -10.03 4.65
C GLN C 696 -7.90 -10.79 4.15
N VAL C 697 -6.77 -10.09 4.11
CA VAL C 697 -5.56 -10.68 3.53
C VAL C 697 -4.80 -11.51 4.56
N GLU C 698 -4.74 -11.04 5.82
CA GLU C 698 -4.02 -11.76 6.86
C GLU C 698 -4.89 -12.76 7.59
N LEU C 699 -6.20 -12.72 7.38
CA LEU C 699 -7.14 -13.56 8.11
C LEU C 699 -7.49 -14.83 7.37
N SER C 700 -6.95 -15.03 6.16
CA SER C 700 -7.38 -16.15 5.33
C SER C 700 -6.80 -17.48 5.82
N THR C 701 -5.70 -17.44 6.58
CA THR C 701 -5.10 -18.67 7.06
C THR C 701 -6.03 -19.43 7.99
N MET C 702 -6.87 -18.71 8.73
CA MET C 702 -7.95 -19.37 9.46
C MET C 702 -9.18 -19.53 8.60
N TYR C 703 -9.23 -18.86 7.45
CA TYR C 703 -10.39 -19.00 6.58
C TYR C 703 -10.42 -20.37 5.93
N ARG C 704 -9.25 -20.89 5.52
CA ARG C 704 -9.24 -22.28 5.07
C ARG C 704 -9.62 -23.24 6.19
N HIS C 705 -9.32 -22.89 7.43
CA HIS C 705 -9.68 -23.76 8.54
C HIS C 705 -11.18 -23.77 8.82
N MET C 706 -11.80 -22.59 8.85
CA MET C 706 -13.19 -22.48 9.27
C MET C 706 -14.18 -22.74 8.15
N GLU C 707 -13.73 -22.79 6.89
CA GLU C 707 -14.65 -23.03 5.78
C GLU C 707 -15.28 -24.41 5.87
N LYS C 708 -14.58 -25.38 6.45
CA LYS C 708 -15.11 -26.72 6.60
C LYS C 708 -15.92 -26.92 7.88
N HIS C 709 -15.89 -25.95 8.80
CA HIS C 709 -16.59 -26.07 10.07
C HIS C 709 -17.77 -25.11 10.19
N ASN C 710 -18.12 -24.40 9.12
CA ASN C 710 -19.18 -23.40 9.20
C ASN C 710 -20.52 -24.06 9.46
N TYR C 711 -21.37 -23.38 10.22
CA TYR C 711 -22.68 -23.88 10.61
C TYR C 711 -23.77 -23.20 9.78
N GLU C 712 -24.90 -23.90 9.65
CA GLU C 712 -25.95 -23.45 8.75
C GLU C 712 -26.76 -22.30 9.33
N SER C 713 -26.89 -22.21 10.65
CA SER C 713 -27.71 -21.19 11.26
C SER C 713 -27.12 -20.81 12.61
N ALA C 714 -27.54 -19.65 13.12
CA ALA C 714 -27.04 -19.16 14.40
C ALA C 714 -27.43 -20.08 15.55
N ALA C 715 -28.66 -20.60 15.52
CA ALA C 715 -29.14 -21.45 16.61
C ALA C 715 -28.30 -22.70 16.73
N GLU C 716 -27.93 -23.32 15.61
CA GLU C 716 -27.09 -24.51 15.65
C GLU C 716 -25.73 -24.19 16.25
N ALA C 717 -25.16 -23.05 15.89
CA ALA C 717 -23.87 -22.66 16.47
C ALA C 717 -23.97 -22.43 17.97
N ILE C 718 -25.04 -21.77 18.41
CA ILE C 718 -25.23 -21.53 19.83
C ILE C 718 -25.37 -22.85 20.58
N GLN C 719 -26.15 -23.78 20.03
CA GLN C 719 -26.29 -25.09 20.66
C GLN C 719 -24.97 -25.83 20.71
N ALA C 720 -24.19 -25.77 19.62
CA ALA C 720 -22.91 -26.48 19.58
C ALA C 720 -21.92 -25.91 20.59
N VAL C 721 -21.86 -24.58 20.71
CA VAL C 721 -20.95 -23.99 21.68
C VAL C 721 -21.47 -24.16 23.10
N ARG C 722 -22.78 -24.40 23.26
CA ARG C 722 -23.33 -24.59 24.60
C ARG C 722 -22.88 -25.92 25.20
N ASP C 723 -22.89 -26.99 24.41
CA ASP C 723 -22.52 -28.32 24.89
C ASP C 723 -21.07 -28.67 24.55
N ASN C 724 -20.21 -27.66 24.44
CA ASN C 724 -18.77 -27.85 24.25
C ASN C 724 -18.47 -28.68 23.00
N LYS C 725 -19.25 -28.44 21.93
CA LYS C 725 -18.95 -29.02 20.63
C LYS C 725 -18.17 -28.08 19.73
N LEU C 726 -18.35 -26.77 19.92
CA LEU C 726 -17.58 -25.75 19.22
C LEU C 726 -16.93 -24.84 20.27
N HIS C 727 -15.63 -24.63 20.14
CA HIS C 727 -14.91 -23.87 21.16
C HIS C 727 -15.26 -22.39 21.10
N ALA C 728 -15.37 -21.83 19.90
CA ALA C 728 -15.62 -20.40 19.76
C ALA C 728 -16.53 -20.15 18.56
N PHE C 729 -17.43 -19.17 18.72
CA PHE C 729 -18.37 -18.79 17.67
C PHE C 729 -18.15 -17.32 17.34
N ILE C 730 -17.93 -17.03 16.06
CA ILE C 730 -17.72 -15.66 15.60
C ILE C 730 -19.05 -15.13 15.08
N TRP C 731 -19.55 -14.05 15.66
CA TRP C 731 -20.86 -13.54 15.23
C TRP C 731 -21.02 -12.09 15.67
N ASP C 732 -22.17 -11.53 15.32
CA ASP C 732 -22.45 -10.13 15.57
C ASP C 732 -22.45 -9.83 17.07
N SER C 733 -22.08 -8.59 17.41
CA SER C 733 -21.99 -8.21 18.80
C SER C 733 -23.34 -8.25 19.50
N ALA C 734 -24.39 -7.78 18.83
CA ALA C 734 -25.71 -7.72 19.46
C ALA C 734 -26.24 -9.11 19.79
N VAL C 735 -26.17 -10.02 18.82
CA VAL C 735 -26.73 -11.36 19.01
C VAL C 735 -25.97 -12.10 20.11
N LEU C 736 -24.65 -12.08 20.05
CA LEU C 736 -23.86 -12.79 21.06
C LEU C 736 -24.01 -12.14 22.43
N GLU C 737 -24.10 -10.81 22.49
CA GLU C 737 -24.32 -10.15 23.77
C GLU C 737 -25.65 -10.57 24.38
N PHE C 738 -26.70 -10.60 23.56
CA PHE C 738 -28.00 -11.04 24.07
C PHE C 738 -27.96 -12.49 24.53
N GLU C 739 -27.29 -13.36 23.77
CA GLU C 739 -27.21 -14.76 24.15
C GLU C 739 -26.43 -14.94 25.45
N ALA C 740 -25.32 -14.20 25.60
CA ALA C 740 -24.54 -14.29 26.83
C ALA C 740 -25.34 -13.77 28.02
N SER C 741 -26.14 -12.73 27.81
CA SER C 741 -27.02 -12.26 28.88
C SER C 741 -28.05 -13.33 29.24
N GLN C 742 -28.62 -13.99 28.23
CA GLN C 742 -29.63 -15.01 28.49
C GLN C 742 -29.02 -16.30 29.02
N LYS C 743 -27.89 -16.75 28.47
CA LYS C 743 -27.28 -18.01 28.84
C LYS C 743 -26.09 -17.74 29.74
N CYS C 744 -26.16 -18.26 30.98
CA CYS C 744 -25.08 -18.05 31.94
C CYS C 744 -23.80 -18.74 31.49
N ASP C 745 -23.92 -19.95 30.95
CA ASP C 745 -22.76 -20.74 30.58
C ASP C 745 -22.01 -20.22 29.37
N LEU C 746 -22.55 -19.22 28.66
CA LEU C 746 -21.91 -18.65 27.49
C LEU C 746 -21.53 -17.20 27.78
N VAL C 747 -20.30 -16.83 27.42
CA VAL C 747 -19.78 -15.50 27.69
C VAL C 747 -19.04 -15.00 26.45
N THR C 748 -19.14 -13.71 26.19
CA THR C 748 -18.40 -13.07 25.12
C THR C 748 -17.00 -12.71 25.60
N THR C 749 -16.23 -12.07 24.71
CA THR C 749 -14.88 -11.65 25.03
C THR C 749 -14.65 -10.16 24.90
N GLY C 750 -15.46 -9.45 24.13
CA GLY C 750 -15.28 -8.02 23.95
C GLY C 750 -14.39 -7.69 22.76
N GLU C 751 -13.61 -6.62 22.90
CA GLU C 751 -12.69 -6.13 21.86
C GLU C 751 -13.29 -6.23 20.46
N LEU C 752 -14.37 -5.47 20.29
CA LEU C 752 -15.11 -5.49 19.03
C LEU C 752 -14.20 -5.13 17.86
N PHE C 753 -14.36 -5.86 16.76
CA PHE C 753 -13.64 -5.59 15.53
C PHE C 753 -14.62 -5.59 14.37
N PHE C 754 -14.25 -4.87 13.31
CA PHE C 754 -15.12 -4.68 12.14
C PHE C 754 -16.45 -4.06 12.55
N ARG C 755 -16.37 -2.85 13.11
CA ARG C 755 -17.57 -2.14 13.51
C ARG C 755 -18.39 -1.75 12.28
N SER C 756 -19.70 -1.96 12.36
CA SER C 756 -20.60 -1.66 11.26
C SER C 756 -21.99 -1.40 11.83
N GLY C 757 -22.99 -1.39 10.96
CA GLY C 757 -24.34 -1.14 11.41
C GLY C 757 -25.38 -1.92 10.63
N PHE C 758 -26.38 -2.45 11.34
CA PHE C 758 -27.47 -3.13 10.68
C PHE C 758 -28.28 -2.15 9.85
N GLY C 759 -28.66 -2.56 8.64
CA GLY C 759 -29.36 -1.68 7.73
C GLY C 759 -30.60 -2.35 7.17
N ILE C 760 -31.43 -1.52 6.54
CA ILE C 760 -32.67 -1.99 5.92
C ILE C 760 -32.38 -2.16 4.44
N GLY C 761 -31.96 -3.36 4.07
CA GLY C 761 -31.62 -3.63 2.68
C GLY C 761 -32.84 -3.57 1.77
N MET C 762 -32.62 -3.08 0.55
CA MET C 762 -33.68 -2.86 -0.41
C MET C 762 -33.07 -2.37 -1.72
N ARG C 763 -33.90 -2.38 -2.77
CA ARG C 763 -33.40 -2.20 -4.13
C ARG C 763 -32.80 -0.82 -4.34
N LYS C 764 -31.89 -0.75 -5.33
CA LYS C 764 -31.17 0.50 -5.59
C LYS C 764 -32.11 1.61 -6.03
N ASP C 765 -32.99 1.32 -6.98
CA ASP C 765 -33.89 2.32 -7.55
C ASP C 765 -35.25 2.22 -6.87
N SER C 766 -35.31 2.69 -5.63
CA SER C 766 -36.56 2.66 -4.88
C SER C 766 -36.85 4.03 -4.30
N PRO C 767 -38.04 4.58 -4.55
CA PRO C 767 -38.37 5.90 -4.00
C PRO C 767 -38.45 5.93 -2.48
N TRP C 768 -38.55 4.77 -1.83
CA TRP C 768 -38.70 4.74 -0.39
C TRP C 768 -37.44 5.16 0.35
N LYS C 769 -36.32 5.29 -0.37
CA LYS C 769 -35.02 5.35 0.31
C LYS C 769 -34.90 6.59 1.19
N GLN C 770 -35.18 7.77 0.63
CA GLN C 770 -34.96 9.00 1.38
C GLN C 770 -35.87 9.07 2.61
N ASN C 771 -37.14 8.73 2.43
CA ASN C 771 -38.09 8.77 3.54
C ASN C 771 -37.77 7.73 4.59
N VAL C 772 -37.33 6.53 4.19
CA VAL C 772 -36.97 5.51 5.16
C VAL C 772 -35.75 5.95 5.97
N SER C 773 -34.75 6.53 5.30
CA SER C 773 -33.57 7.02 6.01
C SER C 773 -33.94 8.13 6.98
N LEU C 774 -34.81 9.05 6.54
CA LEU C 774 -35.29 10.11 7.44
C LEU C 774 -36.01 9.54 8.64
N SER C 775 -36.85 8.53 8.43
CA SER C 775 -37.59 7.95 9.54
C SER C 775 -36.64 7.25 10.52
N ILE C 776 -35.62 6.56 10.00
CA ILE C 776 -34.66 5.91 10.88
C ILE C 776 -33.90 6.95 11.71
N LEU C 777 -33.46 8.03 11.05
CA LEU C 777 -32.74 9.06 11.78
C LEU C 777 -33.63 9.74 12.82
N LYS C 778 -34.89 9.98 12.49
CA LYS C 778 -35.81 10.56 13.47
C LYS C 778 -36.04 9.62 14.64
N SER C 779 -36.14 8.32 14.36
CA SER C 779 -36.31 7.35 15.44
C SER C 779 -35.08 7.34 16.34
N HIS C 780 -33.89 7.50 15.77
CA HIS C 780 -32.70 7.66 16.60
C HIS C 780 -32.73 8.96 17.39
N GLU C 781 -33.30 10.02 16.82
CA GLU C 781 -33.26 11.32 17.49
C GLU C 781 -34.01 11.28 18.81
N ASN C 782 -35.22 10.72 18.83
CA ASN C 782 -35.95 10.56 20.07
C ASN C 782 -35.56 9.23 20.70
N GLY C 783 -36.22 8.87 21.80
CA GLY C 783 -35.87 7.68 22.54
C GLY C 783 -36.52 6.40 22.07
N PHE C 784 -37.12 6.40 20.88
CA PHE C 784 -37.82 5.20 20.41
C PHE C 784 -36.86 4.03 20.25
N MET C 785 -35.69 4.27 19.67
CA MET C 785 -34.69 3.21 19.56
C MET C 785 -34.20 2.78 20.93
N GLU C 786 -34.03 3.72 21.86
CA GLU C 786 -33.67 3.35 23.22
C GLU C 786 -34.76 2.51 23.88
N ASP C 787 -36.01 2.88 23.65
CA ASP C 787 -37.12 2.09 24.19
C ASP C 787 -37.11 0.67 23.62
N LEU C 788 -36.86 0.55 22.32
CA LEU C 788 -36.78 -0.78 21.71
C LEU C 788 -35.62 -1.58 22.29
N ASP C 789 -34.47 -0.94 22.48
CA ASP C 789 -33.34 -1.62 23.08
C ASP C 789 -33.66 -2.10 24.49
N LYS C 790 -34.33 -1.25 25.28
CA LYS C 790 -34.73 -1.65 26.62
C LYS C 790 -35.69 -2.83 26.59
N THR C 791 -36.67 -2.81 25.69
CA THR C 791 -37.71 -3.83 25.70
C THR C 791 -37.21 -5.16 25.18
N TRP C 792 -36.43 -5.15 24.10
CA TRP C 792 -36.12 -6.38 23.39
C TRP C 792 -34.71 -6.90 23.59
N VAL C 793 -33.73 -6.03 23.81
CA VAL C 793 -32.32 -6.42 23.90
C VAL C 793 -31.76 -6.21 25.29
N ARG C 794 -31.95 -5.02 25.85
CA ARG C 794 -31.29 -4.65 27.11
C ARG C 794 -32.13 -5.13 28.28
N TYR C 795 -32.07 -6.43 28.54
CA TYR C 795 -32.59 -7.00 29.77
C TYR C 795 -31.76 -8.23 30.10
N GLN C 796 -31.20 -8.25 31.31
CA GLN C 796 -30.22 -9.25 31.70
C GLN C 796 -30.83 -10.21 32.73
N GLU C 797 -30.66 -11.51 32.49
CA GLU C 797 -31.08 -12.52 33.44
C GLU C 797 -29.95 -12.91 34.39
N CYS C 798 -28.81 -13.33 33.84
CA CYS C 798 -27.64 -13.66 34.64
C CYS C 798 -26.41 -13.04 34.00
N ASP C 799 -25.74 -12.17 34.73
CA ASP C 799 -24.53 -11.51 34.26
C ASP C 799 -23.31 -11.87 35.10
N SER C 800 -23.40 -11.74 36.43
CA SER C 800 -22.32 -12.06 37.35
C SER C 800 -21.04 -11.29 37.01
N LEU C 808 -16.59 -16.46 48.37
CA LEU C 808 -16.58 -17.75 47.70
C LEU C 808 -17.93 -18.46 47.87
N THR C 809 -18.13 -19.53 47.11
CA THR C 809 -19.38 -20.27 47.10
C THR C 809 -19.31 -21.43 48.09
N PHE C 810 -20.49 -21.97 48.42
CA PHE C 810 -20.57 -23.04 49.40
C PHE C 810 -19.83 -24.29 48.93
N GLU C 811 -19.97 -24.63 47.64
CA GLU C 811 -19.30 -25.81 47.11
C GLU C 811 -17.79 -25.66 47.10
N ASN C 812 -17.26 -24.44 47.16
CA ASN C 812 -15.82 -24.25 47.27
C ASN C 812 -15.31 -24.73 48.63
N MET C 813 -16.08 -24.48 49.69
CA MET C 813 -15.72 -24.89 51.04
C MET C 813 -16.46 -26.14 51.49
N ALA C 814 -17.11 -26.86 50.58
CA ALA C 814 -17.74 -28.12 50.95
C ALA C 814 -16.71 -29.16 51.40
N GLY C 815 -15.48 -29.07 50.90
CA GLY C 815 -14.48 -30.06 51.22
C GLY C 815 -14.09 -30.08 52.69
N VAL C 816 -13.95 -28.89 53.29
CA VAL C 816 -13.57 -28.83 54.70
C VAL C 816 -14.71 -29.35 55.59
N PHE C 817 -15.96 -29.10 55.20
CA PHE C 817 -17.08 -29.69 55.93
C PHE C 817 -17.09 -31.21 55.79
N MET C 818 -16.76 -31.71 54.60
CA MET C 818 -16.62 -33.15 54.42
C MET C 818 -15.52 -33.70 55.33
N LEU C 819 -14.40 -32.97 55.42
CA LEU C 819 -13.29 -33.43 56.25
C LEU C 819 -13.67 -33.47 57.73
N VAL C 820 -14.35 -32.43 58.23
CA VAL C 820 -14.72 -32.42 59.64
C VAL C 820 -15.77 -33.49 59.94
N ALA C 821 -16.72 -33.69 59.01
CA ALA C 821 -17.68 -34.77 59.18
C ALA C 821 -17.00 -36.13 59.19
N GLY C 822 -15.98 -36.31 58.34
CA GLY C 822 -15.23 -37.55 58.35
C GLY C 822 -14.46 -37.76 59.64
N GLY C 823 -13.86 -36.69 60.17
CA GLY C 823 -13.18 -36.80 61.45
C GLY C 823 -14.13 -37.18 62.57
N ILE C 824 -15.33 -36.60 62.56
CA ILE C 824 -16.29 -36.89 63.63
C ILE C 824 -16.87 -38.29 63.49
N VAL C 825 -17.10 -38.74 62.25
CA VAL C 825 -17.61 -40.09 62.06
C VAL C 825 -16.50 -41.12 62.32
N ALA C 826 -15.23 -40.71 62.26
CA ALA C 826 -14.16 -41.56 62.76
C ALA C 826 -14.15 -41.57 64.28
N GLY C 827 -14.39 -40.42 64.91
CA GLY C 827 -14.41 -40.35 66.35
C GLY C 827 -15.55 -41.14 66.97
N ILE C 828 -16.69 -41.22 66.28
CA ILE C 828 -17.81 -42.00 66.78
C ILE C 828 -17.52 -43.50 66.77
N PHE C 829 -16.43 -43.92 66.13
CA PHE C 829 -15.93 -45.29 66.23
C PHE C 829 -14.76 -45.42 67.18
N LEU C 830 -13.88 -44.41 67.21
CA LEU C 830 -12.79 -44.41 68.18
C LEU C 830 -13.31 -44.33 69.62
N ILE C 831 -14.50 -43.78 69.83
CA ILE C 831 -15.07 -43.80 71.18
C ILE C 831 -15.33 -45.25 71.61
N PHE C 832 -15.93 -46.05 70.73
CA PHE C 832 -16.15 -47.46 71.03
C PHE C 832 -14.83 -48.20 71.17
N ILE C 833 -13.85 -47.89 70.33
CA ILE C 833 -12.55 -48.55 70.41
C ILE C 833 -11.88 -48.24 71.75
N GLU C 834 -11.95 -46.98 72.18
CA GLU C 834 -11.37 -46.61 73.47
C GLU C 834 -12.12 -47.22 74.63
N ILE C 835 -13.45 -47.38 74.50
CA ILE C 835 -14.21 -48.07 75.53
C ILE C 835 -13.75 -49.52 75.64
N ALA C 836 -13.56 -50.18 74.49
CA ALA C 836 -13.06 -51.55 74.50
C ALA C 836 -11.67 -51.63 75.10
N TYR C 837 -10.80 -50.67 74.78
CA TYR C 837 -9.46 -50.65 75.36
C TYR C 837 -9.52 -50.46 76.88
N LYS C 838 -10.40 -49.58 77.34
CA LYS C 838 -10.59 -49.39 78.78
C LYS C 838 -11.19 -50.62 79.45
N ARG C 839 -11.93 -51.44 78.69
CA ARG C 839 -12.43 -52.69 79.24
C ARG C 839 -11.28 -53.62 79.63
N HIS C 840 -10.22 -53.66 78.83
CA HIS C 840 -9.05 -54.48 79.13
C HIS C 840 -8.36 -53.99 80.40
N PRO D 32 -32.94 -50.92 -41.69
CA PRO D 32 -33.20 -50.11 -42.89
C PRO D 32 -31.92 -49.61 -43.53
N ALA D 33 -32.05 -48.74 -44.53
CA ALA D 33 -30.93 -48.19 -45.27
C ALA D 33 -30.94 -46.68 -45.15
N LEU D 34 -29.79 -46.11 -44.83
CA LEU D 34 -29.63 -44.66 -44.69
C LEU D 34 -28.61 -44.17 -45.70
N ASN D 35 -29.04 -43.25 -46.57
CA ASN D 35 -28.17 -42.70 -47.60
C ASN D 35 -27.57 -41.40 -47.12
N ILE D 36 -26.24 -41.33 -47.06
CA ILE D 36 -25.52 -40.14 -46.63
C ILE D 36 -24.56 -39.74 -47.73
N ALA D 37 -24.67 -38.49 -48.18
CA ALA D 37 -23.84 -37.97 -49.25
C ALA D 37 -22.72 -37.11 -48.68
N VAL D 38 -21.50 -37.36 -49.13
CA VAL D 38 -20.32 -36.67 -48.64
C VAL D 38 -19.70 -35.95 -49.84
N LEU D 39 -19.63 -34.63 -49.76
CA LEU D 39 -19.15 -33.79 -50.84
C LEU D 39 -17.79 -33.21 -50.46
N LEU D 40 -16.81 -33.34 -51.36
CA LEU D 40 -15.50 -32.76 -51.18
C LEU D 40 -15.08 -31.98 -52.41
N GLY D 41 -14.11 -31.08 -52.22
CA GLY D 41 -13.57 -30.28 -53.28
C GLY D 41 -12.35 -30.91 -53.92
N HIS D 42 -11.96 -30.38 -55.07
CA HIS D 42 -10.87 -30.96 -55.84
C HIS D 42 -9.49 -30.69 -55.24
N SER D 43 -9.37 -29.66 -54.40
CA SER D 43 -8.08 -29.32 -53.82
C SER D 43 -7.55 -30.45 -52.94
N HIS D 44 -8.42 -31.06 -52.15
CA HIS D 44 -8.00 -32.16 -51.29
C HIS D 44 -7.55 -33.34 -52.12
N ASP D 45 -6.45 -33.95 -51.71
CA ASP D 45 -5.88 -35.11 -52.43
C ASP D 45 -6.49 -36.40 -51.89
N VAL D 46 -7.82 -36.43 -51.86
CA VAL D 46 -8.58 -37.51 -51.27
C VAL D 46 -9.47 -38.11 -52.35
N THR D 47 -9.47 -39.45 -52.44
CA THR D 47 -10.18 -40.17 -53.49
C THR D 47 -11.50 -40.72 -52.96
N GLU D 48 -12.41 -40.97 -53.90
CA GLU D 48 -13.74 -41.48 -53.54
C GLU D 48 -13.67 -42.85 -52.88
N ARG D 49 -12.69 -43.67 -53.29
CA ARG D 49 -12.58 -45.02 -52.75
C ARG D 49 -12.36 -44.99 -51.24
N GLU D 50 -11.47 -44.10 -50.78
CA GLU D 50 -11.22 -44.04 -49.35
C GLU D 50 -12.34 -43.32 -48.60
N LEU D 51 -13.10 -42.46 -49.27
CA LEU D 51 -14.33 -41.96 -48.64
C LEU D 51 -15.31 -43.10 -48.39
N ARG D 52 -15.47 -44.00 -49.35
CA ARG D 52 -16.31 -45.17 -49.10
C ARG D 52 -15.72 -46.06 -48.02
N ASN D 53 -14.39 -46.22 -48.02
CA ASN D 53 -13.72 -47.06 -47.03
C ASN D 53 -13.81 -46.47 -45.62
N LEU D 54 -14.01 -45.16 -45.50
CA LEU D 54 -14.13 -44.55 -44.17
C LEU D 54 -15.30 -45.14 -43.39
N TRP D 55 -16.32 -45.63 -44.09
CA TRP D 55 -17.41 -46.37 -43.50
C TRP D 55 -17.40 -47.81 -44.01
N GLY D 56 -16.20 -48.39 -44.09
CA GLY D 56 -15.98 -49.67 -44.71
C GLY D 56 -15.63 -50.84 -43.81
N PRO D 57 -14.82 -50.65 -42.76
CA PRO D 57 -14.38 -51.80 -41.96
C PRO D 57 -15.52 -52.56 -41.28
N GLU D 58 -16.69 -51.94 -41.10
CA GLU D 58 -17.85 -52.60 -40.51
C GLU D 58 -17.55 -53.14 -39.12
N GLN D 59 -17.27 -52.20 -38.21
CA GLN D 59 -16.97 -52.51 -36.82
C GLN D 59 -18.17 -52.22 -35.92
N ALA D 60 -19.37 -52.54 -36.40
CA ALA D 60 -20.62 -52.27 -35.70
C ALA D 60 -20.79 -50.77 -35.46
N THR D 61 -20.42 -49.98 -36.47
CA THR D 61 -20.62 -48.53 -36.40
C THR D 61 -22.11 -48.20 -36.32
N GLY D 62 -22.92 -48.83 -37.16
CA GLY D 62 -24.36 -48.63 -37.14
C GLY D 62 -25.09 -49.84 -36.60
N LEU D 63 -25.63 -49.73 -35.39
CA LEU D 63 -26.29 -50.89 -34.77
C LEU D 63 -27.65 -51.17 -35.41
N PRO D 64 -28.60 -50.24 -35.43
CA PRO D 64 -29.94 -50.58 -35.96
C PRO D 64 -30.16 -50.23 -37.42
N LEU D 65 -29.14 -49.78 -38.14
CA LEU D 65 -29.33 -49.36 -39.52
C LEU D 65 -28.04 -49.54 -40.29
N ASP D 66 -28.16 -49.62 -41.61
CA ASP D 66 -27.03 -49.76 -42.52
C ASP D 66 -26.86 -48.48 -43.31
N VAL D 67 -25.67 -47.89 -43.26
CA VAL D 67 -25.37 -46.63 -43.92
C VAL D 67 -24.70 -46.93 -45.25
N ASN D 68 -25.29 -46.43 -46.33
CA ASN D 68 -24.74 -46.55 -47.67
C ASN D 68 -24.17 -45.18 -48.05
N VAL D 69 -22.89 -44.99 -47.75
CA VAL D 69 -22.25 -43.70 -48.01
C VAL D 69 -22.04 -43.53 -49.51
N VAL D 70 -22.53 -42.42 -50.04
CA VAL D 70 -22.28 -42.03 -51.43
C VAL D 70 -21.45 -40.76 -51.40
N ALA D 71 -20.37 -40.76 -52.17
CA ALA D 71 -19.42 -39.65 -52.14
C ALA D 71 -19.36 -38.96 -53.51
N LEU D 72 -18.97 -37.69 -53.47
CA LEU D 72 -18.84 -36.93 -54.69
C LEU D 72 -17.83 -35.81 -54.48
N LEU D 73 -17.11 -35.47 -55.55
CA LEU D 73 -16.15 -34.38 -55.55
C LEU D 73 -16.54 -33.38 -56.62
N MET D 74 -16.52 -32.09 -56.27
CA MET D 74 -16.73 -31.03 -57.24
C MET D 74 -15.44 -30.25 -57.40
N ASN D 75 -15.15 -29.82 -58.63
CA ASN D 75 -13.92 -29.08 -58.89
C ASN D 75 -13.87 -27.78 -58.11
N ARG D 76 -14.98 -27.04 -58.07
CA ARG D 76 -15.05 -25.79 -57.36
C ARG D 76 -16.49 -25.53 -56.96
N THR D 77 -16.68 -24.69 -55.95
CA THR D 77 -18.01 -24.41 -55.40
C THR D 77 -18.46 -23.03 -55.85
N ASP D 78 -19.41 -23.02 -56.78
CA ASP D 78 -20.15 -21.85 -57.19
C ASP D 78 -21.64 -22.16 -57.12
N PRO D 79 -22.49 -21.14 -56.95
CA PRO D 79 -23.89 -21.40 -56.57
C PRO D 79 -24.63 -22.38 -57.46
N LYS D 80 -24.81 -22.08 -58.75
CA LYS D 80 -25.73 -22.88 -59.57
C LYS D 80 -25.31 -24.34 -59.58
N SER D 81 -24.01 -24.61 -59.69
CA SER D 81 -23.53 -25.99 -59.60
C SER D 81 -23.85 -26.59 -58.24
N LEU D 82 -23.75 -25.79 -57.18
CA LEU D 82 -24.06 -26.30 -55.85
C LEU D 82 -25.52 -26.74 -55.75
N ILE D 83 -26.46 -25.88 -56.18
CA ILE D 83 -27.86 -26.27 -56.11
C ILE D 83 -28.13 -27.49 -56.98
N THR D 84 -27.59 -27.49 -58.20
CA THR D 84 -27.84 -28.62 -59.09
C THR D 84 -27.31 -29.91 -58.49
N HIS D 85 -26.11 -29.88 -57.92
CA HIS D 85 -25.53 -31.08 -57.33
C HIS D 85 -26.36 -31.57 -56.15
N VAL D 86 -26.74 -30.66 -55.25
CA VAL D 86 -27.49 -31.07 -54.08
C VAL D 86 -28.84 -31.65 -54.49
N CYS D 87 -29.51 -31.00 -55.44
CA CYS D 87 -30.81 -31.50 -55.89
C CYS D 87 -30.69 -32.85 -56.57
N ASP D 88 -29.65 -33.04 -57.39
CA ASP D 88 -29.46 -34.31 -58.06
C ASP D 88 -29.18 -35.43 -57.06
N LEU D 89 -28.37 -35.16 -56.05
CA LEU D 89 -28.10 -36.18 -55.04
C LEU D 89 -29.33 -36.45 -54.19
N MET D 90 -30.17 -35.43 -53.95
CA MET D 90 -31.41 -35.67 -53.23
C MET D 90 -32.36 -36.53 -54.04
N SER D 91 -32.44 -36.29 -55.35
CA SER D 91 -33.38 -37.02 -56.19
C SER D 91 -32.90 -38.45 -56.45
N GLY D 92 -31.74 -38.60 -57.06
CA GLY D 92 -31.23 -39.91 -57.41
C GLY D 92 -30.85 -40.77 -56.23
N ALA D 93 -29.98 -40.26 -55.36
CA ALA D 93 -29.48 -41.06 -54.24
C ALA D 93 -30.46 -41.12 -53.07
N ARG D 94 -31.45 -40.23 -53.02
CA ARG D 94 -32.41 -40.19 -51.92
C ARG D 94 -31.70 -40.11 -50.57
N ILE D 95 -30.86 -39.09 -50.43
CA ILE D 95 -30.03 -38.96 -49.24
C ILE D 95 -30.85 -38.37 -48.09
N HIS D 96 -30.69 -38.96 -46.90
CA HIS D 96 -31.31 -38.46 -45.70
C HIS D 96 -30.42 -37.48 -44.95
N GLY D 97 -29.26 -37.16 -45.50
CA GLY D 97 -28.35 -36.22 -44.88
C GLY D 97 -27.28 -35.80 -45.86
N LEU D 98 -26.39 -34.94 -45.39
CA LEU D 98 -25.33 -34.44 -46.25
C LEU D 98 -24.15 -34.03 -45.39
N VAL D 99 -22.95 -34.22 -45.93
CA VAL D 99 -21.70 -33.84 -45.28
C VAL D 99 -20.91 -33.05 -46.33
N PHE D 100 -20.83 -31.74 -46.16
CA PHE D 100 -20.19 -30.87 -47.14
C PHE D 100 -18.82 -30.46 -46.65
N GLY D 101 -17.81 -30.67 -47.49
CA GLY D 101 -16.46 -30.22 -47.18
C GLY D 101 -15.91 -29.33 -48.27
N ASP D 102 -15.70 -28.05 -47.97
CA ASP D 102 -15.22 -27.09 -48.94
C ASP D 102 -13.72 -26.87 -48.77
N ASP D 103 -13.05 -26.58 -49.89
CA ASP D 103 -11.61 -26.37 -49.87
C ASP D 103 -11.23 -24.89 -49.71
N THR D 104 -11.93 -24.00 -50.40
CA THR D 104 -11.60 -22.58 -50.36
C THR D 104 -12.08 -21.95 -49.06
N ASP D 105 -11.63 -20.72 -48.82
CA ASP D 105 -12.00 -19.96 -47.64
C ASP D 105 -13.16 -19.00 -47.90
N GLN D 106 -13.95 -19.25 -48.94
CA GLN D 106 -15.07 -18.37 -49.27
C GLN D 106 -16.14 -18.49 -48.21
N GLU D 107 -16.39 -17.39 -47.48
CA GLU D 107 -17.40 -17.39 -46.44
C GLU D 107 -18.82 -17.36 -46.99
N ALA D 108 -18.98 -17.20 -48.31
CA ALA D 108 -20.30 -17.13 -48.92
C ALA D 108 -20.98 -18.48 -49.05
N VAL D 109 -20.28 -19.58 -48.76
CA VAL D 109 -20.86 -20.90 -48.92
C VAL D 109 -21.73 -21.31 -47.73
N ALA D 110 -21.42 -20.79 -46.52
CA ALA D 110 -22.15 -21.22 -45.33
C ALA D 110 -23.62 -20.85 -45.40
N GLN D 111 -23.92 -19.60 -45.75
CA GLN D 111 -25.32 -19.18 -45.78
C GLN D 111 -26.07 -19.87 -46.91
N MET D 112 -25.40 -20.12 -48.04
CA MET D 112 -26.06 -20.81 -49.13
C MET D 112 -26.39 -22.24 -48.74
N LEU D 113 -25.46 -22.91 -48.03
CA LEU D 113 -25.75 -24.24 -47.52
C LEU D 113 -26.92 -24.20 -46.53
N ASP D 114 -26.96 -23.18 -45.67
CA ASP D 114 -28.05 -23.06 -44.73
C ASP D 114 -29.38 -22.89 -45.45
N PHE D 115 -29.40 -22.08 -46.51
CA PHE D 115 -30.61 -21.88 -47.29
C PHE D 115 -31.05 -23.17 -47.96
N ILE D 116 -30.10 -23.93 -48.53
CA ILE D 116 -30.44 -25.19 -49.17
C ILE D 116 -31.01 -26.17 -48.15
N SER D 117 -30.42 -26.22 -46.95
CA SER D 117 -30.94 -27.08 -45.90
C SER D 117 -32.34 -26.66 -45.50
N SER D 118 -32.58 -25.35 -45.41
CA SER D 118 -33.92 -24.87 -45.07
C SER D 118 -34.95 -25.26 -46.13
N GLN D 119 -34.56 -25.18 -47.40
CA GLN D 119 -35.50 -25.50 -48.47
C GLN D 119 -35.76 -27.00 -48.61
N THR D 120 -34.74 -27.83 -48.44
CA THR D 120 -34.88 -29.25 -48.69
C THR D 120 -34.95 -30.11 -47.43
N PHE D 121 -34.82 -29.51 -46.25
CA PHE D 121 -34.86 -30.24 -44.98
C PHE D 121 -33.81 -31.35 -44.92
N ILE D 122 -32.69 -31.14 -45.60
CA ILE D 122 -31.58 -32.09 -45.61
C ILE D 122 -30.59 -31.67 -44.52
N PRO D 123 -30.33 -32.50 -43.53
CA PRO D 123 -29.32 -32.14 -42.52
C PRO D 123 -27.94 -32.00 -43.14
N ILE D 124 -27.41 -30.78 -43.16
CA ILE D 124 -26.12 -30.48 -43.76
C ILE D 124 -25.12 -30.23 -42.64
N LEU D 125 -23.90 -30.73 -42.82
CA LEU D 125 -22.83 -30.58 -41.84
C LEU D 125 -21.64 -29.92 -42.53
N GLY D 126 -21.36 -28.67 -42.15
CA GLY D 126 -20.17 -28.00 -42.62
C GLY D 126 -18.92 -28.61 -42.02
N ILE D 127 -17.93 -28.90 -42.87
CA ILE D 127 -16.76 -29.64 -42.41
C ILE D 127 -15.49 -28.79 -42.47
N HIS D 128 -15.12 -28.36 -43.67
CA HIS D 128 -13.84 -27.69 -43.87
C HIS D 128 -14.03 -26.50 -44.79
N GLY D 129 -13.14 -25.52 -44.65
CA GLY D 129 -13.17 -24.37 -45.54
C GLY D 129 -14.34 -23.46 -45.24
N GLY D 130 -14.94 -22.93 -46.31
CA GLY D 130 -16.02 -21.97 -46.13
C GLY D 130 -17.21 -22.55 -45.40
N ALA D 131 -17.48 -23.84 -45.59
CA ALA D 131 -18.59 -24.47 -44.89
C ALA D 131 -18.38 -24.49 -43.38
N SER D 132 -17.14 -24.33 -42.91
CA SER D 132 -16.86 -24.36 -41.49
C SER D 132 -16.88 -22.97 -40.84
N MET D 133 -17.12 -21.92 -41.61
CA MET D 133 -17.20 -20.58 -41.05
C MET D 133 -18.50 -20.44 -40.26
N ILE D 134 -18.39 -20.08 -38.99
CA ILE D 134 -19.56 -20.05 -38.12
C ILE D 134 -20.46 -18.88 -38.52
N MET D 135 -21.74 -19.15 -38.65
CA MET D 135 -22.74 -18.13 -38.94
C MET D 135 -23.37 -17.66 -37.64
N ALA D 136 -23.75 -16.38 -37.60
CA ALA D 136 -24.34 -15.82 -36.39
C ALA D 136 -25.72 -16.40 -36.13
N ASP D 137 -26.65 -16.15 -37.04
CA ASP D 137 -28.04 -16.57 -36.89
C ASP D 137 -28.44 -17.40 -38.10
N LYS D 138 -29.09 -18.54 -37.85
CA LYS D 138 -29.55 -19.41 -38.92
C LYS D 138 -31.07 -19.48 -38.91
N ASP D 139 -31.61 -19.96 -40.03
CA ASP D 139 -33.06 -20.09 -40.16
C ASP D 139 -33.56 -21.14 -39.18
N PRO D 140 -34.61 -20.85 -38.40
CA PRO D 140 -35.10 -21.84 -37.43
C PRO D 140 -35.57 -23.14 -38.07
N THR D 141 -36.04 -23.09 -39.31
CA THR D 141 -36.50 -24.28 -40.00
C THR D 141 -35.36 -25.04 -40.69
N SER D 142 -34.13 -24.53 -40.61
CA SER D 142 -32.99 -25.17 -41.25
C SER D 142 -32.29 -26.11 -40.29
N THR D 143 -31.74 -27.19 -40.84
CA THR D 143 -31.05 -28.20 -40.04
C THR D 143 -29.58 -28.23 -40.45
N PHE D 144 -28.99 -27.05 -40.59
CA PHE D 144 -27.61 -26.91 -41.07
C PHE D 144 -26.70 -26.65 -39.87
N PHE D 145 -25.85 -27.62 -39.55
CA PHE D 145 -24.90 -27.50 -38.45
C PHE D 145 -23.49 -27.35 -39.01
N GLN D 146 -22.60 -26.79 -38.20
CA GLN D 146 -21.24 -26.50 -38.63
C GLN D 146 -20.24 -27.05 -37.63
N PHE D 147 -19.05 -27.40 -38.14
CA PHE D 147 -17.94 -27.83 -37.31
C PHE D 147 -17.00 -26.64 -37.12
N GLY D 148 -17.34 -25.79 -36.15
CA GLY D 148 -16.56 -24.61 -35.89
C GLY D 148 -16.92 -24.04 -34.54
N ALA D 149 -16.22 -22.97 -34.18
CA ALA D 149 -16.40 -22.31 -32.90
C ALA D 149 -16.98 -20.92 -33.12
N SER D 150 -18.06 -20.62 -32.40
CA SER D 150 -18.68 -19.32 -32.50
C SER D 150 -17.79 -18.26 -31.85
N ILE D 151 -18.14 -16.99 -32.09
CA ILE D 151 -17.35 -15.90 -31.53
C ILE D 151 -17.42 -15.91 -30.01
N GLN D 152 -18.51 -16.42 -29.44
CA GLN D 152 -18.61 -16.51 -27.99
C GLN D 152 -17.54 -17.45 -27.43
N GLN D 153 -17.37 -18.61 -28.06
CA GLN D 153 -16.37 -19.56 -27.57
C GLN D 153 -14.95 -19.04 -27.76
N GLN D 154 -14.70 -18.34 -28.86
CA GLN D 154 -13.39 -17.72 -29.05
C GLN D 154 -13.12 -16.67 -27.97
N ALA D 155 -14.13 -15.87 -27.65
CA ALA D 155 -13.97 -14.91 -26.57
C ALA D 155 -13.70 -15.60 -25.25
N THR D 156 -14.41 -16.70 -24.99
CA THR D 156 -14.22 -17.43 -23.74
C THR D 156 -12.81 -17.99 -23.65
N VAL D 157 -12.30 -18.55 -24.75
CA VAL D 157 -10.96 -19.14 -24.70
C VAL D 157 -9.90 -18.04 -24.57
N MET D 158 -10.09 -16.90 -25.24
CA MET D 158 -9.13 -15.81 -25.08
C MET D 158 -9.13 -15.28 -23.65
N LEU D 159 -10.31 -15.18 -23.04
CA LEU D 159 -10.37 -14.77 -21.65
C LEU D 159 -9.73 -15.80 -20.73
N LYS D 160 -9.86 -17.09 -21.06
CA LYS D 160 -9.17 -18.12 -20.29
C LYS D 160 -7.66 -17.97 -20.41
N ILE D 161 -7.17 -17.65 -21.60
CA ILE D 161 -5.74 -17.37 -21.77
C ILE D 161 -5.32 -16.20 -20.90
N MET D 162 -6.12 -15.13 -20.93
CA MET D 162 -5.78 -13.93 -20.17
C MET D 162 -5.76 -14.22 -18.67
N GLN D 163 -6.71 -15.02 -18.19
CA GLN D 163 -6.74 -15.40 -16.78
C GLN D 163 -5.55 -16.28 -16.43
N ASP D 164 -5.16 -17.17 -17.33
CA ASP D 164 -4.06 -18.09 -17.03
C ASP D 164 -2.73 -17.38 -16.88
N TYR D 165 -2.49 -16.30 -17.63
CA TYR D 165 -1.25 -15.56 -17.57
C TYR D 165 -1.34 -14.31 -16.71
N ASP D 166 -2.43 -14.15 -15.96
CA ASP D 166 -2.61 -13.01 -15.05
C ASP D 166 -2.57 -11.69 -15.80
N TRP D 167 -3.16 -11.66 -16.99
CA TRP D 167 -3.33 -10.42 -17.73
C TRP D 167 -4.71 -9.82 -17.45
N HIS D 168 -4.93 -9.50 -16.16
CA HIS D 168 -6.23 -9.01 -15.75
C HIS D 168 -6.55 -7.66 -16.38
N VAL D 169 -5.57 -6.77 -16.43
CA VAL D 169 -5.77 -5.47 -17.07
C VAL D 169 -5.71 -5.64 -18.58
N PHE D 170 -6.69 -5.08 -19.28
CA PHE D 170 -6.74 -5.22 -20.73
C PHE D 170 -7.63 -4.13 -21.31
N SER D 171 -7.48 -3.89 -22.59
CA SER D 171 -8.31 -2.96 -23.34
C SER D 171 -9.08 -3.73 -24.41
N LEU D 172 -9.83 -2.99 -25.22
CA LEU D 172 -10.69 -3.63 -26.23
C LEU D 172 -10.79 -2.69 -27.43
N VAL D 173 -10.18 -3.09 -28.54
CA VAL D 173 -10.19 -2.32 -29.77
C VAL D 173 -10.93 -3.12 -30.83
N THR D 174 -12.00 -2.54 -31.37
CA THR D 174 -12.81 -3.21 -32.38
C THR D 174 -13.10 -2.23 -33.51
N THR D 175 -13.74 -2.75 -34.56
CA THR D 175 -14.16 -1.95 -35.70
C THR D 175 -15.65 -2.14 -35.95
N ILE D 176 -16.13 -1.67 -37.10
CA ILE D 176 -17.54 -1.79 -37.42
C ILE D 176 -17.80 -3.09 -38.17
N PHE D 177 -16.83 -4.00 -38.11
CA PHE D 177 -17.00 -5.29 -38.76
C PHE D 177 -18.19 -6.02 -38.13
N PRO D 178 -18.97 -6.75 -38.93
CA PRO D 178 -20.20 -7.36 -38.40
C PRO D 178 -19.93 -8.28 -37.23
N GLY D 179 -20.84 -8.27 -36.27
CA GLY D 179 -20.72 -9.07 -35.06
C GLY D 179 -19.89 -8.43 -33.97
N TYR D 180 -19.35 -7.23 -34.19
CA TYR D 180 -18.54 -6.59 -33.15
C TYR D 180 -19.38 -6.22 -31.94
N ARG D 181 -20.63 -5.80 -32.15
CA ARG D 181 -21.50 -5.49 -31.01
C ARG D 181 -21.73 -6.72 -30.15
N ASP D 182 -21.97 -7.87 -30.77
CA ASP D 182 -22.15 -9.11 -30.02
C ASP D 182 -20.88 -9.46 -29.26
N PHE D 183 -19.72 -9.31 -29.90
CA PHE D 183 -18.46 -9.63 -29.23
C PHE D 183 -18.24 -8.74 -28.02
N ILE D 184 -18.49 -7.43 -28.17
CA ILE D 184 -18.30 -6.51 -27.06
C ILE D 184 -19.28 -6.80 -25.93
N SER D 185 -20.53 -7.09 -26.29
CA SER D 185 -21.54 -7.42 -25.27
C SER D 185 -21.15 -8.67 -24.50
N PHE D 186 -20.69 -9.71 -25.21
CA PHE D 186 -20.29 -10.93 -24.52
C PHE D 186 -19.07 -10.70 -23.64
N ILE D 187 -18.12 -9.89 -24.11
CA ILE D 187 -16.94 -9.60 -23.29
C ILE D 187 -17.34 -8.87 -22.02
N LYS D 188 -18.22 -7.87 -22.13
CA LYS D 188 -18.66 -7.14 -20.96
C LYS D 188 -19.43 -8.06 -20.01
N THR D 189 -20.29 -8.93 -20.55
CA THR D 189 -21.05 -9.84 -19.70
C THR D 189 -20.14 -10.80 -18.96
N THR D 190 -19.13 -11.34 -19.65
CA THR D 190 -18.22 -12.27 -19.00
C THR D 190 -17.36 -11.57 -17.95
N VAL D 191 -16.97 -10.32 -18.22
CA VAL D 191 -16.20 -9.57 -17.25
C VAL D 191 -17.03 -9.28 -16.00
N ASP D 192 -18.30 -8.90 -16.19
CA ASP D 192 -19.15 -8.54 -15.06
C ASP D 192 -19.51 -9.74 -14.19
N ASN D 193 -19.42 -10.95 -14.72
CA ASN D 193 -19.81 -12.16 -14.00
C ASN D 193 -18.64 -13.11 -13.80
N SER D 194 -17.47 -12.58 -13.47
CA SER D 194 -16.29 -13.38 -13.22
C SER D 194 -15.64 -12.94 -11.91
N PHE D 195 -15.17 -13.92 -11.14
CA PHE D 195 -14.49 -13.65 -9.88
C PHE D 195 -13.02 -13.31 -10.05
N VAL D 196 -12.52 -13.33 -11.28
CA VAL D 196 -11.11 -13.03 -11.51
C VAL D 196 -10.80 -11.58 -11.14
N GLY D 197 -11.74 -10.67 -11.40
CA GLY D 197 -11.51 -9.27 -11.12
C GLY D 197 -10.85 -8.58 -12.29
N TRP D 198 -11.47 -8.68 -13.46
CA TRP D 198 -10.91 -8.09 -14.67
C TRP D 198 -10.88 -6.58 -14.56
N ASP D 199 -9.94 -5.97 -15.29
CA ASP D 199 -9.76 -4.52 -15.32
C ASP D 199 -9.91 -4.10 -16.77
N MET D 200 -11.16 -3.88 -17.20
CA MET D 200 -11.44 -3.47 -18.57
C MET D 200 -11.29 -1.96 -18.66
N GLN D 201 -10.18 -1.52 -19.25
CA GLN D 201 -9.87 -0.09 -19.25
C GLN D 201 -10.87 0.70 -20.09
N ASN D 202 -11.10 0.28 -21.33
CA ASN D 202 -11.95 1.05 -22.23
C ASN D 202 -12.35 0.20 -23.42
N VAL D 203 -13.33 0.71 -24.16
CA VAL D 203 -13.82 0.08 -25.39
C VAL D 203 -13.53 1.06 -26.52
N ILE D 204 -12.83 0.61 -27.54
CA ILE D 204 -12.41 1.45 -28.65
C ILE D 204 -13.09 0.97 -29.92
N THR D 205 -13.67 1.91 -30.67
CA THR D 205 -14.36 1.61 -31.91
C THR D 205 -13.90 2.59 -32.98
N LEU D 206 -13.02 2.13 -33.86
CA LEU D 206 -12.47 2.96 -34.93
C LEU D 206 -13.39 2.89 -36.15
N ASP D 207 -14.56 3.51 -36.01
CA ASP D 207 -15.57 3.41 -37.06
C ASP D 207 -15.16 4.17 -38.33
N THR D 208 -14.54 5.32 -38.18
CA THR D 208 -14.16 6.15 -39.32
C THR D 208 -12.74 5.78 -39.78
N SER D 209 -12.15 6.65 -40.60
CA SER D 209 -10.81 6.42 -41.10
C SER D 209 -9.82 6.34 -39.94
N PHE D 210 -8.81 5.48 -40.10
CA PHE D 210 -7.93 5.14 -38.98
C PHE D 210 -6.83 6.19 -38.79
N GLU D 211 -6.07 6.47 -39.84
CA GLU D 211 -4.93 7.38 -39.72
C GLU D 211 -5.31 8.85 -39.97
N ASP D 212 -6.56 9.14 -40.30
CA ASP D 212 -6.98 10.50 -40.62
C ASP D 212 -7.70 11.17 -39.45
N ALA D 213 -8.74 10.56 -38.93
CA ALA D 213 -9.65 11.20 -37.99
C ALA D 213 -9.11 11.11 -36.57
N LYS D 214 -9.96 11.43 -35.59
CA LYS D 214 -9.63 11.46 -34.17
C LYS D 214 -9.33 10.08 -33.60
N THR D 215 -9.48 9.02 -34.40
CA THR D 215 -9.24 7.65 -33.91
C THR D 215 -7.88 7.53 -33.25
N GLN D 216 -6.84 8.12 -33.83
CA GLN D 216 -5.50 8.04 -33.26
C GLN D 216 -5.50 8.46 -31.80
N VAL D 217 -6.23 9.53 -31.47
CA VAL D 217 -6.29 10.01 -30.10
C VAL D 217 -6.73 8.88 -29.17
N GLN D 218 -7.79 8.17 -29.55
CA GLN D 218 -8.22 7.03 -28.76
C GLN D 218 -7.12 5.99 -28.64
N LEU D 219 -6.48 5.66 -29.77
CA LEU D 219 -5.39 4.69 -29.73
C LEU D 219 -4.23 5.19 -28.88
N LYS D 220 -4.17 6.50 -28.63
CA LYS D 220 -3.09 7.04 -27.83
C LYS D 220 -3.35 6.95 -26.33
N LYS D 221 -4.57 6.64 -25.91
CA LYS D 221 -4.87 6.57 -24.48
C LYS D 221 -4.81 5.16 -23.94
N ILE D 222 -4.23 4.23 -24.68
CA ILE D 222 -4.09 2.84 -24.23
C ILE D 222 -2.73 2.69 -23.57
N HIS D 223 -2.71 2.12 -22.37
CA HIS D 223 -1.48 1.90 -21.63
C HIS D 223 -1.06 0.44 -21.74
N SER D 224 -0.01 0.07 -21.01
CA SER D 224 0.55 -1.27 -21.07
C SER D 224 -0.43 -2.31 -20.55
N SER D 225 -1.00 -3.10 -21.45
CA SER D 225 -2.00 -4.10 -21.11
C SER D 225 -2.18 -5.02 -22.30
N VAL D 226 -3.21 -5.86 -22.26
CA VAL D 226 -3.52 -6.78 -23.34
C VAL D 226 -4.60 -6.16 -24.21
N ILE D 227 -4.40 -6.19 -25.53
CA ILE D 227 -5.31 -5.56 -26.46
C ILE D 227 -6.08 -6.67 -27.16
N LEU D 228 -7.37 -6.77 -26.88
CA LEU D 228 -8.25 -7.68 -27.60
C LEU D 228 -8.71 -7.00 -28.89
N LEU D 229 -8.11 -7.38 -30.01
CA LEU D 229 -8.41 -6.75 -31.29
C LEU D 229 -9.32 -7.64 -32.11
N TYR D 230 -10.41 -7.06 -32.60
CA TYR D 230 -11.40 -7.80 -33.39
C TYR D 230 -11.72 -7.00 -34.65
N CYS D 231 -11.21 -7.45 -35.78
CA CYS D 231 -11.46 -6.82 -37.06
C CYS D 231 -10.97 -7.73 -38.18
N SER D 232 -11.37 -7.40 -39.40
CA SER D 232 -10.95 -8.17 -40.55
C SER D 232 -9.46 -7.98 -40.82
N LYS D 233 -8.87 -8.97 -41.49
CA LYS D 233 -7.42 -9.00 -41.66
C LYS D 233 -6.93 -7.79 -42.44
N ASP D 234 -7.65 -7.40 -43.48
CA ASP D 234 -7.22 -6.28 -44.32
C ASP D 234 -7.09 -5.00 -43.53
N GLU D 235 -8.06 -4.72 -42.65
CA GLU D 235 -7.97 -3.55 -41.80
C GLU D 235 -7.17 -3.80 -40.53
N ALA D 236 -7.08 -5.05 -40.07
CA ALA D 236 -6.24 -5.34 -38.92
C ALA D 236 -4.77 -5.08 -39.23
N VAL D 237 -4.35 -5.28 -40.48
CA VAL D 237 -2.99 -4.93 -40.86
C VAL D 237 -2.74 -3.44 -40.64
N LEU D 238 -3.69 -2.61 -41.07
CA LEU D 238 -3.57 -1.16 -40.88
C LEU D 238 -3.57 -0.81 -39.40
N ILE D 239 -4.44 -1.46 -38.63
CA ILE D 239 -4.52 -1.16 -37.19
C ILE D 239 -3.22 -1.50 -36.50
N LEU D 240 -2.64 -2.67 -36.80
CA LEU D 240 -1.39 -3.06 -36.16
C LEU D 240 -0.23 -2.18 -36.62
N SER D 241 -0.22 -1.78 -37.90
CA SER D 241 0.82 -0.86 -38.36
C SER D 241 0.72 0.48 -37.64
N GLU D 242 -0.49 0.99 -37.46
CA GLU D 242 -0.66 2.25 -36.73
C GLU D 242 -0.25 2.09 -35.27
N ALA D 243 -0.58 0.95 -34.66
CA ALA D 243 -0.18 0.71 -33.29
C ALA D 243 1.34 0.67 -33.15
N ARG D 244 2.02 0.03 -34.11
CA ARG D 244 3.48 0.05 -34.10
C ARG D 244 4.00 1.47 -34.26
N SER D 245 3.35 2.27 -35.11
CA SER D 245 3.73 3.68 -35.23
C SER D 245 3.47 4.47 -33.97
N LEU D 246 2.58 3.99 -33.10
CA LEU D 246 2.27 4.66 -31.85
C LEU D 246 2.95 4.02 -30.64
N GLY D 247 3.89 3.11 -30.88
CA GLY D 247 4.59 2.47 -29.78
C GLY D 247 3.72 1.60 -28.91
N LEU D 248 2.78 0.87 -29.50
CA LEU D 248 1.88 -0.01 -28.77
C LEU D 248 2.26 -1.48 -28.94
N THR D 249 3.46 -1.76 -29.44
CA THR D 249 3.90 -3.11 -29.73
C THR D 249 5.22 -3.40 -29.03
N GLY D 250 5.27 -3.06 -27.75
CA GLY D 250 6.45 -3.34 -26.93
C GLY D 250 6.46 -4.75 -26.42
N TYR D 251 7.42 -5.02 -25.53
CA TYR D 251 7.53 -6.36 -24.96
C TYR D 251 6.37 -6.69 -24.04
N ASP D 252 5.82 -5.69 -23.34
CA ASP D 252 4.76 -5.91 -22.38
C ASP D 252 3.37 -5.72 -22.97
N PHE D 253 3.26 -5.47 -24.28
CA PHE D 253 1.99 -5.37 -24.96
C PHE D 253 1.71 -6.69 -25.66
N PHE D 254 0.66 -7.39 -25.22
CA PHE D 254 0.29 -8.68 -25.79
C PHE D 254 -1.00 -8.49 -26.57
N TRP D 255 -0.94 -8.76 -27.87
CA TRP D 255 -2.09 -8.61 -28.75
C TRP D 255 -2.77 -9.96 -28.92
N ILE D 256 -4.04 -10.04 -28.57
CA ILE D 256 -4.84 -11.25 -28.69
C ILE D 256 -5.96 -10.99 -29.68
N VAL D 257 -6.07 -11.85 -30.69
CA VAL D 257 -7.03 -11.66 -31.78
C VAL D 257 -7.75 -12.98 -32.04
N PRO D 258 -8.99 -12.95 -32.54
CA PRO D 258 -9.71 -14.19 -32.83
C PRO D 258 -9.33 -14.75 -34.19
N SER D 259 -9.96 -15.88 -34.54
CA SER D 259 -9.69 -16.55 -35.80
C SER D 259 -10.18 -15.76 -37.00
N LEU D 260 -11.00 -14.72 -36.79
CA LEU D 260 -11.52 -13.95 -37.91
C LEU D 260 -10.38 -13.26 -38.66
N VAL D 261 -9.40 -12.74 -37.93
CA VAL D 261 -8.24 -12.11 -38.56
C VAL D 261 -7.14 -13.12 -38.86
N SER D 262 -6.90 -14.06 -37.93
CA SER D 262 -5.90 -15.09 -38.16
C SER D 262 -6.53 -16.20 -39.01
N GLY D 263 -6.63 -15.92 -40.30
CA GLY D 263 -7.28 -16.82 -41.22
C GLY D 263 -6.30 -17.82 -41.82
N ASN D 264 -6.05 -17.71 -43.12
CA ASN D 264 -5.11 -18.59 -43.79
C ASN D 264 -3.73 -18.49 -43.14
N THR D 265 -3.24 -19.62 -42.62
CA THR D 265 -1.96 -19.62 -41.92
C THR D 265 -0.81 -19.24 -42.84
N GLU D 266 -0.84 -19.72 -44.09
CA GLU D 266 0.27 -19.46 -45.01
C GLU D 266 0.43 -17.98 -45.33
N LEU D 267 -0.63 -17.18 -45.19
CA LEU D 267 -0.58 -15.75 -45.50
C LEU D 267 -0.35 -15.00 -44.19
N ILE D 268 0.89 -14.55 -43.98
CA ILE D 268 1.29 -13.84 -42.78
C ILE D 268 1.81 -12.46 -43.22
N PRO D 269 1.04 -11.39 -43.06
CA PRO D 269 1.53 -10.06 -43.41
C PRO D 269 2.70 -9.65 -42.53
N LYS D 270 3.58 -8.84 -43.12
CA LYS D 270 4.78 -8.40 -42.42
C LYS D 270 4.48 -7.46 -41.26
N GLU D 271 3.27 -6.90 -41.20
CA GLU D 271 2.92 -5.96 -40.14
C GLU D 271 2.47 -6.64 -38.86
N PHE D 272 2.31 -7.96 -38.85
CA PHE D 272 1.90 -8.65 -37.64
C PHE D 272 3.09 -8.76 -36.69
N PRO D 273 3.01 -8.19 -35.49
CA PRO D 273 4.11 -8.33 -34.55
C PRO D 273 4.23 -9.76 -34.05
N SER D 274 5.46 -10.17 -33.77
CA SER D 274 5.68 -11.48 -33.20
C SER D 274 5.06 -11.58 -31.81
N GLY D 275 4.56 -12.76 -31.47
CA GLY D 275 3.84 -12.94 -30.23
C GLY D 275 2.37 -12.59 -30.30
N LEU D 276 1.82 -12.40 -31.49
CA LEU D 276 0.41 -12.10 -31.65
C LEU D 276 -0.40 -13.34 -31.31
N ILE D 277 -0.93 -13.39 -30.09
CA ILE D 277 -1.70 -14.55 -29.64
C ILE D 277 -3.02 -14.60 -30.39
N SER D 278 -3.38 -15.78 -30.88
CA SER D 278 -4.64 -15.95 -31.57
C SER D 278 -5.20 -17.34 -31.28
N VAL D 279 -6.50 -17.49 -31.50
CA VAL D 279 -7.19 -18.76 -31.34
C VAL D 279 -7.88 -19.09 -32.66
N SER D 280 -8.01 -20.38 -32.95
CA SER D 280 -8.61 -20.80 -34.20
C SER D 280 -9.01 -22.27 -34.12
N TYR D 281 -9.58 -22.76 -35.22
CA TYR D 281 -9.83 -24.19 -35.35
C TYR D 281 -8.62 -24.87 -35.96
N ASP D 282 -8.17 -25.96 -35.34
CA ASP D 282 -6.93 -26.60 -35.74
C ASP D 282 -7.10 -27.34 -37.06
N ASP D 283 -6.19 -27.10 -38.00
CA ASP D 283 -6.12 -27.88 -39.22
C ASP D 283 -4.94 -28.83 -39.27
N TRP D 284 -4.06 -28.78 -38.26
CA TRP D 284 -2.90 -29.66 -38.24
C TRP D 284 -3.25 -31.05 -37.73
N ASP D 285 -3.68 -31.13 -36.47
CA ASP D 285 -3.97 -32.43 -35.86
C ASP D 285 -5.29 -33.01 -36.37
N TYR D 286 -6.33 -32.17 -36.46
CA TYR D 286 -7.68 -32.64 -36.69
C TYR D 286 -7.92 -32.66 -38.20
N SER D 287 -7.45 -33.74 -38.83
CA SER D 287 -7.36 -33.83 -40.28
C SER D 287 -8.73 -34.01 -40.92
N LEU D 288 -8.75 -33.86 -42.24
CA LEU D 288 -10.01 -33.90 -42.99
C LEU D 288 -10.65 -35.28 -42.91
N GLU D 289 -9.85 -36.34 -42.97
CA GLU D 289 -10.41 -37.69 -42.86
C GLU D 289 -11.10 -37.89 -41.52
N ALA D 290 -10.47 -37.40 -40.44
CA ALA D 290 -11.11 -37.46 -39.13
C ALA D 290 -12.38 -36.64 -39.12
N ARG D 291 -12.38 -35.50 -39.82
CA ARG D 291 -13.59 -34.68 -39.91
C ARG D 291 -14.72 -35.45 -40.56
N VAL D 292 -14.44 -36.13 -41.67
CA VAL D 292 -15.47 -36.87 -42.38
C VAL D 292 -15.97 -38.02 -41.53
N ARG D 293 -15.05 -38.74 -40.87
CA ARG D 293 -15.46 -39.82 -40.00
C ARG D 293 -16.34 -39.32 -38.86
N ASP D 294 -15.99 -38.18 -38.27
CA ASP D 294 -16.79 -37.62 -37.19
C ASP D 294 -18.17 -37.22 -37.69
N GLY D 295 -18.25 -36.59 -38.86
CA GLY D 295 -19.55 -36.20 -39.39
C GLY D 295 -20.43 -37.40 -39.68
N LEU D 296 -19.87 -38.44 -40.31
CA LEU D 296 -20.64 -39.63 -40.58
C LEU D 296 -21.09 -40.30 -39.29
N GLY D 297 -20.21 -40.33 -38.28
CA GLY D 297 -20.59 -40.91 -37.00
C GLY D 297 -21.72 -40.12 -36.33
N ILE D 298 -21.65 -38.80 -36.39
CA ILE D 298 -22.69 -37.98 -35.79
C ILE D 298 -24.03 -38.23 -36.48
N LEU D 299 -24.02 -38.26 -37.81
CA LEU D 299 -25.26 -38.51 -38.54
C LEU D 299 -25.81 -39.89 -38.23
N THR D 300 -24.94 -40.90 -38.17
CA THR D 300 -25.38 -42.26 -37.87
C THR D 300 -25.96 -42.34 -36.46
N THR D 301 -25.30 -41.71 -35.48
CA THR D 301 -25.79 -41.76 -34.10
C THR D 301 -27.13 -41.04 -33.97
N ALA D 302 -27.27 -39.88 -34.63
CA ALA D 302 -28.55 -39.18 -34.60
C ALA D 302 -29.65 -40.02 -35.24
N ALA D 303 -29.35 -40.66 -36.38
CA ALA D 303 -30.33 -41.52 -37.01
C ALA D 303 -30.70 -42.69 -36.12
N SER D 304 -29.72 -43.27 -35.43
CA SER D 304 -29.99 -44.39 -34.54
C SER D 304 -30.88 -43.96 -33.38
N SER D 305 -30.57 -42.83 -32.75
CA SER D 305 -31.40 -42.35 -31.65
C SER D 305 -32.80 -42.02 -32.13
N MET D 306 -32.92 -41.47 -33.33
CA MET D 306 -34.22 -41.14 -33.89
C MET D 306 -35.02 -42.40 -34.21
N LEU D 307 -34.35 -43.46 -34.69
CA LEU D 307 -35.01 -44.73 -34.89
C LEU D 307 -35.50 -45.31 -33.57
N GLU D 308 -34.69 -45.21 -32.51
CA GLU D 308 -35.12 -45.70 -31.21
C GLU D 308 -36.32 -44.91 -30.69
N LYS D 309 -36.30 -43.59 -30.88
CA LYS D 309 -37.38 -42.75 -30.35
C LYS D 309 -38.60 -42.77 -31.27
N PHE D 310 -38.44 -42.35 -32.51
CA PHE D 310 -39.55 -42.31 -33.45
C PHE D 310 -39.69 -43.66 -34.15
N SER D 311 -40.51 -43.71 -35.20
CA SER D 311 -40.88 -44.97 -35.83
C SER D 311 -39.82 -45.48 -36.78
N TYR D 312 -39.55 -44.71 -37.85
CA TYR D 312 -38.58 -45.14 -38.85
C TYR D 312 -37.94 -43.89 -39.46
N ILE D 313 -36.94 -44.12 -40.29
CA ILE D 313 -36.25 -43.01 -40.98
C ILE D 313 -37.13 -42.50 -42.12
N PRO D 314 -37.45 -41.21 -42.17
CA PRO D 314 -38.32 -40.71 -43.23
C PRO D 314 -37.58 -40.53 -44.54
N GLU D 315 -38.29 -40.74 -45.64
CA GLU D 315 -37.73 -40.49 -46.96
C GLU D 315 -37.52 -38.99 -47.17
N ALA D 316 -36.51 -38.65 -47.96
CA ALA D 316 -36.20 -37.26 -48.23
C ALA D 316 -37.26 -36.63 -49.13
N LYS D 317 -37.07 -35.35 -49.43
CA LYS D 317 -38.00 -34.64 -50.30
C LYS D 317 -37.95 -35.22 -51.70
N ALA D 318 -39.09 -35.12 -52.40
CA ALA D 318 -39.18 -35.66 -53.76
C ALA D 318 -38.19 -34.97 -54.69
N SER D 319 -38.34 -33.66 -54.87
CA SER D 319 -37.42 -32.90 -55.70
C SER D 319 -37.44 -31.45 -55.23
N CYS D 320 -36.38 -30.73 -55.60
CA CYS D 320 -36.29 -29.31 -55.26
C CYS D 320 -37.38 -28.52 -55.96
N TYR D 321 -37.71 -28.90 -57.19
CA TYR D 321 -38.59 -28.12 -58.05
C TYR D 321 -40.01 -28.65 -57.95
N GLY D 322 -40.89 -28.09 -58.78
CA GLY D 322 -42.25 -28.56 -58.90
C GLY D 322 -43.26 -27.83 -58.05
N GLN D 323 -42.83 -27.12 -57.01
CA GLN D 323 -43.72 -26.38 -56.10
C GLN D 323 -44.80 -27.30 -55.53
N ALA D 324 -44.32 -28.27 -54.76
CA ALA D 324 -45.22 -29.23 -54.13
C ALA D 324 -46.18 -28.53 -53.19
N GLU D 325 -47.46 -28.89 -53.28
CA GLU D 325 -48.50 -28.30 -52.44
C GLU D 325 -48.56 -29.08 -51.13
N LYS D 326 -47.82 -28.60 -50.13
CA LYS D 326 -47.68 -29.30 -48.86
C LYS D 326 -47.03 -28.34 -47.85
N PRO D 327 -47.35 -28.46 -46.56
CA PRO D 327 -46.60 -27.69 -45.55
C PRO D 327 -45.12 -28.04 -45.53
N GLU D 328 -44.73 -29.21 -46.02
CA GLU D 328 -43.36 -29.67 -46.20
C GLU D 328 -42.63 -29.94 -44.90
N THR D 329 -43.24 -29.66 -43.75
CA THR D 329 -42.57 -29.89 -42.47
C THR D 329 -42.64 -31.36 -42.12
N PRO D 330 -41.51 -32.04 -41.94
CA PRO D 330 -41.56 -33.44 -41.52
C PRO D 330 -42.21 -33.58 -40.15
N LEU D 331 -42.95 -34.67 -39.98
CA LEU D 331 -43.56 -34.95 -38.68
C LEU D 331 -42.50 -35.14 -37.60
N HIS D 332 -41.41 -35.81 -37.94
CA HIS D 332 -40.29 -36.06 -37.04
C HIS D 332 -39.00 -35.66 -37.73
N THR D 333 -38.20 -34.86 -37.05
CA THR D 333 -36.98 -34.28 -37.60
C THR D 333 -35.76 -34.71 -36.77
N LEU D 334 -34.60 -34.18 -37.14
CA LEU D 334 -33.33 -34.56 -36.53
C LEU D 334 -32.77 -33.47 -35.63
N HIS D 335 -33.58 -32.46 -35.28
CA HIS D 335 -33.08 -31.37 -34.45
C HIS D 335 -32.80 -31.83 -33.03
N GLN D 336 -33.82 -32.30 -32.32
CA GLN D 336 -33.66 -32.71 -30.93
C GLN D 336 -32.79 -33.93 -30.77
N PHE D 337 -32.54 -34.68 -31.83
CA PHE D 337 -31.67 -35.84 -31.76
C PHE D 337 -30.20 -35.49 -31.91
N MET D 338 -29.88 -34.35 -32.51
CA MET D 338 -28.51 -33.90 -32.68
C MET D 338 -27.99 -33.16 -31.46
N VAL D 339 -28.85 -32.85 -30.49
CA VAL D 339 -28.41 -32.11 -29.32
C VAL D 339 -27.51 -32.95 -28.42
N ASN D 340 -27.87 -34.20 -28.18
CA ASN D 340 -27.12 -35.09 -27.29
C ASN D 340 -26.60 -36.26 -28.10
N VAL D 341 -25.38 -36.12 -28.62
CA VAL D 341 -24.76 -37.13 -29.46
C VAL D 341 -23.36 -37.41 -28.94
N THR D 342 -23.02 -38.70 -28.83
CA THR D 342 -21.68 -39.13 -28.42
C THR D 342 -21.19 -40.17 -29.41
N TRP D 343 -19.99 -39.97 -29.94
CA TRP D 343 -19.41 -40.88 -30.92
C TRP D 343 -17.93 -41.09 -30.62
N ASP D 344 -17.51 -42.37 -30.61
CA ASP D 344 -16.12 -42.74 -30.38
C ASP D 344 -15.58 -42.15 -29.08
N GLY D 345 -16.45 -42.09 -28.07
CA GLY D 345 -16.10 -41.49 -26.80
C GLY D 345 -16.03 -39.98 -26.80
N LYS D 346 -15.87 -39.35 -27.96
CA LYS D 346 -15.87 -37.91 -28.04
C LYS D 346 -17.28 -37.36 -27.88
N ASP D 347 -17.38 -36.21 -27.21
CA ASP D 347 -18.66 -35.53 -27.00
C ASP D 347 -18.77 -34.43 -28.05
N LEU D 348 -19.35 -34.77 -29.20
CA LEU D 348 -19.53 -33.83 -30.30
C LEU D 348 -20.92 -33.22 -30.32
N SER D 349 -21.51 -32.98 -29.16
CA SER D 349 -22.86 -32.43 -29.09
C SER D 349 -22.89 -31.04 -29.70
N PHE D 350 -24.09 -30.62 -30.11
CA PHE D 350 -24.31 -29.31 -30.70
C PHE D 350 -25.28 -28.51 -29.86
N THR D 351 -25.10 -27.19 -29.86
CA THR D 351 -26.01 -26.31 -29.15
C THR D 351 -27.26 -26.05 -29.98
N GLU D 352 -28.17 -25.24 -29.44
CA GLU D 352 -29.40 -24.94 -30.16
C GLU D 352 -29.13 -24.18 -31.45
N GLU D 353 -28.21 -23.20 -31.40
CA GLU D 353 -27.91 -22.39 -32.57
C GLU D 353 -27.11 -23.14 -33.62
N GLY D 354 -26.41 -24.20 -33.24
CA GLY D 354 -25.58 -24.94 -34.17
C GLY D 354 -24.10 -24.90 -33.89
N TYR D 355 -23.68 -24.39 -32.74
CA TYR D 355 -22.27 -24.39 -32.37
C TYR D 355 -21.92 -25.67 -31.64
N GLN D 356 -20.71 -26.17 -31.88
CA GLN D 356 -20.24 -27.35 -31.17
C GLN D 356 -20.10 -27.05 -29.68
N VAL D 357 -20.59 -27.96 -28.85
CA VAL D 357 -20.45 -27.80 -27.41
C VAL D 357 -18.99 -27.94 -27.00
N HIS D 358 -18.25 -28.81 -27.68
CA HIS D 358 -16.82 -29.04 -27.39
C HIS D 358 -16.03 -28.88 -28.68
N PRO D 359 -15.84 -27.65 -29.15
CA PRO D 359 -15.04 -27.44 -30.35
C PRO D 359 -13.58 -27.73 -30.11
N ARG D 360 -12.89 -28.15 -31.17
CA ARG D 360 -11.46 -28.44 -31.10
C ARG D 360 -10.70 -27.13 -31.36
N LEU D 361 -10.62 -26.32 -30.32
CA LEU D 361 -10.00 -25.01 -30.42
C LEU D 361 -8.52 -25.10 -30.07
N VAL D 362 -7.71 -24.37 -30.84
CA VAL D 362 -6.26 -24.35 -30.68
C VAL D 362 -5.83 -22.91 -30.53
N VAL D 363 -4.75 -22.70 -29.77
CA VAL D 363 -4.20 -21.38 -29.50
C VAL D 363 -2.80 -21.33 -30.09
N ILE D 364 -2.60 -20.44 -31.05
CA ILE D 364 -1.35 -20.33 -31.79
C ILE D 364 -0.80 -18.93 -31.65
N VAL D 365 0.51 -18.79 -31.84
CA VAL D 365 1.20 -17.50 -31.73
C VAL D 365 2.12 -17.34 -32.93
N LEU D 366 2.57 -16.11 -33.12
CA LEU D 366 3.54 -15.79 -34.17
C LEU D 366 4.91 -15.69 -33.52
N ASN D 367 5.73 -16.73 -33.70
CA ASN D 367 7.03 -16.82 -33.05
C ASN D 367 8.03 -15.93 -33.77
N LYS D 368 9.30 -16.04 -33.36
CA LYS D 368 10.36 -15.23 -33.97
C LYS D 368 10.62 -15.61 -35.42
N ASP D 369 10.21 -16.81 -35.84
CA ASP D 369 10.42 -17.28 -37.20
C ASP D 369 9.29 -16.87 -38.14
N ARG D 370 8.35 -16.06 -37.67
CA ARG D 370 7.26 -15.54 -38.50
C ARG D 370 6.41 -16.67 -39.07
N GLU D 371 6.16 -17.69 -38.25
CA GLU D 371 5.31 -18.81 -38.62
C GLU D 371 4.36 -19.11 -37.48
N TRP D 372 3.11 -19.45 -37.82
CA TRP D 372 2.09 -19.73 -36.82
C TRP D 372 2.44 -21.04 -36.11
N GLU D 373 2.80 -20.94 -34.82
CA GLU D 373 3.21 -22.08 -34.03
C GLU D 373 2.15 -22.39 -32.98
N LYS D 374 1.73 -23.65 -32.93
CA LYS D 374 0.73 -24.07 -31.95
C LYS D 374 1.29 -23.96 -30.54
N VAL D 375 0.47 -23.49 -29.61
CA VAL D 375 0.87 -23.31 -28.22
C VAL D 375 -0.05 -24.07 -27.26
N GLY D 376 -1.36 -23.84 -27.36
CA GLY D 376 -2.30 -24.40 -26.41
C GLY D 376 -3.47 -25.06 -27.10
N LYS D 377 -4.26 -25.78 -26.31
CA LYS D 377 -5.45 -26.45 -26.82
C LYS D 377 -6.58 -26.33 -25.81
N TRP D 378 -7.81 -26.50 -26.30
CA TRP D 378 -9.02 -26.28 -25.52
C TRP D 378 -9.91 -27.52 -25.63
N GLU D 379 -9.92 -28.34 -24.58
CA GLU D 379 -10.68 -29.59 -24.57
C GLU D 379 -11.53 -29.66 -23.32
N ASN D 380 -12.77 -30.11 -23.48
CA ASN D 380 -13.77 -30.25 -22.41
C ASN D 380 -13.72 -29.07 -21.43
N GLN D 381 -13.91 -27.88 -22.00
CA GLN D 381 -14.02 -26.62 -21.25
C GLN D 381 -12.78 -26.35 -20.39
N THR D 382 -11.64 -26.93 -20.75
CA THR D 382 -10.39 -26.74 -20.04
C THR D 382 -9.31 -26.37 -21.05
N LEU D 383 -8.53 -25.35 -20.74
CA LEU D 383 -7.47 -24.87 -21.62
C LEU D 383 -6.13 -25.32 -21.07
N SER D 384 -5.39 -26.08 -21.86
CA SER D 384 -4.06 -26.55 -21.48
C SER D 384 -3.03 -25.91 -22.40
N LEU D 385 -2.01 -25.28 -21.81
CA LEU D 385 -1.00 -24.54 -22.54
C LEU D 385 0.35 -25.24 -22.41
N ARG D 386 1.13 -25.20 -23.48
CA ARG D 386 2.47 -25.78 -23.44
C ARG D 386 3.39 -24.96 -22.53
N HIS D 387 3.33 -23.64 -22.66
CA HIS D 387 4.15 -22.76 -21.83
C HIS D 387 3.39 -22.40 -20.56
N ALA D 388 3.90 -22.82 -19.41
CA ALA D 388 3.28 -22.44 -18.14
C ALA D 388 3.43 -20.94 -17.91
N VAL D 389 4.58 -20.37 -18.23
CA VAL D 389 4.82 -18.94 -18.13
C VAL D 389 5.05 -18.39 -19.53
N TRP D 390 4.54 -17.20 -19.78
CA TRP D 390 4.59 -16.63 -21.11
C TRP D 390 6.01 -16.21 -21.47
N PRO D 391 6.60 -16.78 -22.51
CA PRO D 391 7.93 -16.31 -22.94
C PRO D 391 7.83 -14.96 -23.62
N ARG D 392 8.87 -14.15 -23.45
CA ARG D 392 8.92 -12.84 -24.06
C ARG D 392 9.27 -12.97 -25.55
N TYR D 393 8.49 -12.35 -26.40
CA TYR D 393 8.68 -12.40 -27.84
C TYR D 393 9.09 -11.03 -28.35
N LYS D 394 10.14 -11.00 -29.17
CA LYS D 394 10.59 -9.76 -29.78
C LYS D 394 9.61 -9.36 -30.87
N SER D 395 8.87 -8.27 -30.64
CA SER D 395 7.82 -7.86 -31.57
C SER D 395 8.38 -7.54 -32.95
N PHE D 396 9.50 -6.83 -33.00
CA PHE D 396 10.13 -6.45 -34.24
C PHE D 396 11.64 -6.42 -34.06
N SER D 397 12.36 -6.36 -35.19
CA SER D 397 13.81 -6.31 -35.14
C SER D 397 14.33 -5.04 -34.49
N ASP D 398 13.55 -3.97 -34.48
CA ASP D 398 13.95 -2.71 -33.89
C ASP D 398 13.38 -2.51 -32.49
N CYS D 399 12.76 -3.54 -31.91
CA CYS D 399 12.15 -3.41 -30.60
C CYS D 399 13.21 -3.17 -29.52
N GLU D 400 12.83 -2.41 -28.51
CA GLU D 400 13.72 -2.12 -27.40
C GLU D 400 14.01 -3.40 -26.61
N PRO D 401 15.28 -3.69 -26.35
CA PRO D 401 15.62 -4.93 -25.64
C PRO D 401 15.04 -4.97 -24.24
N ASP D 402 14.69 -6.18 -23.82
CA ASP D 402 13.97 -6.40 -22.56
C ASP D 402 14.99 -6.49 -21.43
N ASP D 403 15.00 -5.47 -20.57
CA ASP D 403 15.85 -5.46 -19.39
C ASP D 403 15.09 -5.36 -18.08
N ASN D 404 13.83 -4.91 -18.11
CA ASN D 404 13.03 -4.77 -16.89
C ASN D 404 12.36 -6.07 -16.47
N HIS D 405 12.53 -7.14 -17.25
CA HIS D 405 11.94 -8.44 -16.93
C HIS D 405 13.04 -9.32 -16.37
N LEU D 406 12.84 -9.82 -15.15
CA LEU D 406 13.86 -10.55 -14.43
C LEU D 406 13.35 -11.94 -14.06
N SER D 407 14.20 -12.94 -14.27
CA SER D 407 13.91 -14.30 -13.86
C SER D 407 14.47 -14.52 -12.46
N ILE D 408 13.62 -14.96 -11.54
CA ILE D 408 13.96 -15.02 -10.13
C ILE D 408 13.78 -16.45 -9.64
N VAL D 409 14.80 -16.98 -8.98
CA VAL D 409 14.73 -18.29 -8.34
C VAL D 409 14.25 -18.12 -6.91
N THR D 410 13.75 -19.21 -6.34
CA THR D 410 13.20 -19.17 -4.98
C THR D 410 13.14 -20.58 -4.44
N LEU D 411 13.36 -20.73 -3.14
CA LEU D 411 13.22 -22.00 -2.45
C LEU D 411 12.17 -21.86 -1.36
N GLU D 412 11.36 -22.89 -1.18
CA GLU D 412 10.26 -22.84 -0.22
C GLU D 412 10.81 -22.97 1.20
N GLU D 413 10.54 -21.97 2.03
CA GLU D 413 10.89 -21.99 3.44
C GLU D 413 9.67 -21.61 4.26
N ALA D 414 9.48 -22.31 5.38
CA ALA D 414 8.23 -22.22 6.14
C ALA D 414 7.85 -20.79 6.52
N PRO D 415 8.73 -19.95 7.09
CA PRO D 415 8.29 -18.60 7.47
C PRO D 415 8.44 -17.59 6.35
N PHE D 416 9.32 -17.85 5.39
CA PHE D 416 9.68 -16.87 4.38
C PHE D 416 8.97 -17.05 3.05
N VAL D 417 8.97 -18.27 2.50
CA VAL D 417 8.38 -18.54 1.19
C VAL D 417 7.39 -19.68 1.36
N ILE D 418 6.11 -19.36 1.39
CA ILE D 418 5.04 -20.34 1.51
C ILE D 418 4.45 -20.56 0.13
N VAL D 419 4.42 -21.82 -0.31
CA VAL D 419 3.89 -22.20 -1.61
C VAL D 419 2.53 -22.84 -1.41
N GLU D 420 1.52 -22.32 -2.11
CA GLU D 420 0.16 -22.81 -1.99
C GLU D 420 -0.42 -23.06 -3.37
N ASP D 421 -1.53 -23.80 -3.42
CA ASP D 421 -2.20 -24.15 -4.64
C ASP D 421 -3.17 -23.03 -5.05
N ILE D 422 -3.67 -23.14 -6.28
CA ILE D 422 -4.55 -22.12 -6.84
C ILE D 422 -5.85 -22.09 -6.05
N ASP D 423 -6.42 -20.90 -5.91
CA ASP D 423 -7.67 -20.72 -5.20
C ASP D 423 -8.80 -21.47 -5.92
N PRO D 424 -9.50 -22.38 -5.26
CA PRO D 424 -10.61 -23.09 -5.95
C PRO D 424 -11.76 -22.18 -6.32
N LEU D 425 -11.89 -21.01 -5.69
CA LEU D 425 -13.05 -20.16 -5.95
C LEU D 425 -12.85 -19.31 -7.20
N THR D 426 -11.70 -18.63 -7.31
CA THR D 426 -11.45 -17.73 -8.43
C THR D 426 -10.51 -18.33 -9.47
N GLU D 427 -9.93 -19.50 -9.21
CA GLU D 427 -9.03 -20.17 -10.15
C GLU D 427 -7.87 -19.29 -10.57
N THR D 428 -7.38 -18.46 -9.65
CA THR D 428 -6.22 -17.62 -9.89
C THR D 428 -5.51 -17.38 -8.56
N CYS D 429 -4.28 -16.90 -8.64
CA CYS D 429 -3.53 -16.59 -7.42
C CYS D 429 -4.22 -15.49 -6.64
N VAL D 430 -4.40 -15.72 -5.35
CA VAL D 430 -5.12 -14.79 -4.48
C VAL D 430 -4.28 -13.55 -4.25
N ARG D 431 -4.90 -12.54 -3.64
CA ARG D 431 -4.20 -11.33 -3.23
C ARG D 431 -3.01 -11.68 -2.34
N ASN D 432 -2.08 -10.73 -2.23
CA ASN D 432 -0.87 -10.79 -1.41
C ASN D 432 0.03 -11.98 -1.76
N THR D 433 -0.24 -12.67 -2.86
CA THR D 433 0.63 -13.72 -3.36
C THR D 433 1.03 -13.40 -4.80
N VAL D 434 2.06 -14.09 -5.28
CA VAL D 434 2.53 -13.88 -6.65
C VAL D 434 2.60 -15.21 -7.36
N PRO D 435 2.44 -15.25 -8.69
CA PRO D 435 2.59 -16.51 -9.41
C PRO D 435 4.01 -17.03 -9.33
N CYS D 436 4.14 -18.35 -9.30
CA CYS D 436 5.45 -18.99 -9.28
C CYS D 436 5.30 -20.41 -9.81
N ARG D 437 6.09 -20.76 -10.82
CA ARG D 437 5.97 -22.06 -11.47
C ARG D 437 6.96 -23.03 -10.86
N LYS D 438 6.46 -24.20 -10.46
CA LYS D 438 7.26 -25.28 -9.92
C LYS D 438 7.33 -26.41 -10.94
N PHE D 439 8.54 -26.86 -11.23
CA PHE D 439 8.75 -27.95 -12.19
C PHE D 439 8.63 -29.27 -11.45
N VAL D 440 7.42 -29.81 -11.40
CA VAL D 440 7.14 -31.04 -10.68
C VAL D 440 7.22 -32.21 -11.65
N LYS D 441 7.92 -33.27 -11.23
CA LYS D 441 8.07 -34.44 -12.07
C LYS D 441 6.75 -35.19 -12.20
N ILE D 442 6.57 -35.85 -13.35
CA ILE D 442 5.35 -36.62 -13.59
C ILE D 442 5.25 -37.77 -12.60
N ASN D 443 6.33 -38.55 -12.47
CA ASN D 443 6.39 -39.67 -11.54
C ASN D 443 7.84 -40.10 -11.40
N ASN D 444 8.08 -41.10 -10.56
CA ASN D 444 9.44 -41.55 -10.30
C ASN D 444 10.09 -42.23 -11.49
N SER D 445 9.30 -42.69 -12.47
CA SER D 445 9.86 -43.41 -13.60
C SER D 445 10.49 -42.46 -14.60
N THR D 446 9.72 -41.52 -15.13
CA THR D 446 10.23 -40.60 -16.13
C THR D 446 11.17 -39.57 -15.49
N ASN D 447 11.94 -38.90 -16.35
CA ASN D 447 12.87 -37.88 -15.91
C ASN D 447 12.39 -36.46 -16.19
N GLU D 448 11.35 -36.29 -17.00
CA GLU D 448 10.81 -34.98 -17.30
C GLU D 448 9.63 -34.67 -16.38
N GLY D 449 9.13 -33.44 -16.47
CA GLY D 449 8.04 -33.01 -15.65
C GLY D 449 7.27 -31.87 -16.28
N MET D 450 6.33 -31.32 -15.51
CA MET D 450 5.49 -30.22 -15.96
C MET D 450 5.61 -29.06 -14.99
N ASN D 451 5.42 -27.86 -15.50
CA ASN D 451 5.52 -26.64 -14.72
C ASN D 451 4.12 -26.25 -14.25
N VAL D 452 3.86 -26.41 -12.96
CA VAL D 452 2.57 -26.05 -12.37
C VAL D 452 2.69 -24.66 -11.76
N LYS D 453 1.76 -23.78 -12.08
CA LYS D 453 1.80 -22.39 -11.61
C LYS D 453 1.08 -22.31 -10.27
N LYS D 454 1.84 -22.33 -9.18
CA LYS D 454 1.31 -22.18 -7.83
C LYS D 454 1.46 -20.73 -7.39
N CYS D 455 1.04 -20.45 -6.15
CA CYS D 455 1.09 -19.09 -5.62
C CYS D 455 2.07 -19.05 -4.45
N CYS D 456 3.05 -18.14 -4.55
CA CYS D 456 4.06 -17.99 -3.52
C CYS D 456 3.79 -16.73 -2.71
N LYS D 457 3.96 -16.82 -1.39
CA LYS D 457 3.74 -15.70 -0.50
C LYS D 457 4.75 -15.76 0.63
N GLY D 458 4.63 -14.85 1.58
CA GLY D 458 5.46 -14.85 2.77
C GLY D 458 6.32 -13.61 2.86
N PHE D 459 7.29 -13.67 3.78
CA PHE D 459 8.15 -12.51 4.03
C PHE D 459 8.97 -12.15 2.79
N CYS D 460 9.68 -13.14 2.23
CA CYS D 460 10.52 -12.87 1.07
C CYS D 460 9.69 -12.41 -0.13
N ILE D 461 8.49 -12.97 -0.30
CA ILE D 461 7.63 -12.54 -1.40
C ILE D 461 7.17 -11.10 -1.21
N ASP D 462 6.87 -10.71 0.03
CA ASP D 462 6.50 -9.33 0.30
C ASP D 462 7.66 -8.39 0.02
N ILE D 463 8.87 -8.78 0.43
CA ILE D 463 10.05 -7.97 0.13
C ILE D 463 10.24 -7.84 -1.37
N LEU D 464 10.04 -8.93 -2.11
CA LEU D 464 10.18 -8.89 -3.56
C LEU D 464 9.13 -7.98 -4.19
N LYS D 465 7.89 -8.03 -3.69
CA LYS D 465 6.85 -7.16 -4.23
C LYS D 465 7.18 -5.69 -3.98
N LYS D 466 7.65 -5.38 -2.77
CA LYS D 466 8.03 -4.00 -2.47
C LYS D 466 9.20 -3.55 -3.36
N LEU D 467 10.17 -4.43 -3.58
CA LEU D 467 11.28 -4.10 -4.46
C LEU D 467 10.80 -3.88 -5.88
N SER D 468 9.84 -4.69 -6.34
CA SER D 468 9.29 -4.51 -7.67
C SER D 468 8.57 -3.17 -7.80
N ARG D 469 7.83 -2.79 -6.76
CA ARG D 469 7.09 -1.53 -6.82
C ARG D 469 8.04 -0.33 -6.71
N THR D 470 9.19 -0.51 -6.06
CA THR D 470 10.10 0.61 -5.87
C THR D 470 11.03 0.77 -7.08
N VAL D 471 11.70 -0.30 -7.49
CA VAL D 471 12.64 -0.25 -8.61
C VAL D 471 11.93 -0.25 -9.96
N LYS D 472 10.65 -0.62 -9.99
CA LYS D 472 9.85 -0.69 -11.21
C LYS D 472 10.45 -1.70 -12.20
N PHE D 473 10.45 -2.95 -11.77
CA PHE D 473 10.86 -4.06 -12.60
C PHE D 473 9.90 -5.22 -12.44
N THR D 474 9.66 -5.94 -13.54
CA THR D 474 8.79 -7.10 -13.54
C THR D 474 9.61 -8.37 -13.34
N TYR D 475 8.92 -9.43 -12.92
CA TYR D 475 9.61 -10.67 -12.56
C TYR D 475 8.78 -11.88 -12.97
N ASP D 476 9.48 -12.98 -13.21
CA ASP D 476 8.88 -14.28 -13.49
C ASP D 476 9.38 -15.24 -12.42
N LEU D 477 8.69 -15.28 -11.29
CA LEU D 477 9.13 -16.10 -10.18
C LEU D 477 9.00 -17.58 -10.53
N TYR D 478 10.02 -18.36 -10.16
CA TYR D 478 9.97 -19.79 -10.41
C TYR D 478 10.85 -20.51 -9.39
N LEU D 479 10.32 -21.59 -8.83
CA LEU D 479 11.02 -22.32 -7.80
C LEU D 479 12.16 -23.14 -8.39
N VAL D 480 13.16 -23.42 -7.56
CA VAL D 480 14.32 -24.21 -7.96
C VAL D 480 14.09 -25.66 -7.57
N THR D 481 14.44 -26.57 -8.48
CA THR D 481 14.29 -28.00 -8.24
C THR D 481 15.59 -28.76 -8.33
N ASN D 482 16.68 -28.14 -8.77
CA ASN D 482 17.94 -28.85 -8.92
C ASN D 482 18.57 -29.17 -7.57
N GLY D 483 18.86 -28.13 -6.79
CA GLY D 483 19.50 -28.34 -5.50
C GLY D 483 18.66 -27.88 -4.32
N LYS D 484 19.34 -27.45 -3.25
CA LYS D 484 18.64 -27.03 -2.03
C LYS D 484 19.57 -26.05 -1.30
N HIS D 485 19.27 -24.76 -1.41
CA HIS D 485 20.00 -23.66 -0.79
C HIS D 485 21.42 -23.51 -1.31
N GLY D 486 21.82 -24.26 -2.33
CA GLY D 486 23.15 -24.12 -2.89
C GLY D 486 24.20 -24.96 -2.18
N LYS D 487 25.05 -25.62 -2.97
CA LYS D 487 26.13 -26.44 -2.43
C LYS D 487 27.11 -26.73 -3.56
N LYS D 488 28.40 -26.50 -3.30
CA LYS D 488 29.43 -26.70 -4.30
C LYS D 488 29.84 -28.16 -4.28
N VAL D 489 29.30 -28.93 -5.22
CA VAL D 489 29.66 -30.34 -5.40
C VAL D 489 30.35 -30.47 -6.75
N ASN D 490 31.53 -31.11 -6.75
CA ASN D 490 32.34 -31.27 -7.96
C ASN D 490 32.61 -29.92 -8.62
N ASN D 491 32.83 -28.90 -7.77
CA ASN D 491 33.04 -27.53 -8.23
C ASN D 491 31.87 -27.02 -9.06
N VAL D 492 30.67 -27.54 -8.80
CA VAL D 492 29.46 -27.15 -9.51
C VAL D 492 28.41 -26.78 -8.48
N TRP D 493 27.85 -25.57 -8.60
CA TRP D 493 26.83 -25.12 -7.66
C TRP D 493 25.45 -25.57 -8.09
N ASN D 494 24.60 -25.86 -7.10
CA ASN D 494 23.20 -26.21 -7.33
C ASN D 494 22.32 -25.19 -6.59
N GLY D 495 21.02 -25.46 -6.57
CA GLY D 495 20.12 -24.59 -5.85
C GLY D 495 20.01 -23.21 -6.48
N MET D 496 19.57 -22.25 -5.66
CA MET D 496 19.46 -20.87 -6.14
C MET D 496 20.82 -20.33 -6.54
N ILE D 497 21.86 -20.65 -5.76
CA ILE D 497 23.21 -20.23 -6.10
C ILE D 497 23.63 -20.79 -7.45
N GLY D 498 23.35 -22.08 -7.67
CA GLY D 498 23.69 -22.69 -8.94
C GLY D 498 22.96 -22.05 -10.11
N GLU D 499 21.67 -21.76 -9.93
CA GLU D 499 20.91 -21.14 -11.00
C GLU D 499 21.42 -19.73 -11.29
N VAL D 500 21.77 -18.97 -10.24
CA VAL D 500 22.21 -17.60 -10.43
C VAL D 500 23.57 -17.55 -11.09
N VAL D 501 24.51 -18.39 -10.64
CA VAL D 501 25.88 -18.31 -11.16
C VAL D 501 25.92 -18.71 -12.63
N TYR D 502 25.09 -19.68 -13.03
CA TYR D 502 25.05 -20.13 -14.41
C TYR D 502 24.08 -19.33 -15.27
N GLN D 503 23.68 -18.14 -14.79
CA GLN D 503 22.90 -17.17 -15.56
C GLN D 503 21.55 -17.71 -16.00
N ARG D 504 21.01 -18.71 -15.28
CA ARG D 504 19.65 -19.16 -15.55
C ARG D 504 18.61 -18.26 -14.88
N ALA D 505 19.04 -17.34 -14.03
CA ALA D 505 18.15 -16.39 -13.39
C ALA D 505 18.96 -15.18 -12.94
N VAL D 506 18.25 -14.11 -12.60
CA VAL D 506 18.91 -12.86 -12.26
C VAL D 506 19.21 -12.77 -10.78
N MET D 507 18.28 -13.21 -9.93
CA MET D 507 18.45 -13.00 -8.49
C MET D 507 17.81 -14.15 -7.72
N ALA D 508 18.23 -14.31 -6.48
CA ALA D 508 17.64 -15.27 -5.55
C ALA D 508 17.00 -14.49 -4.41
N VAL D 509 15.72 -14.76 -4.15
CA VAL D 509 14.98 -13.97 -3.17
C VAL D 509 14.65 -14.86 -1.97
N GLY D 510 14.90 -16.16 -2.11
CA GLY D 510 14.57 -17.09 -1.04
C GLY D 510 15.36 -16.89 0.23
N SER D 511 15.14 -17.76 1.22
CA SER D 511 15.86 -17.64 2.48
C SER D 511 17.30 -18.08 2.30
N LEU D 512 18.15 -17.16 1.84
CA LEU D 512 19.52 -17.48 1.45
C LEU D 512 20.49 -16.91 2.47
N THR D 513 21.31 -17.79 3.05
CA THR D 513 22.27 -17.36 4.05
C THR D 513 23.55 -16.86 3.39
N ILE D 514 23.96 -15.66 3.77
CA ILE D 514 25.18 -15.08 3.21
C ILE D 514 26.39 -15.80 3.80
N ASN D 515 27.17 -16.45 2.95
CA ASN D 515 28.35 -17.19 3.35
C ASN D 515 29.54 -16.72 2.52
N GLU D 516 30.74 -17.00 3.01
CA GLU D 516 31.97 -16.52 2.38
C GLU D 516 32.12 -17.04 0.96
N GLU D 517 31.96 -18.36 0.76
CA GLU D 517 32.08 -18.92 -0.58
C GLU D 517 31.00 -18.38 -1.50
N ARG D 518 29.76 -18.28 -1.00
CA ARG D 518 28.68 -17.73 -1.79
C ARG D 518 28.95 -16.28 -2.16
N SER D 519 29.44 -15.48 -1.20
CA SER D 519 29.79 -14.10 -1.52
C SER D 519 30.93 -14.02 -2.51
N GLU D 520 31.84 -14.99 -2.51
CA GLU D 520 32.88 -15.03 -3.52
C GLU D 520 32.30 -15.36 -4.90
N VAL D 521 31.34 -16.27 -4.96
CA VAL D 521 30.79 -16.71 -6.24
C VAL D 521 29.77 -15.71 -6.78
N VAL D 522 28.86 -15.23 -5.93
CA VAL D 522 27.83 -14.29 -6.35
C VAL D 522 27.86 -13.07 -5.42
N ASP D 523 27.28 -11.98 -5.90
CA ASP D 523 27.26 -10.72 -5.16
C ASP D 523 25.96 -10.62 -4.38
N PHE D 524 26.07 -10.34 -3.08
CA PHE D 524 24.91 -10.26 -2.21
C PHE D 524 24.54 -8.82 -1.91
N SER D 525 23.26 -8.60 -1.62
CA SER D 525 22.79 -7.29 -1.18
C SER D 525 22.98 -7.17 0.32
N VAL D 526 22.51 -6.08 0.91
CA VAL D 526 22.64 -5.91 2.35
C VAL D 526 21.71 -6.89 3.06
N PRO D 527 22.09 -7.43 4.21
CA PRO D 527 21.22 -8.38 4.92
C PRO D 527 20.01 -7.68 5.52
N PHE D 528 18.82 -8.11 5.13
CA PHE D 528 17.59 -7.52 5.64
C PHE D 528 17.07 -8.23 6.89
N VAL D 529 17.68 -9.35 7.29
CA VAL D 529 17.31 -10.02 8.53
C VAL D 529 18.48 -10.87 9.00
N GLU D 530 18.80 -10.77 10.28
CA GLU D 530 19.94 -11.45 10.87
C GLU D 530 19.57 -12.89 11.19
N THR D 531 20.29 -13.83 10.57
CA THR D 531 20.04 -15.26 10.74
C THR D 531 21.39 -15.93 10.98
N GLY D 532 21.68 -16.23 12.24
CA GLY D 532 22.88 -16.96 12.60
C GLY D 532 22.64 -18.45 12.65
N ILE D 533 23.55 -19.14 13.34
CA ILE D 533 23.43 -20.57 13.61
C ILE D 533 23.10 -20.74 15.08
N SER D 534 21.99 -21.43 15.36
CA SER D 534 21.48 -21.55 16.72
C SER D 534 21.10 -23.00 16.99
N VAL D 535 21.05 -23.32 18.28
CA VAL D 535 20.74 -24.66 18.76
C VAL D 535 19.41 -24.60 19.50
N MET D 536 18.49 -25.49 19.15
CA MET D 536 17.18 -25.58 19.76
C MET D 536 17.03 -26.94 20.42
N VAL D 537 16.51 -26.95 21.65
CA VAL D 537 16.38 -28.16 22.44
C VAL D 537 15.01 -28.19 23.09
N SER D 538 14.60 -29.39 23.50
CA SER D 538 13.36 -29.54 24.25
C SER D 538 13.50 -28.90 25.62
N ARG D 539 12.42 -28.30 26.11
CA ARG D 539 12.45 -27.63 27.40
C ARG D 539 12.70 -28.64 28.51
N SER D 540 13.59 -28.29 29.43
CA SER D 540 13.93 -29.18 30.53
C SER D 540 12.87 -29.08 31.64
N ASN D 541 12.86 -30.08 32.50
CA ASN D 541 12.05 -30.04 33.71
C ASN D 541 12.78 -29.22 34.76
N GLY D 542 12.46 -27.92 34.83
CA GLY D 542 13.16 -27.00 35.70
C GLY D 542 13.29 -27.44 37.15
N THR D 543 14.34 -26.96 37.81
CA THR D 543 14.59 -27.31 39.20
C THR D 543 14.51 -26.07 40.07
N VAL D 544 14.23 -26.27 41.35
CA VAL D 544 14.09 -25.19 42.32
C VAL D 544 15.22 -25.30 43.33
N SER D 545 15.88 -24.17 43.60
CA SER D 545 17.00 -24.19 44.53
C SER D 545 16.53 -24.59 45.93
N PRO D 546 17.29 -25.42 46.64
CA PRO D 546 16.89 -25.83 47.99
C PRO D 546 16.77 -24.68 48.97
N SER D 547 17.60 -23.65 48.84
CA SER D 547 17.56 -22.50 49.74
C SER D 547 16.61 -21.41 49.26
N ALA D 548 15.60 -21.77 48.46
CA ALA D 548 14.66 -20.78 47.95
C ALA D 548 13.88 -20.12 49.09
N PHE D 549 13.64 -20.84 50.18
CA PHE D 549 12.94 -20.29 51.33
C PHE D 549 13.85 -19.51 52.27
N LEU D 550 15.15 -19.45 51.97
CA LEU D 550 16.06 -18.56 52.67
C LEU D 550 16.22 -17.20 52.00
N GLU D 551 16.02 -17.13 50.69
CA GLU D 551 16.13 -15.91 49.90
C GLU D 551 15.17 -14.78 50.33
N PRO D 552 14.01 -15.08 50.92
CA PRO D 552 13.19 -13.98 51.46
C PRO D 552 13.94 -13.00 52.35
N PHE D 553 15.08 -13.39 52.93
CA PHE D 553 15.91 -12.50 53.72
C PHE D 553 17.38 -12.87 53.52
N SER D 554 18.22 -11.85 53.37
CA SER D 554 19.62 -12.10 53.07
C SER D 554 20.30 -12.81 54.24
N ALA D 555 21.51 -13.31 53.98
CA ALA D 555 22.20 -14.15 54.95
C ALA D 555 22.48 -13.39 56.24
N SER D 556 22.88 -12.12 56.13
CA SER D 556 23.16 -11.34 57.33
C SER D 556 21.91 -11.05 58.14
N VAL D 557 20.75 -11.00 57.47
CA VAL D 557 19.50 -10.65 58.16
C VAL D 557 19.15 -11.74 59.17
N TRP D 558 19.28 -13.00 58.78
CA TRP D 558 18.97 -14.11 59.68
C TRP D 558 19.91 -14.09 60.89
N VAL D 559 21.21 -13.93 60.66
CA VAL D 559 22.14 -13.97 61.78
C VAL D 559 21.94 -12.77 62.71
N MET D 560 21.59 -11.60 62.17
CA MET D 560 21.38 -10.45 63.05
C MET D 560 20.07 -10.58 63.83
N MET D 561 19.02 -11.13 63.21
CA MET D 561 17.81 -11.35 64.00
C MET D 561 18.06 -12.40 65.08
N PHE D 562 18.90 -13.40 64.79
CA PHE D 562 19.19 -14.41 65.80
C PHE D 562 20.03 -13.84 66.94
N VAL D 563 21.00 -12.98 66.64
CA VAL D 563 21.81 -12.40 67.71
C VAL D 563 20.99 -11.42 68.55
N MET D 564 20.09 -10.65 67.92
CA MET D 564 19.25 -9.78 68.73
C MET D 564 18.23 -10.58 69.52
N LEU D 565 17.84 -11.75 69.00
CA LEU D 565 17.02 -12.68 69.78
C LEU D 565 17.75 -13.13 71.04
N LEU D 566 19.03 -13.50 70.89
CA LEU D 566 19.81 -13.89 72.05
C LEU D 566 19.93 -12.73 73.04
N ILE D 567 20.14 -11.51 72.53
CA ILE D 567 20.27 -10.34 73.40
C ILE D 567 18.96 -10.10 74.15
N VAL D 568 17.83 -10.22 73.46
CA VAL D 568 16.53 -9.99 74.09
C VAL D 568 16.25 -11.05 75.14
N SER D 569 16.62 -12.31 74.86
CA SER D 569 16.46 -13.35 75.87
C SER D 569 17.34 -13.08 77.09
N ALA D 570 18.57 -12.64 76.88
CA ALA D 570 19.46 -12.33 77.99
C ALA D 570 18.89 -11.21 78.85
N ILE D 571 18.41 -10.13 78.22
CA ILE D 571 17.83 -9.04 78.99
C ILE D 571 16.51 -9.45 79.63
N ALA D 572 15.77 -10.39 79.03
CA ALA D 572 14.58 -10.92 79.67
C ALA D 572 14.93 -11.65 80.96
N VAL D 573 15.97 -12.49 80.93
CA VAL D 573 16.41 -13.17 82.14
C VAL D 573 16.89 -12.16 83.17
N PHE D 574 17.59 -11.12 82.71
CA PHE D 574 18.08 -10.09 83.63
C PHE D 574 16.94 -9.38 84.34
N VAL D 575 15.93 -8.95 83.58
CA VAL D 575 14.82 -8.21 84.18
C VAL D 575 13.95 -9.12 85.04
N PHE D 576 13.85 -10.40 84.67
CA PHE D 576 13.13 -11.35 85.50
C PHE D 576 13.84 -11.56 86.84
N GLU D 577 15.17 -11.66 86.81
CA GLU D 577 15.93 -11.79 88.05
C GLU D 577 15.82 -10.53 88.90
N TYR D 578 15.86 -9.35 88.26
CA TYR D 578 15.75 -8.11 89.01
C TYR D 578 14.40 -8.00 89.71
N PHE D 579 13.32 -8.36 89.02
CA PHE D 579 11.98 -8.26 89.59
C PHE D 579 11.04 -9.27 88.94
N PHE D 599 13.24 -20.05 85.58
CA PHE D 599 13.30 -19.28 84.35
C PHE D 599 14.75 -18.98 83.98
N THR D 600 15.39 -19.94 83.32
CA THR D 600 16.78 -19.80 82.91
C THR D 600 16.87 -19.11 81.55
N ILE D 601 18.09 -19.04 81.01
CA ILE D 601 18.29 -18.47 79.68
C ILE D 601 17.64 -19.37 78.63
N GLY D 602 17.66 -20.69 78.84
CA GLY D 602 17.06 -21.59 77.87
C GLY D 602 15.57 -21.42 77.74
N LYS D 603 14.88 -21.23 78.87
CA LYS D 603 13.44 -21.00 78.81
C LYS D 603 13.11 -19.69 78.11
N ALA D 604 13.90 -18.65 78.35
CA ALA D 604 13.68 -17.38 77.66
C ALA D 604 13.89 -17.53 76.16
N ILE D 605 14.95 -18.24 75.75
CA ILE D 605 15.21 -18.45 74.33
C ILE D 605 14.07 -19.24 73.69
N TRP D 606 13.60 -20.29 74.39
CA TRP D 606 12.50 -21.09 73.85
C TRP D 606 11.24 -20.25 73.72
N LEU D 607 10.93 -19.43 74.72
CA LEU D 607 9.75 -18.58 74.65
C LEU D 607 9.85 -17.59 73.50
N LEU D 608 11.02 -16.98 73.32
CA LEU D 608 11.21 -16.04 72.22
C LEU D 608 11.05 -16.72 70.87
N TRP D 609 11.64 -17.92 70.71
CA TRP D 609 11.50 -18.64 69.45
C TRP D 609 10.05 -19.02 69.19
N GLY D 610 9.33 -19.47 70.22
CA GLY D 610 7.93 -19.79 70.06
C GLY D 610 7.04 -18.59 69.81
N LEU D 611 7.46 -17.40 70.26
CA LEU D 611 6.72 -16.20 69.93
C LEU D 611 6.98 -15.76 68.49
N VAL D 612 8.23 -15.84 68.03
CA VAL D 612 8.51 -15.61 66.62
C VAL D 612 7.85 -16.68 65.77
N PHE D 613 7.89 -17.92 66.24
CA PHE D 613 7.31 -19.06 65.52
C PHE D 613 5.98 -19.39 66.18
N ASN D 614 4.93 -18.65 65.81
CA ASN D 614 3.68 -18.70 66.57
C ASN D 614 2.96 -20.03 66.40
N ASN D 615 3.53 -21.09 66.95
CA ASN D 615 2.93 -22.42 66.92
C ASN D 615 2.18 -22.75 68.20
N SER D 616 2.01 -21.77 69.10
CA SER D 616 1.33 -21.98 70.38
C SER D 616 2.02 -23.08 71.18
N VAL D 617 3.35 -23.07 71.15
CA VAL D 617 4.16 -24.08 71.85
C VAL D 617 4.05 -23.84 73.36
N PRO D 618 4.15 -24.88 74.17
CA PRO D 618 4.06 -24.69 75.63
C PRO D 618 5.28 -23.97 76.16
N VAL D 619 5.06 -22.74 76.67
CA VAL D 619 6.11 -21.93 77.25
C VAL D 619 5.66 -21.45 78.62
N GLN D 620 6.62 -20.95 79.40
CA GLN D 620 6.36 -20.41 80.74
C GLN D 620 6.58 -18.91 80.69
N ASN D 621 5.49 -18.15 80.71
CA ASN D 621 5.59 -16.70 80.62
C ASN D 621 6.22 -16.13 81.89
N PRO D 622 6.96 -15.03 81.77
CA PRO D 622 7.55 -14.41 82.96
C PRO D 622 6.52 -13.74 83.83
N LYS D 623 6.91 -13.34 85.04
CA LYS D 623 6.01 -12.70 85.99
C LYS D 623 6.27 -11.22 86.18
N GLY D 624 7.47 -10.75 85.87
CA GLY D 624 7.76 -9.33 85.98
C GLY D 624 7.00 -8.51 84.95
N THR D 625 6.69 -7.27 85.33
CA THR D 625 5.91 -6.41 84.43
C THR D 625 6.75 -5.95 83.24
N THR D 626 7.99 -5.51 83.49
CA THR D 626 8.83 -5.04 82.39
C THR D 626 9.19 -6.18 81.44
N SER D 627 9.40 -7.39 81.98
CA SER D 627 9.63 -8.54 81.13
C SER D 627 8.42 -8.80 80.25
N LYS D 628 7.22 -8.68 80.81
CA LYS D 628 6.01 -8.85 80.00
C LYS D 628 5.93 -7.78 78.91
N ILE D 629 6.29 -6.54 79.25
CA ILE D 629 6.24 -5.45 78.26
C ILE D 629 7.18 -5.74 77.10
N MET D 630 8.42 -6.12 77.40
CA MET D 630 9.39 -6.30 76.32
C MET D 630 9.09 -7.57 75.54
N VAL D 631 8.52 -8.59 76.21
CA VAL D 631 8.08 -9.78 75.50
C VAL D 631 6.91 -9.45 74.58
N SER D 632 6.02 -8.54 74.99
CA SER D 632 4.93 -8.13 74.13
C SER D 632 5.43 -7.41 72.89
N VAL D 633 6.37 -6.47 73.07
CA VAL D 633 6.90 -5.78 71.89
C VAL D 633 7.71 -6.74 71.02
N TRP D 634 8.34 -7.74 71.64
CA TRP D 634 9.03 -8.77 70.88
C TRP D 634 8.05 -9.57 70.05
N ALA D 635 6.87 -9.88 70.61
CA ALA D 635 5.84 -10.57 69.85
C ALA D 635 5.30 -9.70 68.72
N PHE D 636 5.25 -8.39 68.94
CA PHE D 636 4.91 -7.48 67.85
C PHE D 636 5.92 -7.57 66.72
N PHE D 637 7.21 -7.52 67.04
CA PHE D 637 8.23 -7.73 66.03
C PHE D 637 8.06 -9.09 65.36
N ALA D 638 7.70 -10.10 66.14
CA ALA D 638 7.54 -11.46 65.62
C ALA D 638 6.42 -11.53 64.59
N VAL D 639 5.27 -10.94 64.89
CA VAL D 639 4.16 -11.00 63.95
C VAL D 639 4.47 -10.16 62.71
N ILE D 640 5.18 -9.03 62.88
CA ILE D 640 5.60 -8.26 61.72
C ILE D 640 6.50 -9.09 60.82
N PHE D 641 7.48 -9.78 61.42
CA PHE D 641 8.40 -10.60 60.65
C PHE D 641 7.67 -11.75 59.95
N LEU D 642 6.74 -12.39 60.65
CA LEU D 642 6.00 -13.49 60.04
C LEU D 642 5.18 -13.02 58.86
N ALA D 643 4.49 -11.87 59.00
CA ALA D 643 3.71 -11.34 57.89
C ALA D 643 4.61 -10.99 56.71
N SER D 644 5.76 -10.36 56.98
CA SER D 644 6.68 -10.02 55.90
C SER D 644 7.22 -11.26 55.20
N TYR D 645 7.57 -12.28 55.96
CA TYR D 645 8.12 -13.50 55.37
C TYR D 645 7.07 -14.24 54.55
N THR D 646 5.83 -14.30 55.05
CA THR D 646 4.79 -15.03 54.35
C THR D 646 4.26 -14.26 53.14
N ALA D 647 4.43 -12.93 53.14
CA ALA D 647 3.90 -12.13 52.03
C ALA D 647 4.53 -12.51 50.70
N ASN D 648 5.84 -12.71 50.68
CA ASN D 648 6.56 -13.03 49.45
C ASN D 648 7.02 -14.49 49.40
N LEU D 649 6.53 -15.33 50.30
CA LEU D 649 6.96 -16.73 50.30
C LEU D 649 6.52 -17.45 49.03
N ALA D 650 5.29 -17.20 48.57
CA ALA D 650 4.80 -17.87 47.37
C ALA D 650 5.59 -17.46 46.14
N ALA D 651 5.92 -16.17 46.02
CA ALA D 651 6.61 -15.69 44.83
C ALA D 651 8.00 -16.31 44.68
N PHE D 652 8.74 -16.43 45.79
CA PHE D 652 10.11 -16.91 45.70
C PHE D 652 10.16 -18.41 45.47
N ILE D 653 9.18 -19.15 45.97
CA ILE D 653 9.12 -20.61 45.75
C ILE D 653 8.39 -20.80 44.43
N GLN D 654 9.15 -20.74 43.34
CA GLN D 654 8.62 -20.84 42.00
C GLN D 654 9.57 -21.66 41.14
N GLU D 655 9.03 -22.24 40.07
CA GLU D 655 9.81 -23.12 39.21
C GLU D 655 10.76 -22.30 38.35
N GLU D 656 12.04 -22.63 38.42
CA GLU D 656 13.08 -21.95 37.65
C GLU D 656 13.61 -22.91 36.58
N PHE D 657 13.69 -22.43 35.34
CA PHE D 657 14.08 -23.26 34.22
C PHE D 657 15.56 -23.10 33.92
N VAL D 658 16.26 -24.22 33.77
CA VAL D 658 17.70 -24.24 33.54
C VAL D 658 17.98 -24.89 32.19
N ASP D 659 18.78 -24.19 31.38
CA ASP D 659 19.14 -24.67 30.05
C ASP D 659 20.02 -25.91 30.14
N GLN D 660 19.92 -26.77 29.12
CA GLN D 660 20.74 -27.98 29.09
C GLN D 660 22.21 -27.65 28.90
N VAL D 661 22.53 -26.79 27.93
CA VAL D 661 23.91 -26.52 27.53
C VAL D 661 24.13 -25.03 27.46
N THR D 662 25.41 -24.64 27.40
CA THR D 662 25.77 -23.24 27.32
C THR D 662 25.70 -22.73 25.88
N GLY D 663 26.38 -23.41 24.96
CA GLY D 663 26.40 -22.97 23.59
C GLY D 663 27.12 -23.97 22.71
N LEU D 664 27.48 -23.51 21.51
CA LEU D 664 28.18 -24.38 20.57
C LEU D 664 29.59 -24.73 21.05
N SER D 665 30.13 -24.00 22.01
CA SER D 665 31.45 -24.25 22.56
C SER D 665 31.42 -25.19 23.77
N ASP D 666 30.24 -25.71 24.12
CA ASP D 666 30.14 -26.58 25.28
C ASP D 666 30.87 -27.89 25.05
N LYS D 667 31.39 -28.46 26.14
CA LYS D 667 32.09 -29.73 26.06
C LYS D 667 31.19 -30.86 25.59
N LYS D 668 29.88 -30.75 25.79
CA LYS D 668 28.96 -31.77 25.32
C LYS D 668 29.00 -31.89 23.80
N PHE D 669 28.97 -30.74 23.11
CA PHE D 669 29.04 -30.76 21.65
C PHE D 669 30.44 -31.16 21.18
N GLN D 670 31.48 -30.57 21.76
CA GLN D 670 32.84 -30.86 21.33
C GLN D 670 33.21 -32.31 21.63
N ARG D 671 32.96 -32.78 22.85
CA ARG D 671 33.26 -34.16 23.25
C ARG D 671 31.96 -34.82 23.68
N PRO D 672 31.30 -35.52 22.76
CA PRO D 672 30.04 -36.20 23.11
C PRO D 672 30.19 -37.63 23.58
N HIS D 673 31.38 -38.22 23.50
CA HIS D 673 31.57 -39.61 23.85
C HIS D 673 31.92 -39.83 25.31
N ASP D 674 32.59 -38.87 25.95
CA ASP D 674 33.01 -39.05 27.33
C ASP D 674 31.83 -39.07 28.31
N TYR D 675 30.69 -38.52 27.92
CA TYR D 675 29.50 -38.56 28.78
C TYR D 675 28.83 -39.92 28.66
N SER D 676 28.45 -40.48 29.82
CA SER D 676 27.79 -41.79 29.80
C SER D 676 26.48 -41.81 29.03
N PRO D 677 25.55 -40.86 29.16
CA PRO D 677 24.37 -40.88 28.31
C PRO D 677 24.64 -40.17 26.99
N PRO D 678 24.57 -40.88 25.88
CA PRO D 678 24.86 -40.24 24.59
C PRO D 678 23.69 -39.39 24.09
N PHE D 679 23.85 -38.07 24.12
CA PHE D 679 22.82 -37.18 23.62
C PHE D 679 23.02 -36.93 22.14
N ARG D 680 21.90 -36.76 21.43
CA ARG D 680 21.88 -36.74 19.97
C ARG D 680 21.60 -35.33 19.48
N PHE D 681 22.51 -34.80 18.66
CA PHE D 681 22.31 -33.52 18.00
C PHE D 681 22.67 -33.66 16.54
N GLY D 682 21.94 -32.94 15.69
CA GLY D 682 22.16 -33.06 14.25
C GLY D 682 21.64 -31.84 13.52
N THR D 683 21.88 -31.85 12.21
CA THR D 683 21.45 -30.76 11.35
C THR D 683 21.15 -31.31 9.96
N VAL D 684 20.38 -30.55 9.19
CA VAL D 684 20.14 -30.93 7.80
C VAL D 684 21.42 -30.71 6.99
N PRO D 685 21.70 -31.54 5.99
CA PRO D 685 22.93 -31.35 5.21
C PRO D 685 22.71 -30.44 4.02
N ASN D 686 23.77 -30.25 3.22
CA ASN D 686 23.70 -29.46 1.99
C ASN D 686 23.23 -28.03 2.29
N GLY D 687 23.68 -27.48 3.41
CA GLY D 687 23.32 -26.12 3.77
C GLY D 687 24.51 -25.31 4.22
N SER D 688 24.27 -24.08 4.68
CA SER D 688 25.35 -23.23 5.18
C SER D 688 25.81 -23.66 6.57
N THR D 689 24.88 -24.14 7.40
CA THR D 689 25.25 -24.58 8.75
C THR D 689 26.20 -25.76 8.69
N GLU D 690 25.94 -26.72 7.80
CA GLU D 690 26.83 -27.86 7.65
C GLU D 690 28.22 -27.43 7.20
N ARG D 691 28.28 -26.48 6.26
CA ARG D 691 29.58 -25.97 5.80
C ARG D 691 30.32 -25.29 6.94
N ASN D 692 29.62 -24.48 7.74
CA ASN D 692 30.26 -23.80 8.85
C ASN D 692 30.79 -24.80 9.88
N ILE D 693 30.00 -25.84 10.17
CA ILE D 693 30.43 -26.85 11.13
C ILE D 693 31.65 -27.61 10.58
N ARG D 694 31.64 -27.93 9.29
CA ARG D 694 32.79 -28.58 8.69
C ARG D 694 34.04 -27.72 8.78
N ASN D 695 33.90 -26.41 8.54
CA ASN D 695 35.06 -25.53 8.56
C ASN D 695 35.54 -25.27 9.98
N ASN D 696 34.66 -25.37 10.98
CA ASN D 696 35.04 -25.05 12.35
C ASN D 696 35.47 -26.29 13.13
N TYR D 697 34.57 -27.27 13.27
CA TYR D 697 34.80 -28.44 14.11
C TYR D 697 34.64 -29.71 13.29
N PRO D 698 35.69 -30.17 12.60
CA PRO D 698 35.57 -31.41 11.82
C PRO D 698 35.19 -32.62 12.66
N TYR D 699 35.70 -32.72 13.90
CA TYR D 699 35.32 -33.82 14.76
C TYR D 699 33.83 -33.79 15.10
N MET D 700 33.31 -32.60 15.41
CA MET D 700 31.90 -32.46 15.71
C MET D 700 31.04 -32.84 14.50
N HIS D 701 31.44 -32.40 13.31
CA HIS D 701 30.71 -32.77 12.11
C HIS D 701 30.76 -34.27 11.86
N GLN D 702 31.93 -34.88 12.07
CA GLN D 702 32.06 -36.32 11.86
C GLN D 702 31.14 -37.10 12.80
N TYR D 703 31.09 -36.69 14.06
CA TYR D 703 30.15 -37.33 14.99
C TYR D 703 28.70 -37.05 14.63
N MET D 704 28.40 -35.84 14.16
CA MET D 704 27.03 -35.41 13.89
C MET D 704 26.44 -36.01 12.62
N THR D 705 27.28 -36.38 11.64
CA THR D 705 26.75 -36.91 10.38
C THR D 705 25.89 -38.14 10.59
N ARG D 706 26.20 -38.94 11.62
CA ARG D 706 25.41 -40.15 11.87
C ARG D 706 23.96 -39.80 12.20
N PHE D 707 23.75 -38.79 13.02
CA PHE D 707 22.40 -38.38 13.42
C PHE D 707 21.92 -37.24 12.52
N ASN D 708 21.91 -37.52 11.21
CA ASN D 708 21.50 -36.54 10.22
C ASN D 708 19.97 -36.41 10.21
N GLN D 709 19.50 -35.32 9.62
CA GLN D 709 18.07 -35.07 9.46
C GLN D 709 17.76 -34.76 8.00
N ARG D 710 16.50 -34.99 7.62
CA ARG D 710 16.06 -34.82 6.25
C ARG D 710 15.45 -33.45 5.99
N GLY D 711 14.59 -32.97 6.89
CA GLY D 711 13.97 -31.68 6.74
C GLY D 711 13.74 -31.05 8.10
N VAL D 712 13.27 -29.81 8.08
CA VAL D 712 13.02 -29.10 9.34
C VAL D 712 11.94 -29.82 10.15
N GLU D 713 10.85 -30.22 9.48
CA GLU D 713 9.76 -30.89 10.19
C GLU D 713 10.21 -32.23 10.76
N ASP D 714 11.05 -32.97 10.02
CA ASP D 714 11.54 -34.24 10.54
C ASP D 714 12.38 -34.03 11.80
N ALA D 715 13.24 -33.02 11.79
CA ALA D 715 14.03 -32.72 12.99
C ALA D 715 13.13 -32.30 14.14
N LEU D 716 12.09 -31.50 13.84
CA LEU D 716 11.18 -31.06 14.90
C LEU D 716 10.44 -32.24 15.52
N VAL D 717 9.93 -33.16 14.71
CA VAL D 717 9.22 -34.30 15.30
C VAL D 717 10.19 -35.21 16.03
N SER D 718 11.41 -35.36 15.54
CA SER D 718 12.41 -36.16 16.26
C SER D 718 12.71 -35.55 17.62
N LEU D 719 12.83 -34.22 17.68
CA LEU D 719 13.02 -33.56 18.97
C LEU D 719 11.82 -33.76 19.87
N LYS D 720 10.61 -33.69 19.31
CA LYS D 720 9.40 -33.85 20.11
C LYS D 720 9.34 -35.24 20.72
N THR D 721 9.65 -36.27 19.92
CA THR D 721 9.55 -37.64 20.42
C THR D 721 10.62 -37.94 21.46
N GLY D 722 11.89 -37.76 21.10
CA GLY D 722 12.96 -38.01 22.04
C GLY D 722 14.18 -38.67 21.45
N LYS D 723 14.13 -39.02 20.15
CA LYS D 723 15.28 -39.60 19.49
C LYS D 723 16.34 -38.56 19.14
N LEU D 724 16.13 -37.30 19.52
CA LEU D 724 17.11 -36.24 19.32
C LEU D 724 17.08 -35.33 20.54
N ASP D 725 18.22 -34.71 20.84
CA ASP D 725 18.34 -33.82 21.99
C ASP D 725 18.52 -32.37 21.59
N ALA D 726 19.30 -32.09 20.54
CA ALA D 726 19.54 -30.74 20.08
C ALA D 726 19.44 -30.70 18.56
N PHE D 727 19.07 -29.52 18.04
CA PHE D 727 19.00 -29.31 16.60
C PHE D 727 19.68 -27.99 16.29
N ILE D 728 20.71 -28.04 15.44
CA ILE D 728 21.51 -26.87 15.10
C ILE D 728 21.15 -26.45 13.69
N TYR D 729 20.70 -25.22 13.51
CA TYR D 729 20.24 -24.76 12.20
C TYR D 729 20.10 -23.25 12.23
N ASP D 730 19.55 -22.70 11.15
CA ASP D 730 19.45 -21.26 10.99
C ASP D 730 18.66 -20.63 12.13
N ALA D 731 19.15 -19.49 12.63
CA ALA D 731 18.58 -18.88 13.83
C ALA D 731 17.15 -18.43 13.60
N ALA D 732 16.87 -17.76 12.47
CA ALA D 732 15.55 -17.22 12.24
C ALA D 732 14.51 -18.33 12.11
N VAL D 733 14.85 -19.41 11.40
CA VAL D 733 13.91 -20.50 11.21
C VAL D 733 13.55 -21.13 12.55
N LEU D 734 14.55 -21.37 13.39
CA LEU D 734 14.27 -21.97 14.69
C LEU D 734 13.52 -21.02 15.61
N ASN D 735 13.81 -19.72 15.51
CA ASN D 735 13.03 -18.76 16.29
C ASN D 735 11.57 -18.77 15.87
N TYR D 736 11.31 -18.82 14.56
CA TYR D 736 9.94 -18.90 14.07
C TYR D 736 9.26 -20.18 14.54
N LYS D 737 9.97 -21.30 14.46
CA LYS D 737 9.40 -22.58 14.87
C LYS D 737 9.08 -22.58 16.36
N ALA D 738 9.99 -22.05 17.18
CA ALA D 738 9.73 -21.97 18.61
C ALA D 738 8.55 -21.06 18.92
N GLY D 739 8.45 -19.94 18.19
CA GLY D 739 7.30 -19.07 18.40
C GLY D 739 5.99 -19.72 18.03
N ARG D 740 5.96 -20.44 16.90
CA ARG D 740 4.73 -21.05 16.42
C ARG D 740 4.43 -22.39 17.07
N ASP D 741 5.35 -22.94 17.86
CA ASP D 741 5.10 -24.21 18.52
C ASP D 741 4.04 -24.06 19.59
N GLU D 742 3.31 -25.14 19.83
CA GLU D 742 2.28 -25.16 20.87
C GLU D 742 2.85 -25.70 22.17
N GLY D 743 2.41 -25.12 23.29
CA GLY D 743 2.88 -25.51 24.60
C GLY D 743 4.30 -25.10 24.92
N CYS D 744 5.08 -24.66 23.94
CA CYS D 744 6.45 -24.18 24.15
C CYS D 744 7.32 -25.23 24.83
N LYS D 745 7.14 -26.50 24.43
CA LYS D 745 8.00 -27.56 24.92
C LYS D 745 9.39 -27.49 24.31
N LEU D 746 9.58 -26.69 23.27
CA LEU D 746 10.85 -26.56 22.56
C LEU D 746 11.29 -25.11 22.59
N VAL D 747 12.59 -24.88 22.76
CA VAL D 747 13.11 -23.52 22.91
C VAL D 747 14.55 -23.49 22.43
N THR D 748 14.95 -22.35 21.86
CA THR D 748 16.33 -22.16 21.43
C THR D 748 17.24 -21.98 22.64
N ILE D 749 18.48 -22.46 22.51
CA ILE D 749 19.42 -22.40 23.62
C ILE D 749 19.90 -20.97 23.83
N GLY D 750 20.22 -20.64 25.08
CA GLY D 750 20.78 -19.34 25.40
C GLY D 750 19.79 -18.20 25.36
N SER D 751 18.49 -18.48 25.28
CA SER D 751 17.45 -17.46 25.19
C SER D 751 17.73 -16.49 24.06
N GLY D 752 17.93 -17.05 22.87
CA GLY D 752 18.21 -16.26 21.69
C GLY D 752 19.70 -16.09 21.43
N TYR D 753 20.46 -17.17 21.60
CA TYR D 753 21.89 -17.14 21.33
C TYR D 753 22.14 -17.35 19.84
N ILE D 754 23.05 -16.57 19.27
CA ILE D 754 23.37 -16.62 17.85
C ILE D 754 24.88 -16.73 17.71
N PHE D 755 25.33 -17.68 16.89
CA PHE D 755 26.75 -17.98 16.75
C PHE D 755 27.36 -17.35 15.50
N ALA D 756 26.85 -17.67 14.32
CA ALA D 756 27.42 -17.17 13.09
C ALA D 756 27.08 -15.71 12.81
N THR D 757 25.96 -15.23 13.33
CA THR D 757 25.45 -13.87 13.16
C THR D 757 25.72 -13.32 11.75
N THR D 758 25.25 -14.06 10.76
CA THR D 758 25.23 -13.61 9.39
C THR D 758 23.83 -13.12 9.05
N GLY D 759 23.59 -12.81 7.77
CA GLY D 759 22.28 -12.31 7.39
C GLY D 759 21.72 -12.93 6.13
N TYR D 760 20.45 -12.65 5.85
CA TYR D 760 19.80 -13.09 4.63
C TYR D 760 19.90 -11.99 3.58
N GLY D 761 20.34 -12.35 2.39
CA GLY D 761 20.52 -11.38 1.33
C GLY D 761 19.83 -11.81 0.05
N ILE D 762 19.81 -10.90 -0.91
CA ILE D 762 19.26 -11.16 -2.24
C ILE D 762 20.44 -11.41 -3.16
N ALA D 763 20.66 -12.68 -3.49
CA ALA D 763 21.80 -13.05 -4.32
C ALA D 763 21.66 -12.44 -5.72
N LEU D 764 22.77 -11.96 -6.25
CA LEU D 764 22.82 -11.34 -7.58
C LEU D 764 24.02 -11.87 -8.35
N GLN D 765 23.93 -11.82 -9.67
CA GLN D 765 25.07 -12.16 -10.50
C GLN D 765 26.17 -11.12 -10.32
N LYS D 766 27.41 -11.56 -10.49
CA LYS D 766 28.55 -10.68 -10.28
C LYS D 766 28.50 -9.50 -11.24
N GLY D 767 28.64 -8.29 -10.69
CA GLY D 767 28.61 -7.10 -11.51
C GLY D 767 27.24 -6.74 -12.06
N SER D 768 26.18 -7.24 -11.44
CA SER D 768 24.84 -6.93 -11.94
C SER D 768 24.51 -5.46 -11.67
N PRO D 769 23.88 -4.77 -12.63
CA PRO D 769 23.54 -3.36 -12.43
C PRO D 769 22.47 -3.13 -11.37
N TRP D 770 21.72 -4.16 -10.97
CA TRP D 770 20.66 -4.00 -10.00
C TRP D 770 21.16 -3.97 -8.56
N LYS D 771 22.45 -4.19 -8.34
CA LYS D 771 22.97 -4.30 -6.98
C LYS D 771 22.78 -3.02 -6.19
N ARG D 772 23.21 -1.88 -6.75
CA ARG D 772 23.15 -0.63 -6.02
C ARG D 772 21.71 -0.21 -5.74
N GLN D 773 20.83 -0.31 -6.73
CA GLN D 773 19.45 0.10 -6.53
C GLN D 773 18.77 -0.78 -5.48
N ILE D 774 19.02 -2.09 -5.53
CA ILE D 774 18.43 -2.99 -4.55
C ILE D 774 18.95 -2.68 -3.15
N ASP D 775 20.25 -2.42 -3.03
CA ASP D 775 20.82 -2.09 -1.72
C ASP D 775 20.18 -0.82 -1.17
N LEU D 776 20.08 0.21 -2.00
CA LEU D 776 19.48 1.46 -1.54
C LEU D 776 18.02 1.28 -1.16
N ALA D 777 17.27 0.50 -1.95
CA ALA D 777 15.87 0.26 -1.62
C ALA D 777 15.73 -0.49 -0.31
N LEU D 778 16.57 -1.51 -0.08
CA LEU D 778 16.49 -2.26 1.16
C LEU D 778 16.84 -1.39 2.36
N LEU D 779 17.84 -0.53 2.22
CA LEU D 779 18.20 0.35 3.35
C LEU D 779 17.14 1.40 3.58
N GLN D 780 16.48 1.87 2.52
CA GLN D 780 15.34 2.77 2.69
C GLN D 780 14.21 2.06 3.43
N PHE D 781 14.00 0.78 3.14
CA PHE D 781 13.04 0.00 3.90
C PHE D 781 13.46 -0.11 5.36
N VAL D 782 14.78 -0.24 5.60
CA VAL D 782 15.28 -0.24 6.96
C VAL D 782 14.91 1.04 7.68
N GLY D 783 15.08 2.19 7.03
CA GLY D 783 14.84 3.46 7.67
C GLY D 783 13.38 3.78 7.92
N ASP D 784 12.46 3.18 7.17
CA ASP D 784 11.04 3.42 7.35
C ASP D 784 10.37 2.36 8.21
N GLY D 785 11.10 1.32 8.63
CA GLY D 785 10.57 0.33 9.53
C GLY D 785 9.50 -0.58 8.95
N GLU D 786 9.42 -0.72 7.63
CA GLU D 786 8.40 -1.57 7.03
C GLU D 786 8.60 -3.04 7.39
N MET D 787 9.85 -3.51 7.41
CA MET D 787 10.06 -4.91 7.73
C MET D 787 9.81 -5.18 9.22
N GLU D 788 9.73 -4.13 10.03
CA GLU D 788 9.20 -4.34 11.37
C GLU D 788 7.76 -4.81 11.31
N GLU D 789 6.94 -4.15 10.49
CA GLU D 789 5.58 -4.61 10.24
C GLU D 789 5.58 -6.00 9.64
N LEU D 790 6.50 -6.26 8.71
CA LEU D 790 6.57 -7.59 8.09
C LEU D 790 6.88 -8.67 9.11
N GLU D 791 7.81 -8.40 10.03
CA GLU D 791 8.15 -9.36 11.07
C GLU D 791 6.98 -9.58 12.02
N THR D 792 6.29 -8.49 12.39
CA THR D 792 5.12 -8.66 13.25
C THR D 792 4.03 -9.48 12.55
N LEU D 793 3.91 -9.34 11.23
CA LEU D 793 2.91 -10.10 10.51
C LEU D 793 3.30 -11.56 10.33
N TRP D 794 4.59 -11.83 10.11
CA TRP D 794 5.05 -13.16 9.73
C TRP D 794 5.90 -13.86 10.77
N LEU D 795 6.81 -13.14 11.43
CA LEU D 795 7.83 -13.78 12.24
C LEU D 795 7.41 -14.03 13.69
N THR D 796 6.41 -13.32 14.20
CA THR D 796 6.00 -13.49 15.58
C THR D 796 5.32 -14.85 15.78
N GLY D 797 5.32 -15.30 17.03
CA GLY D 797 4.69 -16.57 17.37
C GLY D 797 3.86 -16.52 18.63
N ILE D 798 3.78 -17.64 19.34
CA ILE D 798 2.97 -17.72 20.55
C ILE D 798 3.86 -17.50 21.77
N CYS D 799 4.93 -18.29 21.89
CA CYS D 799 5.80 -18.22 23.06
C CYS D 799 6.56 -16.92 23.18
N HIS D 800 6.59 -16.10 22.13
CA HIS D 800 7.33 -14.84 22.20
C HIS D 800 6.70 -13.85 23.17
N ASN D 801 5.37 -13.89 23.32
CA ASN D 801 4.71 -12.94 24.21
C ASN D 801 5.07 -13.19 25.68
N GLU D 802 5.21 -14.44 26.08
CA GLU D 802 5.53 -14.78 27.45
C GLU D 802 6.97 -14.42 27.79
N SER D 808 0.44 -20.57 38.95
CA SER D 808 0.57 -21.37 40.17
C SER D 808 0.72 -22.85 39.85
N SER D 809 1.51 -23.54 40.66
CA SER D 809 1.74 -24.97 40.47
C SER D 809 1.89 -25.65 41.82
N GLN D 810 1.61 -26.95 41.85
CA GLN D 810 1.73 -27.72 43.07
C GLN D 810 3.20 -27.85 43.46
N LEU D 811 3.44 -27.91 44.77
CA LEU D 811 4.78 -28.05 45.32
C LEU D 811 5.07 -29.52 45.56
N ASP D 812 6.14 -30.01 44.94
CA ASP D 812 6.55 -31.41 45.07
C ASP D 812 7.64 -31.52 46.13
N ILE D 813 8.17 -32.74 46.30
CA ILE D 813 9.21 -32.97 47.28
C ILE D 813 10.47 -32.20 46.92
N ASP D 814 10.86 -32.23 45.64
CA ASP D 814 12.07 -31.52 45.21
C ASP D 814 11.89 -30.01 45.28
N ASN D 815 10.66 -29.52 45.13
CA ASN D 815 10.42 -28.08 45.21
C ASN D 815 10.76 -27.53 46.58
N MET D 816 10.40 -28.26 47.63
CA MET D 816 10.73 -27.89 49.01
C MET D 816 11.72 -28.87 49.61
N ALA D 817 12.65 -29.37 48.79
CA ALA D 817 13.66 -30.28 49.27
C ALA D 817 14.58 -29.65 50.31
N GLY D 818 14.76 -28.32 50.25
CA GLY D 818 15.61 -27.66 51.22
C GLY D 818 15.07 -27.75 52.64
N VAL D 819 13.75 -27.66 52.79
CA VAL D 819 13.14 -27.74 54.11
C VAL D 819 13.41 -29.10 54.75
N PHE D 820 13.19 -30.18 53.99
CA PHE D 820 13.45 -31.50 54.52
C PHE D 820 14.94 -31.76 54.71
N TYR D 821 15.78 -31.17 53.86
CA TYR D 821 17.22 -31.29 54.04
C TYR D 821 17.66 -30.65 55.35
N MET D 822 17.13 -29.46 55.65
CA MET D 822 17.45 -28.80 56.91
C MET D 822 16.86 -29.56 58.08
N LEU D 823 15.70 -30.20 57.89
CA LEU D 823 15.13 -31.04 58.93
C LEU D 823 16.05 -32.22 59.26
N ALA D 824 16.57 -32.87 58.22
CA ALA D 824 17.50 -33.97 58.43
C ALA D 824 18.79 -33.49 59.09
N ALA D 825 19.28 -32.32 58.69
CA ALA D 825 20.46 -31.74 59.33
C ALA D 825 20.19 -31.45 60.80
N ALA D 826 18.99 -30.95 61.11
CA ALA D 826 18.63 -30.70 62.50
C ALA D 826 18.55 -32.00 63.29
N MET D 827 18.05 -33.07 62.68
CA MET D 827 18.03 -34.37 63.35
C MET D 827 19.45 -34.87 63.61
N ALA D 828 20.35 -34.69 62.64
CA ALA D 828 21.74 -35.08 62.84
C ALA D 828 22.39 -34.27 63.96
N LEU D 829 22.12 -32.96 64.00
CA LEU D 829 22.61 -32.13 65.09
C LEU D 829 22.02 -32.58 66.42
N SER D 830 20.76 -33.00 66.42
CA SER D 830 20.12 -33.53 67.62
C SER D 830 20.87 -34.74 68.14
N LEU D 831 21.13 -35.71 67.26
CA LEU D 831 21.87 -36.90 67.67
C LEU D 831 23.27 -36.55 68.16
N ILE D 832 23.94 -35.62 67.46
CA ILE D 832 25.30 -35.25 67.81
C ILE D 832 25.34 -34.63 69.20
N THR D 833 24.44 -33.67 69.46
CA THR D 833 24.43 -33.01 70.76
C THR D 833 23.91 -33.93 71.85
N PHE D 834 23.08 -34.91 71.52
CA PHE D 834 22.62 -35.88 72.50
C PHE D 834 23.79 -36.77 72.94
N ILE D 835 24.58 -37.24 71.97
CA ILE D 835 25.77 -38.02 72.30
C ILE D 835 26.77 -37.18 73.07
N TRP D 836 26.92 -35.90 72.68
CA TRP D 836 27.84 -35.02 73.38
C TRP D 836 27.42 -34.81 74.83
N GLU D 837 26.12 -34.62 75.07
CA GLU D 837 25.62 -34.48 76.43
C GLU D 837 25.81 -35.77 77.22
N HIS D 838 25.62 -36.93 76.57
CA HIS D 838 25.88 -38.19 77.25
C HIS D 838 27.34 -38.32 77.67
N LEU D 839 28.27 -37.95 76.77
CA LEU D 839 29.69 -38.01 77.11
C LEU D 839 30.04 -37.02 78.22
N PHE D 840 29.50 -35.79 78.15
CA PHE D 840 29.81 -34.79 79.16
C PHE D 840 29.26 -35.19 80.53
N TYR D 841 28.04 -35.74 80.58
CA TYR D 841 27.48 -36.17 81.85
C TYR D 841 28.29 -37.32 82.45
N TRP D 842 28.74 -38.24 81.61
CA TRP D 842 29.58 -39.34 82.06
C TRP D 842 30.96 -38.83 82.49
#